data_2LWY
#
_entry.id   2LWY
#
_entity_poly.entity_id   1
_entity_poly.type   'polypeptide(L)'
_entity_poly.pdbx_seq_one_letter_code
;SMKAFVAGTMILTATGLVAIENIKAGDKVIATNPETFEVAEKTVLETYVRETTELLHLTIGGEVIKTTFDHPFYVKDVGF
VEAGKLQVGDKLLDSRGNVLVVEEKKLEIADKPVKVYNFKVDDFHTYHVGDNEVLVHN
;
_entity_poly.pdbx_strand_id   A
#
# COMPACT_ATOMS: atom_id res chain seq x y z
N SER A 1 15.72 -3.33 -1.75
CA SER A 1 14.52 -2.53 -1.44
C SER A 1 13.55 -2.47 -2.62
N MET A 2 12.89 -3.59 -2.94
CA MET A 2 11.71 -3.60 -3.83
C MET A 2 10.50 -3.02 -3.09
N LYS A 3 9.67 -2.25 -3.79
CA LYS A 3 8.47 -1.58 -3.25
C LYS A 3 7.23 -1.93 -4.10
N ALA A 4 6.58 -3.08 -3.81
CA ALA A 4 5.47 -3.60 -4.60
C ALA A 4 4.43 -4.40 -3.75
N PHE A 5 3.27 -4.76 -4.34
CA PHE A 5 2.26 -5.65 -3.77
C PHE A 5 1.92 -6.81 -4.72
N VAL A 6 1.46 -7.93 -4.18
CA VAL A 6 1.00 -9.09 -4.99
C VAL A 6 -0.32 -8.80 -5.72
N ALA A 7 -0.61 -9.61 -6.73
CA ALA A 7 -1.87 -9.60 -7.47
C ALA A 7 -3.10 -9.71 -6.53
N GLY A 8 -4.22 -9.13 -6.95
CA GLY A 8 -5.44 -9.02 -6.12
C GLY A 8 -5.40 -7.98 -4.99
N THR A 9 -4.27 -7.31 -4.70
CA THR A 9 -4.24 -6.22 -3.71
C THR A 9 -5.14 -5.06 -4.18
N MET A 10 -6.15 -4.71 -3.38
CA MET A 10 -7.15 -3.68 -3.69
C MET A 10 -6.60 -2.26 -3.53
N ILE A 11 -7.07 -1.33 -4.37
CA ILE A 11 -6.65 0.08 -4.45
C ILE A 11 -7.90 0.99 -4.48
N LEU A 12 -7.92 2.07 -3.70
CA LEU A 12 -9.04 3.02 -3.62
C LEU A 12 -9.10 4.01 -4.80
N THR A 13 -10.24 4.09 -5.47
CA THR A 13 -10.50 4.94 -6.64
C THR A 13 -11.65 5.93 -6.39
N ALA A 14 -11.91 6.85 -7.32
CA ALA A 14 -13.04 7.78 -7.24
C ALA A 14 -14.41 7.09 -7.31
N THR A 15 -14.48 5.90 -7.92
CA THR A 15 -15.72 5.15 -8.16
C THR A 15 -15.87 3.92 -7.26
N GLY A 16 -14.78 3.42 -6.66
CA GLY A 16 -14.79 2.32 -5.69
C GLY A 16 -13.40 1.75 -5.40
N LEU A 17 -13.19 0.48 -5.76
CA LEU A 17 -11.92 -0.25 -5.67
C LEU A 17 -11.48 -0.79 -7.04
N VAL A 18 -10.17 -0.97 -7.22
CA VAL A 18 -9.54 -1.70 -8.35
C VAL A 18 -8.41 -2.59 -7.85
N ALA A 19 -8.10 -3.70 -8.52
CA ALA A 19 -6.90 -4.48 -8.20
C ALA A 19 -5.63 -3.80 -8.75
N ILE A 20 -4.51 -3.91 -8.04
CA ILE A 20 -3.24 -3.29 -8.48
C ILE A 20 -2.74 -3.86 -9.82
N GLU A 21 -3.06 -5.12 -10.10
CA GLU A 21 -2.81 -5.78 -11.39
C GLU A 21 -3.59 -5.17 -12.57
N ASN A 22 -4.57 -4.30 -12.29
CA ASN A 22 -5.48 -3.68 -13.27
C ASN A 22 -5.40 -2.14 -13.29
N ILE A 23 -4.60 -1.49 -12.42
CA ILE A 23 -4.24 -0.07 -12.56
C ILE A 23 -3.48 0.12 -13.89
N LYS A 24 -3.77 1.19 -14.63
CA LYS A 24 -3.04 1.58 -15.87
C LYS A 24 -2.51 3.01 -15.79
N ALA A 25 -1.51 3.38 -16.58
CA ALA A 25 -1.16 4.79 -16.79
C ALA A 25 -2.38 5.59 -17.29
N GLY A 26 -2.65 6.74 -16.68
CA GLY A 26 -3.85 7.56 -16.92
C GLY A 26 -5.10 7.12 -16.14
N ASP A 27 -5.04 6.03 -15.38
CA ASP A 27 -6.04 5.76 -14.34
C ASP A 27 -5.84 6.64 -13.11
N LYS A 28 -6.92 6.85 -12.36
CA LYS A 28 -6.95 7.64 -11.13
C LYS A 28 -7.14 6.79 -9.89
N VAL A 29 -6.60 7.30 -8.78
CA VAL A 29 -6.71 6.76 -7.42
C VAL A 29 -6.88 7.89 -6.41
N ILE A 30 -7.44 7.59 -5.23
CA ILE A 30 -7.37 8.52 -4.10
C ILE A 30 -5.97 8.53 -3.49
N ALA A 31 -5.48 9.72 -3.15
CA ALA A 31 -4.19 9.96 -2.55
C ALA A 31 -4.42 10.95 -1.42
N THR A 32 -4.10 10.53 -0.20
CA THR A 32 -4.27 11.38 0.99
C THR A 32 -2.93 12.00 1.33
N ASN A 33 -2.88 13.32 1.14
CA ASN A 33 -1.68 14.14 1.35
C ASN A 33 -1.09 13.97 2.77
N PRO A 34 0.14 13.42 2.95
CA PRO A 34 0.73 13.24 4.28
C PRO A 34 1.15 14.54 4.98
N GLU A 35 1.04 15.69 4.30
CA GLU A 35 1.34 17.02 4.87
C GLU A 35 0.21 17.53 5.78
N THR A 36 -1.03 17.42 5.30
CA THR A 36 -2.21 18.06 5.91
C THR A 36 -3.46 17.17 5.88
N PHE A 37 -3.30 15.91 5.44
CA PHE A 37 -4.38 14.92 5.28
C PHE A 37 -5.54 15.40 4.39
N GLU A 38 -5.22 16.22 3.39
CA GLU A 38 -6.14 16.57 2.30
C GLU A 38 -6.33 15.34 1.40
N VAL A 39 -7.58 14.95 1.18
CA VAL A 39 -7.95 13.77 0.40
C VAL A 39 -8.29 14.22 -1.01
N ALA A 40 -7.56 13.71 -2.01
CA ALA A 40 -7.75 14.09 -3.42
C ALA A 40 -7.72 12.87 -4.36
N GLU A 41 -8.37 13.02 -5.51
CA GLU A 41 -8.16 12.16 -6.69
C GLU A 41 -6.91 12.62 -7.43
N LYS A 42 -6.01 11.71 -7.82
CA LYS A 42 -4.85 12.00 -8.68
C LYS A 42 -4.64 10.90 -9.71
N THR A 43 -4.06 11.24 -10.86
CA THR A 43 -3.78 10.28 -11.95
C THR A 43 -2.42 9.59 -11.83
N VAL A 44 -2.29 8.44 -12.51
CA VAL A 44 -1.08 7.59 -12.58
C VAL A 44 -0.24 7.91 -13.83
N LEU A 45 1.07 8.04 -13.66
CA LEU A 45 2.02 8.34 -14.76
C LEU A 45 2.59 7.08 -15.43
N GLU A 46 2.98 6.09 -14.62
CA GLU A 46 3.57 4.81 -15.03
C GLU A 46 3.18 3.69 -14.05
N THR A 47 3.23 2.46 -14.55
CA THR A 47 2.81 1.22 -13.86
C THR A 47 3.88 0.14 -14.01
N TYR A 48 4.64 -0.08 -12.93
CA TYR A 48 5.75 -1.03 -12.85
C TYR A 48 5.32 -2.41 -12.37
N VAL A 49 6.04 -3.45 -12.83
CA VAL A 49 5.83 -4.85 -12.41
C VAL A 49 7.17 -5.57 -12.30
N ARG A 50 7.40 -6.25 -11.17
CA ARG A 50 8.59 -7.03 -10.85
C ARG A 50 8.22 -8.48 -10.50
N GLU A 51 9.23 -9.32 -10.28
CA GLU A 51 9.08 -10.67 -9.72
C GLU A 51 10.02 -10.89 -8.52
N THR A 52 9.51 -11.53 -7.46
CA THR A 52 10.29 -11.88 -6.25
C THR A 52 9.77 -13.16 -5.59
N THR A 53 10.66 -13.92 -4.96
CA THR A 53 10.34 -15.07 -4.10
C THR A 53 10.14 -14.72 -2.63
N GLU A 54 10.55 -13.53 -2.19
CA GLU A 54 10.48 -13.12 -0.78
C GLU A 54 9.28 -12.22 -0.51
N LEU A 55 8.30 -12.72 0.25
CA LEU A 55 7.09 -11.98 0.59
C LEU A 55 6.89 -11.80 2.09
N LEU A 56 6.11 -10.78 2.40
CA LEU A 56 5.71 -10.38 3.75
C LEU A 56 4.18 -10.28 3.81
N HIS A 57 3.56 -10.84 4.85
CA HIS A 57 2.12 -10.74 5.11
C HIS A 57 1.91 -9.87 6.34
N LEU A 58 1.11 -8.82 6.20
CA LEU A 58 0.65 -7.98 7.31
C LEU A 58 -0.88 -8.05 7.41
N THR A 59 -1.41 -8.13 8.63
CA THR A 59 -2.85 -7.94 8.90
C THR A 59 -3.05 -6.59 9.57
N ILE A 60 -3.86 -5.71 8.97
CA ILE A 60 -4.24 -4.41 9.52
C ILE A 60 -5.77 -4.39 9.68
N GLY A 61 -6.29 -4.24 10.90
CA GLY A 61 -7.74 -4.17 11.16
C GLY A 61 -8.57 -5.35 10.62
N GLY A 62 -7.98 -6.54 10.51
CA GLY A 62 -8.60 -7.76 9.95
C GLY A 62 -8.40 -7.97 8.44
N GLU A 63 -7.86 -6.99 7.71
CA GLU A 63 -7.51 -7.09 6.30
C GLU A 63 -6.04 -7.51 6.15
N VAL A 64 -5.81 -8.62 5.45
CA VAL A 64 -4.46 -9.05 5.03
C VAL A 64 -4.00 -8.25 3.81
N ILE A 65 -2.83 -7.63 3.92
CA ILE A 65 -2.10 -6.98 2.84
C ILE A 65 -0.71 -7.62 2.70
N LYS A 66 -0.57 -8.45 1.68
CA LYS A 66 0.68 -9.11 1.26
C LYS A 66 1.56 -8.16 0.43
N THR A 67 2.80 -7.92 0.86
CA THR A 67 3.67 -6.85 0.36
C THR A 67 5.16 -7.23 0.35
N THR A 68 6.04 -6.35 -0.13
CA THR A 68 7.50 -6.51 -0.03
C THR A 68 8.05 -6.09 1.32
N PHE A 69 9.18 -6.67 1.73
CA PHE A 69 9.76 -6.48 3.06
C PHE A 69 10.26 -5.03 3.32
N ASP A 70 10.49 -4.25 2.26
CA ASP A 70 10.91 -2.84 2.33
C ASP A 70 9.79 -1.84 1.97
N HIS A 71 8.54 -2.27 1.82
CA HIS A 71 7.44 -1.37 1.40
C HIS A 71 7.14 -0.27 2.44
N PRO A 72 7.05 1.03 2.06
CA PRO A 72 6.75 2.14 2.99
C PRO A 72 5.26 2.27 3.36
N PHE A 73 4.98 2.15 4.66
CA PHE A 73 3.67 2.40 5.31
C PHE A 73 3.72 3.63 6.22
N TYR A 74 2.61 4.36 6.40
CA TYR A 74 2.56 5.55 7.26
C TYR A 74 2.10 5.25 8.70
N VAL A 75 2.85 5.74 9.70
CA VAL A 75 2.63 5.58 11.15
C VAL A 75 2.16 6.89 11.79
N LYS A 76 1.12 6.81 12.63
CA LYS A 76 0.56 7.96 13.37
C LYS A 76 1.62 8.64 14.25
N ASP A 77 1.72 9.97 14.14
CA ASP A 77 2.65 10.82 14.88
C ASP A 77 4.15 10.51 14.63
N VAL A 78 4.48 9.77 13.55
CA VAL A 78 5.86 9.32 13.26
C VAL A 78 6.21 9.55 11.79
N GLY A 79 5.45 8.98 10.85
CA GLY A 79 5.72 9.07 9.41
C GLY A 79 5.95 7.71 8.75
N PHE A 80 6.72 7.65 7.66
CA PHE A 80 6.84 6.45 6.83
C PHE A 80 7.92 5.46 7.30
N VAL A 81 7.61 4.16 7.24
CA VAL A 81 8.44 3.03 7.71
C VAL A 81 8.30 1.80 6.81
N GLU A 82 9.37 1.01 6.71
CA GLU A 82 9.38 -0.26 6.00
C GLU A 82 8.50 -1.33 6.67
N ALA A 83 7.70 -2.03 5.87
CA ALA A 83 6.71 -3.01 6.32
C ALA A 83 7.32 -4.14 7.14
N GLY A 84 8.53 -4.58 6.79
CA GLY A 84 9.26 -5.62 7.51
C GLY A 84 9.87 -5.15 8.85
N LYS A 85 9.84 -3.86 9.16
CA LYS A 85 10.37 -3.28 10.41
C LYS A 85 9.28 -2.91 11.43
N LEU A 86 8.01 -2.89 11.01
CA LEU A 86 6.83 -2.77 11.89
C LEU A 86 6.74 -3.86 12.97
N GLN A 87 5.91 -3.61 14.00
CA GLN A 87 5.51 -4.57 15.03
C GLN A 87 3.99 -4.72 15.08
N VAL A 88 3.50 -5.77 15.74
CA VAL A 88 2.08 -5.91 16.10
C VAL A 88 1.70 -4.87 17.15
N GLY A 89 0.48 -4.35 17.05
CA GLY A 89 -0.07 -3.34 17.94
C GLY A 89 0.41 -1.91 17.64
N ASP A 90 1.18 -1.68 16.58
CA ASP A 90 1.61 -0.33 16.16
C ASP A 90 0.55 0.34 15.28
N LYS A 91 0.63 1.67 15.19
CA LYS A 91 -0.47 2.54 14.76
C LYS A 91 -0.27 3.06 13.33
N LEU A 92 -1.00 2.50 12.37
CA LEU A 92 -1.00 2.95 10.98
C LEU A 92 -2.14 3.95 10.73
N LEU A 93 -2.24 4.53 9.53
CA LEU A 93 -3.37 5.39 9.14
C LEU A 93 -4.10 4.88 7.88
N ASP A 94 -5.35 5.33 7.73
CA ASP A 94 -6.21 5.05 6.57
C ASP A 94 -6.39 6.25 5.61
N SER A 95 -7.19 6.08 4.56
CA SER A 95 -7.50 7.11 3.56
C SER A 95 -8.19 8.39 4.06
N ARG A 96 -8.79 8.39 5.26
CA ARG A 96 -9.31 9.60 5.92
C ARG A 96 -8.26 10.24 6.82
N GLY A 97 -7.30 9.44 7.31
CA GLY A 97 -6.25 9.84 8.25
C GLY A 97 -6.56 9.42 9.68
N ASN A 98 -7.47 8.45 9.86
CA ASN A 98 -7.87 7.87 11.13
C ASN A 98 -6.95 6.67 11.49
N VAL A 99 -6.84 6.35 12.78
CA VAL A 99 -5.84 5.38 13.28
C VAL A 99 -6.29 3.93 13.08
N LEU A 100 -5.40 3.16 12.46
CA LEU A 100 -5.45 1.69 12.34
C LEU A 100 -4.39 1.00 13.21
N VAL A 101 -4.56 -0.31 13.46
CA VAL A 101 -3.64 -1.13 14.27
C VAL A 101 -3.19 -2.37 13.50
N VAL A 102 -1.91 -2.73 13.63
CA VAL A 102 -1.36 -3.99 13.12
C VAL A 102 -1.83 -5.15 14.01
N GLU A 103 -2.46 -6.15 13.40
CA GLU A 103 -2.97 -7.36 14.04
C GLU A 103 -1.99 -8.54 13.97
N GLU A 104 -1.20 -8.65 12.89
CA GLU A 104 -0.21 -9.72 12.69
C GLU A 104 0.89 -9.27 11.71
N LYS A 105 2.09 -9.81 11.90
CA LYS A 105 3.23 -9.78 10.97
C LYS A 105 3.73 -11.21 10.69
N LYS A 106 3.84 -11.59 9.42
CA LYS A 106 4.19 -12.92 8.92
C LYS A 106 5.13 -12.85 7.70
N LEU A 107 5.93 -13.89 7.47
CA LEU A 107 6.94 -13.96 6.41
C LEU A 107 6.96 -15.36 5.79
N GLU A 108 7.28 -15.50 4.49
CA GLU A 108 7.72 -16.75 3.89
C GLU A 108 8.58 -16.55 2.63
N ILE A 109 9.25 -17.63 2.21
CA ILE A 109 9.80 -17.76 0.86
C ILE A 109 8.81 -18.56 0.00
N ALA A 110 8.40 -17.98 -1.13
CA ALA A 110 7.60 -18.63 -2.16
C ALA A 110 8.38 -19.69 -2.95
N ASP A 111 7.66 -20.70 -3.43
CA ASP A 111 8.19 -21.85 -4.18
C ASP A 111 8.50 -21.51 -5.67
N LYS A 112 8.00 -20.36 -6.14
CA LYS A 112 8.23 -19.77 -7.46
C LYS A 112 8.23 -18.23 -7.35
N PRO A 113 8.92 -17.49 -8.24
CA PRO A 113 8.92 -16.03 -8.25
C PRO A 113 7.51 -15.49 -8.58
N VAL A 114 6.90 -14.81 -7.62
CA VAL A 114 5.55 -14.22 -7.70
C VAL A 114 5.62 -12.84 -8.35
N LYS A 115 4.63 -12.49 -9.17
CA LYS A 115 4.52 -11.16 -9.79
C LYS A 115 3.95 -10.14 -8.81
N VAL A 116 4.52 -8.95 -8.85
CA VAL A 116 4.23 -7.85 -7.92
C VAL A 116 4.23 -6.51 -8.64
N TYR A 117 3.29 -5.64 -8.27
CA TYR A 117 2.92 -4.44 -9.01
C TYR A 117 3.16 -3.18 -8.15
N ASN A 118 3.53 -2.06 -8.80
CA ASN A 118 3.67 -0.74 -8.16
C ASN A 118 3.46 0.40 -9.18
N PHE A 119 3.16 1.62 -8.75
CA PHE A 119 2.90 2.75 -9.65
C PHE A 119 3.25 4.12 -9.04
N LYS A 120 3.37 5.15 -9.90
CA LYS A 120 3.71 6.53 -9.49
C LYS A 120 2.62 7.55 -9.88
N VAL A 121 2.35 8.48 -8.96
CA VAL A 121 1.23 9.43 -8.94
C VAL A 121 1.65 10.84 -9.42
N ASP A 122 0.72 11.57 -10.03
CA ASP A 122 0.94 12.82 -10.78
C ASP A 122 1.48 14.04 -10.01
N ASP A 123 1.13 14.24 -8.73
CA ASP A 123 1.59 15.37 -7.89
C ASP A 123 1.81 14.93 -6.43
N PHE A 124 0.79 14.30 -5.85
CA PHE A 124 0.92 13.59 -4.57
C PHE A 124 1.84 12.36 -4.73
N HIS A 125 2.27 11.79 -3.62
CA HIS A 125 3.20 10.66 -3.56
C HIS A 125 2.72 9.58 -2.56
N THR A 126 1.40 9.49 -2.36
CA THR A 126 0.72 8.45 -1.55
C THR A 126 -0.42 7.80 -2.33
N TYR A 127 -0.90 6.65 -1.83
CA TYR A 127 -2.13 5.97 -2.24
C TYR A 127 -2.60 5.01 -1.13
N HIS A 128 -3.68 4.26 -1.38
CA HIS A 128 -4.37 3.44 -0.38
C HIS A 128 -4.53 1.98 -0.81
N VAL A 129 -4.32 1.05 0.12
CA VAL A 129 -4.26 -0.38 -0.15
C VAL A 129 -5.16 -1.23 0.77
N GLY A 130 -5.75 -2.28 0.21
CA GLY A 130 -6.66 -3.22 0.89
C GLY A 130 -8.07 -2.66 1.17
N ASP A 131 -9.00 -3.53 1.58
CA ASP A 131 -10.38 -3.19 1.95
C ASP A 131 -10.47 -2.18 3.12
N ASN A 132 -9.41 -2.11 3.95
CA ASN A 132 -9.25 -1.15 5.05
C ASN A 132 -8.52 0.16 4.66
N GLU A 133 -8.09 0.32 3.40
CA GLU A 133 -7.64 1.58 2.81
C GLU A 133 -6.38 2.20 3.47
N VAL A 134 -5.38 1.37 3.75
CA VAL A 134 -4.16 1.73 4.50
C VAL A 134 -3.25 2.65 3.69
N LEU A 135 -2.69 3.68 4.33
CA LEU A 135 -1.87 4.73 3.72
C LEU A 135 -0.40 4.31 3.47
N VAL A 136 0.06 4.45 2.22
CA VAL A 136 1.38 4.00 1.72
C VAL A 136 1.99 5.00 0.73
N HIS A 137 3.31 4.94 0.53
CA HIS A 137 4.09 5.91 -0.26
C HIS A 137 4.45 5.39 -1.67
N ASN A 138 4.73 6.30 -2.62
CA ASN A 138 5.26 6.01 -3.97
C ASN A 138 6.75 5.63 -3.98
N SER A 1 16.26 -1.97 -2.17
CA SER A 1 14.93 -1.51 -1.72
C SER A 1 13.83 -1.96 -2.65
N MET A 2 13.03 -2.97 -2.27
CA MET A 2 11.96 -3.52 -3.12
C MET A 2 10.56 -3.17 -2.59
N LYS A 3 9.77 -2.43 -3.38
CA LYS A 3 8.51 -1.80 -2.94
C LYS A 3 7.37 -2.10 -3.92
N ALA A 4 6.50 -3.06 -3.59
CA ALA A 4 5.35 -3.47 -4.41
C ALA A 4 4.30 -4.27 -3.60
N PHE A 5 3.14 -4.61 -4.19
CA PHE A 5 2.14 -5.54 -3.65
C PHE A 5 1.89 -6.73 -4.58
N VAL A 6 1.43 -7.85 -4.06
CA VAL A 6 1.02 -9.01 -4.89
C VAL A 6 -0.27 -8.74 -5.67
N ALA A 7 -0.48 -9.52 -6.72
CA ALA A 7 -1.72 -9.53 -7.49
C ALA A 7 -2.99 -9.68 -6.62
N GLY A 8 -4.11 -9.15 -7.09
CA GLY A 8 -5.36 -9.09 -6.33
C GLY A 8 -5.45 -8.01 -5.22
N THR A 9 -4.35 -7.30 -4.86
CA THR A 9 -4.42 -6.19 -3.88
C THR A 9 -5.31 -5.06 -4.39
N MET A 10 -6.34 -4.69 -3.62
CA MET A 10 -7.34 -3.67 -3.96
C MET A 10 -6.83 -2.25 -3.72
N ILE A 11 -7.19 -1.32 -4.61
CA ILE A 11 -6.80 0.10 -4.63
C ILE A 11 -8.06 0.99 -4.71
N LEU A 12 -8.11 2.04 -3.89
CA LEU A 12 -9.24 2.98 -3.84
C LEU A 12 -9.22 3.99 -5.01
N THR A 13 -10.35 4.08 -5.73
CA THR A 13 -10.54 4.96 -6.88
C THR A 13 -11.72 5.92 -6.67
N ALA A 14 -11.93 6.88 -7.58
CA ALA A 14 -13.13 7.73 -7.59
C ALA A 14 -14.44 6.94 -7.85
N THR A 15 -14.31 5.75 -8.42
CA THR A 15 -15.41 4.90 -8.94
C THR A 15 -15.67 3.64 -8.10
N GLY A 16 -14.74 3.31 -7.20
CA GLY A 16 -14.83 2.20 -6.24
C GLY A 16 -13.47 1.57 -5.95
N LEU A 17 -13.28 0.32 -6.39
CA LEU A 17 -12.05 -0.45 -6.20
C LEU A 17 -11.59 -1.15 -7.49
N VAL A 18 -10.26 -1.16 -7.67
CA VAL A 18 -9.55 -1.81 -8.79
C VAL A 18 -8.37 -2.61 -8.23
N ALA A 19 -8.05 -3.76 -8.81
CA ALA A 19 -6.85 -4.52 -8.43
C ALA A 19 -5.56 -3.82 -8.89
N ILE A 20 -4.46 -3.92 -8.15
CA ILE A 20 -3.21 -3.27 -8.51
C ILE A 20 -2.63 -3.76 -9.85
N GLU A 21 -2.92 -5.02 -10.23
CA GLU A 21 -2.61 -5.57 -11.56
C GLU A 21 -3.43 -4.93 -12.71
N ASN A 22 -4.52 -4.24 -12.38
CA ASN A 22 -5.47 -3.61 -13.31
C ASN A 22 -5.41 -2.08 -13.28
N ILE A 23 -4.71 -1.46 -12.31
CA ILE A 23 -4.29 -0.05 -12.42
C ILE A 23 -3.29 0.07 -13.59
N LYS A 24 -3.45 1.13 -14.39
CA LYS A 24 -2.63 1.47 -15.56
C LYS A 24 -2.13 2.91 -15.47
N ALA A 25 -1.15 3.28 -16.30
CA ALA A 25 -0.91 4.69 -16.59
C ALA A 25 -2.20 5.37 -17.10
N GLY A 26 -2.49 6.56 -16.58
CA GLY A 26 -3.67 7.37 -16.92
C GLY A 26 -4.98 6.95 -16.24
N ASP A 27 -4.94 6.00 -15.31
CA ASP A 27 -6.04 5.72 -14.38
C ASP A 27 -5.94 6.64 -13.15
N LYS A 28 -7.07 6.88 -12.47
CA LYS A 28 -7.16 7.79 -11.30
C LYS A 28 -7.43 7.04 -10.00
N VAL A 29 -6.69 7.42 -8.97
CA VAL A 29 -6.72 6.85 -7.61
C VAL A 29 -6.88 7.94 -6.57
N ILE A 30 -7.40 7.60 -5.39
CA ILE A 30 -7.37 8.49 -4.23
C ILE A 30 -5.98 8.55 -3.60
N ALA A 31 -5.59 9.73 -3.14
CA ALA A 31 -4.37 9.96 -2.42
C ALA A 31 -4.63 10.92 -1.25
N THR A 32 -4.25 10.51 -0.05
CA THR A 32 -4.14 11.43 1.10
C THR A 32 -2.75 12.05 1.13
N ASN A 33 -2.64 13.34 0.79
CA ASN A 33 -1.38 14.11 0.91
C ASN A 33 -0.78 14.00 2.33
N PRO A 34 0.41 13.41 2.54
CA PRO A 34 0.96 13.20 3.88
C PRO A 34 1.42 14.49 4.59
N GLU A 35 1.50 15.62 3.89
CA GLU A 35 1.88 16.93 4.44
C GLU A 35 0.71 17.58 5.19
N THR A 36 -0.46 17.62 4.55
CA THR A 36 -1.62 18.42 4.97
C THR A 36 -2.87 17.56 5.23
N PHE A 37 -2.80 16.27 4.89
CA PHE A 37 -3.92 15.33 4.94
C PHE A 37 -5.14 15.83 4.15
N GLU A 38 -4.88 16.40 2.96
CA GLU A 38 -5.89 16.65 1.94
C GLU A 38 -6.16 15.35 1.17
N VAL A 39 -7.42 14.99 0.99
CA VAL A 39 -7.83 13.87 0.14
C VAL A 39 -8.20 14.36 -1.27
N ALA A 40 -7.54 13.82 -2.29
CA ALA A 40 -7.76 14.16 -3.69
C ALA A 40 -7.80 12.92 -4.59
N GLU A 41 -8.42 13.08 -5.77
CA GLU A 41 -8.29 12.16 -6.90
C GLU A 41 -7.15 12.64 -7.81
N LYS A 42 -6.17 11.78 -8.11
CA LYS A 42 -5.05 12.08 -9.03
C LYS A 42 -4.76 10.91 -9.96
N THR A 43 -4.22 11.21 -11.13
CA THR A 43 -3.88 10.22 -12.16
C THR A 43 -2.52 9.57 -11.94
N VAL A 44 -2.35 8.37 -12.49
CA VAL A 44 -1.12 7.58 -12.48
C VAL A 44 -0.21 7.95 -13.67
N LEU A 45 1.09 8.13 -13.41
CA LEU A 45 2.10 8.44 -14.44
C LEU A 45 2.64 7.17 -15.13
N GLU A 46 3.03 6.18 -14.32
CA GLU A 46 3.60 4.90 -14.73
C GLU A 46 3.26 3.81 -13.70
N THR A 47 3.37 2.58 -14.18
CA THR A 47 3.17 1.34 -13.43
C THR A 47 4.46 0.51 -13.48
N TYR A 48 5.00 0.17 -12.32
CA TYR A 48 6.15 -0.73 -12.18
C TYR A 48 5.74 -2.14 -11.75
N VAL A 49 6.50 -3.13 -12.23
CA VAL A 49 6.37 -4.55 -11.87
C VAL A 49 7.75 -5.16 -11.64
N ARG A 50 7.87 -5.94 -10.56
CA ARG A 50 9.04 -6.72 -10.15
C ARG A 50 8.63 -8.17 -9.91
N GLU A 51 9.60 -9.06 -9.71
CA GLU A 51 9.35 -10.48 -9.41
C GLU A 51 10.18 -10.96 -8.21
N THR A 52 9.57 -11.72 -7.30
CA THR A 52 10.24 -12.24 -6.10
C THR A 52 9.56 -13.51 -5.60
N THR A 53 10.34 -14.43 -5.02
CA THR A 53 9.83 -15.53 -4.17
C THR A 53 9.63 -15.07 -2.72
N GLU A 54 10.25 -13.97 -2.31
CA GLU A 54 10.27 -13.49 -0.93
C GLU A 54 9.23 -12.39 -0.71
N LEU A 55 8.18 -12.72 0.05
CA LEU A 55 7.04 -11.84 0.33
C LEU A 55 6.87 -11.62 1.85
N LEU A 56 5.96 -10.73 2.22
CA LEU A 56 5.64 -10.37 3.60
C LEU A 56 4.14 -10.16 3.80
N HIS A 57 3.52 -10.76 4.81
CA HIS A 57 2.08 -10.70 5.05
C HIS A 57 1.81 -9.91 6.35
N LEU A 58 1.30 -8.68 6.23
CA LEU A 58 0.90 -7.84 7.37
C LEU A 58 -0.61 -7.95 7.60
N THR A 59 -1.05 -7.96 8.86
CA THR A 59 -2.46 -7.90 9.25
C THR A 59 -2.73 -6.62 10.02
N ILE A 60 -3.63 -5.78 9.51
CA ILE A 60 -4.04 -4.49 10.07
C ILE A 60 -5.56 -4.50 10.28
N GLY A 61 -6.03 -4.38 11.52
CA GLY A 61 -7.47 -4.26 11.82
C GLY A 61 -8.38 -5.36 11.23
N GLY A 62 -7.86 -6.59 11.05
CA GLY A 62 -8.56 -7.71 10.42
C GLY A 62 -8.50 -7.78 8.88
N GLU A 63 -7.72 -6.90 8.24
CA GLU A 63 -7.33 -7.03 6.83
C GLU A 63 -5.89 -7.55 6.73
N VAL A 64 -5.67 -8.59 5.93
CA VAL A 64 -4.33 -9.00 5.46
C VAL A 64 -3.95 -8.23 4.20
N ILE A 65 -2.76 -7.63 4.20
CA ILE A 65 -2.13 -7.00 3.02
C ILE A 65 -0.78 -7.66 2.77
N LYS A 66 -0.76 -8.56 1.78
CA LYS A 66 0.43 -9.25 1.26
C LYS A 66 1.30 -8.30 0.42
N THR A 67 2.54 -8.04 0.85
CA THR A 67 3.39 -6.94 0.35
C THR A 67 4.88 -7.34 0.25
N THR A 68 5.75 -6.43 -0.19
CA THR A 68 7.21 -6.61 -0.11
C THR A 68 7.78 -6.11 1.23
N PHE A 69 8.95 -6.63 1.59
CA PHE A 69 9.61 -6.36 2.86
C PHE A 69 9.93 -4.88 3.08
N ASP A 70 10.20 -4.11 2.01
CA ASP A 70 10.58 -2.70 2.13
C ASP A 70 9.41 -1.73 1.83
N HIS A 71 8.17 -2.21 1.69
CA HIS A 71 7.04 -1.35 1.29
C HIS A 71 6.73 -0.26 2.34
N PRO A 72 6.63 1.04 1.98
CA PRO A 72 6.42 2.13 2.93
C PRO A 72 4.95 2.37 3.34
N PHE A 73 4.67 2.21 4.63
CA PHE A 73 3.39 2.50 5.31
C PHE A 73 3.49 3.74 6.20
N TYR A 74 2.40 4.51 6.40
CA TYR A 74 2.40 5.73 7.23
C TYR A 74 1.88 5.51 8.67
N VAL A 75 2.65 5.98 9.66
CA VAL A 75 2.46 5.79 11.11
C VAL A 75 2.09 7.11 11.79
N LYS A 76 1.11 7.06 12.72
CA LYS A 76 0.59 8.17 13.50
C LYS A 76 1.67 8.88 14.32
N ASP A 77 1.83 10.18 14.07
CA ASP A 77 2.83 11.07 14.69
C ASP A 77 4.29 10.57 14.58
N VAL A 78 4.61 9.82 13.52
CA VAL A 78 5.94 9.20 13.26
C VAL A 78 6.38 9.38 11.81
N GLY A 79 5.53 9.02 10.83
CA GLY A 79 5.83 9.12 9.40
C GLY A 79 5.90 7.76 8.70
N PHE A 80 6.66 7.67 7.60
CA PHE A 80 6.70 6.46 6.76
C PHE A 80 7.74 5.42 7.22
N VAL A 81 7.40 4.13 7.13
CA VAL A 81 8.21 2.99 7.58
C VAL A 81 8.05 1.78 6.67
N GLU A 82 9.14 1.03 6.48
CA GLU A 82 9.16 -0.25 5.75
C GLU A 82 8.32 -1.33 6.45
N ALA A 83 7.54 -2.10 5.69
CA ALA A 83 6.63 -3.13 6.21
C ALA A 83 7.33 -4.20 7.08
N GLY A 84 8.56 -4.59 6.74
CA GLY A 84 9.38 -5.50 7.53
C GLY A 84 9.83 -4.92 8.89
N LYS A 85 9.74 -3.60 9.07
CA LYS A 85 10.07 -2.86 10.29
C LYS A 85 8.84 -2.42 11.11
N LEU A 86 7.63 -2.70 10.62
CA LEU A 86 6.43 -2.67 11.46
C LEU A 86 6.52 -3.74 12.57
N GLN A 87 5.85 -3.47 13.69
CA GLN A 87 5.62 -4.39 14.80
C GLN A 87 4.13 -4.44 15.13
N VAL A 88 3.69 -5.52 15.77
CA VAL A 88 2.34 -5.63 16.36
C VAL A 88 2.19 -4.54 17.42
N GLY A 89 1.02 -3.88 17.42
CA GLY A 89 0.75 -2.74 18.30
C GLY A 89 1.24 -1.38 17.78
N ASP A 90 1.78 -1.29 16.57
CA ASP A 90 2.11 -0.02 15.90
C ASP A 90 0.86 0.55 15.20
N LYS A 91 0.77 1.88 15.08
CA LYS A 91 -0.45 2.64 14.74
C LYS A 91 -0.38 3.24 13.32
N LEU A 92 -1.25 2.75 12.43
CA LEU A 92 -1.33 3.16 11.03
C LEU A 92 -2.52 4.09 10.75
N LEU A 93 -2.51 4.74 9.58
CA LEU A 93 -3.53 5.70 9.13
C LEU A 93 -4.41 5.08 8.02
N ASP A 94 -5.71 5.38 8.03
CA ASP A 94 -6.62 5.11 6.90
C ASP A 94 -6.82 6.33 5.96
N SER A 95 -7.67 6.18 4.95
CA SER A 95 -8.05 7.19 3.95
C SER A 95 -8.77 8.44 4.49
N ARG A 96 -9.04 8.51 5.80
CA ARG A 96 -9.62 9.65 6.54
C ARG A 96 -8.65 10.20 7.60
N GLY A 97 -7.77 9.34 8.11
CA GLY A 97 -6.78 9.63 9.15
C GLY A 97 -7.15 9.05 10.52
N ASN A 98 -8.08 8.11 10.56
CA ASN A 98 -8.43 7.35 11.77
C ASN A 98 -7.27 6.40 12.16
N VAL A 99 -7.24 5.96 13.42
CA VAL A 99 -6.26 4.99 13.91
C VAL A 99 -6.63 3.58 13.45
N LEU A 100 -5.62 2.89 12.91
CA LEU A 100 -5.55 1.45 12.73
C LEU A 100 -4.37 0.89 13.55
N VAL A 101 -4.41 -0.41 13.86
CA VAL A 101 -3.31 -1.09 14.59
C VAL A 101 -2.91 -2.38 13.88
N VAL A 102 -1.60 -2.67 13.89
CA VAL A 102 -1.01 -3.93 13.39
C VAL A 102 -1.33 -5.08 14.37
N GLU A 103 -1.85 -6.17 13.85
CA GLU A 103 -2.26 -7.39 14.56
C GLU A 103 -1.24 -8.55 14.42
N GLU A 104 -0.57 -8.65 13.26
CA GLU A 104 0.40 -9.70 12.93
C GLU A 104 1.35 -9.26 11.79
N LYS A 105 2.55 -9.83 11.79
CA LYS A 105 3.48 -9.95 10.65
C LYS A 105 3.85 -11.42 10.44
N LYS A 106 3.63 -11.95 9.23
CA LYS A 106 3.96 -13.32 8.77
C LYS A 106 4.96 -13.26 7.62
N LEU A 107 5.93 -14.17 7.59
CA LEU A 107 6.98 -14.24 6.57
C LEU A 107 6.95 -15.60 5.86
N GLU A 108 6.86 -15.63 4.53
CA GLU A 108 6.98 -16.86 3.74
C GLU A 108 7.93 -16.70 2.54
N ILE A 109 8.42 -17.84 2.05
CA ILE A 109 9.11 -17.95 0.76
C ILE A 109 8.21 -18.74 -0.19
N ALA A 110 7.72 -18.09 -1.23
CA ALA A 110 6.96 -18.73 -2.30
C ALA A 110 7.80 -19.76 -3.07
N ASP A 111 7.14 -20.78 -3.61
CA ASP A 111 7.75 -21.85 -4.42
C ASP A 111 8.15 -21.37 -5.82
N LYS A 112 7.54 -20.28 -6.30
CA LYS A 112 7.76 -19.67 -7.62
C LYS A 112 7.88 -18.14 -7.51
N PRO A 113 8.60 -17.46 -8.42
CA PRO A 113 8.71 -15.99 -8.40
C PRO A 113 7.39 -15.35 -8.83
N VAL A 114 6.73 -14.70 -7.86
CA VAL A 114 5.44 -14.03 -8.00
C VAL A 114 5.64 -12.62 -8.54
N LYS A 115 4.74 -12.16 -9.42
CA LYS A 115 4.70 -10.78 -9.89
C LYS A 115 4.13 -9.87 -8.81
N VAL A 116 4.82 -8.76 -8.64
CA VAL A 116 4.47 -7.72 -7.66
C VAL A 116 4.45 -6.35 -8.32
N TYR A 117 3.37 -5.60 -8.10
CA TYR A 117 2.97 -4.41 -8.83
C TYR A 117 3.09 -3.17 -7.94
N ASN A 118 3.40 -2.01 -8.54
CA ASN A 118 3.37 -0.70 -7.90
C ASN A 118 3.14 0.40 -8.96
N PHE A 119 2.87 1.64 -8.56
CA PHE A 119 2.70 2.77 -9.47
C PHE A 119 3.14 4.08 -8.83
N LYS A 120 3.20 5.15 -9.62
CA LYS A 120 3.52 6.51 -9.15
C LYS A 120 2.49 7.55 -9.60
N VAL A 121 2.16 8.48 -8.69
CA VAL A 121 1.03 9.44 -8.82
C VAL A 121 1.52 10.82 -9.30
N ASP A 122 0.69 11.52 -10.09
CA ASP A 122 1.07 12.70 -10.89
C ASP A 122 1.62 13.90 -10.09
N ASP A 123 1.04 14.20 -8.93
CA ASP A 123 1.49 15.27 -8.03
C ASP A 123 1.57 14.83 -6.58
N PHE A 124 0.63 13.99 -6.15
CA PHE A 124 0.62 13.40 -4.82
C PHE A 124 1.66 12.27 -4.72
N HIS A 125 2.03 11.93 -3.50
CA HIS A 125 3.13 11.02 -3.17
C HIS A 125 2.66 9.72 -2.48
N THR A 126 1.35 9.47 -2.48
CA THR A 126 0.67 8.44 -1.67
C THR A 126 -0.52 7.82 -2.41
N TYR A 127 -1.04 6.69 -1.89
CA TYR A 127 -2.29 6.05 -2.28
C TYR A 127 -2.84 5.18 -1.14
N HIS A 128 -3.98 4.51 -1.38
CA HIS A 128 -4.71 3.70 -0.38
C HIS A 128 -4.91 2.25 -0.85
N VAL A 129 -4.72 1.28 0.06
CA VAL A 129 -4.83 -0.15 -0.21
C VAL A 129 -5.86 -0.84 0.70
N GLY A 130 -6.62 -1.80 0.15
CA GLY A 130 -7.48 -2.72 0.90
C GLY A 130 -8.88 -2.23 1.32
N ASP A 131 -9.58 -3.09 2.08
CA ASP A 131 -10.88 -2.81 2.72
C ASP A 131 -10.76 -1.82 3.89
N ASN A 132 -9.64 -1.86 4.64
CA ASN A 132 -9.32 -0.91 5.70
C ASN A 132 -8.67 0.39 5.18
N GLU A 133 -8.38 0.50 3.87
CA GLU A 133 -7.96 1.72 3.17
C GLU A 133 -6.67 2.35 3.72
N VAL A 134 -5.64 1.51 3.93
CA VAL A 134 -4.40 1.87 4.63
C VAL A 134 -3.52 2.79 3.78
N LEU A 135 -2.94 3.83 4.38
CA LEU A 135 -2.12 4.85 3.73
C LEU A 135 -0.66 4.41 3.49
N VAL A 136 -0.21 4.50 2.23
CA VAL A 136 1.10 4.04 1.74
C VAL A 136 1.71 5.06 0.78
N HIS A 137 3.04 5.04 0.62
CA HIS A 137 3.82 6.03 -0.15
C HIS A 137 4.32 5.45 -1.50
N ASN A 138 4.39 6.28 -2.54
CA ASN A 138 4.99 5.93 -3.84
C ASN A 138 6.48 5.59 -3.72
N SER A 1 14.77 -2.44 -2.14
CA SER A 1 14.68 -1.66 -3.38
C SER A 1 13.72 -2.32 -4.38
N MET A 2 12.44 -2.44 -4.03
CA MET A 2 11.40 -3.08 -4.85
C MET A 2 10.00 -2.49 -4.59
N LYS A 3 9.62 -2.32 -3.31
CA LYS A 3 8.43 -1.56 -2.84
C LYS A 3 7.15 -1.84 -3.66
N ALA A 4 6.66 -3.08 -3.65
CA ALA A 4 5.55 -3.55 -4.49
C ALA A 4 4.46 -4.34 -3.73
N PHE A 5 3.34 -4.69 -4.38
CA PHE A 5 2.27 -5.57 -3.84
C PHE A 5 1.93 -6.72 -4.79
N VAL A 6 1.44 -7.84 -4.27
CA VAL A 6 1.03 -9.00 -5.08
C VAL A 6 -0.22 -8.72 -5.92
N ALA A 7 -0.35 -9.46 -7.04
CA ALA A 7 -1.54 -9.46 -7.88
C ALA A 7 -2.81 -9.75 -7.05
N GLY A 8 -3.90 -9.03 -7.35
CA GLY A 8 -5.12 -9.02 -6.54
C GLY A 8 -5.16 -8.03 -5.37
N THR A 9 -4.08 -7.31 -5.04
CA THR A 9 -4.13 -6.23 -4.01
C THR A 9 -5.05 -5.10 -4.48
N MET A 10 -6.08 -4.77 -3.69
CA MET A 10 -7.09 -3.77 -4.03
C MET A 10 -6.62 -2.34 -3.71
N ILE A 11 -6.98 -1.40 -4.57
CA ILE A 11 -6.64 0.03 -4.52
C ILE A 11 -7.93 0.87 -4.50
N LEU A 12 -8.00 1.89 -3.63
CA LEU A 12 -9.18 2.78 -3.51
C LEU A 12 -9.30 3.79 -4.65
N THR A 13 -10.50 3.91 -5.20
CA THR A 13 -10.86 4.84 -6.29
C THR A 13 -12.22 5.52 -6.02
N ALA A 14 -12.51 6.58 -6.76
CA ALA A 14 -13.83 7.23 -6.79
C ALA A 14 -14.95 6.31 -7.32
N THR A 15 -14.58 5.23 -8.02
CA THR A 15 -15.49 4.21 -8.54
C THR A 15 -15.76 3.12 -7.50
N GLY A 16 -14.76 2.81 -6.66
CA GLY A 16 -14.81 1.82 -5.59
C GLY A 16 -13.43 1.21 -5.34
N LEU A 17 -13.17 0.04 -5.91
CA LEU A 17 -11.86 -0.62 -5.87
C LEU A 17 -11.43 -1.09 -7.26
N VAL A 18 -10.11 -1.11 -7.49
CA VAL A 18 -9.44 -1.71 -8.66
C VAL A 18 -8.22 -2.50 -8.18
N ALA A 19 -7.93 -3.66 -8.76
CA ALA A 19 -6.72 -4.41 -8.44
C ALA A 19 -5.47 -3.68 -8.95
N ILE A 20 -4.33 -3.81 -8.27
CA ILE A 20 -3.09 -3.16 -8.69
C ILE A 20 -2.60 -3.61 -10.08
N GLU A 21 -2.93 -4.84 -10.49
CA GLU A 21 -2.70 -5.36 -11.84
C GLU A 21 -3.64 -4.78 -12.91
N ASN A 22 -4.63 -3.98 -12.52
CA ASN A 22 -5.63 -3.34 -13.39
C ASN A 22 -5.60 -1.80 -13.37
N ILE A 23 -4.81 -1.18 -12.49
CA ILE A 23 -4.39 0.22 -12.63
C ILE A 23 -3.46 0.36 -13.84
N LYS A 24 -3.63 1.43 -14.62
CA LYS A 24 -2.77 1.85 -15.74
C LYS A 24 -2.19 3.24 -15.48
N ALA A 25 -1.14 3.60 -16.21
CA ALA A 25 -0.84 5.00 -16.44
C ALA A 25 -2.05 5.71 -17.08
N GLY A 26 -2.36 6.90 -16.58
CA GLY A 26 -3.52 7.68 -17.02
C GLY A 26 -4.86 7.25 -16.40
N ASP A 27 -4.86 6.41 -15.36
CA ASP A 27 -5.99 6.19 -14.44
C ASP A 27 -5.83 7.05 -13.17
N LYS A 28 -6.93 7.32 -12.46
CA LYS A 28 -6.99 8.11 -11.22
C LYS A 28 -7.38 7.28 -10.00
N VAL A 29 -6.70 7.52 -8.88
CA VAL A 29 -6.85 6.82 -7.59
C VAL A 29 -6.90 7.81 -6.43
N ILE A 30 -7.41 7.40 -5.26
CA ILE A 30 -7.38 8.25 -4.06
C ILE A 30 -5.99 8.26 -3.42
N ALA A 31 -5.62 9.43 -2.90
CA ALA A 31 -4.42 9.61 -2.12
C ALA A 31 -4.69 10.60 -0.99
N THR A 32 -4.29 10.25 0.24
CA THR A 32 -4.14 11.23 1.32
C THR A 32 -2.80 11.95 1.16
N ASN A 33 -2.86 13.25 0.86
CA ASN A 33 -1.71 14.14 0.85
C ASN A 33 -0.89 14.09 2.18
N PRO A 34 0.43 13.78 2.15
CA PRO A 34 1.23 13.61 3.36
C PRO A 34 1.72 14.91 4.01
N GLU A 35 1.44 16.07 3.42
CA GLU A 35 1.72 17.40 3.98
C GLU A 35 0.56 17.93 4.82
N THR A 36 -0.67 17.90 4.30
CA THR A 36 -1.82 18.63 4.86
C THR A 36 -3.05 17.74 5.11
N PHE A 37 -2.92 16.45 4.82
CA PHE A 37 -3.98 15.43 4.95
C PHE A 37 -5.23 15.69 4.08
N GLU A 38 -5.04 16.39 2.95
CA GLU A 38 -6.04 16.57 1.90
C GLU A 38 -6.26 15.24 1.17
N VAL A 39 -7.48 14.71 1.17
CA VAL A 39 -7.83 13.47 0.48
C VAL A 39 -8.51 13.79 -0.85
N ALA A 40 -7.92 13.34 -1.96
CA ALA A 40 -8.38 13.64 -3.31
C ALA A 40 -8.08 12.50 -4.29
N GLU A 41 -8.72 12.53 -5.46
CA GLU A 41 -8.25 11.80 -6.64
C GLU A 41 -6.99 12.46 -7.21
N LYS A 42 -5.99 11.67 -7.61
CA LYS A 42 -4.91 12.08 -8.51
C LYS A 42 -4.63 11.01 -9.58
N THR A 43 -4.12 11.43 -10.73
CA THR A 43 -3.73 10.53 -11.84
C THR A 43 -2.38 9.83 -11.61
N VAL A 44 -2.24 8.68 -12.26
CA VAL A 44 -1.04 7.84 -12.30
C VAL A 44 -0.17 8.21 -13.51
N LEU A 45 1.14 8.32 -13.29
CA LEU A 45 2.15 8.57 -14.33
C LEU A 45 2.65 7.28 -14.98
N GLU A 46 3.04 6.31 -14.15
CA GLU A 46 3.64 5.04 -14.57
C GLU A 46 3.24 3.91 -13.64
N THR A 47 3.32 2.71 -14.18
CA THR A 47 3.06 1.43 -13.52
C THR A 47 4.27 0.52 -13.67
N TYR A 48 4.88 0.12 -12.55
CA TYR A 48 6.05 -0.78 -12.51
C TYR A 48 5.71 -2.20 -12.02
N VAL A 49 6.45 -3.20 -12.52
CA VAL A 49 6.30 -4.63 -12.16
C VAL A 49 7.65 -5.30 -11.99
N ARG A 50 7.74 -6.21 -11.01
CA ARG A 50 8.88 -7.11 -10.72
C ARG A 50 8.40 -8.53 -10.31
N GLU A 51 9.34 -9.43 -10.06
CA GLU A 51 9.12 -10.80 -9.55
C GLU A 51 10.00 -11.13 -8.34
N THR A 52 9.45 -11.85 -7.36
CA THR A 52 10.18 -12.34 -6.17
C THR A 52 9.51 -13.57 -5.58
N THR A 53 10.29 -14.43 -4.91
CA THR A 53 9.78 -15.47 -4.01
C THR A 53 9.63 -15.01 -2.56
N GLU A 54 10.28 -13.91 -2.18
CA GLU A 54 10.26 -13.39 -0.80
C GLU A 54 9.18 -12.32 -0.61
N LEU A 55 8.12 -12.71 0.10
CA LEU A 55 6.96 -11.87 0.38
C LEU A 55 6.75 -11.64 1.88
N LEU A 56 5.86 -10.69 2.20
CA LEU A 56 5.48 -10.31 3.55
C LEU A 56 3.97 -10.06 3.64
N HIS A 57 3.32 -10.61 4.68
CA HIS A 57 1.93 -10.35 5.03
C HIS A 57 1.88 -9.45 6.27
N LEU A 58 0.97 -8.48 6.26
CA LEU A 58 0.57 -7.70 7.43
C LEU A 58 -0.95 -7.75 7.59
N THR A 59 -1.43 -8.05 8.80
CA THR A 59 -2.84 -7.89 9.19
C THR A 59 -2.97 -6.56 9.92
N ILE A 60 -3.85 -5.68 9.43
CA ILE A 60 -4.11 -4.34 10.00
C ILE A 60 -5.62 -4.16 10.19
N GLY A 61 -6.06 -3.98 11.43
CA GLY A 61 -7.49 -3.79 11.77
C GLY A 61 -8.44 -4.85 11.23
N GLY A 62 -7.97 -6.10 11.05
CA GLY A 62 -8.78 -7.20 10.52
C GLY A 62 -8.84 -7.34 8.98
N GLU A 63 -8.06 -6.58 8.21
CA GLU A 63 -7.76 -6.84 6.80
C GLU A 63 -6.29 -7.21 6.67
N VAL A 64 -5.97 -8.18 5.82
CA VAL A 64 -4.61 -8.64 5.55
C VAL A 64 -4.12 -8.21 4.15
N ILE A 65 -2.90 -7.70 4.08
CA ILE A 65 -2.29 -7.07 2.90
C ILE A 65 -0.92 -7.70 2.63
N LYS A 66 -0.63 -7.99 1.36
CA LYS A 66 0.43 -8.91 0.91
C LYS A 66 1.43 -8.15 0.03
N THR A 67 2.63 -7.89 0.56
CA THR A 67 3.54 -6.81 0.11
C THR A 67 5.01 -7.25 0.08
N THR A 68 5.92 -6.39 -0.40
CA THR A 68 7.38 -6.57 -0.21
C THR A 68 7.84 -6.06 1.15
N PHE A 69 8.92 -6.63 1.66
CA PHE A 69 9.48 -6.32 2.97
C PHE A 69 9.85 -4.83 3.11
N ASP A 70 10.22 -4.18 2.02
CA ASP A 70 10.73 -2.81 1.98
C ASP A 70 9.66 -1.75 1.68
N HIS A 71 8.40 -2.15 1.51
CA HIS A 71 7.30 -1.24 1.16
C HIS A 71 7.00 -0.21 2.30
N PRO A 72 6.98 1.10 2.03
CA PRO A 72 6.75 2.12 3.06
C PRO A 72 5.27 2.36 3.40
N PHE A 73 4.92 2.07 4.66
CA PHE A 73 3.61 2.35 5.29
C PHE A 73 3.68 3.60 6.18
N TYR A 74 2.62 4.42 6.23
CA TYR A 74 2.61 5.63 7.07
C TYR A 74 2.08 5.35 8.49
N VAL A 75 2.85 5.77 9.51
CA VAL A 75 2.57 5.59 10.94
C VAL A 75 2.11 6.91 11.55
N LYS A 76 1.06 6.86 12.39
CA LYS A 76 0.52 7.99 13.16
C LYS A 76 1.64 8.71 13.94
N ASP A 77 1.72 10.04 13.84
CA ASP A 77 2.69 10.90 14.55
C ASP A 77 4.19 10.60 14.29
N VAL A 78 4.50 9.74 13.31
CA VAL A 78 5.84 9.16 13.10
C VAL A 78 6.28 9.28 11.65
N GLY A 79 5.42 8.92 10.71
CA GLY A 79 5.72 8.96 9.27
C GLY A 79 5.97 7.57 8.67
N PHE A 80 6.58 7.50 7.50
CA PHE A 80 6.73 6.25 6.75
C PHE A 80 7.82 5.32 7.31
N VAL A 81 7.58 4.01 7.17
CA VAL A 81 8.45 2.90 7.62
C VAL A 81 8.26 1.67 6.73
N GLU A 82 9.33 0.89 6.51
CA GLU A 82 9.27 -0.39 5.81
C GLU A 82 8.36 -1.41 6.51
N ALA A 83 7.55 -2.13 5.73
CA ALA A 83 6.62 -3.16 6.20
C ALA A 83 7.27 -4.23 7.08
N GLY A 84 8.49 -4.66 6.75
CA GLY A 84 9.26 -5.64 7.52
C GLY A 84 9.77 -5.11 8.87
N LYS A 85 9.81 -3.78 9.04
CA LYS A 85 10.19 -3.05 10.27
C LYS A 85 9.01 -2.46 11.05
N LEU A 86 7.77 -2.74 10.63
CA LEU A 86 6.60 -2.49 11.49
C LEU A 86 6.58 -3.45 12.69
N GLN A 87 5.84 -3.12 13.73
CA GLN A 87 5.60 -4.00 14.88
C GLN A 87 4.11 -4.19 15.14
N VAL A 88 3.75 -5.36 15.70
CA VAL A 88 2.37 -5.64 16.14
C VAL A 88 2.02 -4.73 17.32
N GLY A 89 0.84 -4.15 17.29
CA GLY A 89 0.41 -3.12 18.24
C GLY A 89 0.79 -1.68 17.85
N ASP A 90 1.40 -1.45 16.68
CA ASP A 90 1.75 -0.12 16.20
C ASP A 90 0.64 0.51 15.32
N LYS A 91 0.68 1.84 15.21
CA LYS A 91 -0.48 2.69 14.85
C LYS A 91 -0.37 3.27 13.43
N LEU A 92 -1.19 2.78 12.50
CA LEU A 92 -1.28 3.24 11.10
C LEU A 92 -2.52 4.13 10.86
N LEU A 93 -2.73 4.58 9.62
CA LEU A 93 -3.87 5.44 9.24
C LEU A 93 -4.57 4.99 7.95
N ASP A 94 -5.83 5.39 7.80
CA ASP A 94 -6.71 5.06 6.67
C ASP A 94 -7.15 6.27 5.82
N SER A 95 -8.01 6.03 4.83
CA SER A 95 -8.60 7.06 3.95
C SER A 95 -9.51 8.10 4.63
N ARG A 96 -9.85 7.97 5.92
CA ARG A 96 -10.50 8.99 6.77
C ARG A 96 -9.51 9.67 7.72
N GLY A 97 -8.34 9.07 7.95
CA GLY A 97 -7.31 9.54 8.88
C GLY A 97 -7.50 8.95 10.29
N ASN A 98 -8.25 7.86 10.37
CA ASN A 98 -8.57 7.17 11.61
C ASN A 98 -7.44 6.20 11.99
N VAL A 99 -7.18 6.03 13.28
CA VAL A 99 -6.05 5.23 13.76
C VAL A 99 -6.35 3.73 13.63
N LEU A 100 -5.57 3.07 12.78
CA LEU A 100 -5.51 1.61 12.62
C LEU A 100 -4.41 1.00 13.49
N VAL A 101 -4.52 -0.29 13.80
CA VAL A 101 -3.51 -1.05 14.58
C VAL A 101 -3.03 -2.27 13.78
N VAL A 102 -1.72 -2.54 13.83
CA VAL A 102 -1.13 -3.78 13.29
C VAL A 102 -1.47 -4.95 14.20
N GLU A 103 -2.05 -6.00 13.65
CA GLU A 103 -2.57 -7.20 14.32
C GLU A 103 -1.68 -8.44 14.13
N GLU A 104 -0.91 -8.51 13.04
CA GLU A 104 0.06 -9.59 12.76
C GLU A 104 1.08 -9.17 11.68
N LYS A 105 2.28 -9.74 11.75
CA LYS A 105 3.28 -9.82 10.67
C LYS A 105 3.60 -11.30 10.37
N LYS A 106 3.52 -11.71 9.10
CA LYS A 106 3.82 -13.08 8.63
C LYS A 106 4.77 -13.06 7.43
N LEU A 107 5.91 -13.73 7.51
CA LEU A 107 6.90 -13.85 6.43
C LEU A 107 6.77 -15.21 5.75
N GLU A 108 6.68 -15.23 4.43
CA GLU A 108 6.71 -16.46 3.62
C GLU A 108 7.76 -16.43 2.52
N ILE A 109 8.27 -17.62 2.20
CA ILE A 109 9.14 -17.87 1.05
C ILE A 109 8.34 -18.74 0.07
N ALA A 110 7.89 -18.13 -1.02
CA ALA A 110 7.17 -18.80 -2.10
C ALA A 110 8.05 -19.86 -2.79
N ASP A 111 7.41 -20.86 -3.38
CA ASP A 111 8.08 -21.90 -4.15
C ASP A 111 8.31 -21.49 -5.61
N LYS A 112 7.55 -20.52 -6.12
CA LYS A 112 7.66 -19.96 -7.47
C LYS A 112 7.56 -18.43 -7.44
N PRO A 113 8.35 -17.69 -8.25
CA PRO A 113 8.42 -16.23 -8.21
C PRO A 113 7.06 -15.59 -8.55
N VAL A 114 6.51 -14.85 -7.58
CA VAL A 114 5.25 -14.12 -7.68
C VAL A 114 5.48 -12.74 -8.30
N LYS A 115 4.60 -12.34 -9.23
CA LYS A 115 4.60 -10.99 -9.82
C LYS A 115 4.06 -9.97 -8.82
N VAL A 116 4.75 -8.85 -8.75
CA VAL A 116 4.51 -7.76 -7.81
C VAL A 116 4.50 -6.40 -8.53
N TYR A 117 3.50 -5.59 -8.22
CA TYR A 117 3.13 -4.37 -8.96
C TYR A 117 3.29 -3.12 -8.08
N ASN A 118 3.52 -1.97 -8.72
CA ASN A 118 3.78 -0.66 -8.11
C ASN A 118 3.31 0.46 -9.08
N PHE A 119 2.99 1.66 -8.60
CA PHE A 119 2.72 2.82 -9.46
C PHE A 119 3.09 4.15 -8.78
N LYS A 120 3.26 5.20 -9.59
CA LYS A 120 3.60 6.57 -9.12
C LYS A 120 2.57 7.66 -9.49
N VAL A 121 2.42 8.67 -8.63
CA VAL A 121 1.29 9.65 -8.62
C VAL A 121 1.72 11.07 -9.01
N ASP A 122 0.85 11.81 -9.71
CA ASP A 122 1.19 13.06 -10.44
C ASP A 122 1.49 14.32 -9.58
N ASP A 123 0.90 14.46 -8.39
CA ASP A 123 1.20 15.57 -7.45
C ASP A 123 1.28 15.10 -5.98
N PHE A 124 0.38 14.22 -5.55
CA PHE A 124 0.49 13.55 -4.25
C PHE A 124 1.56 12.45 -4.31
N HIS A 125 1.98 11.96 -3.14
CA HIS A 125 3.13 11.05 -2.97
C HIS A 125 2.70 9.78 -2.21
N THR A 126 1.46 9.35 -2.40
CA THR A 126 0.73 8.40 -1.53
C THR A 126 -0.39 7.70 -2.30
N TYR A 127 -0.92 6.60 -1.75
CA TYR A 127 -2.13 5.89 -2.21
C TYR A 127 -2.65 4.95 -1.10
N HIS A 128 -3.82 4.32 -1.30
CA HIS A 128 -4.52 3.50 -0.30
C HIS A 128 -4.74 2.05 -0.75
N VAL A 129 -4.51 1.07 0.14
CA VAL A 129 -4.52 -0.38 -0.15
C VAL A 129 -5.43 -1.20 0.79
N GLY A 130 -6.08 -2.25 0.26
CA GLY A 130 -6.96 -3.19 0.99
C GLY A 130 -8.34 -2.63 1.35
N ASP A 131 -9.26 -3.46 1.88
CA ASP A 131 -10.62 -2.99 2.27
C ASP A 131 -10.61 -2.06 3.50
N ASN A 132 -9.54 -2.10 4.30
CA ASN A 132 -9.30 -1.12 5.38
C ASN A 132 -8.59 0.16 4.87
N GLU A 133 -8.25 0.23 3.58
CA GLU A 133 -7.89 1.45 2.85
C GLU A 133 -6.72 2.21 3.50
N VAL A 134 -5.63 1.47 3.74
CA VAL A 134 -4.46 1.86 4.55
C VAL A 134 -3.47 2.72 3.75
N LEU A 135 -2.90 3.74 4.38
CA LEU A 135 -2.01 4.73 3.76
C LEU A 135 -0.56 4.23 3.55
N VAL A 136 -0.05 4.35 2.32
CA VAL A 136 1.31 3.95 1.89
C VAL A 136 1.95 5.02 1.01
N HIS A 137 3.30 5.07 0.98
CA HIS A 137 4.06 6.16 0.35
C HIS A 137 4.65 5.78 -1.01
N ASN A 138 4.64 6.74 -1.95
CA ASN A 138 5.26 6.65 -3.27
C ASN A 138 6.78 6.80 -3.20
N SER A 1 14.77 -4.13 -1.58
CA SER A 1 14.68 -2.84 -2.29
C SER A 1 13.24 -2.52 -2.66
N MET A 2 12.61 -3.41 -3.44
CA MET A 2 11.33 -3.25 -4.12
C MET A 2 10.15 -2.88 -3.20
N LYS A 3 9.23 -2.04 -3.68
CA LYS A 3 8.06 -1.52 -2.95
C LYS A 3 6.78 -1.80 -3.73
N ALA A 4 6.30 -3.05 -3.69
CA ALA A 4 5.19 -3.54 -4.51
C ALA A 4 4.19 -4.41 -3.71
N PHE A 5 3.03 -4.74 -4.29
CA PHE A 5 2.04 -5.68 -3.72
C PHE A 5 1.75 -6.84 -4.68
N VAL A 6 1.33 -7.99 -4.15
CA VAL A 6 0.90 -9.14 -4.97
C VAL A 6 -0.41 -8.87 -5.70
N ALA A 7 -0.60 -9.58 -6.83
CA ALA A 7 -1.86 -9.56 -7.58
C ALA A 7 -3.08 -9.87 -6.68
N GLY A 8 -4.17 -9.17 -6.92
CA GLY A 8 -5.42 -9.21 -6.18
C GLY A 8 -5.56 -8.15 -5.08
N THR A 9 -4.49 -7.40 -4.75
CA THR A 9 -4.55 -6.31 -3.76
C THR A 9 -5.40 -5.14 -4.28
N MET A 10 -6.40 -4.71 -3.49
CA MET A 10 -7.34 -3.62 -3.82
C MET A 10 -6.74 -2.23 -3.61
N ILE A 11 -7.10 -1.29 -4.49
CA ILE A 11 -6.63 0.11 -4.53
C ILE A 11 -7.82 1.07 -4.60
N LEU A 12 -7.75 2.19 -3.86
CA LEU A 12 -8.77 3.24 -3.82
C LEU A 12 -8.67 4.24 -4.98
N THR A 13 -9.79 4.49 -5.67
CA THR A 13 -9.85 5.18 -6.97
C THR A 13 -10.95 6.25 -7.04
N ALA A 14 -10.96 7.01 -8.14
CA ALA A 14 -12.01 7.95 -8.52
C ALA A 14 -13.38 7.29 -8.78
N THR A 15 -13.42 5.95 -8.91
CA THR A 15 -14.63 5.18 -9.24
C THR A 15 -14.98 4.07 -8.22
N GLY A 16 -14.18 3.96 -7.16
CA GLY A 16 -14.36 3.03 -6.04
C GLY A 16 -13.10 2.22 -5.79
N LEU A 17 -13.17 0.90 -5.94
CA LEU A 17 -12.03 -0.01 -5.82
C LEU A 17 -11.72 -0.75 -7.13
N VAL A 18 -10.42 -0.95 -7.40
CA VAL A 18 -9.84 -1.68 -8.54
C VAL A 18 -8.64 -2.50 -8.05
N ALA A 19 -8.34 -3.66 -8.66
CA ALA A 19 -7.14 -4.44 -8.34
C ALA A 19 -5.86 -3.74 -8.79
N ILE A 20 -4.74 -3.91 -8.07
CA ILE A 20 -3.48 -3.26 -8.42
C ILE A 20 -2.95 -3.70 -9.80
N GLU A 21 -3.18 -4.96 -10.18
CA GLU A 21 -2.86 -5.45 -11.52
C GLU A 21 -3.72 -4.85 -12.65
N ASN A 22 -4.86 -4.24 -12.28
CA ASN A 22 -5.85 -3.69 -13.20
C ASN A 22 -5.80 -2.16 -13.29
N ILE A 23 -5.13 -1.48 -12.36
CA ILE A 23 -4.75 -0.07 -12.53
C ILE A 23 -3.88 0.09 -13.78
N LYS A 24 -4.19 1.09 -14.61
CA LYS A 24 -3.43 1.51 -15.80
C LYS A 24 -2.93 2.95 -15.71
N ALA A 25 -1.94 3.30 -16.52
CA ALA A 25 -1.55 4.70 -16.74
C ALA A 25 -2.76 5.54 -17.21
N GLY A 26 -2.95 6.71 -16.61
CA GLY A 26 -4.11 7.58 -16.84
C GLY A 26 -5.34 7.26 -15.96
N ASP A 27 -5.31 6.18 -15.19
CA ASP A 27 -6.32 5.93 -14.15
C ASP A 27 -6.06 6.87 -12.96
N LYS A 28 -7.11 7.23 -12.23
CA LYS A 28 -7.04 8.18 -11.11
C LYS A 28 -7.24 7.47 -9.78
N VAL A 29 -6.23 7.60 -8.93
CA VAL A 29 -6.18 7.02 -7.59
C VAL A 29 -6.36 8.12 -6.55
N ILE A 30 -6.91 7.76 -5.39
CA ILE A 30 -7.00 8.66 -4.25
C ILE A 30 -5.68 8.68 -3.51
N ALA A 31 -5.25 9.88 -3.12
CA ALA A 31 -3.99 10.11 -2.44
C ALA A 31 -4.29 11.11 -1.33
N THR A 32 -4.11 10.67 -0.08
CA THR A 32 -4.37 11.52 1.09
C THR A 32 -3.07 12.20 1.49
N ASN A 33 -3.04 13.53 1.29
CA ASN A 33 -1.86 14.38 1.53
C ASN A 33 -1.28 14.19 2.95
N PRO A 34 -0.04 13.68 3.12
CA PRO A 34 0.52 13.38 4.46
C PRO A 34 0.98 14.61 5.26
N GLU A 35 0.87 15.83 4.72
CA GLU A 35 1.07 17.08 5.47
C GLU A 35 -0.20 17.55 6.18
N THR A 36 -1.33 17.54 5.48
CA THR A 36 -2.56 18.26 5.88
C THR A 36 -3.79 17.35 5.93
N PHE A 37 -3.64 16.10 5.47
CA PHE A 37 -4.68 15.07 5.32
C PHE A 37 -5.85 15.46 4.41
N GLU A 38 -5.60 16.31 3.41
CA GLU A 38 -6.54 16.61 2.34
C GLU A 38 -6.63 15.41 1.37
N VAL A 39 -7.85 14.97 1.07
CA VAL A 39 -8.09 13.82 0.17
C VAL A 39 -8.28 14.33 -1.26
N ALA A 40 -7.55 13.76 -2.22
CA ALA A 40 -7.65 14.16 -3.62
C ALA A 40 -7.53 12.99 -4.60
N GLU A 41 -8.19 13.10 -5.75
CA GLU A 41 -7.83 12.37 -6.98
C GLU A 41 -6.51 12.90 -7.54
N LYS A 42 -5.60 12.01 -7.96
CA LYS A 42 -4.50 12.30 -8.90
C LYS A 42 -4.35 11.16 -9.90
N THR A 43 -3.92 11.46 -11.13
CA THR A 43 -3.70 10.46 -12.16
C THR A 43 -2.39 9.69 -11.99
N VAL A 44 -2.37 8.46 -12.51
CA VAL A 44 -1.21 7.55 -12.54
C VAL A 44 -0.37 7.85 -13.78
N LEU A 45 0.90 8.21 -13.56
CA LEU A 45 1.86 8.50 -14.65
C LEU A 45 2.24 7.21 -15.40
N GLU A 46 2.68 6.19 -14.65
CA GLU A 46 3.05 4.87 -15.16
C GLU A 46 2.71 3.76 -14.16
N THR A 47 2.56 2.57 -14.72
CA THR A 47 2.26 1.31 -14.02
C THR A 47 3.38 0.30 -14.20
N TYR A 48 3.99 -0.10 -13.09
CA TYR A 48 5.14 -1.02 -13.03
C TYR A 48 4.75 -2.43 -12.55
N VAL A 49 5.53 -3.42 -13.00
CA VAL A 49 5.46 -4.83 -12.58
C VAL A 49 6.88 -5.35 -12.37
N ARG A 50 7.06 -6.17 -11.33
CA ARG A 50 8.30 -6.83 -10.94
C ARG A 50 8.02 -8.26 -10.47
N GLU A 51 9.07 -9.00 -10.16
CA GLU A 51 9.00 -10.36 -9.64
C GLU A 51 9.90 -10.53 -8.40
N THR A 52 9.39 -11.17 -7.35
CA THR A 52 10.14 -11.48 -6.12
C THR A 52 9.70 -12.83 -5.55
N THR A 53 10.61 -13.49 -4.85
CA THR A 53 10.37 -14.72 -4.08
C THR A 53 10.13 -14.47 -2.59
N GLU A 54 10.45 -13.28 -2.09
CA GLU A 54 10.44 -12.98 -0.65
C GLU A 54 9.29 -12.03 -0.29
N LEU A 55 8.25 -12.58 0.36
CA LEU A 55 6.99 -11.87 0.65
C LEU A 55 6.71 -11.69 2.15
N LEU A 56 5.77 -10.78 2.42
CA LEU A 56 5.36 -10.37 3.76
C LEU A 56 3.82 -10.24 3.87
N HIS A 57 3.22 -10.86 4.88
CA HIS A 57 1.79 -10.77 5.20
C HIS A 57 1.55 -9.99 6.50
N LEU A 58 1.09 -8.75 6.38
CA LEU A 58 0.62 -7.93 7.49
C LEU A 58 -0.91 -8.07 7.63
N THR A 59 -1.43 -8.13 8.85
CA THR A 59 -2.87 -8.00 9.14
C THR A 59 -3.09 -6.72 9.92
N ILE A 60 -3.97 -5.84 9.44
CA ILE A 60 -4.21 -4.50 10.00
C ILE A 60 -5.71 -4.27 10.17
N GLY A 61 -6.16 -4.03 11.41
CA GLY A 61 -7.58 -3.84 11.75
C GLY A 61 -8.52 -4.97 11.31
N GLY A 62 -8.02 -6.19 11.13
CA GLY A 62 -8.76 -7.36 10.61
C GLY A 62 -8.68 -7.59 9.08
N GLU A 63 -7.96 -6.75 8.32
CA GLU A 63 -7.71 -6.92 6.89
C GLU A 63 -6.24 -7.30 6.65
N VAL A 64 -6.00 -8.40 5.94
CA VAL A 64 -4.66 -8.89 5.59
C VAL A 64 -4.18 -8.36 4.23
N ILE A 65 -2.92 -7.91 4.18
CA ILE A 65 -2.30 -7.18 3.07
C ILE A 65 -0.92 -7.77 2.80
N LYS A 66 -0.63 -8.06 1.53
CA LYS A 66 0.42 -9.00 1.10
C LYS A 66 1.45 -8.27 0.23
N THR A 67 2.64 -7.99 0.77
CA THR A 67 3.53 -6.91 0.30
C THR A 67 5.02 -7.31 0.29
N THR A 68 5.89 -6.43 -0.20
CA THR A 68 7.35 -6.57 -0.07
C THR A 68 7.86 -6.10 1.29
N PHE A 69 8.98 -6.67 1.74
CA PHE A 69 9.55 -6.40 3.08
C PHE A 69 9.92 -4.91 3.27
N ASP A 70 10.28 -4.22 2.20
CA ASP A 70 10.75 -2.83 2.23
C ASP A 70 9.64 -1.79 2.00
N HIS A 71 8.37 -2.21 1.84
CA HIS A 71 7.28 -1.30 1.45
C HIS A 71 6.99 -0.21 2.53
N PRO A 72 6.94 1.09 2.19
CA PRO A 72 6.75 2.18 3.15
C PRO A 72 5.28 2.39 3.60
N PHE A 73 4.99 2.10 4.87
CA PHE A 73 3.70 2.33 5.54
C PHE A 73 3.74 3.57 6.45
N TYR A 74 2.65 4.33 6.58
CA TYR A 74 2.60 5.56 7.40
C TYR A 74 2.12 5.33 8.84
N VAL A 75 2.85 5.89 9.82
CA VAL A 75 2.67 5.72 11.27
C VAL A 75 2.32 7.06 11.94
N LYS A 76 1.33 7.05 12.84
CA LYS A 76 0.95 8.23 13.65
C LYS A 76 2.14 8.78 14.43
N ASP A 77 2.37 10.09 14.32
CA ASP A 77 3.46 10.85 15.00
C ASP A 77 4.90 10.48 14.58
N VAL A 78 5.08 9.66 13.54
CA VAL A 78 6.41 9.11 13.14
C VAL A 78 6.67 9.26 11.64
N GLY A 79 5.69 8.95 10.79
CA GLY A 79 5.82 9.01 9.34
C GLY A 79 6.03 7.63 8.72
N PHE A 80 6.78 7.52 7.63
CA PHE A 80 6.85 6.26 6.87
C PHE A 80 7.99 5.31 7.29
N VAL A 81 7.70 4.00 7.25
CA VAL A 81 8.55 2.89 7.70
C VAL A 81 8.39 1.64 6.82
N GLU A 82 9.45 0.86 6.67
CA GLU A 82 9.42 -0.45 6.00
C GLU A 82 8.46 -1.44 6.69
N ALA A 83 7.64 -2.15 5.91
CA ALA A 83 6.63 -3.10 6.41
C ALA A 83 7.24 -4.22 7.27
N GLY A 84 8.44 -4.69 6.92
CA GLY A 84 9.18 -5.70 7.67
C GLY A 84 9.68 -5.21 9.03
N LYS A 85 9.77 -3.89 9.26
CA LYS A 85 10.23 -3.24 10.51
C LYS A 85 9.09 -2.82 11.45
N LEU A 86 7.83 -3.02 11.05
CA LEU A 86 6.66 -2.82 11.92
C LEU A 86 6.55 -3.90 13.03
N GLN A 87 5.87 -3.56 14.11
CA GLN A 87 5.47 -4.49 15.19
C GLN A 87 3.94 -4.57 15.32
N VAL A 88 3.46 -5.67 15.90
CA VAL A 88 2.04 -5.86 16.26
C VAL A 88 1.66 -4.88 17.38
N GLY A 89 0.53 -4.20 17.21
CA GLY A 89 0.02 -3.18 18.13
C GLY A 89 0.32 -1.72 17.76
N ASP A 90 1.08 -1.47 16.68
CA ASP A 90 1.48 -0.11 16.29
C ASP A 90 0.45 0.59 15.39
N LYS A 91 0.52 1.93 15.35
CA LYS A 91 -0.57 2.83 14.92
C LYS A 91 -0.37 3.35 13.51
N LEU A 92 -1.11 2.79 12.55
CA LEU A 92 -1.10 3.19 11.14
C LEU A 92 -2.25 4.16 10.83
N LEU A 93 -2.18 4.80 9.66
CA LEU A 93 -3.21 5.73 9.16
C LEU A 93 -3.98 5.08 7.99
N ASP A 94 -5.22 5.50 7.79
CA ASP A 94 -6.05 5.10 6.63
C ASP A 94 -6.29 6.24 5.62
N SER A 95 -7.13 5.98 4.60
CA SER A 95 -7.53 6.91 3.55
C SER A 95 -8.20 8.23 4.00
N ARG A 96 -8.60 8.35 5.28
CA ARG A 96 -9.10 9.60 5.89
C ARG A 96 -8.03 10.23 6.80
N GLY A 97 -7.14 9.39 7.35
CA GLY A 97 -6.21 9.72 8.44
C GLY A 97 -6.77 9.30 9.80
N ASN A 98 -7.72 8.36 9.80
CA ASN A 98 -8.17 7.69 11.01
C ASN A 98 -7.14 6.62 11.44
N VAL A 99 -7.16 6.21 12.71
CA VAL A 99 -6.15 5.29 13.28
C VAL A 99 -6.52 3.82 13.08
N LEU A 100 -5.55 3.06 12.58
CA LEU A 100 -5.51 1.61 12.42
C LEU A 100 -4.45 0.98 13.33
N VAL A 101 -4.60 -0.33 13.60
CA VAL A 101 -3.65 -1.10 14.44
C VAL A 101 -3.20 -2.37 13.73
N VAL A 102 -1.91 -2.71 13.84
CA VAL A 102 -1.36 -3.98 13.34
C VAL A 102 -1.78 -5.15 14.24
N GLU A 103 -2.39 -6.17 13.66
CA GLU A 103 -2.89 -7.41 14.30
C GLU A 103 -1.95 -8.62 14.13
N GLU A 104 -1.15 -8.67 13.07
CA GLU A 104 -0.14 -9.72 12.81
C GLU A 104 0.92 -9.26 11.79
N LYS A 105 2.13 -9.81 11.87
CA LYS A 105 3.10 -9.91 10.77
C LYS A 105 3.59 -11.37 10.58
N LYS A 106 3.59 -11.81 9.33
CA LYS A 106 4.09 -13.12 8.82
C LYS A 106 4.99 -12.90 7.59
N LEU A 107 5.91 -13.82 7.31
CA LEU A 107 6.88 -13.75 6.20
C LEU A 107 7.10 -15.15 5.59
N GLU A 108 7.15 -15.24 4.26
CA GLU A 108 7.44 -16.50 3.54
C GLU A 108 8.45 -16.33 2.39
N ILE A 109 9.21 -17.40 2.14
CA ILE A 109 10.13 -17.53 1.00
C ILE A 109 9.52 -18.49 -0.02
N ALA A 110 9.04 -17.93 -1.13
CA ALA A 110 8.37 -18.68 -2.21
C ALA A 110 9.35 -19.57 -3.01
N ASP A 111 8.82 -20.68 -3.50
CA ASP A 111 9.56 -21.67 -4.29
C ASP A 111 9.81 -21.24 -5.74
N LYS A 112 9.11 -20.20 -6.21
CA LYS A 112 9.25 -19.57 -7.52
C LYS A 112 8.86 -18.08 -7.45
N PRO A 113 9.40 -17.21 -8.32
CA PRO A 113 9.12 -15.77 -8.30
C PRO A 113 7.64 -15.44 -8.56
N VAL A 114 7.02 -14.73 -7.62
CA VAL A 114 5.64 -14.23 -7.69
C VAL A 114 5.63 -12.83 -8.31
N LYS A 115 4.62 -12.53 -9.14
CA LYS A 115 4.45 -11.22 -9.79
C LYS A 115 3.85 -10.20 -8.83
N VAL A 116 4.34 -8.97 -8.92
CA VAL A 116 3.99 -7.88 -8.00
C VAL A 116 3.93 -6.55 -8.74
N TYR A 117 3.09 -5.64 -8.25
CA TYR A 117 2.67 -4.44 -8.96
C TYR A 117 2.87 -3.19 -8.09
N ASN A 118 3.18 -2.06 -8.75
CA ASN A 118 3.31 -0.73 -8.16
C ASN A 118 3.08 0.34 -9.26
N PHE A 119 2.89 1.61 -8.89
CA PHE A 119 2.70 2.71 -9.84
C PHE A 119 3.22 4.04 -9.27
N LYS A 120 3.25 5.10 -10.09
CA LYS A 120 3.69 6.45 -9.68
C LYS A 120 2.63 7.53 -9.89
N VAL A 121 2.42 8.37 -8.86
CA VAL A 121 1.36 9.40 -8.77
C VAL A 121 1.85 10.76 -9.28
N ASP A 122 1.01 11.48 -10.04
CA ASP A 122 1.37 12.72 -10.78
C ASP A 122 1.94 13.88 -9.94
N ASP A 123 1.52 14.05 -8.69
CA ASP A 123 2.02 15.13 -7.83
C ASP A 123 2.07 14.78 -6.35
N PHE A 124 1.07 14.01 -5.90
CA PHE A 124 1.01 13.44 -4.56
C PHE A 124 2.01 12.27 -4.44
N HIS A 125 2.26 11.85 -3.20
CA HIS A 125 3.24 10.83 -2.84
C HIS A 125 2.67 9.79 -1.84
N THR A 126 1.36 9.56 -1.90
CA THR A 126 0.62 8.56 -1.12
C THR A 126 -0.39 7.82 -2.00
N TYR A 127 -0.83 6.64 -1.54
CA TYR A 127 -1.97 5.88 -2.04
C TYR A 127 -2.50 4.92 -0.96
N HIS A 128 -3.54 4.14 -1.26
CA HIS A 128 -4.31 3.37 -0.28
C HIS A 128 -4.54 1.92 -0.72
N VAL A 129 -4.43 0.98 0.23
CA VAL A 129 -4.42 -0.47 -0.04
C VAL A 129 -5.35 -1.28 0.86
N GLY A 130 -6.02 -2.29 0.30
CA GLY A 130 -6.89 -3.25 0.99
C GLY A 130 -8.27 -2.72 1.41
N ASP A 131 -9.15 -3.59 1.92
CA ASP A 131 -10.52 -3.21 2.34
C ASP A 131 -10.54 -2.23 3.53
N ASN A 132 -9.45 -2.13 4.29
CA ASN A 132 -9.23 -1.15 5.37
C ASN A 132 -8.49 0.13 4.92
N GLU A 133 -8.14 0.24 3.64
CA GLU A 133 -7.69 1.47 2.97
C GLU A 133 -6.43 2.11 3.60
N VAL A 134 -5.41 1.30 3.91
CA VAL A 134 -4.23 1.69 4.69
C VAL A 134 -3.32 2.63 3.88
N LEU A 135 -2.80 3.68 4.53
CA LEU A 135 -1.96 4.72 3.95
C LEU A 135 -0.51 4.27 3.75
N VAL A 136 -0.01 4.40 2.52
CA VAL A 136 1.36 4.02 2.11
C VAL A 136 2.00 5.13 1.28
N HIS A 137 3.34 5.24 1.33
CA HIS A 137 4.09 6.20 0.53
C HIS A 137 4.30 5.69 -0.90
N ASN A 138 4.32 6.59 -1.89
CA ASN A 138 4.54 6.28 -3.30
C ASN A 138 6.02 6.23 -3.69
N SER A 1 15.10 -5.19 -1.42
CA SER A 1 14.91 -3.83 -1.94
C SER A 1 13.77 -3.77 -2.96
N MET A 2 12.51 -3.88 -2.53
CA MET A 2 11.34 -3.82 -3.41
C MET A 2 10.12 -3.21 -2.70
N LYS A 3 9.27 -2.46 -3.43
CA LYS A 3 8.14 -1.68 -2.90
C LYS A 3 6.78 -2.07 -3.53
N ALA A 4 6.43 -3.35 -3.59
CA ALA A 4 5.33 -3.86 -4.43
C ALA A 4 4.29 -4.73 -3.68
N PHE A 5 3.11 -4.94 -4.26
CA PHE A 5 2.06 -5.83 -3.73
C PHE A 5 1.74 -6.94 -4.73
N VAL A 6 1.30 -8.10 -4.22
CA VAL A 6 0.86 -9.23 -5.08
C VAL A 6 -0.45 -8.90 -5.81
N ALA A 7 -0.69 -9.64 -6.91
CA ALA A 7 -1.96 -9.61 -7.62
C ALA A 7 -3.16 -9.87 -6.67
N GLY A 8 -4.31 -9.31 -7.01
CA GLY A 8 -5.48 -9.26 -6.14
C GLY A 8 -5.53 -8.12 -5.11
N THR A 9 -4.41 -7.47 -4.75
CA THR A 9 -4.44 -6.38 -3.74
C THR A 9 -5.27 -5.19 -4.25
N MET A 10 -6.31 -4.82 -3.51
CA MET A 10 -7.26 -3.77 -3.88
C MET A 10 -6.69 -2.36 -3.64
N ILE A 11 -7.03 -1.41 -4.52
CA ILE A 11 -6.60 -0.01 -4.53
C ILE A 11 -7.82 0.91 -4.61
N LEU A 12 -7.85 1.99 -3.82
CA LEU A 12 -8.96 2.94 -3.74
C LEU A 12 -9.01 3.94 -4.92
N THR A 13 -10.17 4.06 -5.55
CA THR A 13 -10.42 4.90 -6.74
C THR A 13 -11.62 5.83 -6.54
N ALA A 14 -11.88 6.74 -7.47
CA ALA A 14 -13.09 7.57 -7.48
C ALA A 14 -14.39 6.75 -7.71
N THR A 15 -14.27 5.51 -8.18
CA THR A 15 -15.40 4.62 -8.54
C THR A 15 -15.60 3.44 -7.57
N GLY A 16 -14.66 3.24 -6.64
CA GLY A 16 -14.67 2.16 -5.65
C GLY A 16 -13.28 1.58 -5.45
N LEU A 17 -13.10 0.32 -5.84
CA LEU A 17 -11.81 -0.39 -5.83
C LEU A 17 -11.43 -0.87 -7.24
N VAL A 18 -10.12 -1.02 -7.48
CA VAL A 18 -9.51 -1.74 -8.62
C VAL A 18 -8.33 -2.56 -8.10
N ALA A 19 -8.06 -3.75 -8.64
CA ALA A 19 -6.89 -4.54 -8.25
C ALA A 19 -5.59 -3.89 -8.76
N ILE A 20 -4.48 -4.03 -8.03
CA ILE A 20 -3.20 -3.44 -8.44
C ILE A 20 -2.66 -4.01 -9.76
N GLU A 21 -3.02 -5.26 -10.08
CA GLU A 21 -2.78 -5.90 -11.38
C GLU A 21 -3.61 -5.34 -12.54
N ASN A 22 -4.56 -4.45 -12.24
CA ASN A 22 -5.51 -3.87 -13.19
C ASN A 22 -5.37 -2.32 -13.31
N ILE A 23 -4.68 -1.64 -12.38
CA ILE A 23 -4.31 -0.21 -12.53
C ILE A 23 -3.33 -0.04 -13.71
N LYS A 24 -3.55 0.98 -14.54
CA LYS A 24 -2.68 1.38 -15.66
C LYS A 24 -2.18 2.81 -15.53
N ALA A 25 -1.08 3.13 -16.22
CA ALA A 25 -0.63 4.51 -16.40
C ALA A 25 -1.74 5.35 -17.07
N GLY A 26 -1.95 6.59 -16.60
CA GLY A 26 -3.01 7.48 -17.08
C GLY A 26 -4.39 7.26 -16.43
N ASP A 27 -4.56 6.21 -15.61
CA ASP A 27 -5.72 6.06 -14.73
C ASP A 27 -5.72 7.12 -13.61
N LYS A 28 -6.75 7.14 -12.75
CA LYS A 28 -6.76 7.92 -11.50
C LYS A 28 -6.93 7.04 -10.26
N VAL A 29 -6.43 7.53 -9.13
CA VAL A 29 -6.55 6.92 -7.79
C VAL A 29 -6.76 7.99 -6.72
N ILE A 30 -7.27 7.60 -5.55
CA ILE A 30 -7.30 8.48 -4.38
C ILE A 30 -5.94 8.55 -3.70
N ALA A 31 -5.55 9.77 -3.34
CA ALA A 31 -4.30 10.07 -2.66
C ALA A 31 -4.64 11.01 -1.50
N THR A 32 -4.32 10.59 -0.28
CA THR A 32 -4.46 11.45 0.91
C THR A 32 -3.11 12.07 1.22
N ASN A 33 -2.97 13.36 0.87
CA ASN A 33 -1.72 14.14 1.02
C ASN A 33 -1.09 13.99 2.42
N PRO A 34 0.15 13.48 2.60
CA PRO A 34 0.75 13.32 3.93
C PRO A 34 1.08 14.66 4.63
N GLU A 35 0.98 15.79 3.93
CA GLU A 35 1.31 17.14 4.42
C GLU A 35 0.20 17.74 5.31
N THR A 36 -1.06 17.42 4.99
CA THR A 36 -2.27 18.02 5.60
C THR A 36 -3.43 17.01 5.72
N PHE A 37 -3.23 15.79 5.22
CA PHE A 37 -4.27 14.75 5.10
C PHE A 37 -5.52 15.21 4.33
N GLU A 38 -5.29 15.97 3.24
CA GLU A 38 -6.31 16.30 2.24
C GLU A 38 -6.50 15.11 1.31
N VAL A 39 -7.74 14.63 1.17
CA VAL A 39 -8.10 13.57 0.23
C VAL A 39 -8.41 14.16 -1.16
N ALA A 40 -7.71 13.70 -2.19
CA ALA A 40 -7.90 14.15 -3.57
C ALA A 40 -7.76 13.01 -4.61
N GLU A 41 -8.27 13.27 -5.81
CA GLU A 41 -8.26 12.35 -6.94
C GLU A 41 -7.18 12.78 -7.95
N LYS A 42 -6.17 11.93 -8.18
CA LYS A 42 -4.95 12.27 -8.95
C LYS A 42 -4.60 11.16 -9.95
N THR A 43 -3.90 11.49 -11.04
CA THR A 43 -3.57 10.53 -12.11
C THR A 43 -2.27 9.75 -11.89
N VAL A 44 -2.17 8.59 -12.54
CA VAL A 44 -0.99 7.69 -12.52
C VAL A 44 0.00 8.07 -13.62
N LEU A 45 1.27 8.25 -13.27
CA LEU A 45 2.34 8.50 -14.24
C LEU A 45 2.87 7.19 -14.83
N GLU A 46 3.32 6.27 -13.97
CA GLU A 46 3.96 5.00 -14.38
C GLU A 46 3.47 3.83 -13.52
N THR A 47 3.51 2.64 -14.12
CA THR A 47 3.11 1.36 -13.50
C THR A 47 4.21 0.32 -13.64
N TYR A 48 4.86 0.01 -12.53
CA TYR A 48 5.96 -0.93 -12.45
C TYR A 48 5.50 -2.31 -12.03
N VAL A 49 6.17 -3.33 -12.57
CA VAL A 49 5.96 -4.74 -12.20
C VAL A 49 7.32 -5.42 -12.06
N ARG A 50 7.46 -6.23 -11.01
CA ARG A 50 8.66 -7.01 -10.64
C ARG A 50 8.24 -8.45 -10.28
N GLU A 51 9.21 -9.31 -10.01
CA GLU A 51 8.98 -10.69 -9.57
C GLU A 51 9.83 -11.05 -8.33
N THR A 52 9.23 -11.65 -7.30
CA THR A 52 9.90 -11.98 -6.03
C THR A 52 9.42 -13.33 -5.50
N THR A 53 10.34 -14.13 -4.95
CA THR A 53 10.00 -15.31 -4.12
C THR A 53 9.77 -14.93 -2.66
N GLU A 54 10.30 -13.80 -2.20
CA GLU A 54 10.16 -13.35 -0.82
C GLU A 54 8.94 -12.43 -0.70
N LEU A 55 7.97 -12.82 0.14
CA LEU A 55 6.80 -12.00 0.46
C LEU A 55 6.61 -11.81 1.97
N LEU A 56 5.81 -10.79 2.30
CA LEU A 56 5.46 -10.37 3.65
C LEU A 56 3.93 -10.28 3.79
N HIS A 57 3.35 -10.89 4.81
CA HIS A 57 1.91 -10.86 5.08
C HIS A 57 1.65 -10.09 6.38
N LEU A 58 1.32 -8.80 6.27
CA LEU A 58 0.89 -7.98 7.41
C LEU A 58 -0.61 -8.16 7.64
N THR A 59 -1.06 -8.14 8.89
CA THR A 59 -2.48 -8.07 9.25
C THR A 59 -2.72 -6.75 10.01
N ILE A 60 -3.59 -5.89 9.49
CA ILE A 60 -3.92 -4.57 10.06
C ILE A 60 -5.43 -4.45 10.20
N GLY A 61 -5.94 -4.24 11.42
CA GLY A 61 -7.38 -4.16 11.70
C GLY A 61 -8.21 -5.33 11.17
N GLY A 62 -7.61 -6.53 11.09
CA GLY A 62 -8.24 -7.76 10.60
C GLY A 62 -8.17 -7.99 9.09
N GLU A 63 -7.65 -7.04 8.31
CA GLU A 63 -7.37 -7.20 6.88
C GLU A 63 -5.91 -7.62 6.68
N VAL A 64 -5.68 -8.72 5.98
CA VAL A 64 -4.36 -9.11 5.48
C VAL A 64 -3.96 -8.26 4.27
N ILE A 65 -2.74 -7.75 4.29
CA ILE A 65 -2.07 -7.06 3.20
C ILE A 65 -0.74 -7.76 2.89
N LYS A 66 -0.76 -8.52 1.80
CA LYS A 66 0.37 -9.24 1.19
C LYS A 66 1.26 -8.27 0.38
N THR A 67 2.45 -7.95 0.89
CA THR A 67 3.35 -6.91 0.35
C THR A 67 4.83 -7.37 0.33
N THR A 68 5.74 -6.51 -0.13
CA THR A 68 7.20 -6.71 -0.03
C THR A 68 7.77 -6.18 1.28
N PHE A 69 8.98 -6.58 1.63
CA PHE A 69 9.58 -6.24 2.92
C PHE A 69 9.93 -4.74 3.03
N ASP A 70 10.16 -4.05 1.91
CA ASP A 70 10.66 -2.66 1.90
C ASP A 70 9.58 -1.63 1.52
N HIS A 71 8.31 -2.04 1.44
CA HIS A 71 7.22 -1.12 1.08
C HIS A 71 6.89 -0.11 2.20
N PRO A 72 6.77 1.21 1.93
CA PRO A 72 6.55 2.25 2.95
C PRO A 72 5.07 2.45 3.37
N PHE A 73 4.79 2.26 4.67
CA PHE A 73 3.50 2.55 5.34
C PHE A 73 3.62 3.79 6.24
N TYR A 74 2.57 4.62 6.38
CA TYR A 74 2.60 5.81 7.25
C TYR A 74 2.15 5.52 8.70
N VAL A 75 2.95 5.98 9.68
CA VAL A 75 2.75 5.82 11.13
C VAL A 75 2.37 7.14 11.79
N LYS A 76 1.35 7.10 12.66
CA LYS A 76 0.90 8.27 13.42
C LYS A 76 2.01 8.91 14.26
N ASP A 77 2.18 10.21 14.08
CA ASP A 77 3.20 11.05 14.74
C ASP A 77 4.66 10.65 14.48
N VAL A 78 4.96 9.83 13.46
CA VAL A 78 6.32 9.35 13.16
C VAL A 78 6.69 9.65 11.71
N GLY A 79 5.92 9.11 10.76
CA GLY A 79 6.20 9.20 9.33
C GLY A 79 6.13 7.84 8.63
N PHE A 80 6.70 7.70 7.42
CA PHE A 80 6.68 6.42 6.71
C PHE A 80 7.81 5.45 7.13
N VAL A 81 7.51 4.15 7.11
CA VAL A 81 8.35 3.02 7.57
C VAL A 81 8.19 1.81 6.66
N GLU A 82 9.27 1.05 6.44
CA GLU A 82 9.23 -0.21 5.69
C GLU A 82 8.40 -1.30 6.38
N ALA A 83 7.59 -2.02 5.61
CA ALA A 83 6.64 -3.02 6.09
C ALA A 83 7.28 -4.12 6.96
N GLY A 84 8.49 -4.57 6.60
CA GLY A 84 9.24 -5.56 7.37
C GLY A 84 9.83 -5.01 8.68
N LYS A 85 9.94 -3.69 8.83
CA LYS A 85 10.46 -3.00 10.04
C LYS A 85 9.37 -2.60 11.03
N LEU A 86 8.08 -2.70 10.67
CA LEU A 86 6.94 -2.50 11.58
C LEU A 86 6.94 -3.45 12.79
N GLN A 87 6.10 -3.17 13.77
CA GLN A 87 5.82 -4.03 14.94
C GLN A 87 4.31 -4.23 15.10
N VAL A 88 3.92 -5.24 15.87
CA VAL A 88 2.53 -5.41 16.33
C VAL A 88 2.20 -4.30 17.33
N GLY A 89 0.94 -3.85 17.31
CA GLY A 89 0.46 -2.78 18.17
C GLY A 89 0.81 -1.36 17.70
N ASP A 90 1.44 -1.20 16.53
CA ASP A 90 1.78 0.11 15.98
C ASP A 90 0.61 0.75 15.21
N LYS A 91 0.67 2.08 15.09
CA LYS A 91 -0.48 2.94 14.73
C LYS A 91 -0.38 3.44 13.29
N LEU A 92 -1.18 2.87 12.39
CA LEU A 92 -1.27 3.26 10.97
C LEU A 92 -2.53 4.12 10.73
N LEU A 93 -2.61 4.72 9.54
CA LEU A 93 -3.67 5.65 9.14
C LEU A 93 -4.50 5.07 7.98
N ASP A 94 -5.81 5.32 7.98
CA ASP A 94 -6.71 5.05 6.85
C ASP A 94 -6.82 6.25 5.87
N SER A 95 -7.67 6.11 4.84
CA SER A 95 -7.91 7.15 3.82
C SER A 95 -8.46 8.50 4.33
N ARG A 96 -9.02 8.60 5.55
CA ARG A 96 -9.41 9.87 6.22
C ARG A 96 -8.34 10.36 7.21
N GLY A 97 -7.55 9.44 7.75
CA GLY A 97 -6.61 9.67 8.86
C GLY A 97 -7.11 9.13 10.20
N ASN A 98 -8.01 8.14 10.17
CA ASN A 98 -8.44 7.37 11.33
C ASN A 98 -7.43 6.27 11.67
N VAL A 99 -7.33 5.88 12.95
CA VAL A 99 -6.26 5.03 13.48
C VAL A 99 -6.56 3.55 13.29
N LEU A 100 -5.55 2.83 12.80
CA LEU A 100 -5.50 1.38 12.63
C LEU A 100 -4.36 0.76 13.46
N VAL A 101 -4.56 -0.48 13.92
CA VAL A 101 -3.57 -1.24 14.70
C VAL A 101 -3.02 -2.40 13.89
N VAL A 102 -1.69 -2.60 13.94
CA VAL A 102 -1.03 -3.81 13.41
C VAL A 102 -1.32 -4.99 14.34
N GLU A 103 -1.82 -6.09 13.79
CA GLU A 103 -2.28 -7.27 14.52
C GLU A 103 -1.24 -8.40 14.51
N GLU A 104 -0.56 -8.60 13.38
CA GLU A 104 0.47 -9.63 13.18
C GLU A 104 1.38 -9.32 11.97
N LYS A 105 2.62 -9.84 11.99
CA LYS A 105 3.51 -9.96 10.83
C LYS A 105 3.86 -11.43 10.57
N LYS A 106 3.75 -11.83 9.30
CA LYS A 106 4.13 -13.13 8.73
C LYS A 106 5.12 -12.93 7.57
N LEU A 107 5.96 -13.92 7.29
CA LEU A 107 6.94 -13.94 6.19
C LEU A 107 6.90 -15.31 5.48
N GLU A 108 7.07 -15.34 4.16
CA GLU A 108 7.24 -16.60 3.42
C GLU A 108 8.20 -16.51 2.23
N ILE A 109 8.75 -17.66 1.85
CA ILE A 109 9.46 -17.87 0.59
C ILE A 109 8.58 -18.73 -0.33
N ALA A 110 7.97 -18.11 -1.33
CA ALA A 110 7.13 -18.76 -2.34
C ALA A 110 7.89 -19.80 -3.21
N ASP A 111 7.20 -20.86 -3.63
CA ASP A 111 7.74 -21.97 -4.44
C ASP A 111 7.99 -21.61 -5.92
N LYS A 112 7.51 -20.45 -6.36
CA LYS A 112 7.85 -19.76 -7.62
C LYS A 112 7.98 -18.25 -7.39
N PRO A 113 8.71 -17.50 -8.25
CA PRO A 113 8.69 -16.04 -8.22
C PRO A 113 7.29 -15.51 -8.58
N VAL A 114 6.69 -14.78 -7.66
CA VAL A 114 5.35 -14.18 -7.76
C VAL A 114 5.48 -12.78 -8.34
N LYS A 115 4.58 -12.42 -9.27
CA LYS A 115 4.53 -11.08 -9.88
C LYS A 115 3.93 -10.09 -8.89
N VAL A 116 4.52 -8.91 -8.84
CA VAL A 116 4.19 -7.87 -7.88
C VAL A 116 4.23 -6.49 -8.54
N TYR A 117 3.30 -5.64 -8.15
CA TYR A 117 2.93 -4.41 -8.85
C TYR A 117 3.12 -3.19 -7.93
N ASN A 118 3.52 -2.04 -8.49
CA ASN A 118 3.49 -0.72 -7.82
C ASN A 118 3.37 0.41 -8.86
N PHE A 119 3.04 1.64 -8.43
CA PHE A 119 2.87 2.77 -9.35
C PHE A 119 3.28 4.12 -8.74
N LYS A 120 3.48 5.13 -9.58
CA LYS A 120 3.81 6.50 -9.14
C LYS A 120 2.74 7.54 -9.53
N VAL A 121 2.49 8.50 -8.63
CA VAL A 121 1.37 9.44 -8.66
C VAL A 121 1.80 10.81 -9.22
N ASP A 122 0.88 11.50 -9.91
CA ASP A 122 1.13 12.78 -10.59
C ASP A 122 1.49 13.93 -9.63
N ASP A 123 0.54 14.39 -8.81
CA ASP A 123 0.75 15.55 -7.94
C ASP A 123 1.20 15.16 -6.53
N PHE A 124 0.43 14.28 -5.88
CA PHE A 124 0.70 13.77 -4.53
C PHE A 124 1.69 12.60 -4.56
N HIS A 125 2.06 12.07 -3.38
CA HIS A 125 3.01 10.97 -3.20
C HIS A 125 2.52 9.85 -2.26
N THR A 126 1.21 9.65 -2.19
CA THR A 126 0.53 8.60 -1.39
C THR A 126 -0.60 7.91 -2.15
N TYR A 127 -1.01 6.73 -1.70
CA TYR A 127 -2.19 5.97 -2.14
C TYR A 127 -2.67 5.01 -1.04
N HIS A 128 -3.71 4.21 -1.32
CA HIS A 128 -4.46 3.41 -0.34
C HIS A 128 -4.66 1.96 -0.78
N VAL A 129 -4.53 1.01 0.16
CA VAL A 129 -4.54 -0.43 -0.13
C VAL A 129 -5.49 -1.23 0.79
N GLY A 130 -6.12 -2.27 0.24
CA GLY A 130 -6.94 -3.26 0.95
C GLY A 130 -8.32 -2.79 1.46
N ASP A 131 -9.05 -3.70 2.11
CA ASP A 131 -10.37 -3.44 2.72
C ASP A 131 -10.32 -2.28 3.73
N ASN A 132 -9.24 -2.20 4.51
CA ASN A 132 -9.03 -1.18 5.55
C ASN A 132 -8.40 0.14 5.05
N GLU A 133 -8.14 0.29 3.73
CA GLU A 133 -7.76 1.56 3.08
C GLU A 133 -6.46 2.19 3.62
N VAL A 134 -5.44 1.37 3.92
CA VAL A 134 -4.24 1.80 4.65
C VAL A 134 -3.37 2.75 3.81
N LEU A 135 -2.93 3.84 4.43
CA LEU A 135 -2.11 4.90 3.82
C LEU A 135 -0.65 4.45 3.58
N VAL A 136 -0.21 4.50 2.32
CA VAL A 136 1.12 4.06 1.85
C VAL A 136 1.73 5.07 0.89
N HIS A 137 3.05 4.99 0.67
CA HIS A 137 3.84 6.03 -0.01
C HIS A 137 4.36 5.58 -1.40
N ASN A 138 4.38 6.53 -2.34
CA ASN A 138 4.98 6.44 -3.70
C ASN A 138 6.40 5.84 -3.70
N SER A 1 14.96 -1.63 -1.06
CA SER A 1 15.33 -2.35 -2.29
C SER A 1 14.15 -2.66 -3.20
N MET A 2 12.98 -3.06 -2.68
CA MET A 2 11.82 -3.48 -3.49
C MET A 2 10.49 -3.12 -2.81
N LYS A 3 9.59 -2.41 -3.51
CA LYS A 3 8.42 -1.71 -2.94
C LYS A 3 7.14 -1.96 -3.76
N ALA A 4 6.53 -3.14 -3.61
CA ALA A 4 5.36 -3.54 -4.42
C ALA A 4 4.33 -4.40 -3.64
N PHE A 5 3.16 -4.67 -4.24
CA PHE A 5 2.13 -5.58 -3.70
C PHE A 5 1.86 -6.73 -4.68
N VAL A 6 1.42 -7.88 -4.17
CA VAL A 6 1.01 -9.01 -5.02
C VAL A 6 -0.27 -8.70 -5.81
N ALA A 7 -0.45 -9.41 -6.92
CA ALA A 7 -1.70 -9.39 -7.70
C ALA A 7 -2.95 -9.61 -6.82
N GLY A 8 -4.08 -9.04 -7.21
CA GLY A 8 -5.32 -9.02 -6.41
C GLY A 8 -5.39 -7.94 -5.32
N THR A 9 -4.31 -7.23 -4.97
CA THR A 9 -4.38 -6.14 -3.98
C THR A 9 -5.26 -4.99 -4.48
N MET A 10 -6.30 -4.65 -3.70
CA MET A 10 -7.29 -3.62 -4.03
C MET A 10 -6.77 -2.20 -3.76
N ILE A 11 -7.10 -1.29 -4.67
CA ILE A 11 -6.72 0.14 -4.65
C ILE A 11 -7.96 1.02 -4.69
N LEU A 12 -8.02 2.05 -3.85
CA LEU A 12 -9.12 3.04 -3.83
C LEU A 12 -9.01 4.02 -5.01
N THR A 13 -10.06 4.11 -5.81
CA THR A 13 -10.10 4.89 -7.06
C THR A 13 -11.14 6.02 -7.02
N ALA A 14 -11.20 6.80 -8.09
CA ALA A 14 -12.23 7.80 -8.34
C ALA A 14 -13.65 7.22 -8.48
N THR A 15 -13.80 5.91 -8.68
CA THR A 15 -15.09 5.24 -8.87
C THR A 15 -15.39 4.08 -7.91
N GLY A 16 -14.40 3.62 -7.15
CA GLY A 16 -14.56 2.55 -6.14
C GLY A 16 -13.25 1.80 -5.87
N LEU A 17 -13.22 0.51 -6.22
CA LEU A 17 -12.03 -0.34 -6.09
C LEU A 17 -11.65 -1.04 -7.41
N VAL A 18 -10.35 -1.10 -7.66
CA VAL A 18 -9.70 -1.80 -8.79
C VAL A 18 -8.46 -2.56 -8.28
N ALA A 19 -8.13 -3.71 -8.86
CA ALA A 19 -6.90 -4.42 -8.51
C ALA A 19 -5.64 -3.68 -9.02
N ILE A 20 -4.52 -3.76 -8.32
CA ILE A 20 -3.27 -3.11 -8.72
C ILE A 20 -2.73 -3.59 -10.07
N GLU A 21 -3.06 -4.83 -10.46
CA GLU A 21 -2.78 -5.39 -11.80
C GLU A 21 -3.65 -4.81 -12.93
N ASN A 22 -4.66 -4.02 -12.59
CA ASN A 22 -5.61 -3.38 -13.51
C ASN A 22 -5.59 -1.84 -13.47
N ILE A 23 -4.90 -1.22 -12.49
CA ILE A 23 -4.51 0.20 -12.57
C ILE A 23 -3.48 0.38 -13.68
N LYS A 24 -3.62 1.44 -14.49
CA LYS A 24 -2.71 1.82 -15.58
C LYS A 24 -2.32 3.29 -15.49
N ALA A 25 -1.31 3.72 -16.25
CA ALA A 25 -1.06 5.14 -16.47
C ALA A 25 -2.31 5.81 -17.06
N GLY A 26 -2.69 6.97 -16.51
CA GLY A 26 -3.88 7.72 -16.90
C GLY A 26 -5.17 7.36 -16.13
N ASP A 27 -5.15 6.31 -15.32
CA ASP A 27 -6.16 6.12 -14.27
C ASP A 27 -6.05 7.19 -13.16
N LYS A 28 -7.07 7.28 -12.29
CA LYS A 28 -7.11 8.16 -11.12
C LYS A 28 -7.37 7.37 -9.83
N VAL A 29 -6.46 7.54 -8.88
CA VAL A 29 -6.46 6.89 -7.56
C VAL A 29 -6.67 7.94 -6.47
N ILE A 30 -7.23 7.55 -5.33
CA ILE A 30 -7.27 8.41 -4.16
C ILE A 30 -5.92 8.42 -3.46
N ALA A 31 -5.53 9.61 -3.02
CA ALA A 31 -4.33 9.84 -2.27
C ALA A 31 -4.66 10.78 -1.10
N THR A 32 -4.31 10.36 0.12
CA THR A 32 -4.16 11.29 1.24
C THR A 32 -2.81 12.00 1.12
N ASN A 33 -2.82 13.30 0.85
CA ASN A 33 -1.63 14.16 0.84
C ASN A 33 -0.83 14.08 2.17
N PRO A 34 0.42 13.56 2.21
CA PRO A 34 1.21 13.50 3.44
C PRO A 34 1.59 14.89 4.00
N GLU A 35 1.42 15.98 3.24
CA GLU A 35 1.78 17.34 3.67
C GLU A 35 0.72 17.94 4.62
N THR A 36 -0.57 17.86 4.25
CA THR A 36 -1.69 18.51 4.95
C THR A 36 -2.86 17.56 5.28
N PHE A 37 -2.73 16.29 4.90
CA PHE A 37 -3.76 15.24 5.03
C PHE A 37 -5.08 15.49 4.27
N GLU A 38 -5.03 16.29 3.19
CA GLU A 38 -6.13 16.42 2.24
C GLU A 38 -6.32 15.11 1.44
N VAL A 39 -7.57 14.67 1.25
CA VAL A 39 -7.90 13.44 0.53
C VAL A 39 -8.52 13.76 -0.82
N ALA A 40 -7.87 13.36 -1.92
CA ALA A 40 -8.30 13.72 -3.27
C ALA A 40 -7.95 12.65 -4.32
N GLU A 41 -8.64 12.71 -5.47
CA GLU A 41 -8.27 11.98 -6.69
C GLU A 41 -7.02 12.60 -7.33
N LYS A 42 -6.03 11.78 -7.70
CA LYS A 42 -4.85 12.15 -8.51
C LYS A 42 -4.59 11.10 -9.59
N THR A 43 -4.03 11.50 -10.74
CA THR A 43 -3.73 10.55 -11.84
C THR A 43 -2.41 9.79 -11.65
N VAL A 44 -2.33 8.61 -12.26
CA VAL A 44 -1.12 7.78 -12.31
C VAL A 44 -0.25 8.12 -13.54
N LEU A 45 1.05 8.32 -13.32
CA LEU A 45 2.02 8.64 -14.39
C LEU A 45 2.59 7.40 -15.08
N GLU A 46 2.98 6.41 -14.28
CA GLU A 46 3.57 5.13 -14.71
C GLU A 46 3.20 4.01 -13.73
N THR A 47 3.19 2.80 -14.27
CA THR A 47 3.01 1.54 -13.53
C THR A 47 4.20 0.61 -13.70
N TYR A 48 4.80 0.24 -12.57
CA TYR A 48 5.96 -0.64 -12.47
C TYR A 48 5.58 -2.06 -11.98
N VAL A 49 6.32 -3.06 -12.46
CA VAL A 49 6.09 -4.49 -12.16
C VAL A 49 7.40 -5.26 -12.01
N ARG A 50 7.50 -6.05 -10.95
CA ARG A 50 8.68 -6.86 -10.53
C ARG A 50 8.28 -8.30 -10.14
N GLU A 51 9.26 -9.14 -9.80
CA GLU A 51 9.07 -10.55 -9.41
C GLU A 51 9.99 -10.94 -8.24
N THR A 52 9.47 -11.70 -7.27
CA THR A 52 10.24 -12.23 -6.13
C THR A 52 9.62 -13.50 -5.55
N THR A 53 10.45 -14.34 -4.92
CA THR A 53 10.01 -15.43 -4.03
C THR A 53 9.81 -14.99 -2.58
N GLU A 54 10.32 -13.83 -2.17
CA GLU A 54 10.28 -13.35 -0.78
C GLU A 54 9.13 -12.36 -0.58
N LEU A 55 8.09 -12.78 0.15
CA LEU A 55 6.90 -11.97 0.43
C LEU A 55 6.84 -11.53 1.91
N LEU A 56 5.87 -10.70 2.23
CA LEU A 56 5.54 -10.27 3.59
C LEU A 56 4.04 -10.01 3.74
N HIS A 57 3.43 -10.44 4.85
CA HIS A 57 1.99 -10.40 5.08
C HIS A 57 1.67 -9.64 6.38
N LEU A 58 1.03 -8.47 6.27
CA LEU A 58 0.61 -7.66 7.43
C LEU A 58 -0.91 -7.75 7.61
N THR A 59 -1.37 -8.04 8.82
CA THR A 59 -2.80 -8.04 9.20
C THR A 59 -3.07 -6.80 10.04
N ILE A 60 -3.92 -5.90 9.53
CA ILE A 60 -4.19 -4.56 10.08
C ILE A 60 -5.69 -4.37 10.28
N GLY A 61 -6.15 -4.20 11.52
CA GLY A 61 -7.59 -4.13 11.84
C GLY A 61 -8.42 -5.30 11.27
N GLY A 62 -7.82 -6.48 11.16
CA GLY A 62 -8.42 -7.69 10.60
C GLY A 62 -8.38 -7.80 9.07
N GLU A 63 -7.85 -6.81 8.35
CA GLU A 63 -7.59 -6.92 6.90
C GLU A 63 -6.12 -7.29 6.68
N VAL A 64 -5.87 -8.42 6.02
CA VAL A 64 -4.51 -8.84 5.63
C VAL A 64 -4.12 -8.28 4.25
N ILE A 65 -2.87 -7.82 4.14
CA ILE A 65 -2.29 -7.17 2.95
C ILE A 65 -0.91 -7.78 2.66
N LYS A 66 -0.67 -8.15 1.40
CA LYS A 66 0.44 -9.01 0.96
C LYS A 66 1.43 -8.23 0.08
N THR A 67 2.62 -7.97 0.61
CA THR A 67 3.52 -6.89 0.18
C THR A 67 5.00 -7.33 0.17
N THR A 68 5.92 -6.41 -0.19
CA THR A 68 7.37 -6.60 -0.04
C THR A 68 7.87 -6.08 1.31
N PHE A 69 9.01 -6.61 1.77
CA PHE A 69 9.59 -6.29 3.07
C PHE A 69 9.95 -4.79 3.23
N ASP A 70 10.28 -4.11 2.13
CA ASP A 70 10.67 -2.69 2.20
C ASP A 70 9.50 -1.72 1.95
N HIS A 71 8.27 -2.21 1.77
CA HIS A 71 7.16 -1.35 1.32
C HIS A 71 6.81 -0.25 2.36
N PRO A 72 6.73 1.05 1.97
CA PRO A 72 6.52 2.16 2.90
C PRO A 72 5.05 2.38 3.29
N PHE A 73 4.73 2.15 4.57
CA PHE A 73 3.42 2.43 5.21
C PHE A 73 3.48 3.68 6.08
N TYR A 74 2.40 4.49 6.14
CA TYR A 74 2.36 5.70 6.99
C TYR A 74 1.95 5.40 8.44
N VAL A 75 2.68 5.98 9.40
CA VAL A 75 2.51 5.82 10.85
C VAL A 75 2.17 7.14 11.54
N LYS A 76 1.15 7.12 12.41
CA LYS A 76 0.76 8.23 13.30
C LYS A 76 1.97 8.82 14.05
N ASP A 77 2.21 10.11 13.87
CA ASP A 77 3.28 10.88 14.53
C ASP A 77 4.70 10.31 14.30
N VAL A 78 4.95 9.65 13.15
CA VAL A 78 6.27 9.10 12.75
C VAL A 78 6.55 9.27 11.25
N GLY A 79 5.55 9.02 10.39
CA GLY A 79 5.69 9.06 8.93
C GLY A 79 5.85 7.68 8.31
N PHE A 80 6.58 7.56 7.20
CA PHE A 80 6.65 6.31 6.43
C PHE A 80 7.74 5.35 6.89
N VAL A 81 7.38 4.06 6.98
CA VAL A 81 8.22 2.96 7.48
C VAL A 81 8.08 1.72 6.60
N GLU A 82 9.17 0.98 6.45
CA GLU A 82 9.23 -0.31 5.76
C GLU A 82 8.37 -1.37 6.48
N ALA A 83 7.53 -2.09 5.75
CA ALA A 83 6.58 -3.06 6.31
C ALA A 83 7.25 -4.14 7.19
N GLY A 84 8.47 -4.58 6.83
CA GLY A 84 9.25 -5.53 7.61
C GLY A 84 9.90 -4.94 8.87
N LYS A 85 9.82 -3.62 9.07
CA LYS A 85 10.34 -2.88 10.23
C LYS A 85 9.23 -2.37 11.17
N LEU A 86 7.96 -2.59 10.83
CA LEU A 86 6.80 -2.43 11.73
C LEU A 86 6.83 -3.44 12.90
N GLN A 87 6.06 -3.15 13.95
CA GLN A 87 5.63 -4.13 14.96
C GLN A 87 4.10 -4.27 15.05
N VAL A 88 3.66 -5.39 15.61
CA VAL A 88 2.32 -5.55 16.18
C VAL A 88 2.13 -4.47 17.24
N GLY A 89 1.02 -3.75 17.16
CA GLY A 89 0.79 -2.59 18.00
C GLY A 89 1.30 -1.26 17.44
N ASP A 90 1.94 -1.20 16.25
CA ASP A 90 2.17 0.09 15.58
C ASP A 90 0.88 0.65 14.97
N LYS A 91 0.82 1.99 14.88
CA LYS A 91 -0.37 2.79 14.53
C LYS A 91 -0.32 3.30 13.08
N LEU A 92 -1.15 2.74 12.19
CA LEU A 92 -1.28 3.16 10.79
C LEU A 92 -2.48 4.10 10.58
N LEU A 93 -2.57 4.75 9.42
CA LEU A 93 -3.64 5.68 9.05
C LEU A 93 -4.49 5.12 7.88
N ASP A 94 -5.79 5.42 7.88
CA ASP A 94 -6.71 5.10 6.77
C ASP A 94 -7.09 6.31 5.87
N SER A 95 -7.96 6.05 4.89
CA SER A 95 -8.51 7.01 3.92
C SER A 95 -9.32 8.18 4.51
N ARG A 96 -9.59 8.20 5.84
CA ARG A 96 -10.18 9.31 6.60
C ARG A 96 -9.24 9.87 7.66
N GLY A 97 -8.19 9.13 8.02
CA GLY A 97 -7.22 9.44 9.07
C GLY A 97 -7.65 8.91 10.43
N ASN A 98 -8.49 7.88 10.43
CA ASN A 98 -8.67 7.03 11.61
C ASN A 98 -7.39 6.24 11.89
N VAL A 99 -7.12 5.96 13.16
CA VAL A 99 -5.98 5.13 13.57
C VAL A 99 -6.33 3.64 13.47
N LEU A 100 -5.47 2.90 12.77
CA LEU A 100 -5.43 1.44 12.64
C LEU A 100 -4.24 0.87 13.40
N VAL A 101 -4.26 -0.44 13.70
CA VAL A 101 -3.20 -1.14 14.44
C VAL A 101 -2.87 -2.48 13.76
N VAL A 102 -1.58 -2.80 13.73
CA VAL A 102 -1.09 -4.12 13.30
C VAL A 102 -1.49 -5.19 14.32
N GLU A 103 -2.10 -6.28 13.85
CA GLU A 103 -2.53 -7.46 14.60
C GLU A 103 -1.49 -8.61 14.51
N GLU A 104 -0.93 -8.82 13.31
CA GLU A 104 0.05 -9.87 13.00
C GLU A 104 0.95 -9.44 11.81
N LYS A 105 2.18 -9.93 11.80
CA LYS A 105 3.21 -9.72 10.77
C LYS A 105 3.84 -11.09 10.43
N LYS A 106 3.79 -11.49 9.16
CA LYS A 106 4.08 -12.86 8.71
C LYS A 106 4.99 -12.91 7.48
N LEU A 107 6.07 -13.68 7.53
CA LEU A 107 6.97 -13.98 6.43
C LEU A 107 6.69 -15.38 5.88
N GLU A 108 6.63 -15.51 4.55
CA GLU A 108 6.82 -16.78 3.86
C GLU A 108 7.72 -16.62 2.63
N ILE A 109 8.48 -17.68 2.34
CA ILE A 109 9.15 -17.85 1.04
C ILE A 109 8.23 -18.63 0.11
N ALA A 110 7.81 -18.00 -0.98
CA ALA A 110 7.10 -18.63 -2.08
C ALA A 110 8.01 -19.63 -2.83
N ASP A 111 7.44 -20.75 -3.26
CA ASP A 111 8.19 -21.83 -3.92
C ASP A 111 8.61 -21.46 -5.36
N LYS A 112 8.00 -20.44 -5.96
CA LYS A 112 8.23 -19.91 -7.31
C LYS A 112 8.05 -18.38 -7.32
N PRO A 113 8.79 -17.61 -8.16
CA PRO A 113 8.74 -16.14 -8.20
C PRO A 113 7.37 -15.61 -8.64
N VAL A 114 6.75 -14.82 -7.76
CA VAL A 114 5.42 -14.21 -7.93
C VAL A 114 5.56 -12.78 -8.46
N LYS A 115 4.67 -12.34 -9.37
CA LYS A 115 4.63 -10.96 -9.86
C LYS A 115 4.03 -10.01 -8.83
N VAL A 116 4.62 -8.82 -8.75
CA VAL A 116 4.26 -7.74 -7.83
C VAL A 116 4.24 -6.39 -8.56
N TYR A 117 3.32 -5.52 -8.18
CA TYR A 117 2.95 -4.30 -8.92
C TYR A 117 3.06 -3.06 -8.01
N ASN A 118 3.41 -1.91 -8.58
CA ASN A 118 3.40 -0.60 -7.92
C ASN A 118 3.26 0.56 -8.95
N PHE A 119 3.05 1.80 -8.50
CA PHE A 119 2.87 2.95 -9.40
C PHE A 119 3.25 4.28 -8.75
N LYS A 120 3.40 5.33 -9.57
CA LYS A 120 3.73 6.70 -9.13
C LYS A 120 2.67 7.75 -9.50
N VAL A 121 2.49 8.75 -8.63
CA VAL A 121 1.32 9.66 -8.57
C VAL A 121 1.66 11.10 -9.00
N ASP A 122 0.71 11.79 -9.62
CA ASP A 122 0.90 13.07 -10.31
C ASP A 122 1.30 14.28 -9.43
N ASP A 123 0.75 14.43 -8.22
CA ASP A 123 1.04 15.58 -7.33
C ASP A 123 1.31 15.16 -5.88
N PHE A 124 0.45 14.32 -5.31
CA PHE A 124 0.69 13.66 -4.02
C PHE A 124 1.68 12.49 -4.23
N HIS A 125 2.19 11.92 -3.15
CA HIS A 125 3.23 10.86 -3.16
C HIS A 125 2.72 9.52 -2.60
N THR A 126 1.39 9.35 -2.53
CA THR A 126 0.68 8.37 -1.70
C THR A 126 -0.52 7.75 -2.40
N TYR A 127 -1.03 6.64 -1.86
CA TYR A 127 -2.28 5.96 -2.28
C TYR A 127 -2.82 5.08 -1.14
N HIS A 128 -3.97 4.42 -1.35
CA HIS A 128 -4.67 3.59 -0.35
C HIS A 128 -4.83 2.13 -0.80
N VAL A 129 -4.66 1.16 0.10
CA VAL A 129 -4.68 -0.28 -0.17
C VAL A 129 -5.60 -1.08 0.77
N GLY A 130 -6.25 -2.12 0.23
CA GLY A 130 -7.06 -3.10 0.97
C GLY A 130 -8.42 -2.61 1.49
N ASP A 131 -9.22 -3.52 2.06
CA ASP A 131 -10.59 -3.25 2.53
C ASP A 131 -10.65 -2.21 3.67
N ASN A 132 -9.59 -2.12 4.47
CA ASN A 132 -9.41 -1.12 5.54
C ASN A 132 -8.74 0.19 5.05
N GLU A 133 -8.38 0.27 3.76
CA GLU A 133 -7.97 1.50 3.05
C GLU A 133 -6.74 2.20 3.66
N VAL A 134 -5.67 1.42 3.90
CA VAL A 134 -4.46 1.84 4.60
C VAL A 134 -3.57 2.75 3.72
N LEU A 135 -3.01 3.81 4.31
CA LEU A 135 -2.17 4.79 3.64
C LEU A 135 -0.72 4.33 3.42
N VAL A 136 -0.23 4.44 2.19
CA VAL A 136 1.12 4.01 1.74
C VAL A 136 1.75 5.05 0.80
N HIS A 137 3.08 5.08 0.73
CA HIS A 137 3.88 6.02 -0.06
C HIS A 137 4.44 5.34 -1.34
N ASN A 138 4.80 6.11 -2.38
CA ASN A 138 5.48 5.62 -3.59
C ASN A 138 6.94 5.18 -3.34
N SER A 1 16.61 -4.51 -2.50
CA SER A 1 15.24 -4.30 -1.98
C SER A 1 14.23 -4.10 -3.11
N MET A 2 12.94 -4.20 -2.79
CA MET A 2 11.84 -3.95 -3.71
C MET A 2 10.62 -3.37 -2.97
N LYS A 3 9.96 -2.34 -3.52
CA LYS A 3 8.68 -1.79 -3.03
C LYS A 3 7.56 -2.14 -4.03
N ALA A 4 6.73 -3.14 -3.70
CA ALA A 4 5.60 -3.59 -4.53
C ALA A 4 4.50 -4.31 -3.71
N PHE A 5 3.35 -4.63 -4.31
CA PHE A 5 2.30 -5.51 -3.74
C PHE A 5 1.95 -6.67 -4.68
N VAL A 6 1.46 -7.79 -4.12
CA VAL A 6 1.01 -8.96 -4.91
C VAL A 6 -0.27 -8.67 -5.70
N ALA A 7 -0.53 -9.50 -6.72
CA ALA A 7 -1.76 -9.46 -7.51
C ALA A 7 -3.00 -9.57 -6.61
N GLY A 8 -4.13 -8.98 -7.03
CA GLY A 8 -5.33 -8.86 -6.21
C GLY A 8 -5.29 -7.85 -5.06
N THR A 9 -4.15 -7.22 -4.72
CA THR A 9 -4.13 -6.16 -3.69
C THR A 9 -5.02 -5.00 -4.13
N MET A 10 -6.06 -4.69 -3.34
CA MET A 10 -7.07 -3.68 -3.68
C MET A 10 -6.52 -2.27 -3.51
N ILE A 11 -6.93 -1.36 -4.39
CA ILE A 11 -6.51 0.06 -4.46
C ILE A 11 -7.76 0.95 -4.49
N LEU A 12 -7.77 2.04 -3.71
CA LEU A 12 -8.92 2.93 -3.60
C LEU A 12 -9.06 3.90 -4.78
N THR A 13 -10.24 3.90 -5.39
CA THR A 13 -10.59 4.74 -6.54
C THR A 13 -11.74 5.70 -6.22
N ALA A 14 -12.08 6.57 -7.18
CA ALA A 14 -13.28 7.42 -7.12
C ALA A 14 -14.61 6.65 -7.25
N THR A 15 -14.56 5.37 -7.62
CA THR A 15 -15.71 4.51 -7.96
C THR A 15 -15.86 3.28 -7.05
N GLY A 16 -14.81 2.91 -6.30
CA GLY A 16 -14.78 1.77 -5.38
C GLY A 16 -13.35 1.27 -5.17
N LEU A 17 -13.11 -0.02 -5.46
CA LEU A 17 -11.79 -0.66 -5.45
C LEU A 17 -11.45 -1.33 -6.79
N VAL A 18 -10.18 -1.24 -7.18
CA VAL A 18 -9.58 -1.95 -8.34
C VAL A 18 -8.31 -2.66 -7.87
N ALA A 19 -8.01 -3.85 -8.37
CA ALA A 19 -6.76 -4.54 -8.04
C ALA A 19 -5.54 -3.82 -8.62
N ILE A 20 -4.39 -3.87 -7.96
CA ILE A 20 -3.17 -3.20 -8.43
C ILE A 20 -2.67 -3.72 -9.79
N GLU A 21 -2.98 -4.97 -10.13
CA GLU A 21 -2.75 -5.57 -11.45
C GLU A 21 -3.62 -4.97 -12.57
N ASN A 22 -4.68 -4.26 -12.20
CA ASN A 22 -5.70 -3.69 -13.09
C ASN A 22 -5.67 -2.15 -13.11
N ILE A 23 -4.94 -1.50 -12.19
CA ILE A 23 -4.54 -0.08 -12.34
C ILE A 23 -3.60 0.07 -13.54
N LYS A 24 -3.75 1.17 -14.30
CA LYS A 24 -2.99 1.50 -15.51
C LYS A 24 -2.40 2.93 -15.45
N ALA A 25 -1.38 3.21 -16.25
CA ALA A 25 -0.94 4.58 -16.50
C ALA A 25 -2.07 5.40 -17.17
N GLY A 26 -2.46 6.54 -16.58
CA GLY A 26 -3.63 7.32 -16.96
C GLY A 26 -4.96 6.91 -16.28
N ASP A 27 -4.95 5.89 -15.41
CA ASP A 27 -6.01 5.73 -14.41
C ASP A 27 -5.81 6.71 -13.24
N LYS A 28 -6.91 7.05 -12.57
CA LYS A 28 -6.94 7.89 -11.38
C LYS A 28 -7.28 7.09 -10.12
N VAL A 29 -6.63 7.47 -9.02
CA VAL A 29 -6.75 6.86 -7.68
C VAL A 29 -6.83 7.94 -6.60
N ILE A 30 -7.34 7.58 -5.42
CA ILE A 30 -7.33 8.48 -4.25
C ILE A 30 -5.95 8.59 -3.63
N ALA A 31 -5.57 9.81 -3.26
CA ALA A 31 -4.32 10.13 -2.61
C ALA A 31 -4.58 11.13 -1.48
N THR A 32 -4.20 10.78 -0.25
CA THR A 32 -4.22 11.72 0.88
C THR A 32 -2.84 12.37 1.01
N ASN A 33 -2.73 13.63 0.57
CA ASN A 33 -1.50 14.43 0.54
C ASN A 33 -0.79 14.49 1.92
N PRO A 34 0.43 13.94 2.13
CA PRO A 34 1.13 13.98 3.41
C PRO A 34 1.59 15.39 3.84
N GLU A 35 1.54 16.37 2.93
CA GLU A 35 1.96 17.76 3.20
C GLU A 35 0.93 18.55 4.03
N THR A 36 -0.36 18.33 3.77
CA THR A 36 -1.47 19.10 4.35
C THR A 36 -2.62 18.19 4.84
N PHE A 37 -2.55 16.88 4.58
CA PHE A 37 -3.60 15.88 4.84
C PHE A 37 -4.91 16.14 4.09
N GLU A 38 -4.78 16.59 2.83
CA GLU A 38 -5.89 16.83 1.90
C GLU A 38 -6.11 15.62 1.00
N VAL A 39 -7.37 15.22 0.79
CA VAL A 39 -7.72 14.11 -0.10
C VAL A 39 -8.19 14.62 -1.46
N ALA A 40 -7.72 13.97 -2.53
CA ALA A 40 -8.08 14.25 -3.92
C ALA A 40 -7.99 12.99 -4.80
N GLU A 41 -8.53 13.07 -6.02
CA GLU A 41 -8.24 12.10 -7.10
C GLU A 41 -7.03 12.58 -7.93
N LYS A 42 -6.00 11.73 -8.10
CA LYS A 42 -4.82 12.01 -8.94
C LYS A 42 -4.53 10.86 -9.92
N THR A 43 -3.92 11.20 -11.05
CA THR A 43 -3.61 10.25 -12.13
C THR A 43 -2.26 9.55 -11.95
N VAL A 44 -2.14 8.37 -12.55
CA VAL A 44 -0.94 7.53 -12.58
C VAL A 44 -0.08 7.87 -13.80
N LEU A 45 1.24 8.04 -13.59
CA LEU A 45 2.20 8.34 -14.66
C LEU A 45 2.84 7.08 -15.25
N GLU A 46 3.21 6.13 -14.38
CA GLU A 46 3.79 4.84 -14.74
C GLU A 46 3.29 3.75 -13.80
N THR A 47 3.28 2.55 -14.35
CA THR A 47 2.97 1.30 -13.65
C THR A 47 4.16 0.35 -13.79
N TYR A 48 4.76 -0.02 -12.66
CA TYR A 48 5.87 -0.97 -12.55
C TYR A 48 5.40 -2.37 -12.18
N VAL A 49 6.06 -3.38 -12.76
CA VAL A 49 5.81 -4.81 -12.49
C VAL A 49 7.11 -5.60 -12.43
N ARG A 50 7.30 -6.33 -11.34
CA ARG A 50 8.51 -7.10 -10.99
C ARG A 50 8.09 -8.51 -10.52
N GLU A 51 9.07 -9.37 -10.28
CA GLU A 51 8.84 -10.73 -9.75
C GLU A 51 9.78 -11.02 -8.57
N THR A 52 9.24 -11.52 -7.45
CA THR A 52 9.99 -11.81 -6.23
C THR A 52 9.51 -13.10 -5.58
N THR A 53 10.43 -13.91 -5.08
CA THR A 53 10.12 -15.05 -4.19
C THR A 53 9.91 -14.60 -2.74
N GLU A 54 10.41 -13.41 -2.37
CA GLU A 54 10.41 -12.91 -0.99
C GLU A 54 9.19 -12.04 -0.73
N LEU A 55 8.27 -12.51 0.12
CA LEU A 55 7.05 -11.79 0.48
C LEU A 55 6.83 -11.67 1.98
N LEU A 56 6.05 -10.65 2.32
CA LEU A 56 5.64 -10.28 3.67
C LEU A 56 4.12 -10.29 3.78
N HIS A 57 3.60 -10.84 4.87
CA HIS A 57 2.18 -10.81 5.22
C HIS A 57 1.98 -9.90 6.43
N LEU A 58 1.13 -8.89 6.31
CA LEU A 58 0.64 -8.11 7.43
C LEU A 58 -0.88 -8.21 7.49
N THR A 59 -1.45 -8.37 8.68
CA THR A 59 -2.89 -8.22 8.91
C THR A 59 -3.12 -6.94 9.70
N ILE A 60 -3.89 -6.01 9.14
CA ILE A 60 -4.24 -4.74 9.78
C ILE A 60 -5.76 -4.64 9.86
N GLY A 61 -6.33 -4.47 11.06
CA GLY A 61 -7.78 -4.28 11.26
C GLY A 61 -8.71 -5.37 10.67
N GLY A 62 -8.21 -6.57 10.36
CA GLY A 62 -8.95 -7.62 9.65
C GLY A 62 -8.80 -7.64 8.11
N GLU A 63 -7.95 -6.79 7.53
CA GLU A 63 -7.47 -6.91 6.15
C GLU A 63 -6.04 -7.46 6.12
N VAL A 64 -5.82 -8.58 5.44
CA VAL A 64 -4.49 -9.05 5.05
C VAL A 64 -4.00 -8.25 3.85
N ILE A 65 -2.83 -7.63 3.99
CA ILE A 65 -2.12 -6.94 2.93
C ILE A 65 -0.75 -7.59 2.73
N LYS A 66 -0.67 -8.45 1.70
CA LYS A 66 0.55 -9.12 1.23
C LYS A 66 1.42 -8.15 0.41
N THR A 67 2.64 -7.90 0.87
CA THR A 67 3.51 -6.84 0.35
C THR A 67 4.97 -7.27 0.33
N THR A 68 5.88 -6.39 -0.11
CA THR A 68 7.33 -6.58 0.06
C THR A 68 7.82 -6.01 1.39
N PHE A 69 8.95 -6.53 1.89
CA PHE A 69 9.53 -6.15 3.17
C PHE A 69 9.85 -4.65 3.26
N ASP A 70 10.23 -4.05 2.12
CA ASP A 70 10.74 -2.67 2.04
C ASP A 70 9.63 -1.60 1.94
N HIS A 71 8.37 -2.02 1.77
CA HIS A 71 7.29 -1.12 1.37
C HIS A 71 6.98 -0.02 2.42
N PRO A 72 6.95 1.28 2.07
CA PRO A 72 6.76 2.37 3.04
C PRO A 72 5.29 2.59 3.46
N PHE A 73 4.97 2.22 4.71
CA PHE A 73 3.69 2.43 5.39
C PHE A 73 3.74 3.60 6.38
N TYR A 74 2.67 4.42 6.50
CA TYR A 74 2.67 5.58 7.40
C TYR A 74 2.24 5.24 8.86
N VAL A 75 3.07 5.64 9.83
CA VAL A 75 2.88 5.47 11.29
C VAL A 75 2.41 6.77 11.94
N LYS A 76 1.42 6.68 12.83
CA LYS A 76 0.82 7.80 13.57
C LYS A 76 1.88 8.66 14.29
N ASP A 77 1.91 9.94 13.94
CA ASP A 77 2.81 10.98 14.46
C ASP A 77 4.32 10.73 14.22
N VAL A 78 4.69 9.78 13.36
CA VAL A 78 6.08 9.34 13.15
C VAL A 78 6.48 9.49 11.69
N GLY A 79 5.70 8.91 10.78
CA GLY A 79 5.98 8.96 9.34
C GLY A 79 6.10 7.57 8.70
N PHE A 80 6.70 7.47 7.51
CA PHE A 80 6.75 6.21 6.77
C PHE A 80 7.91 5.29 7.18
N VAL A 81 7.64 3.98 7.14
CA VAL A 81 8.53 2.89 7.56
C VAL A 81 8.36 1.65 6.68
N GLU A 82 9.43 0.87 6.52
CA GLU A 82 9.41 -0.46 5.88
C GLU A 82 8.41 -1.39 6.57
N ALA A 83 7.57 -2.07 5.79
CA ALA A 83 6.56 -3.01 6.27
C ALA A 83 7.16 -4.14 7.15
N GLY A 84 8.38 -4.61 6.83
CA GLY A 84 9.07 -5.62 7.63
C GLY A 84 9.74 -5.10 8.91
N LYS A 85 9.75 -3.77 9.13
CA LYS A 85 10.19 -3.12 10.39
C LYS A 85 9.03 -2.75 11.32
N LEU A 86 7.78 -2.96 10.90
CA LEU A 86 6.61 -2.89 11.77
C LEU A 86 6.57 -4.09 12.73
N GLN A 87 5.82 -3.93 13.82
CA GLN A 87 5.41 -5.01 14.73
C GLN A 87 3.88 -5.15 14.73
N VAL A 88 3.37 -6.24 15.32
CA VAL A 88 2.01 -6.28 15.86
C VAL A 88 1.85 -5.18 16.90
N GLY A 89 0.65 -4.59 16.96
CA GLY A 89 0.33 -3.56 17.92
C GLY A 89 0.82 -2.15 17.53
N ASP A 90 1.47 -2.00 16.37
CA ASP A 90 1.90 -0.70 15.83
C ASP A 90 0.74 0.01 15.11
N LYS A 91 0.80 1.35 15.09
CA LYS A 91 -0.34 2.22 14.76
C LYS A 91 -0.17 2.91 13.40
N LEU A 92 -1.02 2.52 12.45
CA LEU A 92 -1.10 3.04 11.07
C LEU A 92 -2.33 3.93 10.89
N LEU A 93 -2.55 4.50 9.70
CA LEU A 93 -3.73 5.31 9.36
C LEU A 93 -4.40 4.88 8.04
N ASP A 94 -5.68 5.21 7.92
CA ASP A 94 -6.43 5.17 6.65
C ASP A 94 -6.54 6.54 5.97
N SER A 95 -7.11 6.57 4.75
CA SER A 95 -7.26 7.78 3.92
C SER A 95 -8.00 8.93 4.62
N ARG A 96 -9.00 8.60 5.45
CA ARG A 96 -9.76 9.55 6.29
C ARG A 96 -8.96 10.02 7.51
N GLY A 97 -8.06 9.19 8.03
CA GLY A 97 -7.12 9.53 9.11
C GLY A 97 -7.49 8.89 10.45
N ASN A 98 -8.23 7.79 10.41
CA ASN A 98 -8.58 6.96 11.57
C ASN A 98 -7.39 6.07 11.95
N VAL A 99 -7.29 5.68 13.23
CA VAL A 99 -6.19 4.84 13.72
C VAL A 99 -6.45 3.37 13.41
N LEU A 100 -5.48 2.75 12.73
CA LEU A 100 -5.41 1.29 12.49
C LEU A 100 -4.32 0.63 13.35
N VAL A 101 -4.52 -0.63 13.73
CA VAL A 101 -3.55 -1.45 14.47
C VAL A 101 -3.28 -2.78 13.77
N VAL A 102 -2.00 -3.17 13.71
CA VAL A 102 -1.55 -4.47 13.18
C VAL A 102 -1.96 -5.62 14.10
N GLU A 103 -2.69 -6.60 13.56
CA GLU A 103 -3.13 -7.86 14.19
C GLU A 103 -2.13 -9.03 14.05
N GLU A 104 -1.39 -9.08 12.94
CA GLU A 104 -0.42 -10.15 12.63
C GLU A 104 0.70 -9.63 11.71
N LYS A 105 1.90 -10.20 11.86
CA LYS A 105 3.05 -10.05 10.96
C LYS A 105 3.69 -11.41 10.67
N LYS A 106 3.96 -11.68 9.39
CA LYS A 106 4.51 -12.93 8.84
C LYS A 106 5.44 -12.69 7.64
N LEU A 107 6.34 -13.63 7.36
CA LEU A 107 7.34 -13.58 6.27
C LEU A 107 7.64 -15.00 5.77
N GLU A 108 7.66 -15.23 4.46
CA GLU A 108 7.99 -16.53 3.84
C GLU A 108 8.71 -16.36 2.50
N ILE A 109 9.49 -17.38 2.13
CA ILE A 109 10.06 -17.53 0.79
C ILE A 109 9.14 -18.42 -0.05
N ALA A 110 8.44 -17.80 -1.00
CA ALA A 110 7.62 -18.47 -2.01
C ALA A 110 8.46 -19.43 -2.88
N ASP A 111 7.82 -20.51 -3.31
CA ASP A 111 8.47 -21.59 -4.06
C ASP A 111 8.72 -21.21 -5.53
N LYS A 112 8.02 -20.19 -6.03
CA LYS A 112 8.23 -19.54 -7.32
C LYS A 112 8.34 -18.02 -7.11
N PRO A 113 8.96 -17.28 -8.04
CA PRO A 113 8.78 -15.84 -8.11
C PRO A 113 7.31 -15.49 -8.38
N VAL A 114 6.73 -14.70 -7.48
CA VAL A 114 5.36 -14.19 -7.53
C VAL A 114 5.38 -12.81 -8.20
N LYS A 115 4.38 -12.50 -9.04
CA LYS A 115 4.28 -11.18 -9.69
C LYS A 115 3.82 -10.14 -8.71
N VAL A 116 4.44 -8.97 -8.80
CA VAL A 116 4.19 -7.83 -7.91
C VAL A 116 4.21 -6.51 -8.67
N TYR A 117 3.39 -5.57 -8.22
CA TYR A 117 3.02 -4.36 -8.93
C TYR A 117 3.23 -3.11 -8.05
N ASN A 118 3.50 -1.96 -8.66
CA ASN A 118 3.52 -0.64 -8.02
C ASN A 118 3.26 0.47 -9.08
N PHE A 119 2.98 1.70 -8.66
CA PHE A 119 2.77 2.83 -9.57
C PHE A 119 3.17 4.18 -8.97
N LYS A 120 3.41 5.18 -9.83
CA LYS A 120 3.80 6.54 -9.41
C LYS A 120 2.74 7.61 -9.72
N VAL A 121 2.53 8.53 -8.78
CA VAL A 121 1.41 9.49 -8.73
C VAL A 121 1.85 10.86 -9.27
N ASP A 122 0.97 11.52 -10.04
CA ASP A 122 1.26 12.78 -10.75
C ASP A 122 1.72 13.91 -9.82
N ASP A 123 0.84 14.34 -8.92
CA ASP A 123 1.05 15.54 -8.09
C ASP A 123 1.26 15.25 -6.61
N PHE A 124 0.52 14.28 -6.07
CA PHE A 124 0.69 13.81 -4.68
C PHE A 124 1.72 12.67 -4.62
N HIS A 125 2.10 12.22 -3.41
CA HIS A 125 3.16 11.23 -3.16
C HIS A 125 2.64 9.92 -2.52
N THR A 126 1.32 9.76 -2.41
CA THR A 126 0.64 8.72 -1.61
C THR A 126 -0.49 8.04 -2.36
N TYR A 127 -0.91 6.87 -1.86
CA TYR A 127 -2.11 6.13 -2.28
C TYR A 127 -2.56 5.18 -1.15
N HIS A 128 -3.61 4.39 -1.41
CA HIS A 128 -4.32 3.61 -0.40
C HIS A 128 -4.52 2.15 -0.82
N VAL A 129 -4.31 1.22 0.12
CA VAL A 129 -4.30 -0.23 -0.12
C VAL A 129 -5.24 -0.99 0.81
N GLY A 130 -5.85 -2.07 0.30
CA GLY A 130 -6.77 -2.96 1.03
C GLY A 130 -8.19 -2.41 1.25
N ASP A 131 -9.09 -3.26 1.72
CA ASP A 131 -10.47 -2.90 2.12
C ASP A 131 -10.53 -1.68 3.05
N ASN A 132 -9.56 -1.58 3.95
CA ASN A 132 -9.42 -0.52 4.96
C ASN A 132 -8.51 0.66 4.57
N GLU A 133 -8.15 0.82 3.30
CA GLU A 133 -7.70 2.11 2.74
C GLU A 133 -6.39 2.65 3.34
N VAL A 134 -5.46 1.75 3.68
CA VAL A 134 -4.27 2.04 4.50
C VAL A 134 -3.26 2.91 3.74
N LEU A 135 -2.71 3.93 4.40
CA LEU A 135 -1.87 4.97 3.79
C LEU A 135 -0.41 4.53 3.54
N VAL A 136 0.02 4.62 2.28
CA VAL A 136 1.36 4.22 1.80
C VAL A 136 1.95 5.28 0.86
N HIS A 137 3.29 5.33 0.77
CA HIS A 137 4.03 6.28 -0.06
C HIS A 137 4.51 5.66 -1.39
N ASN A 138 4.55 6.48 -2.45
CA ASN A 138 4.87 6.06 -3.83
C ASN A 138 6.37 6.12 -4.18
N SER A 1 15.19 0.31 -2.36
CA SER A 1 14.64 -1.00 -1.98
C SER A 1 13.42 -1.35 -2.83
N MET A 2 13.07 -2.64 -2.91
CA MET A 2 11.92 -3.10 -3.69
C MET A 2 10.59 -2.72 -3.02
N LYS A 3 9.74 -1.95 -3.70
CA LYS A 3 8.43 -1.48 -3.19
C LYS A 3 7.31 -1.98 -4.10
N ALA A 4 6.50 -2.93 -3.63
CA ALA A 4 5.35 -3.45 -4.38
C ALA A 4 4.34 -4.27 -3.54
N PHE A 5 3.18 -4.58 -4.12
CA PHE A 5 2.15 -5.49 -3.59
C PHE A 5 1.83 -6.61 -4.57
N VAL A 6 1.46 -7.79 -4.09
CA VAL A 6 1.06 -8.91 -4.96
C VAL A 6 -0.24 -8.59 -5.74
N ALA A 7 -0.43 -9.32 -6.85
CA ALA A 7 -1.66 -9.27 -7.65
C ALA A 7 -2.92 -9.53 -6.79
N GLY A 8 -4.05 -8.92 -7.16
CA GLY A 8 -5.27 -8.91 -6.35
C GLY A 8 -5.33 -7.89 -5.20
N THR A 9 -4.24 -7.22 -4.81
CA THR A 9 -4.29 -6.16 -3.77
C THR A 9 -5.19 -5.02 -4.23
N MET A 10 -6.18 -4.64 -3.41
CA MET A 10 -7.18 -3.61 -3.73
C MET A 10 -6.61 -2.18 -3.54
N ILE A 11 -7.08 -1.23 -4.34
CA ILE A 11 -6.72 0.20 -4.34
C ILE A 11 -7.99 1.06 -4.27
N LEU A 12 -8.01 2.11 -3.44
CA LEU A 12 -9.16 3.02 -3.32
C LEU A 12 -9.21 4.08 -4.43
N THR A 13 -10.41 4.27 -4.99
CA THR A 13 -10.69 5.14 -6.13
C THR A 13 -11.92 6.02 -5.86
N ALA A 14 -12.22 6.91 -6.81
CA ALA A 14 -13.42 7.76 -6.82
C ALA A 14 -14.72 7.05 -7.24
N THR A 15 -14.64 5.76 -7.56
CA THR A 15 -15.78 4.93 -7.98
C THR A 15 -15.98 3.67 -7.12
N GLY A 16 -14.96 3.28 -6.33
CA GLY A 16 -14.96 2.19 -5.36
C GLY A 16 -13.54 1.66 -5.14
N LEU A 17 -13.36 0.34 -5.23
CA LEU A 17 -12.05 -0.33 -5.31
C LEU A 17 -11.76 -0.87 -6.72
N VAL A 18 -10.48 -0.94 -7.06
CA VAL A 18 -9.89 -1.62 -8.24
C VAL A 18 -8.62 -2.37 -7.81
N ALA A 19 -8.30 -3.52 -8.40
CA ALA A 19 -7.05 -4.23 -8.10
C ALA A 19 -5.81 -3.50 -8.65
N ILE A 20 -4.66 -3.63 -7.99
CA ILE A 20 -3.41 -2.98 -8.41
C ILE A 20 -2.93 -3.45 -9.80
N GLU A 21 -3.25 -4.68 -10.18
CA GLU A 21 -3.03 -5.24 -11.53
C GLU A 21 -4.03 -4.75 -12.59
N ASN A 22 -5.01 -3.93 -12.20
CA ASN A 22 -6.05 -3.36 -13.08
C ASN A 22 -6.01 -1.81 -13.13
N ILE A 23 -5.26 -1.15 -12.24
CA ILE A 23 -4.79 0.23 -12.43
C ILE A 23 -3.73 0.26 -13.55
N LYS A 24 -3.82 1.24 -14.46
CA LYS A 24 -2.89 1.48 -15.57
C LYS A 24 -2.54 2.97 -15.68
N ALA A 25 -1.49 3.29 -16.43
CA ALA A 25 -1.11 4.68 -16.70
C ALA A 25 -2.29 5.49 -17.28
N GLY A 26 -2.52 6.69 -16.76
CA GLY A 26 -3.65 7.55 -17.11
C GLY A 26 -4.92 7.37 -16.28
N ASP A 27 -5.05 6.27 -15.52
CA ASP A 27 -6.14 6.10 -14.54
C ASP A 27 -6.01 7.09 -13.37
N LYS A 28 -7.06 7.23 -12.55
CA LYS A 28 -7.06 8.02 -11.31
C LYS A 28 -7.34 7.18 -10.07
N VAL A 29 -6.74 7.60 -8.96
CA VAL A 29 -6.87 7.03 -7.60
C VAL A 29 -6.95 8.13 -6.54
N ILE A 30 -7.35 7.78 -5.30
CA ILE A 30 -7.21 8.66 -4.14
C ILE A 30 -5.79 8.64 -3.59
N ALA A 31 -5.35 9.78 -3.06
CA ALA A 31 -4.11 9.89 -2.31
C ALA A 31 -4.28 10.89 -1.15
N THR A 32 -3.85 10.50 0.05
CA THR A 32 -3.61 11.46 1.16
C THR A 32 -2.20 12.02 1.04
N ASN A 33 -2.06 13.30 0.68
CA ASN A 33 -0.77 14.03 0.64
C ASN A 33 -0.02 13.94 1.99
N PRO A 34 1.20 13.34 2.08
CA PRO A 34 1.95 13.28 3.33
C PRO A 34 2.43 14.65 3.86
N GLU A 35 2.37 15.69 3.01
CA GLU A 35 2.91 17.03 3.27
C GLU A 35 2.01 17.90 4.16
N THR A 36 0.69 17.76 3.99
CA THR A 36 -0.35 18.56 4.67
C THR A 36 -1.57 17.74 5.09
N PHE A 37 -1.53 16.42 4.80
CA PHE A 37 -2.62 15.46 5.05
C PHE A 37 -3.93 15.75 4.26
N GLU A 38 -3.79 16.40 3.10
CA GLU A 38 -4.91 16.68 2.19
C GLU A 38 -5.26 15.43 1.37
N VAL A 39 -6.55 15.11 1.25
CA VAL A 39 -7.03 14.07 0.32
C VAL A 39 -7.47 14.71 -1.00
N ALA A 40 -7.09 14.08 -2.12
CA ALA A 40 -7.53 14.46 -3.47
C ALA A 40 -7.59 13.25 -4.43
N GLU A 41 -8.27 13.42 -5.56
CA GLU A 41 -8.18 12.52 -6.72
C GLU A 41 -7.03 12.96 -7.65
N LYS A 42 -6.12 12.02 -7.98
CA LYS A 42 -4.96 12.25 -8.87
C LYS A 42 -4.75 11.11 -9.87
N THR A 43 -4.18 11.44 -11.04
CA THR A 43 -3.83 10.48 -12.08
C THR A 43 -2.49 9.77 -11.86
N VAL A 44 -2.36 8.60 -12.50
CA VAL A 44 -1.17 7.74 -12.54
C VAL A 44 -0.28 8.07 -13.74
N LEU A 45 1.02 8.20 -13.50
CA LEU A 45 2.05 8.49 -14.52
C LEU A 45 2.61 7.22 -15.19
N GLU A 46 3.02 6.25 -14.37
CA GLU A 46 3.52 4.92 -14.75
C GLU A 46 3.07 3.86 -13.73
N THR A 47 3.05 2.60 -14.19
CA THR A 47 2.78 1.40 -13.40
C THR A 47 3.97 0.44 -13.44
N TYR A 48 4.57 0.18 -12.27
CA TYR A 48 5.71 -0.72 -12.10
C TYR A 48 5.31 -2.13 -11.77
N VAL A 49 6.03 -3.07 -12.38
CA VAL A 49 5.84 -4.51 -12.12
C VAL A 49 7.17 -5.25 -12.03
N ARG A 50 7.32 -6.05 -10.97
CA ARG A 50 8.49 -6.84 -10.61
C ARG A 50 8.07 -8.26 -10.18
N GLU A 51 9.06 -9.10 -9.92
CA GLU A 51 8.90 -10.47 -9.41
C GLU A 51 9.85 -10.72 -8.23
N THR A 52 9.40 -11.47 -7.21
CA THR A 52 10.26 -11.96 -6.13
C THR A 52 9.73 -13.26 -5.52
N THR A 53 10.63 -14.03 -4.93
CA THR A 53 10.37 -15.23 -4.10
C THR A 53 10.15 -14.93 -2.62
N GLU A 54 10.54 -13.74 -2.16
CA GLU A 54 10.52 -13.37 -0.73
C GLU A 54 9.47 -12.28 -0.47
N LEU A 55 8.40 -12.66 0.23
CA LEU A 55 7.27 -11.79 0.55
C LEU A 55 7.21 -11.43 2.04
N LEU A 56 6.28 -10.54 2.38
CA LEU A 56 5.90 -10.17 3.74
C LEU A 56 4.36 -10.10 3.83
N HIS A 57 3.78 -10.70 4.85
CA HIS A 57 2.33 -10.76 5.06
C HIS A 57 1.97 -9.93 6.28
N LEU A 58 1.22 -8.86 6.08
CA LEU A 58 0.65 -8.05 7.16
C LEU A 58 -0.87 -8.26 7.21
N THR A 59 -1.44 -8.27 8.42
CA THR A 59 -2.90 -8.20 8.64
C THR A 59 -3.22 -6.95 9.43
N ILE A 60 -4.04 -6.05 8.89
CA ILE A 60 -4.38 -4.74 9.49
C ILE A 60 -5.90 -4.60 9.58
N GLY A 61 -6.44 -4.50 10.80
CA GLY A 61 -7.89 -4.49 11.05
C GLY A 61 -8.64 -5.73 10.51
N GLY A 62 -7.93 -6.85 10.29
CA GLY A 62 -8.42 -8.09 9.66
C GLY A 62 -8.19 -8.20 8.14
N GLU A 63 -7.89 -7.09 7.46
CA GLU A 63 -7.56 -7.08 6.04
C GLU A 63 -6.10 -7.52 5.86
N VAL A 64 -5.91 -8.63 5.15
CA VAL A 64 -4.59 -9.09 4.73
C VAL A 64 -4.09 -8.25 3.56
N ILE A 65 -2.86 -7.76 3.67
CA ILE A 65 -2.11 -7.09 2.62
C ILE A 65 -0.71 -7.73 2.54
N LYS A 66 -0.52 -8.57 1.52
CA LYS A 66 0.77 -9.16 1.16
C LYS A 66 1.62 -8.15 0.36
N THR A 67 2.83 -7.87 0.83
CA THR A 67 3.68 -6.75 0.37
C THR A 67 5.16 -7.15 0.30
N THR A 68 6.04 -6.26 -0.21
CA THR A 68 7.48 -6.40 -0.04
C THR A 68 7.95 -5.88 1.32
N PHE A 69 8.97 -6.52 1.88
CA PHE A 69 9.53 -6.20 3.22
C PHE A 69 9.93 -4.73 3.37
N ASP A 70 10.27 -4.06 2.28
CA ASP A 70 10.79 -2.70 2.28
C ASP A 70 9.74 -1.65 1.86
N HIS A 71 8.48 -2.06 1.59
CA HIS A 71 7.41 -1.16 1.20
C HIS A 71 7.05 -0.10 2.29
N PRO A 72 6.91 1.20 1.96
CA PRO A 72 6.61 2.27 2.92
C PRO A 72 5.12 2.42 3.29
N PHE A 73 4.80 2.11 4.55
CA PHE A 73 3.48 2.31 5.19
C PHE A 73 3.46 3.56 6.09
N TYR A 74 2.33 4.26 6.23
CA TYR A 74 2.22 5.45 7.10
C TYR A 74 1.73 5.12 8.52
N VAL A 75 2.46 5.63 9.52
CA VAL A 75 2.26 5.46 10.96
C VAL A 75 1.75 6.75 11.61
N LYS A 76 0.75 6.63 12.48
CA LYS A 76 0.19 7.76 13.24
C LYS A 76 1.27 8.45 14.08
N ASP A 77 1.29 9.78 13.99
CA ASP A 77 2.22 10.68 14.69
C ASP A 77 3.70 10.56 14.24
N VAL A 78 4.02 9.75 13.24
CA VAL A 78 5.41 9.38 12.90
C VAL A 78 5.68 9.66 11.43
N GLY A 79 4.99 8.96 10.53
CA GLY A 79 5.20 9.09 9.08
C GLY A 79 5.45 7.74 8.40
N PHE A 80 6.21 7.70 7.30
CA PHE A 80 6.38 6.48 6.50
C PHE A 80 7.54 5.58 6.98
N VAL A 81 7.31 4.27 6.95
CA VAL A 81 8.24 3.23 7.44
C VAL A 81 8.16 1.95 6.59
N GLU A 82 9.28 1.27 6.43
CA GLU A 82 9.37 -0.06 5.82
C GLU A 82 8.48 -1.10 6.52
N ALA A 83 7.69 -1.86 5.77
CA ALA A 83 6.70 -2.81 6.26
C ALA A 83 7.28 -3.89 7.20
N GLY A 84 8.52 -4.33 6.96
CA GLY A 84 9.20 -5.30 7.79
C GLY A 84 9.73 -4.71 9.12
N LYS A 85 9.86 -3.37 9.20
CA LYS A 85 10.26 -2.62 10.42
C LYS A 85 9.06 -2.22 11.29
N LEU A 86 7.84 -2.50 10.86
CA LEU A 86 6.63 -2.43 11.70
C LEU A 86 6.61 -3.53 12.78
N GLN A 87 5.76 -3.35 13.81
CA GLN A 87 5.49 -4.32 14.87
C GLN A 87 3.98 -4.60 14.97
N VAL A 88 3.60 -5.71 15.59
CA VAL A 88 2.20 -6.02 15.90
C VAL A 88 1.71 -5.06 16.99
N GLY A 89 0.48 -4.56 16.84
CA GLY A 89 -0.05 -3.49 17.69
C GLY A 89 0.43 -2.08 17.34
N ASP A 90 1.09 -1.88 16.20
CA ASP A 90 1.44 -0.54 15.70
C ASP A 90 0.25 0.16 15.04
N LYS A 91 0.31 1.50 15.03
CA LYS A 91 -0.78 2.41 14.69
C LYS A 91 -0.62 2.96 13.27
N LEU A 92 -1.37 2.43 12.31
CA LEU A 92 -1.39 2.91 10.92
C LEU A 92 -2.57 3.86 10.68
N LEU A 93 -2.74 4.40 9.47
CA LEU A 93 -3.84 5.31 9.11
C LEU A 93 -4.55 4.93 7.81
N ASP A 94 -5.78 5.43 7.65
CA ASP A 94 -6.64 5.18 6.49
C ASP A 94 -7.03 6.45 5.70
N SER A 95 -7.84 6.26 4.66
CA SER A 95 -8.37 7.32 3.78
C SER A 95 -9.33 8.32 4.45
N ARG A 96 -9.64 8.16 5.74
CA ARG A 96 -10.36 9.14 6.57
C ARG A 96 -9.40 9.91 7.47
N GLY A 97 -8.36 9.23 7.96
CA GLY A 97 -7.42 9.70 8.98
C GLY A 97 -7.62 9.00 10.33
N ASN A 98 -8.32 7.86 10.36
CA ASN A 98 -8.58 7.11 11.59
C ASN A 98 -7.51 6.03 11.84
N VAL A 99 -7.24 5.74 13.12
CA VAL A 99 -6.10 4.90 13.54
C VAL A 99 -6.38 3.40 13.37
N LEU A 100 -5.64 2.75 12.48
CA LEU A 100 -5.65 1.30 12.26
C LEU A 100 -4.64 0.58 13.16
N VAL A 101 -4.85 -0.73 13.39
CA VAL A 101 -3.98 -1.59 14.22
C VAL A 101 -3.48 -2.81 13.44
N VAL A 102 -2.20 -3.17 13.61
CA VAL A 102 -1.61 -4.40 13.07
C VAL A 102 -2.02 -5.60 13.93
N GLU A 103 -2.67 -6.59 13.32
CA GLU A 103 -3.18 -7.83 13.93
C GLU A 103 -2.17 -8.99 13.79
N GLU A 104 -1.36 -8.99 12.73
CA GLU A 104 -0.37 -10.03 12.41
C GLU A 104 0.77 -9.49 11.54
N LYS A 105 1.98 -10.04 11.73
CA LYS A 105 3.16 -9.88 10.86
C LYS A 105 3.78 -11.26 10.60
N LYS A 106 3.79 -11.73 9.35
CA LYS A 106 4.27 -13.07 8.92
C LYS A 106 5.26 -12.98 7.76
N LEU A 107 6.22 -13.92 7.69
CA LEU A 107 7.18 -14.04 6.60
C LEU A 107 7.08 -15.44 5.96
N GLU A 108 7.05 -15.52 4.62
CA GLU A 108 7.13 -16.79 3.88
C GLU A 108 8.03 -16.68 2.64
N ILE A 109 8.65 -17.81 2.26
CA ILE A 109 9.47 -17.94 1.05
C ILE A 109 8.69 -18.80 0.03
N ALA A 110 8.27 -18.18 -1.06
CA ALA A 110 7.53 -18.82 -2.15
C ALA A 110 8.37 -19.88 -2.92
N ASP A 111 7.67 -20.86 -3.50
CA ASP A 111 8.27 -21.96 -4.28
C ASP A 111 8.78 -21.54 -5.68
N LYS A 112 8.38 -20.34 -6.11
CA LYS A 112 8.58 -19.73 -7.43
C LYS A 112 8.51 -18.20 -7.32
N PRO A 113 9.06 -17.41 -8.27
CA PRO A 113 8.93 -15.95 -8.28
C PRO A 113 7.48 -15.52 -8.56
N VAL A 114 6.94 -14.71 -7.65
CA VAL A 114 5.57 -14.17 -7.64
C VAL A 114 5.57 -12.73 -8.15
N LYS A 115 4.57 -12.35 -8.96
CA LYS A 115 4.42 -10.99 -9.51
C LYS A 115 3.92 -9.99 -8.47
N VAL A 116 4.45 -8.77 -8.55
CA VAL A 116 4.16 -7.67 -7.64
C VAL A 116 4.14 -6.33 -8.39
N TYR A 117 3.17 -5.47 -8.05
CA TYR A 117 2.85 -4.21 -8.72
C TYR A 117 3.04 -2.99 -7.80
N ASN A 118 3.31 -1.83 -8.38
CA ASN A 118 3.33 -0.50 -7.73
C ASN A 118 3.04 0.58 -8.79
N PHE A 119 2.83 1.84 -8.41
CA PHE A 119 2.68 2.95 -9.36
C PHE A 119 3.13 4.30 -8.75
N LYS A 120 3.16 5.35 -9.58
CA LYS A 120 3.51 6.72 -9.19
C LYS A 120 2.46 7.77 -9.61
N VAL A 121 2.24 8.76 -8.75
CA VAL A 121 1.09 9.69 -8.77
C VAL A 121 1.49 11.12 -9.20
N ASP A 122 0.64 11.77 -10.00
CA ASP A 122 0.95 13.01 -10.76
C ASP A 122 1.25 14.25 -9.90
N ASP A 123 0.79 14.29 -8.64
CA ASP A 123 1.20 15.31 -7.66
C ASP A 123 1.67 14.67 -6.36
N PHE A 124 0.78 13.97 -5.66
CA PHE A 124 1.09 13.35 -4.37
C PHE A 124 2.03 12.14 -4.53
N HIS A 125 2.53 11.62 -3.42
CA HIS A 125 3.50 10.53 -3.33
C HIS A 125 2.92 9.25 -2.71
N THR A 126 1.59 9.13 -2.69
CA THR A 126 0.84 8.18 -1.86
C THR A 126 -0.34 7.57 -2.60
N TYR A 127 -0.91 6.50 -2.04
CA TYR A 127 -2.21 5.89 -2.41
C TYR A 127 -2.71 5.03 -1.24
N HIS A 128 -3.91 4.44 -1.38
CA HIS A 128 -4.59 3.69 -0.31
C HIS A 128 -4.88 2.23 -0.72
N VAL A 129 -4.56 1.25 0.14
CA VAL A 129 -4.62 -0.19 -0.14
C VAL A 129 -5.61 -0.95 0.74
N GLY A 130 -6.24 -1.98 0.17
CA GLY A 130 -7.15 -2.90 0.86
C GLY A 130 -8.53 -2.32 1.18
N ASP A 131 -9.45 -3.18 1.60
CA ASP A 131 -10.81 -2.83 2.05
C ASP A 131 -10.80 -1.92 3.30
N ASN A 132 -9.71 -1.95 4.07
CA ASN A 132 -9.44 -1.05 5.21
C ASN A 132 -8.68 0.24 4.83
N GLU A 133 -8.38 0.47 3.54
CA GLU A 133 -8.00 1.77 2.97
C GLU A 133 -6.68 2.37 3.51
N VAL A 134 -5.68 1.52 3.80
CA VAL A 134 -4.43 1.87 4.51
C VAL A 134 -3.54 2.78 3.67
N LEU A 135 -2.97 3.83 4.27
CA LEU A 135 -2.11 4.82 3.62
C LEU A 135 -0.66 4.32 3.40
N VAL A 136 -0.19 4.38 2.16
CA VAL A 136 1.13 3.87 1.71
C VAL A 136 1.75 4.81 0.65
N HIS A 137 3.07 4.71 0.43
CA HIS A 137 3.86 5.64 -0.41
C HIS A 137 4.40 4.98 -1.70
N ASN A 138 4.54 5.77 -2.76
CA ASN A 138 5.05 5.36 -4.08
C ASN A 138 6.50 4.83 -4.01
N SER A 1 16.21 -4.33 -3.18
CA SER A 1 15.14 -3.52 -2.56
C SER A 1 14.01 -3.29 -3.54
N MET A 2 12.77 -3.52 -3.11
CA MET A 2 11.57 -3.44 -3.97
C MET A 2 10.34 -2.95 -3.20
N LYS A 3 9.61 -1.97 -3.75
CA LYS A 3 8.31 -1.50 -3.28
C LYS A 3 7.20 -1.99 -4.22
N ALA A 4 6.44 -3.02 -3.83
CA ALA A 4 5.33 -3.57 -4.62
C ALA A 4 4.28 -4.32 -3.77
N PHE A 5 3.12 -4.65 -4.34
CA PHE A 5 2.12 -5.58 -3.77
C PHE A 5 1.83 -6.74 -4.72
N VAL A 6 1.40 -7.89 -4.20
CA VAL A 6 0.92 -9.01 -5.04
C VAL A 6 -0.40 -8.68 -5.73
N ALA A 7 -0.73 -9.47 -6.76
CA ALA A 7 -2.01 -9.41 -7.45
C ALA A 7 -3.22 -9.46 -6.49
N GLY A 8 -4.38 -9.00 -6.97
CA GLY A 8 -5.61 -8.89 -6.16
C GLY A 8 -5.63 -7.75 -5.14
N THR A 9 -4.50 -7.10 -4.81
CA THR A 9 -4.48 -6.00 -3.82
C THR A 9 -5.33 -4.81 -4.32
N MET A 10 -6.38 -4.45 -3.58
CA MET A 10 -7.38 -3.45 -3.96
C MET A 10 -6.90 -2.01 -3.72
N ILE A 11 -7.27 -1.10 -4.64
CA ILE A 11 -6.86 0.32 -4.70
C ILE A 11 -8.11 1.19 -4.89
N LEU A 12 -8.19 2.32 -4.16
CA LEU A 12 -9.32 3.27 -4.26
C LEU A 12 -9.18 4.26 -5.41
N THR A 13 -10.30 4.48 -6.09
CA THR A 13 -10.39 5.26 -7.34
C THR A 13 -11.60 6.20 -7.31
N ALA A 14 -11.68 7.12 -8.27
CA ALA A 14 -12.79 8.06 -8.41
C ALA A 14 -14.14 7.39 -8.73
N THR A 15 -14.12 6.15 -9.22
CA THR A 15 -15.30 5.37 -9.58
C THR A 15 -15.60 4.24 -8.57
N GLY A 16 -14.60 3.70 -7.89
CA GLY A 16 -14.75 2.63 -6.89
C GLY A 16 -13.42 1.97 -6.50
N LEU A 17 -13.35 0.64 -6.52
CA LEU A 17 -12.11 -0.13 -6.37
C LEU A 17 -11.66 -0.77 -7.68
N VAL A 18 -10.34 -0.92 -7.82
CA VAL A 18 -9.64 -1.65 -8.89
C VAL A 18 -8.47 -2.41 -8.26
N ALA A 19 -8.09 -3.57 -8.80
CA ALA A 19 -6.90 -4.29 -8.35
C ALA A 19 -5.62 -3.63 -8.87
N ILE A 20 -4.52 -3.73 -8.14
CA ILE A 20 -3.23 -3.14 -8.52
C ILE A 20 -2.67 -3.70 -9.84
N GLU A 21 -3.08 -4.91 -10.24
CA GLU A 21 -2.79 -5.53 -11.53
C GLU A 21 -3.51 -4.88 -12.73
N ASN A 22 -4.50 -4.02 -12.45
CA ASN A 22 -5.43 -3.43 -13.42
C ASN A 22 -5.43 -1.88 -13.42
N ILE A 23 -4.70 -1.23 -12.52
CA ILE A 23 -4.31 0.18 -12.68
C ILE A 23 -3.33 0.31 -13.87
N LYS A 24 -3.49 1.32 -14.73
CA LYS A 24 -2.57 1.61 -15.87
C LYS A 24 -2.22 3.10 -15.97
N ALA A 25 -1.14 3.43 -16.67
CA ALA A 25 -0.70 4.80 -16.90
C ALA A 25 -1.81 5.65 -17.56
N GLY A 26 -2.11 6.81 -16.97
CA GLY A 26 -3.22 7.68 -17.39
C GLY A 26 -4.57 7.41 -16.70
N ASP A 27 -4.69 6.40 -15.83
CA ASP A 27 -5.82 6.28 -14.90
C ASP A 27 -5.68 7.28 -13.72
N LYS A 28 -6.72 7.39 -12.88
CA LYS A 28 -6.73 8.13 -11.61
C LYS A 28 -7.02 7.23 -10.41
N VAL A 29 -6.45 7.63 -9.27
CA VAL A 29 -6.58 7.00 -7.95
C VAL A 29 -6.80 8.08 -6.88
N ILE A 30 -7.37 7.70 -5.73
CA ILE A 30 -7.37 8.56 -4.55
C ILE A 30 -5.99 8.58 -3.89
N ALA A 31 -5.59 9.76 -3.42
CA ALA A 31 -4.33 9.96 -2.71
C ALA A 31 -4.62 10.88 -1.52
N THR A 32 -4.31 10.38 -0.32
CA THR A 32 -4.38 11.19 0.91
C THR A 32 -3.05 11.89 1.12
N ASN A 33 -3.01 13.21 0.95
CA ASN A 33 -1.83 14.04 1.25
C ASN A 33 -1.32 13.81 2.68
N PRO A 34 -0.13 13.24 2.94
CA PRO A 34 0.32 12.93 4.30
C PRO A 34 0.68 14.16 5.15
N GLU A 35 0.77 15.35 4.56
CA GLU A 35 1.06 16.61 5.27
C GLU A 35 -0.17 17.15 6.02
N THR A 36 -1.34 17.07 5.40
CA THR A 36 -2.58 17.72 5.89
C THR A 36 -3.80 16.77 5.89
N PHE A 37 -3.59 15.54 5.41
CA PHE A 37 -4.62 14.50 5.25
C PHE A 37 -5.80 14.94 4.37
N GLU A 38 -5.48 15.74 3.34
CA GLU A 38 -6.41 16.18 2.30
C GLU A 38 -6.58 15.05 1.26
N VAL A 39 -7.82 14.67 0.98
CA VAL A 39 -8.15 13.50 0.12
C VAL A 39 -8.57 13.97 -1.28
N ALA A 40 -7.77 13.67 -2.29
CA ALA A 40 -7.95 14.14 -3.67
C ALA A 40 -7.77 13.02 -4.71
N GLU A 41 -8.25 13.26 -5.93
CA GLU A 41 -8.10 12.39 -7.10
C GLU A 41 -6.90 12.83 -7.95
N LYS A 42 -5.91 11.95 -8.12
CA LYS A 42 -4.66 12.22 -8.86
C LYS A 42 -4.38 11.14 -9.90
N THR A 43 -3.72 11.51 -11.00
CA THR A 43 -3.40 10.59 -12.10
C THR A 43 -2.11 9.81 -11.90
N VAL A 44 -2.04 8.65 -12.54
CA VAL A 44 -0.89 7.73 -12.57
C VAL A 44 -0.01 8.02 -13.79
N LEU A 45 1.30 8.17 -13.57
CA LEU A 45 2.28 8.49 -14.63
C LEU A 45 2.87 7.23 -15.30
N GLU A 46 3.11 6.17 -14.53
CA GLU A 46 3.59 4.84 -14.94
C GLU A 46 3.12 3.78 -13.94
N THR A 47 3.15 2.54 -14.40
CA THR A 47 3.04 1.33 -13.55
C THR A 47 4.32 0.49 -13.64
N TYR A 48 4.76 -0.01 -12.49
CA TYR A 48 5.88 -0.94 -12.35
C TYR A 48 5.41 -2.36 -12.04
N VAL A 49 6.11 -3.32 -12.63
CA VAL A 49 5.89 -4.76 -12.37
C VAL A 49 7.23 -5.49 -12.23
N ARG A 50 7.32 -6.40 -11.26
CA ARG A 50 8.49 -7.22 -10.91
C ARG A 50 8.06 -8.63 -10.50
N GLU A 51 9.03 -9.50 -10.24
CA GLU A 51 8.83 -10.80 -9.58
C GLU A 51 9.76 -10.94 -8.37
N THR A 52 9.28 -11.47 -7.25
CA THR A 52 10.07 -11.75 -6.03
C THR A 52 9.57 -12.99 -5.31
N THR A 53 10.48 -13.71 -4.65
CA THR A 53 10.18 -14.83 -3.74
C THR A 53 9.90 -14.38 -2.31
N GLU A 54 10.33 -13.19 -1.91
CA GLU A 54 10.32 -12.74 -0.52
C GLU A 54 9.07 -11.90 -0.24
N LEU A 55 8.07 -12.46 0.45
CA LEU A 55 6.77 -11.81 0.66
C LEU A 55 6.39 -11.69 2.13
N LEU A 56 5.52 -10.71 2.37
CA LEU A 56 5.13 -10.23 3.69
C LEU A 56 3.63 -9.97 3.78
N HIS A 57 2.96 -10.56 4.77
CA HIS A 57 1.51 -10.50 4.99
C HIS A 57 1.25 -9.73 6.29
N LEU A 58 0.68 -8.54 6.18
CA LEU A 58 0.35 -7.67 7.32
C LEU A 58 -1.15 -7.66 7.55
N THR A 59 -1.61 -7.98 8.76
CA THR A 59 -3.02 -7.92 9.16
C THR A 59 -3.22 -6.67 9.98
N ILE A 60 -4.11 -5.79 9.53
CA ILE A 60 -4.33 -4.45 10.09
C ILE A 60 -5.83 -4.22 10.27
N GLY A 61 -6.29 -4.05 11.52
CA GLY A 61 -7.72 -3.89 11.84
C GLY A 61 -8.64 -5.02 11.33
N GLY A 62 -8.09 -6.22 11.11
CA GLY A 62 -8.79 -7.39 10.58
C GLY A 62 -8.69 -7.64 9.05
N GLU A 63 -8.10 -6.72 8.30
CA GLU A 63 -7.82 -6.83 6.86
C GLU A 63 -6.35 -7.19 6.65
N VAL A 64 -6.07 -8.25 5.91
CA VAL A 64 -4.71 -8.67 5.55
C VAL A 64 -4.27 -8.19 4.15
N ILE A 65 -3.07 -7.62 4.07
CA ILE A 65 -2.48 -6.97 2.90
C ILE A 65 -1.11 -7.60 2.62
N LYS A 66 -0.84 -7.94 1.35
CA LYS A 66 0.27 -8.82 0.95
C LYS A 66 1.28 -8.05 0.07
N THR A 67 2.48 -7.82 0.61
CA THR A 67 3.41 -6.75 0.20
C THR A 67 4.89 -7.19 0.23
N THR A 68 5.80 -6.30 -0.20
CA THR A 68 7.25 -6.50 -0.14
C THR A 68 7.87 -5.98 1.17
N PHE A 69 9.06 -6.49 1.52
CA PHE A 69 9.75 -6.20 2.78
C PHE A 69 10.19 -4.72 2.91
N ASP A 70 10.28 -3.98 1.80
CA ASP A 70 10.66 -2.56 1.77
C ASP A 70 9.47 -1.59 1.62
N HIS A 71 8.22 -2.07 1.48
CA HIS A 71 7.09 -1.20 1.16
C HIS A 71 6.78 -0.21 2.31
N PRO A 72 6.65 1.13 2.09
CA PRO A 72 6.60 2.08 3.20
C PRO A 72 5.17 2.43 3.65
N PHE A 73 4.85 2.16 4.91
CA PHE A 73 3.56 2.39 5.59
C PHE A 73 3.60 3.61 6.51
N TYR A 74 2.52 4.41 6.57
CA TYR A 74 2.49 5.62 7.39
C TYR A 74 2.09 5.37 8.86
N VAL A 75 2.92 5.85 9.80
CA VAL A 75 2.84 5.65 11.25
C VAL A 75 2.52 6.95 11.98
N LYS A 76 1.57 6.88 12.92
CA LYS A 76 1.16 7.99 13.78
C LYS A 76 2.33 8.61 14.56
N ASP A 77 2.47 9.92 14.42
CA ASP A 77 3.53 10.77 14.99
C ASP A 77 4.98 10.36 14.57
N VAL A 78 5.16 9.64 13.44
CA VAL A 78 6.48 9.22 12.94
C VAL A 78 6.64 9.49 11.44
N GLY A 79 5.77 8.92 10.60
CA GLY A 79 5.87 8.97 9.15
C GLY A 79 6.00 7.60 8.50
N PHE A 80 6.64 7.49 7.33
CA PHE A 80 6.64 6.26 6.53
C PHE A 80 7.80 5.29 6.83
N VAL A 81 7.50 4.01 7.00
CA VAL A 81 8.45 2.95 7.40
C VAL A 81 8.25 1.65 6.61
N GLU A 82 9.36 0.99 6.27
CA GLU A 82 9.38 -0.29 5.57
C GLU A 82 8.60 -1.39 6.31
N ALA A 83 7.76 -2.13 5.58
CA ALA A 83 6.83 -3.12 6.10
C ALA A 83 7.50 -4.21 6.94
N GLY A 84 8.71 -4.63 6.57
CA GLY A 84 9.46 -5.65 7.32
C GLY A 84 10.11 -5.13 8.60
N LYS A 85 10.17 -3.80 8.79
CA LYS A 85 10.65 -3.16 10.03
C LYS A 85 9.52 -2.89 11.04
N LEU A 86 8.26 -2.87 10.60
CA LEU A 86 7.08 -2.71 11.47
C LEU A 86 7.04 -3.73 12.62
N GLN A 87 6.36 -3.36 13.71
CA GLN A 87 6.09 -4.23 14.86
C GLN A 87 4.59 -4.46 15.05
N VAL A 88 4.19 -5.62 15.58
CA VAL A 88 2.78 -5.94 15.87
C VAL A 88 2.30 -5.13 17.07
N GLY A 89 1.19 -4.42 16.92
CA GLY A 89 0.67 -3.47 17.90
C GLY A 89 1.02 -2.00 17.63
N ASP A 90 1.73 -1.66 16.55
CA ASP A 90 2.06 -0.27 16.20
C ASP A 90 0.96 0.40 15.38
N LYS A 91 0.96 1.75 15.38
CA LYS A 91 -0.20 2.59 15.07
C LYS A 91 -0.09 3.20 13.66
N LEU A 92 -0.90 2.72 12.73
CA LEU A 92 -0.94 3.14 11.32
C LEU A 92 -2.11 4.09 11.03
N LEU A 93 -2.11 4.70 9.84
CA LEU A 93 -3.16 5.64 9.40
C LEU A 93 -3.98 5.04 8.26
N ASP A 94 -5.30 5.32 8.26
CA ASP A 94 -6.18 5.08 7.11
C ASP A 94 -6.33 6.32 6.20
N SER A 95 -7.07 6.16 5.10
CA SER A 95 -7.34 7.20 4.09
C SER A 95 -7.90 8.52 4.61
N ARG A 96 -8.56 8.55 5.78
CA ARG A 96 -9.05 9.77 6.44
C ARG A 96 -8.09 10.25 7.53
N GLY A 97 -7.38 9.31 8.17
CA GLY A 97 -6.48 9.51 9.30
C GLY A 97 -6.98 8.86 10.59
N ASN A 98 -7.84 7.84 10.51
CA ASN A 98 -8.17 6.97 11.63
C ASN A 98 -6.94 6.19 12.10
N VAL A 99 -6.84 5.91 13.41
CA VAL A 99 -5.73 5.12 13.98
C VAL A 99 -6.03 3.63 13.85
N LEU A 100 -5.26 2.96 12.98
CA LEU A 100 -5.21 1.52 12.79
C LEU A 100 -4.10 0.88 13.62
N VAL A 101 -4.18 -0.43 13.85
CA VAL A 101 -3.18 -1.20 14.60
C VAL A 101 -2.81 -2.49 13.84
N VAL A 102 -1.53 -2.86 13.88
CA VAL A 102 -1.03 -4.12 13.31
C VAL A 102 -1.45 -5.29 14.22
N GLU A 103 -2.28 -6.18 13.69
CA GLU A 103 -2.82 -7.38 14.34
C GLU A 103 -1.94 -8.62 14.13
N GLU A 104 -1.19 -8.68 13.02
CA GLU A 104 -0.22 -9.74 12.70
C GLU A 104 0.78 -9.28 11.63
N LYS A 105 1.99 -9.85 11.66
CA LYS A 105 3.07 -9.73 10.67
C LYS A 105 3.61 -11.13 10.34
N LYS A 106 3.37 -11.63 9.12
CA LYS A 106 3.72 -12.98 8.64
C LYS A 106 4.73 -12.91 7.48
N LEU A 107 5.86 -13.59 7.57
CA LEU A 107 6.98 -13.55 6.61
C LEU A 107 7.23 -14.95 6.04
N GLU A 108 7.38 -15.08 4.72
CA GLU A 108 7.74 -16.34 4.07
C GLU A 108 8.54 -16.18 2.77
N ILE A 109 9.21 -17.27 2.37
CA ILE A 109 9.98 -17.38 1.13
C ILE A 109 9.23 -18.32 0.18
N ALA A 110 8.62 -17.75 -0.87
CA ALA A 110 7.83 -18.49 -1.86
C ALA A 110 8.67 -19.51 -2.67
N ASP A 111 8.01 -20.59 -3.10
CA ASP A 111 8.59 -21.70 -3.88
C ASP A 111 9.05 -21.25 -5.28
N LYS A 112 8.41 -20.20 -5.79
CA LYS A 112 8.60 -19.58 -7.11
C LYS A 112 8.46 -18.06 -6.96
N PRO A 113 9.11 -17.23 -7.79
CA PRO A 113 8.99 -15.78 -7.71
C PRO A 113 7.60 -15.33 -8.19
N VAL A 114 6.86 -14.64 -7.33
CA VAL A 114 5.47 -14.19 -7.54
C VAL A 114 5.46 -12.79 -8.16
N LYS A 115 4.51 -12.49 -9.06
CA LYS A 115 4.41 -11.18 -9.72
C LYS A 115 3.85 -10.15 -8.75
N VAL A 116 4.43 -8.96 -8.81
CA VAL A 116 4.13 -7.85 -7.92
C VAL A 116 4.13 -6.52 -8.66
N TYR A 117 3.27 -5.60 -8.21
CA TYR A 117 2.85 -4.41 -8.93
C TYR A 117 3.03 -3.15 -8.05
N ASN A 118 3.32 -2.01 -8.67
CA ASN A 118 3.27 -0.68 -8.05
C ASN A 118 2.97 0.38 -9.13
N PHE A 119 2.70 1.63 -8.74
CA PHE A 119 2.51 2.75 -9.66
C PHE A 119 2.89 4.09 -9.02
N LYS A 120 3.20 5.10 -9.83
CA LYS A 120 3.64 6.42 -9.37
C LYS A 120 2.63 7.53 -9.71
N VAL A 121 2.36 8.41 -8.74
CA VAL A 121 1.30 9.44 -8.75
C VAL A 121 1.84 10.82 -9.15
N ASP A 122 1.00 11.62 -9.81
CA ASP A 122 1.34 12.89 -10.49
C ASP A 122 1.89 14.05 -9.62
N ASP A 123 1.37 14.25 -8.41
CA ASP A 123 1.68 15.41 -7.55
C ASP A 123 1.78 15.04 -6.07
N PHE A 124 0.82 14.26 -5.57
CA PHE A 124 0.93 13.54 -4.31
C PHE A 124 1.82 12.30 -4.49
N HIS A 125 2.16 11.62 -3.40
CA HIS A 125 3.08 10.47 -3.37
C HIS A 125 2.52 9.31 -2.52
N THR A 126 1.20 9.17 -2.46
CA THR A 126 0.47 8.25 -1.58
C THR A 126 -0.74 7.63 -2.27
N TYR A 127 -1.21 6.48 -1.77
CA TYR A 127 -2.46 5.82 -2.18
C TYR A 127 -3.01 4.89 -1.07
N HIS A 128 -4.25 4.39 -1.25
CA HIS A 128 -4.96 3.45 -0.35
C HIS A 128 -4.71 2.01 -0.80
N VAL A 129 -4.52 1.09 0.16
CA VAL A 129 -4.56 -0.36 -0.05
C VAL A 129 -5.54 -1.08 0.87
N GLY A 130 -6.30 -2.02 0.28
CA GLY A 130 -7.14 -2.98 1.00
C GLY A 130 -8.48 -2.41 1.52
N ASP A 131 -9.32 -3.31 2.05
CA ASP A 131 -10.67 -2.98 2.53
C ASP A 131 -10.64 -1.89 3.63
N ASN A 132 -9.64 -1.94 4.51
CA ASN A 132 -9.41 -1.00 5.60
C ASN A 132 -8.62 0.28 5.21
N GLU A 133 -8.37 0.55 3.92
CA GLU A 133 -7.92 1.86 3.43
C GLU A 133 -6.55 2.35 3.96
N VAL A 134 -5.59 1.44 4.14
CA VAL A 134 -4.30 1.77 4.79
C VAL A 134 -3.44 2.65 3.89
N LEU A 135 -2.78 3.65 4.49
CA LEU A 135 -1.98 4.66 3.80
C LEU A 135 -0.51 4.23 3.60
N VAL A 136 -0.03 4.33 2.35
CA VAL A 136 1.34 3.94 1.94
C VAL A 136 1.98 4.98 1.03
N HIS A 137 3.32 5.08 1.07
CA HIS A 137 4.14 6.01 0.30
C HIS A 137 4.63 5.35 -1.01
N ASN A 138 4.20 5.89 -2.16
CA ASN A 138 4.33 5.24 -3.48
C ASN A 138 5.77 5.04 -3.94
N SER A 1 14.99 -0.11 -3.90
CA SER A 1 14.21 -0.91 -2.94
C SER A 1 12.97 -1.47 -3.62
N MET A 2 12.54 -2.67 -3.26
CA MET A 2 11.34 -3.27 -3.85
C MET A 2 10.09 -2.82 -3.09
N LYS A 3 9.15 -2.19 -3.78
CA LYS A 3 8.03 -1.41 -3.21
C LYS A 3 6.72 -1.72 -3.96
N ALA A 4 6.29 -2.98 -3.88
CA ALA A 4 5.15 -3.51 -4.65
C ALA A 4 4.16 -4.33 -3.79
N PHE A 5 3.00 -4.68 -4.37
CA PHE A 5 2.01 -5.60 -3.79
C PHE A 5 1.77 -6.78 -4.72
N VAL A 6 1.31 -7.90 -4.17
CA VAL A 6 0.86 -9.05 -4.98
C VAL A 6 -0.41 -8.73 -5.77
N ALA A 7 -0.66 -9.51 -6.82
CA ALA A 7 -1.89 -9.44 -7.61
C ALA A 7 -3.17 -9.50 -6.74
N GLY A 8 -4.27 -8.95 -7.23
CA GLY A 8 -5.53 -8.90 -6.49
C GLY A 8 -5.58 -7.93 -5.29
N THR A 9 -4.49 -7.22 -4.95
CA THR A 9 -4.52 -6.14 -3.94
C THR A 9 -5.41 -4.99 -4.42
N MET A 10 -6.41 -4.62 -3.63
CA MET A 10 -7.40 -3.59 -3.96
C MET A 10 -6.88 -2.17 -3.67
N ILE A 11 -7.19 -1.24 -4.58
CA ILE A 11 -6.78 0.17 -4.56
C ILE A 11 -8.01 1.08 -4.60
N LEU A 12 -8.04 2.11 -3.75
CA LEU A 12 -9.14 3.09 -3.67
C LEU A 12 -9.12 4.10 -4.84
N THR A 13 -10.19 4.14 -5.61
CA THR A 13 -10.38 5.04 -6.75
C THR A 13 -11.47 6.09 -6.48
N ALA A 14 -11.69 7.01 -7.43
CA ALA A 14 -12.82 7.95 -7.39
C ALA A 14 -14.20 7.27 -7.55
N THR A 15 -14.25 6.09 -8.18
CA THR A 15 -15.49 5.34 -8.49
C THR A 15 -15.72 4.10 -7.61
N GLY A 16 -14.67 3.59 -6.96
CA GLY A 16 -14.74 2.47 -6.01
C GLY A 16 -13.39 1.78 -5.81
N LEU A 17 -13.28 0.51 -6.22
CA LEU A 17 -12.05 -0.29 -6.11
C LEU A 17 -11.62 -0.95 -7.43
N VAL A 18 -10.32 -0.97 -7.67
CA VAL A 18 -9.64 -1.64 -8.79
C VAL A 18 -8.44 -2.43 -8.25
N ALA A 19 -8.13 -3.60 -8.81
CA ALA A 19 -6.95 -4.36 -8.42
C ALA A 19 -5.67 -3.68 -8.95
N ILE A 20 -4.55 -3.80 -8.22
CA ILE A 20 -3.29 -3.17 -8.63
C ILE A 20 -2.77 -3.69 -9.99
N GLU A 21 -3.11 -4.93 -10.36
CA GLU A 21 -2.81 -5.50 -11.68
C GLU A 21 -3.67 -4.92 -12.83
N ASN A 22 -4.73 -4.20 -12.47
CA ASN A 22 -5.75 -3.63 -13.38
C ASN A 22 -5.71 -2.08 -13.44
N ILE A 23 -4.97 -1.43 -12.54
CA ILE A 23 -4.54 -0.03 -12.68
C ILE A 23 -3.61 0.10 -13.90
N LYS A 24 -3.81 1.13 -14.73
CA LYS A 24 -2.97 1.52 -15.88
C LYS A 24 -2.53 2.99 -15.76
N ALA A 25 -1.53 3.38 -16.54
CA ALA A 25 -1.19 4.79 -16.72
C ALA A 25 -2.39 5.57 -17.29
N GLY A 26 -2.64 6.76 -16.75
CA GLY A 26 -3.79 7.61 -17.10
C GLY A 26 -5.06 7.34 -16.29
N ASP A 27 -5.10 6.26 -15.50
CA ASP A 27 -6.14 6.03 -14.50
C ASP A 27 -6.02 7.01 -13.31
N LYS A 28 -6.98 6.99 -12.39
CA LYS A 28 -7.01 7.86 -11.19
C LYS A 28 -7.27 7.11 -9.89
N VAL A 29 -6.60 7.53 -8.82
CA VAL A 29 -6.68 6.98 -7.45
C VAL A 29 -6.79 8.11 -6.42
N ILE A 30 -7.31 7.81 -5.22
CA ILE A 30 -7.28 8.76 -4.10
C ILE A 30 -5.90 8.81 -3.46
N ALA A 31 -5.46 10.03 -3.14
CA ALA A 31 -4.17 10.30 -2.54
C ALA A 31 -4.38 11.32 -1.40
N THR A 32 -4.04 10.91 -0.18
CA THR A 32 -3.97 11.85 0.95
C THR A 32 -2.57 12.43 1.04
N ASN A 33 -2.42 13.70 0.68
CA ASN A 33 -1.14 14.43 0.80
C ASN A 33 -0.58 14.43 2.25
N PRO A 34 0.57 13.80 2.57
CA PRO A 34 1.13 13.85 3.92
C PRO A 34 1.69 15.23 4.32
N GLU A 35 1.73 16.21 3.41
CA GLU A 35 2.17 17.59 3.71
C GLU A 35 1.15 18.34 4.58
N THR A 36 -0.13 18.12 4.32
CA THR A 36 -1.23 18.89 4.94
C THR A 36 -2.47 18.03 5.23
N PHE A 37 -2.43 16.75 4.87
CA PHE A 37 -3.57 15.82 4.94
C PHE A 37 -4.79 16.35 4.16
N GLU A 38 -4.53 16.85 2.94
CA GLU A 38 -5.56 17.15 1.96
C GLU A 38 -5.81 15.92 1.06
N VAL A 39 -7.06 15.63 0.73
CA VAL A 39 -7.46 14.45 -0.06
C VAL A 39 -7.84 14.86 -1.47
N ALA A 40 -7.19 14.28 -2.48
CA ALA A 40 -7.48 14.55 -3.89
C ALA A 40 -7.46 13.27 -4.75
N GLU A 41 -8.21 13.30 -5.84
CA GLU A 41 -8.19 12.31 -6.92
C GLU A 41 -7.06 12.67 -7.90
N LYS A 42 -6.04 11.81 -8.02
CA LYS A 42 -4.81 12.07 -8.78
C LYS A 42 -4.55 10.95 -9.78
N THR A 43 -3.92 11.29 -10.91
CA THR A 43 -3.70 10.35 -12.02
C THR A 43 -2.37 9.60 -11.93
N VAL A 44 -2.30 8.45 -12.60
CA VAL A 44 -1.13 7.56 -12.67
C VAL A 44 -0.23 7.95 -13.84
N LEU A 45 1.06 8.13 -13.57
CA LEU A 45 2.06 8.45 -14.59
C LEU A 45 2.55 7.19 -15.32
N GLU A 46 2.97 6.17 -14.57
CA GLU A 46 3.49 4.89 -15.06
C GLU A 46 3.08 3.77 -14.09
N THR A 47 2.92 2.57 -14.64
CA THR A 47 2.67 1.34 -13.89
C THR A 47 3.79 0.34 -14.15
N TYR A 48 4.38 -0.16 -13.07
CA TYR A 48 5.49 -1.12 -13.07
C TYR A 48 5.06 -2.54 -12.68
N VAL A 49 5.90 -3.51 -13.05
CA VAL A 49 5.85 -4.94 -12.67
C VAL A 49 7.25 -5.40 -12.28
N ARG A 50 7.33 -6.29 -11.28
CA ARG A 50 8.51 -7.08 -10.90
C ARG A 50 8.11 -8.53 -10.60
N GLU A 51 9.09 -9.40 -10.43
CA GLU A 51 8.92 -10.73 -9.82
C GLU A 51 9.76 -10.84 -8.55
N THR A 52 9.24 -11.53 -7.52
CA THR A 52 10.01 -11.86 -6.32
C THR A 52 9.56 -13.20 -5.73
N THR A 53 10.50 -13.95 -5.15
CA THR A 53 10.19 -15.05 -4.23
C THR A 53 10.06 -14.59 -2.78
N GLU A 54 10.56 -13.40 -2.43
CA GLU A 54 10.46 -12.84 -1.07
C GLU A 54 9.25 -11.92 -0.93
N LEU A 55 8.30 -12.35 -0.11
CA LEU A 55 7.09 -11.60 0.25
C LEU A 55 6.99 -11.36 1.76
N LEU A 56 6.02 -10.53 2.13
CA LEU A 56 5.66 -10.22 3.51
C LEU A 56 4.15 -10.00 3.62
N HIS A 57 3.49 -10.64 4.59
CA HIS A 57 2.07 -10.45 4.89
C HIS A 57 1.94 -9.63 6.20
N LEU A 58 1.01 -8.68 6.23
CA LEU A 58 0.67 -7.89 7.40
C LEU A 58 -0.85 -7.89 7.61
N THR A 59 -1.31 -8.09 8.85
CA THR A 59 -2.73 -7.97 9.22
C THR A 59 -2.95 -6.67 9.97
N ILE A 60 -3.82 -5.81 9.43
CA ILE A 60 -4.22 -4.52 10.01
C ILE A 60 -5.74 -4.53 10.22
N GLY A 61 -6.21 -4.46 11.48
CA GLY A 61 -7.66 -4.42 11.80
C GLY A 61 -8.49 -5.56 11.17
N GLY A 62 -7.90 -6.76 11.07
CA GLY A 62 -8.52 -7.96 10.47
C GLY A 62 -8.35 -8.10 8.96
N GLU A 63 -7.94 -7.04 8.26
CA GLU A 63 -7.63 -7.07 6.83
C GLU A 63 -6.14 -7.39 6.64
N VAL A 64 -5.85 -8.51 5.98
CA VAL A 64 -4.48 -8.92 5.63
C VAL A 64 -4.09 -8.43 4.23
N ILE A 65 -2.89 -7.88 4.13
CA ILE A 65 -2.31 -7.23 2.94
C ILE A 65 -0.92 -7.82 2.67
N LYS A 66 -0.63 -8.17 1.42
CA LYS A 66 0.53 -8.96 1.00
C LYS A 66 1.46 -8.14 0.08
N THR A 67 2.65 -7.85 0.59
CA THR A 67 3.52 -6.76 0.10
C THR A 67 4.99 -7.15 0.07
N THR A 68 5.87 -6.25 -0.37
CA THR A 68 7.32 -6.41 -0.28
C THR A 68 7.86 -5.96 1.08
N PHE A 69 8.99 -6.54 1.51
CA PHE A 69 9.59 -6.33 2.83
C PHE A 69 10.04 -4.87 3.07
N ASP A 70 10.25 -4.09 1.99
CA ASP A 70 10.69 -2.68 2.06
C ASP A 70 9.59 -1.67 1.67
N HIS A 71 8.33 -2.10 1.55
CA HIS A 71 7.20 -1.19 1.23
C HIS A 71 6.91 -0.19 2.37
N PRO A 72 6.78 1.13 2.12
CA PRO A 72 6.53 2.14 3.16
C PRO A 72 5.06 2.28 3.59
N PHE A 73 4.82 2.19 4.90
CA PHE A 73 3.52 2.39 5.59
C PHE A 73 3.61 3.57 6.57
N TYR A 74 2.56 4.40 6.70
CA TYR A 74 2.59 5.60 7.57
C TYR A 74 2.03 5.35 9.00
N VAL A 75 2.80 5.75 10.02
CA VAL A 75 2.53 5.55 11.45
C VAL A 75 2.16 6.87 12.15
N LYS A 76 1.09 6.84 12.97
CA LYS A 76 0.61 7.95 13.77
C LYS A 76 1.70 8.60 14.63
N ASP A 77 1.86 9.91 14.44
CA ASP A 77 2.84 10.77 15.12
C ASP A 77 4.31 10.29 14.99
N VAL A 78 4.64 9.49 13.97
CA VAL A 78 5.98 8.92 13.73
C VAL A 78 6.42 9.16 12.29
N GLY A 79 5.63 8.74 11.31
CA GLY A 79 5.97 8.82 9.89
C GLY A 79 6.01 7.47 9.18
N PHE A 80 6.59 7.42 7.98
CA PHE A 80 6.66 6.18 7.20
C PHE A 80 7.81 5.25 7.62
N VAL A 81 7.50 3.95 7.61
CA VAL A 81 8.34 2.83 8.02
C VAL A 81 8.17 1.68 7.02
N GLU A 82 9.21 0.90 6.78
CA GLU A 82 9.15 -0.31 5.95
C GLU A 82 8.27 -1.40 6.60
N ALA A 83 7.53 -2.15 5.78
CA ALA A 83 6.66 -3.25 6.20
C ALA A 83 7.38 -4.29 7.08
N GLY A 84 8.63 -4.64 6.75
CA GLY A 84 9.46 -5.56 7.55
C GLY A 84 9.83 -5.03 8.94
N LYS A 85 9.75 -3.69 9.13
CA LYS A 85 10.18 -2.95 10.33
C LYS A 85 8.99 -2.49 11.19
N LEU A 86 7.75 -2.82 10.80
CA LEU A 86 6.56 -2.67 11.65
C LEU A 86 6.54 -3.72 12.77
N GLN A 87 5.75 -3.48 13.82
CA GLN A 87 5.47 -4.44 14.90
C GLN A 87 3.96 -4.55 15.17
N VAL A 88 3.56 -5.63 15.85
CA VAL A 88 2.19 -5.80 16.37
C VAL A 88 1.90 -4.73 17.42
N GLY A 89 0.68 -4.21 17.42
CA GLY A 89 0.25 -3.13 18.30
C GLY A 89 0.70 -1.73 17.84
N ASP A 90 1.34 -1.60 16.68
CA ASP A 90 1.72 -0.30 16.10
C ASP A 90 0.53 0.35 15.39
N LYS A 91 0.53 1.70 15.33
CA LYS A 91 -0.61 2.55 14.98
C LYS A 91 -0.52 3.13 13.56
N LEU A 92 -1.35 2.63 12.65
CA LEU A 92 -1.39 3.02 11.24
C LEU A 92 -2.56 3.96 10.91
N LEU A 93 -2.50 4.62 9.75
CA LEU A 93 -3.53 5.56 9.27
C LEU A 93 -4.34 4.96 8.10
N ASP A 94 -5.63 5.30 8.05
CA ASP A 94 -6.51 5.01 6.90
C ASP A 94 -6.77 6.24 6.00
N SER A 95 -7.60 6.07 4.97
CA SER A 95 -8.05 7.10 4.03
C SER A 95 -8.71 8.34 4.65
N ARG A 96 -9.25 8.27 5.88
CA ARG A 96 -9.85 9.39 6.62
C ARG A 96 -8.97 9.91 7.76
N GLY A 97 -8.02 9.10 8.22
CA GLY A 97 -7.10 9.37 9.33
C GLY A 97 -7.58 8.79 10.65
N ASN A 98 -8.35 7.70 10.59
CA ASN A 98 -8.57 6.84 11.73
C ASN A 98 -7.27 6.12 12.11
N VAL A 99 -7.12 5.82 13.40
CA VAL A 99 -5.94 5.14 13.95
C VAL A 99 -6.19 3.63 14.07
N LEU A 100 -5.68 2.89 13.08
CA LEU A 100 -5.67 1.43 12.94
C LEU A 100 -4.57 0.77 13.77
N VAL A 101 -4.69 -0.53 14.04
CA VAL A 101 -3.71 -1.33 14.79
C VAL A 101 -3.24 -2.55 13.98
N VAL A 102 -1.94 -2.85 14.05
CA VAL A 102 -1.34 -4.09 13.51
C VAL A 102 -1.63 -5.28 14.43
N GLU A 103 -2.16 -6.36 13.84
CA GLU A 103 -2.52 -7.63 14.50
C GLU A 103 -1.43 -8.72 14.32
N GLU A 104 -0.72 -8.73 13.19
CA GLU A 104 0.20 -9.82 12.79
C GLU A 104 1.21 -9.39 11.71
N LYS A 105 2.40 -10.03 11.73
CA LYS A 105 3.37 -10.07 10.63
C LYS A 105 3.66 -11.54 10.26
N LYS A 106 3.54 -11.91 8.98
CA LYS A 106 3.78 -13.27 8.46
C LYS A 106 4.79 -13.25 7.30
N LEU A 107 5.87 -14.01 7.40
CA LEU A 107 6.97 -14.02 6.44
C LEU A 107 7.16 -15.43 5.85
N GLU A 108 7.34 -15.49 4.54
CA GLU A 108 7.77 -16.69 3.81
C GLU A 108 8.73 -16.33 2.67
N ILE A 109 9.32 -17.37 2.09
CA ILE A 109 9.99 -17.34 0.78
C ILE A 109 9.20 -18.30 -0.13
N ALA A 110 8.57 -17.76 -1.17
CA ALA A 110 7.84 -18.51 -2.18
C ALA A 110 8.70 -19.58 -2.86
N ASP A 111 8.07 -20.69 -3.25
CA ASP A 111 8.72 -21.80 -3.95
C ASP A 111 9.07 -21.43 -5.41
N LYS A 112 8.36 -20.47 -6.00
CA LYS A 112 8.54 -19.96 -7.36
C LYS A 112 8.28 -18.43 -7.37
N PRO A 113 8.87 -17.65 -8.30
CA PRO A 113 8.71 -16.20 -8.35
C PRO A 113 7.26 -15.76 -8.63
N VAL A 114 6.71 -14.95 -7.72
CA VAL A 114 5.37 -14.35 -7.81
C VAL A 114 5.44 -12.97 -8.48
N LYS A 115 4.44 -12.60 -9.28
CA LYS A 115 4.33 -11.25 -9.87
C LYS A 115 3.82 -10.24 -8.84
N VAL A 116 4.39 -9.05 -8.93
CA VAL A 116 4.08 -7.92 -8.04
C VAL A 116 4.04 -6.61 -8.84
N TYR A 117 3.20 -5.68 -8.39
CA TYR A 117 2.84 -4.46 -9.11
C TYR A 117 3.03 -3.21 -8.24
N ASN A 118 3.45 -2.10 -8.86
CA ASN A 118 3.53 -0.78 -8.22
C ASN A 118 3.36 0.36 -9.25
N PHE A 119 3.04 1.57 -8.83
CA PHE A 119 2.83 2.72 -9.72
C PHE A 119 3.23 4.07 -9.10
N LYS A 120 3.48 5.08 -9.96
CA LYS A 120 3.83 6.46 -9.55
C LYS A 120 2.71 7.49 -9.80
N VAL A 121 2.49 8.39 -8.85
CA VAL A 121 1.37 9.37 -8.81
C VAL A 121 1.79 10.77 -9.31
N ASP A 122 0.86 11.47 -9.97
CA ASP A 122 1.09 12.70 -10.76
C ASP A 122 1.51 13.98 -9.99
N ASP A 123 1.22 14.14 -8.70
CA ASP A 123 1.70 15.29 -7.91
C ASP A 123 1.94 14.94 -6.45
N PHE A 124 0.93 14.30 -5.82
CA PHE A 124 1.06 13.67 -4.52
C PHE A 124 1.88 12.37 -4.62
N HIS A 125 2.31 11.80 -3.49
CA HIS A 125 3.18 10.60 -3.43
C HIS A 125 2.59 9.45 -2.59
N THR A 126 1.26 9.40 -2.46
CA THR A 126 0.50 8.50 -1.58
C THR A 126 -0.72 7.88 -2.26
N TYR A 127 -1.18 6.75 -1.73
CA TYR A 127 -2.44 6.07 -2.09
C TYR A 127 -2.87 5.09 -0.99
N HIS A 128 -3.95 4.34 -1.23
CA HIS A 128 -4.66 3.51 -0.23
C HIS A 128 -4.87 2.07 -0.69
N VAL A 129 -4.68 1.11 0.23
CA VAL A 129 -4.71 -0.34 -0.06
C VAL A 129 -5.62 -1.13 0.90
N GLY A 130 -6.32 -2.14 0.36
CA GLY A 130 -7.16 -3.10 1.11
C GLY A 130 -8.50 -2.55 1.62
N ASP A 131 -9.35 -3.44 2.19
CA ASP A 131 -10.70 -3.08 2.69
C ASP A 131 -10.68 -2.10 3.89
N ASN A 132 -9.57 -2.06 4.63
CA ASN A 132 -9.32 -1.07 5.69
C ASN A 132 -8.64 0.22 5.19
N GLU A 133 -8.36 0.36 3.89
CA GLU A 133 -7.95 1.60 3.21
C GLU A 133 -6.66 2.25 3.77
N VAL A 134 -5.63 1.42 4.00
CA VAL A 134 -4.39 1.79 4.71
C VAL A 134 -3.49 2.71 3.87
N LEU A 135 -2.91 3.73 4.50
CA LEU A 135 -2.07 4.76 3.86
C LEU A 135 -0.62 4.29 3.60
N VAL A 136 -0.16 4.39 2.35
CA VAL A 136 1.17 3.97 1.87
C VAL A 136 1.76 5.00 0.91
N HIS A 137 3.10 5.00 0.75
CA HIS A 137 3.84 5.93 -0.10
C HIS A 137 4.36 5.24 -1.38
N ASN A 138 4.41 5.94 -2.52
CA ASN A 138 4.91 5.38 -3.79
C ASN A 138 6.43 5.39 -3.95
N SER A 1 16.71 -2.81 -2.33
CA SER A 1 15.44 -2.37 -1.74
C SER A 1 14.34 -2.43 -2.78
N MET A 2 13.21 -3.08 -2.47
CA MET A 2 12.15 -3.40 -3.45
C MET A 2 10.76 -3.00 -2.93
N LYS A 3 9.96 -2.29 -3.74
CA LYS A 3 8.68 -1.70 -3.32
C LYS A 3 7.51 -2.08 -4.23
N ALA A 4 6.65 -3.00 -3.78
CA ALA A 4 5.45 -3.43 -4.51
C ALA A 4 4.42 -4.16 -3.63
N PHE A 5 3.27 -4.56 -4.22
CA PHE A 5 2.30 -5.51 -3.66
C PHE A 5 2.04 -6.66 -4.63
N VAL A 6 1.57 -7.81 -4.14
CA VAL A 6 1.17 -8.93 -4.99
C VAL A 6 -0.05 -8.60 -5.84
N ALA A 7 -0.19 -9.33 -6.96
CA ALA A 7 -1.39 -9.34 -7.79
C ALA A 7 -2.67 -9.52 -6.95
N GLY A 8 -3.81 -8.99 -7.40
CA GLY A 8 -5.07 -9.01 -6.64
C GLY A 8 -5.14 -8.08 -5.41
N THR A 9 -4.08 -7.35 -5.02
CA THR A 9 -4.18 -6.32 -3.97
C THR A 9 -5.08 -5.18 -4.44
N MET A 10 -6.13 -4.84 -3.69
CA MET A 10 -7.13 -3.84 -4.05
C MET A 10 -6.61 -2.41 -3.81
N ILE A 11 -7.00 -1.49 -4.69
CA ILE A 11 -6.66 -0.06 -4.65
C ILE A 11 -7.94 0.78 -4.66
N LEU A 12 -8.01 1.80 -3.80
CA LEU A 12 -9.15 2.72 -3.71
C LEU A 12 -9.19 3.71 -4.89
N THR A 13 -10.29 3.70 -5.63
CA THR A 13 -10.51 4.57 -6.80
C THR A 13 -11.69 5.51 -6.59
N ALA A 14 -11.88 6.47 -7.52
CA ALA A 14 -13.04 7.36 -7.56
C ALA A 14 -14.36 6.61 -7.88
N THR A 15 -14.26 5.39 -8.44
CA THR A 15 -15.37 4.52 -8.87
C THR A 15 -15.62 3.32 -7.93
N GLY A 16 -14.64 2.94 -7.10
CA GLY A 16 -14.75 1.91 -6.08
C GLY A 16 -13.42 1.27 -5.72
N LEU A 17 -13.20 0.04 -6.19
CA LEU A 17 -11.96 -0.74 -6.06
C LEU A 17 -11.55 -1.38 -7.39
N VAL A 18 -10.23 -1.37 -7.66
CA VAL A 18 -9.57 -2.04 -8.80
C VAL A 18 -8.32 -2.74 -8.28
N ALA A 19 -7.95 -3.90 -8.84
CA ALA A 19 -6.70 -4.58 -8.47
C ALA A 19 -5.48 -3.78 -8.93
N ILE A 20 -4.37 -3.84 -8.19
CA ILE A 20 -3.13 -3.12 -8.53
C ILE A 20 -2.56 -3.55 -9.89
N GLU A 21 -2.77 -4.81 -10.30
CA GLU A 21 -2.41 -5.31 -11.62
C GLU A 21 -3.24 -4.70 -12.78
N ASN A 22 -4.40 -4.10 -12.44
CA ASN A 22 -5.40 -3.56 -13.36
C ASN A 22 -5.43 -2.03 -13.39
N ILE A 23 -4.74 -1.35 -12.45
CA ILE A 23 -4.36 0.06 -12.59
C ILE A 23 -3.40 0.24 -13.77
N LYS A 24 -3.61 1.29 -14.58
CA LYS A 24 -2.76 1.74 -15.71
C LYS A 24 -2.39 3.21 -15.56
N ALA A 25 -1.36 3.65 -16.28
CA ALA A 25 -1.03 5.06 -16.46
C ALA A 25 -2.15 5.79 -17.22
N GLY A 26 -2.61 6.92 -16.70
CA GLY A 26 -3.81 7.60 -17.20
C GLY A 26 -5.12 7.06 -16.62
N ASP A 27 -5.06 6.31 -15.53
CA ASP A 27 -6.19 6.11 -14.59
C ASP A 27 -6.09 7.09 -13.40
N LYS A 28 -7.04 7.02 -12.47
CA LYS A 28 -7.11 7.83 -11.25
C LYS A 28 -7.30 6.99 -10.00
N VAL A 29 -6.71 7.42 -8.88
CA VAL A 29 -6.74 6.77 -7.56
C VAL A 29 -6.92 7.80 -6.45
N ILE A 30 -7.39 7.37 -5.28
CA ILE A 30 -7.36 8.22 -4.08
C ILE A 30 -5.96 8.28 -3.47
N ALA A 31 -5.58 9.45 -2.98
CA ALA A 31 -4.35 9.67 -2.24
C ALA A 31 -4.62 10.60 -1.05
N THR A 32 -4.22 10.17 0.15
CA THR A 32 -4.04 11.13 1.27
C THR A 32 -2.70 11.85 1.09
N ASN A 33 -2.71 13.15 0.83
CA ASN A 33 -1.51 13.99 0.81
C ASN A 33 -0.69 13.83 2.12
N PRO A 34 0.54 13.28 2.11
CA PRO A 34 1.35 13.12 3.32
C PRO A 34 1.75 14.44 3.98
N GLU A 35 1.58 15.58 3.30
CA GLU A 35 2.07 16.89 3.74
C GLU A 35 1.12 17.63 4.70
N THR A 36 -0.19 17.51 4.47
CA THR A 36 -1.26 18.17 5.26
C THR A 36 -2.40 17.21 5.65
N PHE A 37 -2.34 15.97 5.14
CA PHE A 37 -3.37 14.93 5.28
C PHE A 37 -4.72 15.22 4.60
N GLU A 38 -4.66 15.98 3.50
CA GLU A 38 -5.81 16.26 2.63
C GLU A 38 -6.08 15.06 1.69
N VAL A 39 -7.32 14.59 1.59
CA VAL A 39 -7.67 13.42 0.76
C VAL A 39 -8.32 13.88 -0.55
N ALA A 40 -7.82 13.39 -1.69
CA ALA A 40 -8.31 13.73 -3.03
C ALA A 40 -8.10 12.60 -4.05
N GLU A 41 -8.75 12.71 -5.22
CA GLU A 41 -8.42 11.95 -6.43
C GLU A 41 -7.18 12.55 -7.13
N LYS A 42 -6.28 11.72 -7.65
CA LYS A 42 -5.15 12.10 -8.51
C LYS A 42 -4.91 11.04 -9.61
N THR A 43 -4.31 11.44 -10.73
CA THR A 43 -3.97 10.53 -11.85
C THR A 43 -2.62 9.81 -11.67
N VAL A 44 -2.49 8.67 -12.36
CA VAL A 44 -1.30 7.80 -12.37
C VAL A 44 -0.39 8.15 -13.55
N LEU A 45 0.88 8.47 -13.28
CA LEU A 45 1.86 8.83 -14.33
C LEU A 45 2.47 7.61 -15.02
N GLU A 46 2.85 6.61 -14.24
CA GLU A 46 3.48 5.35 -14.66
C GLU A 46 3.03 4.21 -13.76
N THR A 47 3.09 3.01 -14.33
CA THR A 47 2.86 1.74 -13.64
C THR A 47 4.07 0.81 -13.77
N TYR A 48 4.53 0.30 -12.64
CA TYR A 48 5.70 -0.57 -12.48
C TYR A 48 5.37 -2.02 -12.14
N VAL A 49 6.24 -2.92 -12.60
CA VAL A 49 6.15 -4.39 -12.36
C VAL A 49 7.52 -5.02 -12.07
N ARG A 50 7.55 -5.96 -11.12
CA ARG A 50 8.66 -6.83 -10.72
C ARG A 50 8.21 -8.28 -10.45
N GLU A 51 9.16 -9.12 -10.09
CA GLU A 51 8.96 -10.46 -9.52
C GLU A 51 9.80 -10.71 -8.26
N THR A 52 9.29 -11.52 -7.32
CA THR A 52 10.03 -12.03 -6.16
C THR A 52 9.48 -13.37 -5.68
N THR A 53 10.35 -14.23 -5.12
CA THR A 53 9.96 -15.41 -4.33
C THR A 53 9.73 -15.09 -2.84
N GLU A 54 10.21 -13.95 -2.36
CA GLU A 54 10.14 -13.55 -0.95
C GLU A 54 9.08 -12.46 -0.75
N LEU A 55 8.04 -12.80 0.00
CA LEU A 55 6.90 -11.93 0.34
C LEU A 55 6.79 -11.67 1.85
N LEU A 56 5.90 -10.74 2.21
CA LEU A 56 5.60 -10.34 3.59
C LEU A 56 4.10 -10.08 3.74
N HIS A 57 3.45 -10.57 4.80
CA HIS A 57 2.02 -10.40 5.06
C HIS A 57 1.80 -9.56 6.32
N LEU A 58 1.12 -8.41 6.22
CA LEU A 58 0.74 -7.58 7.36
C LEU A 58 -0.77 -7.66 7.58
N THR A 59 -1.20 -7.92 8.82
CA THR A 59 -2.61 -7.91 9.23
C THR A 59 -2.89 -6.64 10.01
N ILE A 60 -3.78 -5.81 9.50
CA ILE A 60 -4.11 -4.47 10.02
C ILE A 60 -5.64 -4.32 10.12
N GLY A 61 -6.16 -4.09 11.33
CA GLY A 61 -7.61 -3.91 11.55
C GLY A 61 -8.49 -5.08 11.07
N GLY A 62 -7.94 -6.30 10.99
CA GLY A 62 -8.60 -7.51 10.50
C GLY A 62 -8.49 -7.77 8.98
N GLU A 63 -7.92 -6.85 8.20
CA GLU A 63 -7.50 -7.06 6.82
C GLU A 63 -6.04 -7.52 6.78
N VAL A 64 -5.73 -8.58 6.06
CA VAL A 64 -4.35 -8.92 5.65
C VAL A 64 -3.99 -8.38 4.26
N ILE A 65 -2.77 -7.85 4.12
CA ILE A 65 -2.23 -7.24 2.90
C ILE A 65 -0.81 -7.80 2.64
N LYS A 66 -0.51 -8.16 1.38
CA LYS A 66 0.62 -9.02 1.00
C LYS A 66 1.62 -8.25 0.11
N THR A 67 2.80 -7.97 0.65
CA THR A 67 3.68 -6.86 0.21
C THR A 67 5.16 -7.25 0.13
N THR A 68 6.03 -6.33 -0.31
CA THR A 68 7.49 -6.48 -0.23
C THR A 68 8.05 -5.99 1.10
N PHE A 69 9.22 -6.49 1.49
CA PHE A 69 9.81 -6.22 2.80
C PHE A 69 10.16 -4.74 3.02
N ASP A 70 10.38 -3.96 1.94
CA ASP A 70 10.76 -2.53 2.06
C ASP A 70 9.58 -1.57 1.85
N HIS A 71 8.35 -2.07 1.65
CA HIS A 71 7.20 -1.21 1.32
C HIS A 71 6.92 -0.16 2.43
N PRO A 72 6.94 1.16 2.16
CA PRO A 72 6.74 2.18 3.19
C PRO A 72 5.27 2.37 3.58
N PHE A 73 4.95 2.02 4.82
CA PHE A 73 3.66 2.31 5.48
C PHE A 73 3.75 3.58 6.33
N TYR A 74 2.67 4.35 6.42
CA TYR A 74 2.64 5.60 7.22
C TYR A 74 2.18 5.36 8.67
N VAL A 75 2.96 5.89 9.62
CA VAL A 75 2.79 5.80 11.08
C VAL A 75 2.35 7.16 11.65
N LYS A 76 1.32 7.13 12.50
CA LYS A 76 0.74 8.31 13.16
C LYS A 76 1.79 9.13 13.91
N ASP A 77 1.91 10.40 13.54
CA ASP A 77 2.85 11.41 14.08
C ASP A 77 4.34 11.02 14.07
N VAL A 78 4.73 10.13 13.15
CA VAL A 78 6.08 9.56 13.03
C VAL A 78 6.60 9.71 11.60
N GLY A 79 5.85 9.20 10.62
CA GLY A 79 6.24 9.23 9.21
C GLY A 79 6.18 7.85 8.57
N PHE A 80 6.94 7.59 7.50
CA PHE A 80 6.91 6.30 6.81
C PHE A 80 8.03 5.33 7.25
N VAL A 81 7.73 4.03 7.15
CA VAL A 81 8.60 2.92 7.59
C VAL A 81 8.39 1.67 6.73
N GLU A 82 9.47 0.94 6.42
CA GLU A 82 9.41 -0.36 5.76
C GLU A 82 8.50 -1.37 6.50
N ALA A 83 7.66 -2.08 5.75
CA ALA A 83 6.73 -3.08 6.28
C ALA A 83 7.44 -4.18 7.11
N GLY A 84 8.65 -4.60 6.70
CA GLY A 84 9.46 -5.56 7.43
C GLY A 84 9.99 -5.06 8.78
N LYS A 85 10.02 -3.73 8.97
CA LYS A 85 10.47 -3.05 10.20
C LYS A 85 9.33 -2.64 11.14
N LEU A 86 8.07 -2.88 10.77
CA LEU A 86 6.90 -2.63 11.64
C LEU A 86 6.87 -3.55 12.86
N GLN A 87 6.15 -3.15 13.90
CA GLN A 87 5.82 -3.94 15.09
C GLN A 87 4.32 -4.13 15.23
N VAL A 88 3.92 -5.23 15.88
CA VAL A 88 2.53 -5.45 16.29
C VAL A 88 2.13 -4.41 17.33
N GLY A 89 0.93 -3.87 17.17
CA GLY A 89 0.37 -2.85 18.05
C GLY A 89 0.77 -1.41 17.74
N ASP A 90 1.52 -1.15 16.66
CA ASP A 90 1.84 0.21 16.23
C ASP A 90 0.72 0.84 15.39
N LYS A 91 0.71 2.17 15.33
CA LYS A 91 -0.42 3.00 14.89
C LYS A 91 -0.25 3.49 13.44
N LEU A 92 -1.02 2.92 12.51
CA LEU A 92 -1.10 3.32 11.09
C LEU A 92 -2.32 4.22 10.85
N LEU A 93 -2.58 4.63 9.60
CA LEU A 93 -3.75 5.45 9.21
C LEU A 93 -4.49 4.92 7.97
N ASP A 94 -5.78 5.25 7.90
CA ASP A 94 -6.66 4.93 6.77
C ASP A 94 -7.02 6.14 5.86
N SER A 95 -7.77 5.86 4.81
CA SER A 95 -8.36 6.79 3.82
C SER A 95 -9.26 7.91 4.35
N ARG A 96 -9.58 7.91 5.65
CA ARG A 96 -10.35 8.96 6.35
C ARG A 96 -9.55 9.62 7.47
N GLY A 97 -8.46 9.00 7.94
CA GLY A 97 -7.56 9.50 8.98
C GLY A 97 -7.83 8.87 10.35
N ASN A 98 -8.52 7.72 10.39
CA ASN A 98 -8.69 6.91 11.59
C ASN A 98 -7.37 6.20 11.93
N VAL A 99 -7.07 6.06 13.23
CA VAL A 99 -5.93 5.25 13.69
C VAL A 99 -6.20 3.75 13.47
N LEU A 100 -5.41 3.13 12.60
CA LEU A 100 -5.34 1.69 12.43
C LEU A 100 -4.24 1.09 13.32
N VAL A 101 -4.34 -0.21 13.61
CA VAL A 101 -3.40 -0.95 14.46
C VAL A 101 -2.97 -2.25 13.78
N VAL A 102 -1.69 -2.59 13.87
CA VAL A 102 -1.15 -3.87 13.40
C VAL A 102 -1.62 -4.99 14.33
N GLU A 103 -2.41 -5.91 13.79
CA GLU A 103 -2.87 -7.14 14.46
C GLU A 103 -1.78 -8.22 14.45
N GLU A 104 -1.05 -8.39 13.33
CA GLU A 104 0.02 -9.38 13.17
C GLU A 104 0.98 -9.03 12.00
N LYS A 105 2.24 -9.49 12.06
CA LYS A 105 3.16 -9.63 10.93
C LYS A 105 3.45 -11.12 10.67
N LYS A 106 3.38 -11.51 9.41
CA LYS A 106 3.63 -12.85 8.85
C LYS A 106 4.57 -12.76 7.65
N LEU A 107 5.20 -13.87 7.26
CA LEU A 107 6.15 -13.97 6.15
C LEU A 107 6.04 -15.34 5.46
N GLU A 108 6.09 -15.42 4.14
CA GLU A 108 6.25 -16.68 3.41
C GLU A 108 7.24 -16.58 2.25
N ILE A 109 7.90 -17.70 1.94
CA ILE A 109 8.72 -17.86 0.74
C ILE A 109 7.93 -18.70 -0.27
N ALA A 110 7.61 -18.12 -1.40
CA ALA A 110 7.04 -18.81 -2.57
C ALA A 110 8.08 -19.71 -3.25
N ASP A 111 7.63 -20.85 -3.78
CA ASP A 111 8.51 -21.85 -4.42
C ASP A 111 8.98 -21.39 -5.82
N LYS A 112 8.27 -20.44 -6.44
CA LYS A 112 8.59 -19.80 -7.72
C LYS A 112 8.26 -18.30 -7.68
N PRO A 113 8.91 -17.45 -8.52
CA PRO A 113 8.69 -16.01 -8.50
C PRO A 113 7.23 -15.61 -8.80
N VAL A 114 6.65 -14.85 -7.88
CA VAL A 114 5.32 -14.21 -7.99
C VAL A 114 5.49 -12.78 -8.53
N LYS A 115 4.57 -12.32 -9.39
CA LYS A 115 4.58 -10.94 -9.90
C LYS A 115 4.05 -9.95 -8.86
N VAL A 116 4.68 -8.78 -8.84
CA VAL A 116 4.36 -7.68 -7.92
C VAL A 116 4.30 -6.36 -8.67
N TYR A 117 3.42 -5.46 -8.22
CA TYR A 117 3.02 -4.25 -8.93
C TYR A 117 3.13 -3.01 -8.03
N ASN A 118 3.39 -1.85 -8.63
CA ASN A 118 3.48 -0.54 -7.98
C ASN A 118 3.21 0.58 -9.02
N PHE A 119 3.03 1.83 -8.61
CA PHE A 119 2.83 2.98 -9.51
C PHE A 119 3.24 4.31 -8.85
N LYS A 120 3.30 5.41 -9.64
CA LYS A 120 3.55 6.77 -9.13
C LYS A 120 2.47 7.79 -9.50
N VAL A 121 2.17 8.70 -8.57
CA VAL A 121 1.04 9.65 -8.61
C VAL A 121 1.47 11.07 -9.05
N ASP A 122 0.54 11.81 -9.67
CA ASP A 122 0.74 13.09 -10.38
C ASP A 122 1.23 14.30 -9.54
N ASP A 123 0.94 14.37 -8.24
CA ASP A 123 1.41 15.48 -7.36
C ASP A 123 1.50 15.09 -5.88
N PHE A 124 0.57 14.24 -5.42
CA PHE A 124 0.71 13.52 -4.16
C PHE A 124 1.68 12.34 -4.35
N HIS A 125 2.18 11.77 -3.27
CA HIS A 125 3.20 10.70 -3.27
C HIS A 125 2.72 9.44 -2.54
N THR A 126 1.43 9.14 -2.61
CA THR A 126 0.72 8.19 -1.76
C THR A 126 -0.46 7.54 -2.47
N TYR A 127 -0.94 6.42 -1.94
CA TYR A 127 -2.17 5.73 -2.36
C TYR A 127 -2.72 4.86 -1.22
N HIS A 128 -3.90 4.26 -1.41
CA HIS A 128 -4.60 3.45 -0.41
C HIS A 128 -4.81 2.01 -0.86
N VAL A 129 -4.55 1.05 0.03
CA VAL A 129 -4.60 -0.40 -0.23
C VAL A 129 -5.65 -1.10 0.64
N GLY A 130 -6.40 -2.03 0.05
CA GLY A 130 -7.31 -2.96 0.75
C GLY A 130 -8.75 -2.45 1.04
N ASP A 131 -9.52 -3.23 1.80
CA ASP A 131 -10.86 -2.87 2.29
C ASP A 131 -10.81 -2.03 3.57
N ASN A 132 -9.72 -2.10 4.34
CA ASN A 132 -9.39 -1.17 5.41
C ASN A 132 -8.68 0.10 4.92
N GLU A 133 -8.26 0.16 3.64
CA GLU A 133 -7.85 1.38 2.93
C GLU A 133 -6.64 2.09 3.57
N VAL A 134 -5.56 1.32 3.83
CA VAL A 134 -4.35 1.76 4.56
C VAL A 134 -3.44 2.63 3.69
N LEU A 135 -2.78 3.63 4.31
CA LEU A 135 -1.90 4.61 3.65
C LEU A 135 -0.43 4.13 3.46
N VAL A 136 0.08 4.27 2.22
CA VAL A 136 1.44 3.89 1.78
C VAL A 136 2.07 4.93 0.85
N HIS A 137 3.40 4.95 0.73
CA HIS A 137 4.18 6.03 0.06
C HIS A 137 4.99 5.55 -1.17
N ASN A 138 4.74 6.16 -2.34
CA ASN A 138 5.32 5.77 -3.64
C ASN A 138 6.75 6.27 -3.89
N SER A 1 15.22 -2.64 -1.54
CA SER A 1 14.80 -1.61 -2.50
C SER A 1 13.87 -2.22 -3.54
N MET A 2 12.69 -2.63 -3.10
CA MET A 2 11.63 -3.22 -3.90
C MET A 2 10.30 -2.95 -3.19
N LYS A 3 9.41 -2.15 -3.79
CA LYS A 3 8.28 -1.52 -3.09
C LYS A 3 6.96 -1.74 -3.85
N ALA A 4 6.40 -2.94 -3.73
CA ALA A 4 5.26 -3.42 -4.55
C ALA A 4 4.24 -4.26 -3.74
N PHE A 5 3.12 -4.64 -4.36
CA PHE A 5 2.11 -5.56 -3.81
C PHE A 5 1.84 -6.73 -4.76
N VAL A 6 1.40 -7.87 -4.22
CA VAL A 6 0.97 -9.03 -5.03
C VAL A 6 -0.34 -8.73 -5.79
N ALA A 7 -0.59 -9.51 -6.85
CA ALA A 7 -1.81 -9.43 -7.64
C ALA A 7 -3.08 -9.58 -6.78
N GLY A 8 -4.18 -8.98 -7.26
CA GLY A 8 -5.45 -8.87 -6.54
C GLY A 8 -5.50 -7.85 -5.39
N THR A 9 -4.38 -7.20 -5.00
CA THR A 9 -4.41 -6.11 -4.01
C THR A 9 -5.25 -4.94 -4.50
N MET A 10 -6.28 -4.58 -3.74
CA MET A 10 -7.22 -3.51 -4.07
C MET A 10 -6.64 -2.12 -3.81
N ILE A 11 -6.97 -1.16 -4.69
CA ILE A 11 -6.60 0.26 -4.63
C ILE A 11 -7.87 1.13 -4.62
N LEU A 12 -7.92 2.17 -3.79
CA LEU A 12 -9.08 3.08 -3.68
C LEU A 12 -9.19 4.06 -4.86
N THR A 13 -10.37 4.09 -5.49
CA THR A 13 -10.68 4.95 -6.65
C THR A 13 -11.94 5.78 -6.41
N ALA A 14 -12.24 6.73 -7.31
CA ALA A 14 -13.46 7.54 -7.28
C ALA A 14 -14.74 6.73 -7.49
N THR A 15 -14.66 5.51 -8.05
CA THR A 15 -15.81 4.64 -8.29
C THR A 15 -15.92 3.50 -7.29
N GLY A 16 -14.81 3.08 -6.68
CA GLY A 16 -14.79 2.01 -5.70
C GLY A 16 -13.38 1.47 -5.46
N LEU A 17 -13.12 0.27 -5.96
CA LEU A 17 -11.83 -0.41 -5.87
C LEU A 17 -11.42 -1.03 -7.22
N VAL A 18 -10.13 -0.92 -7.55
CA VAL A 18 -9.49 -1.58 -8.71
C VAL A 18 -8.27 -2.37 -8.24
N ALA A 19 -8.01 -3.56 -8.80
CA ALA A 19 -6.81 -4.32 -8.46
C ALA A 19 -5.56 -3.64 -9.02
N ILE A 20 -4.43 -3.75 -8.32
CA ILE A 20 -3.17 -3.15 -8.74
C ILE A 20 -2.67 -3.64 -10.12
N GLU A 21 -3.04 -4.86 -10.50
CA GLU A 21 -2.79 -5.46 -11.82
C GLU A 21 -3.69 -4.90 -12.95
N ASN A 22 -4.67 -4.07 -12.59
CA ASN A 22 -5.67 -3.48 -13.49
C ASN A 22 -5.58 -1.93 -13.54
N ILE A 23 -4.84 -1.30 -12.63
CA ILE A 23 -4.42 0.12 -12.78
C ILE A 23 -3.46 0.27 -13.97
N LYS A 24 -3.73 1.27 -14.82
CA LYS A 24 -2.90 1.70 -15.96
C LYS A 24 -2.41 3.14 -15.80
N ALA A 25 -1.37 3.53 -16.55
CA ALA A 25 -1.00 4.94 -16.68
C ALA A 25 -2.16 5.75 -17.31
N GLY A 26 -2.42 6.95 -16.80
CA GLY A 26 -3.59 7.75 -17.18
C GLY A 26 -4.90 7.34 -16.49
N ASP A 27 -4.85 6.39 -15.55
CA ASP A 27 -5.93 6.17 -14.58
C ASP A 27 -5.71 7.09 -13.37
N LYS A 28 -6.79 7.37 -12.62
CA LYS A 28 -6.78 8.25 -11.45
C LYS A 28 -7.17 7.49 -10.18
N VAL A 29 -6.51 7.79 -9.06
CA VAL A 29 -6.68 7.14 -7.75
C VAL A 29 -6.78 8.17 -6.62
N ILE A 30 -7.34 7.77 -5.47
CA ILE A 30 -7.34 8.61 -4.26
C ILE A 30 -5.95 8.69 -3.63
N ALA A 31 -5.62 9.85 -3.07
CA ALA A 31 -4.40 10.10 -2.34
C ALA A 31 -4.71 11.02 -1.14
N THR A 32 -4.32 10.59 0.06
CA THR A 32 -4.27 11.48 1.25
C THR A 32 -2.93 12.22 1.25
N ASN A 33 -2.95 13.52 1.03
CA ASN A 33 -1.78 14.39 1.23
C ASN A 33 -1.23 14.27 2.68
N PRO A 34 0.00 13.75 2.92
CA PRO A 34 0.55 13.63 4.28
C PRO A 34 0.89 14.98 4.95
N GLU A 35 0.83 16.09 4.20
CA GLU A 35 1.17 17.43 4.69
C GLU A 35 0.04 18.07 5.51
N THR A 36 -1.21 17.90 5.10
CA THR A 36 -2.39 18.52 5.73
C THR A 36 -3.59 17.55 5.86
N PHE A 37 -3.44 16.31 5.36
CA PHE A 37 -4.51 15.31 5.31
C PHE A 37 -5.72 15.77 4.49
N GLU A 38 -5.47 16.44 3.36
CA GLU A 38 -6.46 16.67 2.30
C GLU A 38 -6.52 15.44 1.39
N VAL A 39 -7.71 15.03 0.97
CA VAL A 39 -7.97 13.83 0.17
C VAL A 39 -8.38 14.25 -1.23
N ALA A 40 -7.65 13.81 -2.25
CA ALA A 40 -7.89 14.19 -3.65
C ALA A 40 -7.75 13.01 -4.62
N GLU A 41 -8.29 13.17 -5.82
CA GLU A 41 -8.09 12.27 -6.96
C GLU A 41 -6.91 12.80 -7.81
N LYS A 42 -5.90 11.97 -8.05
CA LYS A 42 -4.69 12.29 -8.85
C LYS A 42 -4.38 11.19 -9.86
N THR A 43 -3.73 11.54 -10.97
CA THR A 43 -3.42 10.63 -12.07
C THR A 43 -2.12 9.83 -11.87
N VAL A 44 -2.07 8.65 -12.49
CA VAL A 44 -0.89 7.77 -12.56
C VAL A 44 -0.03 8.12 -13.78
N LEU A 45 1.27 8.28 -13.58
CA LEU A 45 2.24 8.62 -14.64
C LEU A 45 2.88 7.37 -15.27
N GLU A 46 3.22 6.40 -14.43
CA GLU A 46 3.79 5.11 -14.82
C GLU A 46 3.29 3.99 -13.93
N THR A 47 3.28 2.80 -14.53
CA THR A 47 2.92 1.52 -13.94
C THR A 47 4.08 0.54 -14.14
N TYR A 48 4.53 -0.02 -13.03
CA TYR A 48 5.66 -0.95 -12.91
C TYR A 48 5.30 -2.36 -12.43
N VAL A 49 6.19 -3.32 -12.70
CA VAL A 49 6.08 -4.74 -12.30
C VAL A 49 7.46 -5.34 -11.96
N ARG A 50 7.51 -6.23 -10.97
CA ARG A 50 8.67 -7.05 -10.56
C ARG A 50 8.27 -8.48 -10.14
N GLU A 51 9.24 -9.33 -9.77
CA GLU A 51 9.08 -10.68 -9.21
C GLU A 51 9.94 -10.89 -7.95
N THR A 52 9.45 -11.67 -6.98
CA THR A 52 10.24 -12.15 -5.83
C THR A 52 9.65 -13.44 -5.26
N THR A 53 10.48 -14.28 -4.64
CA THR A 53 10.04 -15.36 -3.75
C THR A 53 9.85 -14.91 -2.30
N GLU A 54 10.37 -13.74 -1.92
CA GLU A 54 10.44 -13.30 -0.52
C GLU A 54 9.32 -12.29 -0.24
N LEU A 55 8.27 -12.70 0.47
CA LEU A 55 7.08 -11.87 0.72
C LEU A 55 6.76 -11.66 2.20
N LEU A 56 5.95 -10.65 2.43
CA LEU A 56 5.49 -10.21 3.74
C LEU A 56 3.96 -10.14 3.80
N HIS A 57 3.38 -10.73 4.84
CA HIS A 57 1.99 -10.53 5.25
C HIS A 57 1.94 -9.59 6.46
N LEU A 58 1.04 -8.61 6.42
CA LEU A 58 0.62 -7.86 7.60
C LEU A 58 -0.91 -7.92 7.70
N THR A 59 -1.45 -8.33 8.85
CA THR A 59 -2.88 -8.19 9.18
C THR A 59 -3.06 -6.88 9.93
N ILE A 60 -3.88 -5.99 9.39
CA ILE A 60 -4.21 -4.68 9.97
C ILE A 60 -5.72 -4.56 10.10
N GLY A 61 -6.25 -4.44 11.33
CA GLY A 61 -7.70 -4.27 11.58
C GLY A 61 -8.61 -5.31 10.88
N GLY A 62 -8.18 -6.58 10.80
CA GLY A 62 -8.92 -7.66 10.15
C GLY A 62 -8.73 -7.78 8.63
N GLU A 63 -7.92 -6.92 8.00
CA GLU A 63 -7.52 -7.03 6.60
C GLU A 63 -6.03 -7.41 6.50
N VAL A 64 -5.72 -8.54 5.85
CA VAL A 64 -4.34 -8.92 5.51
C VAL A 64 -3.94 -8.35 4.15
N ILE A 65 -2.79 -7.67 4.13
CA ILE A 65 -2.19 -7.04 2.96
C ILE A 65 -0.82 -7.69 2.71
N LYS A 66 -0.60 -8.15 1.47
CA LYS A 66 0.54 -8.97 1.05
C LYS A 66 1.51 -8.13 0.20
N THR A 67 2.68 -7.84 0.74
CA THR A 67 3.57 -6.76 0.26
C THR A 67 5.05 -7.17 0.27
N THR A 68 5.93 -6.30 -0.22
CA THR A 68 7.39 -6.48 -0.12
C THR A 68 7.93 -6.02 1.24
N PHE A 69 9.04 -6.62 1.67
CA PHE A 69 9.61 -6.42 3.00
C PHE A 69 10.14 -4.98 3.23
N ASP A 70 10.40 -4.22 2.17
CA ASP A 70 10.82 -2.81 2.24
C ASP A 70 9.77 -1.78 1.74
N HIS A 71 8.49 -2.19 1.63
CA HIS A 71 7.38 -1.30 1.23
C HIS A 71 7.08 -0.18 2.27
N PRO A 72 6.92 1.11 1.88
CA PRO A 72 6.65 2.22 2.81
C PRO A 72 5.17 2.39 3.22
N PHE A 73 4.89 2.27 4.52
CA PHE A 73 3.57 2.44 5.17
C PHE A 73 3.55 3.62 6.15
N TYR A 74 2.47 4.41 6.22
CA TYR A 74 2.41 5.60 7.12
C TYR A 74 1.99 5.27 8.56
N VAL A 75 2.80 5.72 9.53
CA VAL A 75 2.64 5.57 10.98
C VAL A 75 2.18 6.88 11.63
N LYS A 76 1.20 6.79 12.53
CA LYS A 76 0.70 7.88 13.35
C LYS A 76 1.82 8.60 14.11
N ASP A 77 1.88 9.91 13.95
CA ASP A 77 2.87 10.82 14.56
C ASP A 77 4.35 10.51 14.23
N VAL A 78 4.63 9.74 13.17
CA VAL A 78 6.01 9.38 12.75
C VAL A 78 6.22 9.65 11.27
N GLY A 79 5.41 9.02 10.40
CA GLY A 79 5.61 9.05 8.95
C GLY A 79 5.78 7.66 8.35
N PHE A 80 6.37 7.55 7.15
CA PHE A 80 6.49 6.27 6.45
C PHE A 80 7.65 5.40 6.93
N VAL A 81 7.41 4.08 6.97
CA VAL A 81 8.32 3.03 7.45
C VAL A 81 8.22 1.79 6.58
N GLU A 82 9.30 1.03 6.50
CA GLU A 82 9.34 -0.28 5.83
C GLU A 82 8.45 -1.31 6.55
N ALA A 83 7.58 -1.98 5.79
CA ALA A 83 6.60 -2.92 6.29
C ALA A 83 7.21 -4.07 7.12
N GLY A 84 8.40 -4.56 6.73
CA GLY A 84 9.09 -5.62 7.48
C GLY A 84 9.83 -5.12 8.73
N LYS A 85 9.87 -3.80 8.97
CA LYS A 85 10.43 -3.19 10.19
C LYS A 85 9.35 -2.75 11.20
N LEU A 86 8.06 -2.92 10.87
CA LEU A 86 6.93 -2.80 11.79
C LEU A 86 6.87 -3.96 12.80
N GLN A 87 6.13 -3.73 13.88
CA GLN A 87 5.74 -4.70 14.91
C GLN A 87 4.22 -4.77 15.08
N VAL A 88 3.72 -5.83 15.74
CA VAL A 88 2.34 -5.93 16.22
C VAL A 88 2.07 -4.85 17.27
N GLY A 89 0.87 -4.27 17.25
CA GLY A 89 0.51 -3.16 18.13
C GLY A 89 1.01 -1.79 17.67
N ASP A 90 1.57 -1.68 16.46
CA ASP A 90 1.98 -0.42 15.83
C ASP A 90 0.80 0.24 15.09
N LYS A 91 0.83 1.57 14.97
CA LYS A 91 -0.33 2.41 14.63
C LYS A 91 -0.23 2.99 13.22
N LEU A 92 -1.06 2.51 12.30
CA LEU A 92 -1.12 2.97 10.90
C LEU A 92 -2.38 3.83 10.65
N LEU A 93 -2.51 4.46 9.48
CA LEU A 93 -3.66 5.31 9.12
C LEU A 93 -4.38 4.88 7.84
N ASP A 94 -5.63 5.33 7.71
CA ASP A 94 -6.52 5.08 6.58
C ASP A 94 -6.90 6.35 5.78
N SER A 95 -7.81 6.21 4.81
CA SER A 95 -8.36 7.29 3.98
C SER A 95 -9.08 8.43 4.75
N ARG A 96 -9.44 8.27 6.02
CA ARG A 96 -9.94 9.36 6.90
C ARG A 96 -8.85 9.96 7.81
N GLY A 97 -7.70 9.31 7.92
CA GLY A 97 -6.61 9.67 8.83
C GLY A 97 -6.80 9.04 10.21
N ASN A 98 -7.57 7.96 10.29
CA ASN A 98 -8.01 7.34 11.52
C ASN A 98 -7.14 6.15 11.92
N VAL A 99 -6.84 6.02 13.22
CA VAL A 99 -5.86 5.05 13.76
C VAL A 99 -6.31 3.60 13.59
N LEU A 100 -5.58 2.89 12.72
CA LEU A 100 -5.50 1.44 12.60
C LEU A 100 -4.37 0.86 13.47
N VAL A 101 -4.44 -0.44 13.75
CA VAL A 101 -3.42 -1.18 14.52
C VAL A 101 -3.03 -2.47 13.81
N VAL A 102 -1.75 -2.84 13.85
CA VAL A 102 -1.25 -4.13 13.36
C VAL A 102 -1.70 -5.24 14.31
N GLU A 103 -2.43 -6.21 13.77
CA GLU A 103 -2.95 -7.40 14.46
C GLU A 103 -1.95 -8.58 14.43
N GLU A 104 -1.23 -8.73 13.32
CA GLU A 104 -0.27 -9.82 13.07
C GLU A 104 0.73 -9.46 11.95
N LYS A 105 1.94 -10.02 12.00
CA LYS A 105 2.99 -9.96 10.97
C LYS A 105 3.51 -11.37 10.65
N LYS A 106 3.76 -11.64 9.37
CA LYS A 106 4.31 -12.93 8.86
C LYS A 106 5.27 -12.71 7.69
N LEU A 107 6.37 -13.45 7.66
CA LEU A 107 7.32 -13.57 6.55
C LEU A 107 7.32 -15.02 6.04
N GLU A 108 7.31 -15.22 4.72
CA GLU A 108 7.49 -16.54 4.10
C GLU A 108 8.24 -16.47 2.77
N ILE A 109 8.90 -17.59 2.45
CA ILE A 109 9.45 -17.85 1.12
C ILE A 109 8.41 -18.62 0.29
N ALA A 110 8.03 -18.04 -0.83
CA ALA A 110 7.17 -18.65 -1.85
C ALA A 110 7.82 -19.86 -2.55
N ASP A 111 6.98 -20.83 -2.98
CA ASP A 111 7.41 -22.00 -3.75
C ASP A 111 8.02 -21.64 -5.12
N LYS A 112 7.55 -20.52 -5.70
CA LYS A 112 7.93 -19.96 -7.01
C LYS A 112 7.83 -18.42 -6.96
N PRO A 113 8.60 -17.67 -7.78
CA PRO A 113 8.58 -16.20 -7.82
C PRO A 113 7.19 -15.67 -8.18
N VAL A 114 6.63 -14.86 -7.28
CA VAL A 114 5.32 -14.22 -7.43
C VAL A 114 5.50 -12.84 -8.07
N LYS A 115 4.62 -12.49 -9.02
CA LYS A 115 4.56 -11.18 -9.67
C LYS A 115 3.99 -10.14 -8.72
N VAL A 116 4.57 -8.95 -8.75
CA VAL A 116 4.22 -7.83 -7.88
C VAL A 116 4.21 -6.52 -8.68
N TYR A 117 3.28 -5.63 -8.34
CA TYR A 117 2.96 -4.43 -9.11
C TYR A 117 3.14 -3.17 -8.25
N ASN A 118 3.51 -2.04 -8.87
CA ASN A 118 3.59 -0.72 -8.25
C ASN A 118 3.38 0.41 -9.28
N PHE A 119 3.14 1.64 -8.83
CA PHE A 119 2.95 2.80 -9.73
C PHE A 119 3.40 4.12 -9.08
N LYS A 120 3.52 5.18 -9.89
CA LYS A 120 3.86 6.54 -9.43
C LYS A 120 2.73 7.58 -9.66
N VAL A 121 2.57 8.50 -8.72
CA VAL A 121 1.49 9.52 -8.64
C VAL A 121 1.97 10.88 -9.14
N ASP A 122 1.09 11.62 -9.83
CA ASP A 122 1.35 12.95 -10.40
C ASP A 122 1.77 14.00 -9.35
N ASP A 123 0.81 14.52 -8.58
CA ASP A 123 1.02 15.76 -7.79
C ASP A 123 0.89 15.58 -6.28
N PHE A 124 0.40 14.42 -5.84
CA PHE A 124 0.52 13.90 -4.47
C PHE A 124 1.57 12.77 -4.44
N HIS A 125 1.95 12.30 -3.26
CA HIS A 125 3.01 11.32 -2.99
C HIS A 125 2.48 9.99 -2.40
N THR A 126 1.18 9.74 -2.45
CA THR A 126 0.50 8.70 -1.65
C THR A 126 -0.65 8.03 -2.40
N TYR A 127 -1.08 6.86 -1.91
CA TYR A 127 -2.27 6.13 -2.35
C TYR A 127 -2.77 5.19 -1.23
N HIS A 128 -3.93 4.56 -1.43
CA HIS A 128 -4.61 3.73 -0.41
C HIS A 128 -4.80 2.28 -0.88
N VAL A 129 -4.54 1.29 -0.01
CA VAL A 129 -4.53 -0.15 -0.33
C VAL A 129 -5.39 -0.99 0.62
N GLY A 130 -5.96 -2.08 0.09
CA GLY A 130 -6.71 -3.10 0.84
C GLY A 130 -8.08 -2.65 1.36
N ASP A 131 -8.82 -3.57 1.97
CA ASP A 131 -10.20 -3.34 2.44
C ASP A 131 -10.32 -2.26 3.51
N ASN A 132 -9.26 -2.07 4.31
CA ASN A 132 -9.17 -1.03 5.32
C ASN A 132 -8.60 0.31 4.81
N GLU A 133 -8.34 0.43 3.50
CA GLU A 133 -8.06 1.70 2.82
C GLU A 133 -6.81 2.41 3.38
N VAL A 134 -5.73 1.65 3.56
CA VAL A 134 -4.53 1.97 4.34
C VAL A 134 -3.55 2.84 3.56
N LEU A 135 -2.95 3.85 4.21
CA LEU A 135 -2.09 4.87 3.59
C LEU A 135 -0.64 4.40 3.36
N VAL A 136 -0.18 4.51 2.10
CA VAL A 136 1.16 4.10 1.63
C VAL A 136 1.77 5.12 0.67
N HIS A 137 3.10 5.09 0.50
CA HIS A 137 3.87 6.12 -0.22
C HIS A 137 4.23 5.74 -1.67
N ASN A 138 4.49 6.75 -2.50
CA ASN A 138 4.89 6.67 -3.92
C ASN A 138 6.23 5.96 -4.14
N SER A 1 16.32 -4.40 -2.49
CA SER A 1 15.08 -3.80 -1.97
C SER A 1 14.00 -3.83 -3.04
N MET A 2 12.73 -3.92 -2.64
CA MET A 2 11.59 -3.86 -3.57
C MET A 2 10.36 -3.20 -2.94
N LYS A 3 9.69 -2.31 -3.67
CA LYS A 3 8.43 -1.64 -3.26
C LYS A 3 7.29 -2.06 -4.20
N ALA A 4 6.51 -3.08 -3.81
CA ALA A 4 5.39 -3.60 -4.61
C ALA A 4 4.35 -4.37 -3.77
N PHE A 5 3.16 -4.65 -4.32
CA PHE A 5 2.13 -5.55 -3.74
C PHE A 5 1.78 -6.70 -4.68
N VAL A 6 1.32 -7.83 -4.15
CA VAL A 6 0.88 -8.97 -4.97
C VAL A 6 -0.44 -8.70 -5.70
N ALA A 7 -0.67 -9.46 -6.77
CA ALA A 7 -1.92 -9.43 -7.54
C ALA A 7 -3.17 -9.60 -6.65
N GLY A 8 -4.26 -8.96 -7.05
CA GLY A 8 -5.50 -8.86 -6.27
C GLY A 8 -5.51 -7.81 -5.15
N THR A 9 -4.39 -7.15 -4.81
CA THR A 9 -4.40 -6.07 -3.79
C THR A 9 -5.28 -4.92 -4.27
N MET A 10 -6.36 -4.61 -3.53
CA MET A 10 -7.34 -3.58 -3.87
C MET A 10 -6.81 -2.17 -3.62
N ILE A 11 -7.13 -1.25 -4.52
CA ILE A 11 -6.71 0.16 -4.55
C ILE A 11 -7.95 1.07 -4.59
N LEU A 12 -7.94 2.14 -3.79
CA LEU A 12 -9.04 3.10 -3.71
C LEU A 12 -9.08 4.06 -4.91
N THR A 13 -10.22 4.12 -5.60
CA THR A 13 -10.43 4.92 -6.82
C THR A 13 -11.65 5.83 -6.71
N ALA A 14 -11.87 6.70 -7.70
CA ALA A 14 -13.13 7.43 -7.83
C ALA A 14 -14.32 6.49 -8.15
N THR A 15 -14.06 5.39 -8.87
CA THR A 15 -15.07 4.41 -9.26
C THR A 15 -15.45 3.48 -8.11
N GLY A 16 -14.50 3.15 -7.22
CA GLY A 16 -14.72 2.42 -5.98
C GLY A 16 -13.43 1.72 -5.50
N LEU A 17 -13.25 0.48 -5.96
CA LEU A 17 -12.03 -0.31 -5.80
C LEU A 17 -11.64 -1.00 -7.12
N VAL A 18 -10.34 -1.02 -7.42
CA VAL A 18 -9.70 -1.71 -8.56
C VAL A 18 -8.47 -2.47 -8.07
N ALA A 19 -8.14 -3.63 -8.64
CA ALA A 19 -6.93 -4.37 -8.28
C ALA A 19 -5.67 -3.64 -8.78
N ILE A 20 -4.56 -3.73 -8.06
CA ILE A 20 -3.31 -3.07 -8.44
C ILE A 20 -2.77 -3.54 -9.80
N GLU A 21 -3.03 -4.80 -10.17
CA GLU A 21 -2.70 -5.34 -11.49
C GLU A 21 -3.51 -4.72 -12.64
N ASN A 22 -4.66 -4.11 -12.31
CA ASN A 22 -5.61 -3.55 -13.27
C ASN A 22 -5.51 -2.02 -13.39
N ILE A 23 -4.88 -1.34 -12.43
CA ILE A 23 -4.45 0.06 -12.57
C ILE A 23 -3.38 0.17 -13.66
N LYS A 24 -3.57 1.05 -14.66
CA LYS A 24 -2.62 1.34 -15.76
C LYS A 24 -2.23 2.82 -15.79
N ALA A 25 -1.06 3.14 -16.35
CA ALA A 25 -0.62 4.52 -16.55
C ALA A 25 -1.64 5.32 -17.38
N GLY A 26 -2.06 6.48 -16.85
CA GLY A 26 -3.19 7.27 -17.36
C GLY A 26 -4.48 7.17 -16.51
N ASP A 27 -4.64 6.13 -15.68
CA ASP A 27 -5.79 6.00 -14.76
C ASP A 27 -5.73 7.00 -13.58
N LYS A 28 -6.75 6.99 -12.72
CA LYS A 28 -6.80 7.74 -11.44
C LYS A 28 -6.97 6.84 -10.23
N VAL A 29 -6.52 7.36 -9.08
CA VAL A 29 -6.63 6.77 -7.73
C VAL A 29 -6.85 7.90 -6.71
N ILE A 30 -7.39 7.58 -5.52
CA ILE A 30 -7.36 8.51 -4.39
C ILE A 30 -5.98 8.53 -3.74
N ALA A 31 -5.54 9.72 -3.36
CA ALA A 31 -4.31 9.95 -2.62
C ALA A 31 -4.63 10.89 -1.47
N THR A 32 -4.23 10.50 -0.26
CA THR A 32 -4.29 11.40 0.91
C THR A 32 -2.94 12.11 1.05
N ASN A 33 -2.94 13.42 0.79
CA ASN A 33 -1.81 14.31 0.94
C ASN A 33 -1.16 14.24 2.35
N PRO A 34 0.07 13.73 2.53
CA PRO A 34 0.68 13.61 3.86
C PRO A 34 1.04 14.96 4.52
N GLU A 35 0.92 16.08 3.79
CA GLU A 35 1.20 17.43 4.31
C GLU A 35 0.07 17.98 5.19
N THR A 36 -1.18 17.78 4.78
CA THR A 36 -2.38 18.32 5.47
C THR A 36 -3.54 17.32 5.57
N PHE A 37 -3.33 16.08 5.10
CA PHE A 37 -4.33 15.01 5.05
C PHE A 37 -5.59 15.37 4.22
N GLU A 38 -5.41 16.18 3.17
CA GLU A 38 -6.42 16.42 2.13
C GLU A 38 -6.55 15.17 1.25
N VAL A 39 -7.78 14.83 0.86
CA VAL A 39 -8.12 13.54 0.22
C VAL A 39 -8.72 13.81 -1.15
N ALA A 40 -7.98 13.48 -2.21
CA ALA A 40 -8.33 13.85 -3.58
C ALA A 40 -8.00 12.77 -4.61
N GLU A 41 -8.68 12.81 -5.75
CA GLU A 41 -8.39 12.01 -6.94
C GLU A 41 -7.18 12.58 -7.69
N LYS A 42 -6.16 11.77 -7.95
CA LYS A 42 -4.98 12.13 -8.77
C LYS A 42 -4.74 11.07 -9.83
N THR A 43 -4.15 11.47 -10.96
CA THR A 43 -3.80 10.52 -12.04
C THR A 43 -2.46 9.78 -11.78
N VAL A 44 -2.29 8.66 -12.47
CA VAL A 44 -1.12 7.79 -12.45
C VAL A 44 -0.20 8.17 -13.60
N LEU A 45 1.07 8.45 -13.28
CA LEU A 45 2.12 8.81 -14.24
C LEU A 45 2.73 7.56 -14.88
N GLU A 46 3.10 6.58 -14.07
CA GLU A 46 3.68 5.29 -14.50
C GLU A 46 3.22 4.16 -13.59
N THR A 47 3.17 2.98 -14.20
CA THR A 47 2.87 1.69 -13.57
C THR A 47 4.04 0.72 -13.77
N TYR A 48 4.61 0.27 -12.66
CA TYR A 48 5.76 -0.63 -12.57
C TYR A 48 5.39 -2.05 -12.08
N VAL A 49 6.16 -3.05 -12.54
CA VAL A 49 5.98 -4.49 -12.21
C VAL A 49 7.32 -5.19 -12.00
N ARG A 50 7.40 -6.01 -10.95
CA ARG A 50 8.53 -6.87 -10.59
C ARG A 50 8.05 -8.29 -10.22
N GLU A 51 8.98 -9.20 -9.97
CA GLU A 51 8.69 -10.58 -9.55
C GLU A 51 9.63 -11.00 -8.41
N THR A 52 9.13 -11.71 -7.39
CA THR A 52 9.94 -12.09 -6.21
C THR A 52 9.40 -13.36 -5.54
N THR A 53 10.30 -14.16 -4.97
CA THR A 53 9.98 -15.29 -4.08
C THR A 53 9.83 -14.86 -2.61
N GLU A 54 10.42 -13.73 -2.23
CA GLU A 54 10.59 -13.35 -0.82
C GLU A 54 9.53 -12.33 -0.40
N LEU A 55 8.37 -12.85 0.00
CA LEU A 55 7.16 -12.06 0.31
C LEU A 55 7.03 -11.73 1.81
N LEU A 56 5.99 -10.99 2.14
CA LEU A 56 5.57 -10.65 3.51
C LEU A 56 4.03 -10.58 3.57
N HIS A 57 3.44 -11.01 4.68
CA HIS A 57 2.06 -10.69 5.05
C HIS A 57 2.08 -9.75 6.25
N LEU A 58 1.25 -8.71 6.22
CA LEU A 58 0.87 -7.95 7.39
C LEU A 58 -0.64 -8.05 7.60
N THR A 59 -1.09 -8.10 8.85
CA THR A 59 -2.50 -7.92 9.19
C THR A 59 -2.69 -6.58 9.88
N ILE A 60 -3.56 -5.73 9.33
CA ILE A 60 -3.92 -4.42 9.88
C ILE A 60 -5.44 -4.38 10.06
N GLY A 61 -5.94 -4.16 11.29
CA GLY A 61 -7.37 -3.98 11.58
C GLY A 61 -8.31 -5.09 11.05
N GLY A 62 -7.84 -6.33 10.97
CA GLY A 62 -8.61 -7.48 10.44
C GLY A 62 -8.47 -7.73 8.94
N GLU A 63 -7.75 -6.88 8.20
CA GLU A 63 -7.39 -7.06 6.80
C GLU A 63 -5.95 -7.60 6.69
N VAL A 64 -5.74 -8.71 5.98
CA VAL A 64 -4.42 -9.10 5.49
C VAL A 64 -4.05 -8.32 4.23
N ILE A 65 -2.86 -7.72 4.22
CA ILE A 65 -2.22 -7.11 3.05
C ILE A 65 -0.85 -7.76 2.81
N LYS A 66 -0.81 -8.58 1.76
CA LYS A 66 0.36 -9.32 1.24
C LYS A 66 1.27 -8.39 0.40
N THR A 67 2.51 -8.16 0.83
CA THR A 67 3.38 -7.07 0.34
C THR A 67 4.88 -7.46 0.27
N THR A 68 5.75 -6.55 -0.15
CA THR A 68 7.20 -6.70 -0.10
C THR A 68 7.78 -6.26 1.26
N PHE A 69 8.95 -6.80 1.63
CA PHE A 69 9.57 -6.52 2.94
C PHE A 69 9.96 -5.05 3.12
N ASP A 70 10.25 -4.33 2.03
CA ASP A 70 10.69 -2.94 2.05
C ASP A 70 9.54 -1.93 1.87
N HIS A 71 8.27 -2.36 1.81
CA HIS A 71 7.17 -1.48 1.41
C HIS A 71 6.88 -0.37 2.45
N PRO A 72 6.87 0.93 2.07
CA PRO A 72 6.68 2.05 3.01
C PRO A 72 5.22 2.28 3.43
N PHE A 73 4.92 2.05 4.70
CA PHE A 73 3.66 2.40 5.37
C PHE A 73 3.81 3.66 6.23
N TYR A 74 2.77 4.47 6.40
CA TYR A 74 2.80 5.68 7.26
C TYR A 74 2.29 5.41 8.69
N VAL A 75 3.06 5.85 9.69
CA VAL A 75 2.76 5.72 11.12
C VAL A 75 2.32 7.07 11.71
N LYS A 76 1.24 7.06 12.49
CA LYS A 76 0.69 8.22 13.20
C LYS A 76 1.76 8.91 14.05
N ASP A 77 1.92 10.22 13.85
CA ASP A 77 2.85 11.10 14.57
C ASP A 77 4.35 10.71 14.46
N VAL A 78 4.72 9.86 13.48
CA VAL A 78 6.06 9.27 13.34
C VAL A 78 6.58 9.39 11.90
N GLY A 79 5.78 8.97 10.92
CA GLY A 79 6.15 8.96 9.50
C GLY A 79 6.33 7.57 8.91
N PHE A 80 7.04 7.44 7.78
CA PHE A 80 7.12 6.18 7.05
C PHE A 80 8.12 5.13 7.60
N VAL A 81 7.77 3.87 7.38
CA VAL A 81 8.48 2.66 7.83
C VAL A 81 8.26 1.50 6.86
N GLU A 82 9.27 0.65 6.66
CA GLU A 82 9.22 -0.58 5.87
C GLU A 82 8.37 -1.66 6.54
N ALA A 83 7.55 -2.37 5.75
CA ALA A 83 6.63 -3.41 6.22
C ALA A 83 7.31 -4.50 7.07
N GLY A 84 8.51 -4.94 6.69
CA GLY A 84 9.29 -5.94 7.43
C GLY A 84 9.92 -5.40 8.74
N LYS A 85 9.89 -4.09 8.96
CA LYS A 85 10.41 -3.38 10.16
C LYS A 85 9.30 -2.81 11.06
N LEU A 86 8.02 -2.98 10.69
CA LEU A 86 6.87 -2.73 11.58
C LEU A 86 6.82 -3.74 12.73
N GLN A 87 6.11 -3.38 13.80
CA GLN A 87 5.81 -4.26 14.94
C GLN A 87 4.31 -4.30 15.24
N VAL A 88 3.85 -5.39 15.86
CA VAL A 88 2.45 -5.55 16.31
C VAL A 88 2.12 -4.53 17.41
N GLY A 89 0.94 -3.94 17.32
CA GLY A 89 0.47 -2.90 18.23
C GLY A 89 0.83 -1.46 17.82
N ASP A 90 1.50 -1.24 16.68
CA ASP A 90 1.85 0.10 16.19
C ASP A 90 0.70 0.75 15.41
N LYS A 91 0.72 2.09 15.33
CA LYS A 91 -0.41 2.93 14.89
C LYS A 91 -0.24 3.40 13.43
N LEU A 92 -0.89 2.71 12.49
CA LEU A 92 -1.01 3.12 11.08
C LEU A 92 -2.21 4.06 10.88
N LEU A 93 -2.45 4.53 9.65
CA LEU A 93 -3.59 5.38 9.29
C LEU A 93 -4.33 4.89 8.03
N ASP A 94 -5.61 5.26 7.92
CA ASP A 94 -6.41 5.12 6.70
C ASP A 94 -6.51 6.42 5.90
N SER A 95 -7.10 6.34 4.70
CA SER A 95 -7.30 7.49 3.80
C SER A 95 -7.97 8.71 4.46
N ARG A 96 -8.93 8.49 5.38
CA ARG A 96 -9.67 9.54 6.11
C ARG A 96 -8.94 10.03 7.36
N GLY A 97 -7.90 9.31 7.80
CA GLY A 97 -7.00 9.68 8.89
C GLY A 97 -7.35 8.99 10.20
N ASN A 98 -8.15 7.93 10.12
CA ASN A 98 -8.49 7.09 11.25
C ASN A 98 -7.30 6.22 11.65
N VAL A 99 -7.12 5.99 12.95
CA VAL A 99 -6.04 5.16 13.46
C VAL A 99 -6.33 3.68 13.22
N LEU A 100 -5.33 3.02 12.65
CA LEU A 100 -5.26 1.57 12.45
C LEU A 100 -4.18 0.94 13.33
N VAL A 101 -4.37 -0.33 13.69
CA VAL A 101 -3.40 -1.08 14.50
C VAL A 101 -2.89 -2.31 13.75
N VAL A 102 -1.58 -2.56 13.82
CA VAL A 102 -0.95 -3.79 13.33
C VAL A 102 -1.32 -4.96 14.26
N GLU A 103 -1.81 -6.05 13.67
CA GLU A 103 -2.29 -7.26 14.36
C GLU A 103 -1.34 -8.46 14.21
N GLU A 104 -0.58 -8.53 13.10
CA GLU A 104 0.37 -9.64 12.80
C GLU A 104 1.39 -9.24 11.72
N LYS A 105 2.57 -9.87 11.75
CA LYS A 105 3.51 -10.04 10.63
C LYS A 105 3.73 -11.54 10.37
N LYS A 106 3.63 -11.97 9.11
CA LYS A 106 3.85 -13.36 8.65
C LYS A 106 4.82 -13.39 7.46
N LEU A 107 5.69 -14.39 7.39
CA LEU A 107 6.77 -14.50 6.40
C LEU A 107 6.75 -15.88 5.72
N GLU A 108 6.86 -15.91 4.39
CA GLU A 108 7.14 -17.12 3.61
C GLU A 108 8.16 -16.86 2.49
N ILE A 109 8.82 -17.93 2.06
CA ILE A 109 9.66 -17.98 0.87
C ILE A 109 8.93 -18.83 -0.17
N ALA A 110 8.41 -18.19 -1.22
CA ALA A 110 7.65 -18.87 -2.27
C ALA A 110 8.52 -19.82 -3.12
N ASP A 111 7.94 -20.96 -3.52
CA ASP A 111 8.58 -21.97 -4.38
C ASP A 111 8.90 -21.44 -5.79
N LYS A 112 8.17 -20.41 -6.25
CA LYS A 112 8.36 -19.70 -7.52
C LYS A 112 8.16 -18.19 -7.36
N PRO A 113 8.77 -17.34 -8.20
CA PRO A 113 8.60 -15.89 -8.17
C PRO A 113 7.15 -15.50 -8.49
N VAL A 114 6.51 -14.83 -7.54
CA VAL A 114 5.17 -14.23 -7.66
C VAL A 114 5.29 -12.82 -8.25
N LYS A 115 4.35 -12.42 -9.12
CA LYS A 115 4.33 -11.07 -9.72
C LYS A 115 3.77 -10.04 -8.74
N VAL A 116 4.38 -8.86 -8.75
CA VAL A 116 4.06 -7.75 -7.86
C VAL A 116 4.09 -6.40 -8.59
N TYR A 117 3.20 -5.50 -8.18
CA TYR A 117 2.86 -4.28 -8.89
C TYR A 117 3.04 -3.04 -7.99
N ASN A 118 3.41 -1.89 -8.56
CA ASN A 118 3.40 -0.57 -7.92
C ASN A 118 3.19 0.53 -8.97
N PHE A 119 2.92 1.77 -8.54
CA PHE A 119 2.77 2.92 -9.44
C PHE A 119 3.22 4.22 -8.79
N LYS A 120 3.24 5.31 -9.57
CA LYS A 120 3.52 6.67 -9.10
C LYS A 120 2.49 7.71 -9.55
N VAL A 121 2.26 8.71 -8.68
CA VAL A 121 1.11 9.63 -8.69
C VAL A 121 1.49 11.07 -9.06
N ASP A 122 0.57 11.73 -9.77
CA ASP A 122 0.72 13.03 -10.46
C ASP A 122 1.03 14.26 -9.59
N ASP A 123 0.79 14.22 -8.27
CA ASP A 123 1.36 15.20 -7.32
C ASP A 123 1.61 14.55 -5.94
N PHE A 124 0.53 14.10 -5.29
CA PHE A 124 0.58 13.47 -3.97
C PHE A 124 1.24 12.07 -4.06
N HIS A 125 2.45 11.92 -3.55
CA HIS A 125 3.23 10.67 -3.53
C HIS A 125 2.70 9.56 -2.57
N THR A 126 1.38 9.42 -2.44
CA THR A 126 0.68 8.45 -1.62
C THR A 126 -0.44 7.74 -2.39
N TYR A 127 -0.93 6.61 -1.86
CA TYR A 127 -2.17 5.95 -2.27
C TYR A 127 -2.69 5.05 -1.13
N HIS A 128 -3.78 4.31 -1.38
CA HIS A 128 -4.49 3.51 -0.38
C HIS A 128 -4.69 2.07 -0.81
N VAL A 129 -4.56 1.15 0.16
CA VAL A 129 -4.62 -0.30 -0.07
C VAL A 129 -5.64 -0.98 0.84
N GLY A 130 -6.41 -1.94 0.28
CA GLY A 130 -7.34 -2.80 1.01
C GLY A 130 -8.72 -2.20 1.34
N ASP A 131 -9.58 -3.00 2.00
CA ASP A 131 -10.88 -2.54 2.53
C ASP A 131 -10.73 -1.67 3.78
N ASN A 132 -9.61 -1.81 4.51
CA ASN A 132 -9.18 -0.86 5.55
C ASN A 132 -8.48 0.40 5.00
N GLU A 133 -8.34 0.58 3.67
CA GLU A 133 -7.96 1.84 3.01
C GLU A 133 -6.62 2.45 3.53
N VAL A 134 -5.63 1.59 3.80
CA VAL A 134 -4.41 1.90 4.55
C VAL A 134 -3.44 2.78 3.75
N LEU A 135 -2.82 3.78 4.40
CA LEU A 135 -1.96 4.81 3.78
C LEU A 135 -0.52 4.33 3.53
N VAL A 136 -0.05 4.49 2.27
CA VAL A 136 1.27 4.03 1.79
C VAL A 136 1.91 5.03 0.82
N HIS A 137 3.24 4.98 0.66
CA HIS A 137 4.05 5.92 -0.15
C HIS A 137 4.46 5.31 -1.50
N ASN A 138 4.49 6.12 -2.57
CA ASN A 138 4.93 5.70 -3.91
C ASN A 138 6.38 5.19 -3.93
N SER A 1 15.40 -3.11 -1.31
CA SER A 1 15.50 -3.89 -2.55
C SER A 1 14.22 -3.86 -3.39
N MET A 2 13.01 -4.01 -2.84
CA MET A 2 11.78 -3.96 -3.66
C MET A 2 10.58 -3.34 -2.94
N LYS A 3 9.82 -2.49 -3.66
CA LYS A 3 8.54 -1.90 -3.22
C LYS A 3 7.42 -2.27 -4.19
N ALA A 4 6.61 -3.28 -3.85
CA ALA A 4 5.47 -3.73 -4.68
C ALA A 4 4.37 -4.45 -3.86
N PHE A 5 3.21 -4.76 -4.46
CA PHE A 5 2.17 -5.64 -3.91
C PHE A 5 1.84 -6.79 -4.87
N VAL A 6 1.33 -7.91 -4.35
CA VAL A 6 0.90 -9.06 -5.16
C VAL A 6 -0.40 -8.77 -5.93
N ALA A 7 -0.64 -9.54 -7.00
CA ALA A 7 -1.89 -9.54 -7.76
C ALA A 7 -3.10 -9.75 -6.85
N GLY A 8 -4.24 -9.16 -7.19
CA GLY A 8 -5.41 -9.12 -6.32
C GLY A 8 -5.31 -8.21 -5.09
N THR A 9 -4.24 -7.42 -4.91
CA THR A 9 -4.25 -6.31 -3.92
C THR A 9 -5.17 -5.20 -4.40
N MET A 10 -6.18 -4.86 -3.60
CA MET A 10 -7.19 -3.83 -3.92
C MET A 10 -6.66 -2.42 -3.65
N ILE A 11 -6.99 -1.50 -4.54
CA ILE A 11 -6.57 -0.09 -4.58
C ILE A 11 -7.78 0.83 -4.62
N LEU A 12 -7.77 1.91 -3.82
CA LEU A 12 -8.89 2.86 -3.71
C LEU A 12 -8.95 3.86 -4.88
N THR A 13 -10.10 3.90 -5.56
CA THR A 13 -10.39 4.77 -6.70
C THR A 13 -11.54 5.73 -6.39
N ALA A 14 -11.88 6.62 -7.32
CA ALA A 14 -13.12 7.42 -7.24
C ALA A 14 -14.40 6.57 -7.43
N THR A 15 -14.28 5.40 -8.05
CA THR A 15 -15.38 4.48 -8.39
C THR A 15 -15.57 3.36 -7.36
N GLY A 16 -14.61 3.15 -6.46
CA GLY A 16 -14.60 2.12 -5.43
C GLY A 16 -13.24 1.47 -5.29
N LEU A 17 -13.11 0.20 -5.73
CA LEU A 17 -11.85 -0.55 -5.71
C LEU A 17 -11.49 -1.18 -7.08
N VAL A 18 -10.19 -1.16 -7.40
CA VAL A 18 -9.56 -1.79 -8.58
C VAL A 18 -8.36 -2.62 -8.11
N ALA A 19 -8.08 -3.77 -8.74
CA ALA A 19 -6.89 -4.55 -8.44
C ALA A 19 -5.62 -3.84 -8.92
N ILE A 20 -4.49 -4.00 -8.24
CA ILE A 20 -3.24 -3.34 -8.63
C ILE A 20 -2.74 -3.78 -10.02
N GLU A 21 -3.08 -5.01 -10.44
CA GLU A 21 -2.83 -5.53 -11.79
C GLU A 21 -3.71 -4.90 -12.89
N ASN A 22 -4.69 -4.07 -12.50
CA ASN A 22 -5.67 -3.42 -13.37
C ASN A 22 -5.55 -1.88 -13.41
N ILE A 23 -4.79 -1.27 -12.49
CA ILE A 23 -4.35 0.12 -12.61
C ILE A 23 -3.46 0.32 -13.86
N LYS A 24 -3.63 1.43 -14.57
CA LYS A 24 -2.81 1.85 -15.74
C LYS A 24 -2.23 3.26 -15.57
N ALA A 25 -1.17 3.57 -16.30
CA ALA A 25 -0.73 4.96 -16.50
C ALA A 25 -1.83 5.78 -17.21
N GLY A 26 -2.24 6.88 -16.59
CA GLY A 26 -3.39 7.71 -17.01
C GLY A 26 -4.71 7.37 -16.30
N ASP A 27 -4.76 6.31 -15.50
CA ASP A 27 -5.86 6.05 -14.56
C ASP A 27 -5.78 6.99 -13.34
N LYS A 28 -6.75 6.91 -12.42
CA LYS A 28 -6.86 7.77 -11.23
C LYS A 28 -7.17 6.99 -9.95
N VAL A 29 -6.54 7.41 -8.86
CA VAL A 29 -6.66 6.81 -7.51
C VAL A 29 -6.82 7.90 -6.44
N ILE A 30 -7.35 7.54 -5.27
CA ILE A 30 -7.38 8.44 -4.11
C ILE A 30 -6.02 8.50 -3.41
N ALA A 31 -5.61 9.71 -3.04
CA ALA A 31 -4.35 10.00 -2.37
C ALA A 31 -4.64 10.87 -1.14
N THR A 32 -4.32 10.35 0.04
CA THR A 32 -4.36 11.14 1.29
C THR A 32 -3.00 11.78 1.52
N ASN A 33 -2.89 13.09 1.25
CA ASN A 33 -1.66 13.87 1.52
C ASN A 33 -1.12 13.65 2.95
N PRO A 34 0.08 13.04 3.16
CA PRO A 34 0.62 12.75 4.49
C PRO A 34 1.10 14.00 5.25
N GLU A 35 1.05 15.19 4.63
CA GLU A 35 1.40 16.46 5.27
C GLU A 35 0.24 17.04 6.09
N THR A 36 -0.99 16.91 5.59
CA THR A 36 -2.16 17.65 6.09
C THR A 36 -3.45 16.79 6.12
N PHE A 37 -3.34 15.55 5.65
CA PHE A 37 -4.45 14.58 5.53
C PHE A 37 -5.65 15.10 4.70
N GLU A 38 -5.31 15.85 3.65
CA GLU A 38 -6.23 16.27 2.59
C GLU A 38 -6.38 15.11 1.59
N VAL A 39 -7.62 14.79 1.23
CA VAL A 39 -7.95 13.65 0.37
C VAL A 39 -8.36 14.16 -1.01
N ALA A 40 -7.71 13.68 -2.05
CA ALA A 40 -8.03 14.02 -3.44
C ALA A 40 -7.93 12.83 -4.39
N GLU A 41 -8.56 12.96 -5.56
CA GLU A 41 -8.28 12.13 -6.73
C GLU A 41 -6.98 12.62 -7.41
N LYS A 42 -6.07 11.73 -7.79
CA LYS A 42 -4.89 12.04 -8.63
C LYS A 42 -4.63 10.94 -9.65
N THR A 43 -4.04 11.32 -10.79
CA THR A 43 -3.71 10.40 -11.89
C THR A 43 -2.36 9.70 -11.73
N VAL A 44 -2.19 8.58 -12.43
CA VAL A 44 -0.99 7.74 -12.46
C VAL A 44 -0.05 8.15 -13.59
N LEU A 45 1.23 8.35 -13.27
CA LEU A 45 2.27 8.68 -14.27
C LEU A 45 2.84 7.42 -14.93
N GLU A 46 3.24 6.44 -14.12
CA GLU A 46 3.89 5.19 -14.53
C GLU A 46 3.45 4.03 -13.64
N THR A 47 3.49 2.83 -14.22
CA THR A 47 3.09 1.56 -13.61
C THR A 47 4.22 0.53 -13.72
N TYR A 48 4.85 0.21 -12.59
CA TYR A 48 6.00 -0.70 -12.52
C TYR A 48 5.62 -2.13 -12.10
N VAL A 49 6.35 -3.13 -12.63
CA VAL A 49 6.12 -4.57 -12.37
C VAL A 49 7.45 -5.32 -12.20
N ARG A 50 7.51 -6.17 -11.17
CA ARG A 50 8.65 -7.05 -10.85
C ARG A 50 8.19 -8.49 -10.57
N GLU A 51 9.15 -9.39 -10.38
CA GLU A 51 8.94 -10.77 -9.90
C GLU A 51 9.86 -11.07 -8.71
N THR A 52 9.34 -11.70 -7.66
CA THR A 52 10.07 -12.03 -6.42
C THR A 52 9.59 -13.36 -5.82
N THR A 53 10.51 -14.14 -5.26
CA THR A 53 10.20 -15.27 -4.36
C THR A 53 10.05 -14.83 -2.90
N GLU A 54 10.51 -13.63 -2.54
CA GLU A 54 10.56 -13.13 -1.16
C GLU A 54 9.40 -12.16 -0.92
N LEU A 55 8.42 -12.58 -0.12
CA LEU A 55 7.21 -11.81 0.20
C LEU A 55 7.07 -11.54 1.71
N LEU A 56 6.07 -10.71 2.05
CA LEU A 56 5.67 -10.38 3.41
C LEU A 56 4.14 -10.26 3.50
N HIS A 57 3.53 -10.75 4.57
CA HIS A 57 2.16 -10.40 4.95
C HIS A 57 2.20 -9.48 6.18
N LEU A 58 1.36 -8.45 6.16
CA LEU A 58 0.95 -7.71 7.34
C LEU A 58 -0.57 -7.79 7.49
N THR A 59 -1.07 -7.89 8.72
CA THR A 59 -2.50 -7.80 9.03
C THR A 59 -2.77 -6.50 9.77
N ILE A 60 -3.66 -5.66 9.25
CA ILE A 60 -4.09 -4.37 9.81
C ILE A 60 -5.61 -4.39 9.97
N GLY A 61 -6.14 -4.21 11.18
CA GLY A 61 -7.58 -4.18 11.43
C GLY A 61 -8.35 -5.44 10.97
N GLY A 62 -7.69 -6.61 11.00
CA GLY A 62 -8.24 -7.89 10.53
C GLY A 62 -8.09 -8.17 9.03
N GLU A 63 -7.51 -7.25 8.25
CA GLU A 63 -7.27 -7.34 6.81
C GLU A 63 -5.78 -7.59 6.51
N VAL A 64 -5.48 -8.67 5.79
CA VAL A 64 -4.12 -8.96 5.27
C VAL A 64 -3.83 -8.16 4.02
N ILE A 65 -2.67 -7.50 4.01
CA ILE A 65 -2.09 -6.83 2.86
C ILE A 65 -0.72 -7.45 2.55
N LYS A 66 -0.69 -8.30 1.53
CA LYS A 66 0.48 -9.04 1.04
C LYS A 66 1.38 -8.16 0.17
N THR A 67 2.61 -7.92 0.63
CA THR A 67 3.51 -6.86 0.15
C THR A 67 4.97 -7.32 0.10
N THR A 68 5.89 -6.43 -0.24
CA THR A 68 7.34 -6.64 -0.16
C THR A 68 7.92 -6.11 1.14
N PHE A 69 9.09 -6.61 1.54
CA PHE A 69 9.70 -6.28 2.83
C PHE A 69 10.07 -4.80 2.96
N ASP A 70 10.32 -4.10 1.84
CA ASP A 70 10.72 -2.68 1.86
C ASP A 70 9.55 -1.69 1.61
N HIS A 71 8.29 -2.17 1.49
CA HIS A 71 7.18 -1.29 1.10
C HIS A 71 6.86 -0.21 2.17
N PRO A 72 6.81 1.09 1.84
CA PRO A 72 6.61 2.16 2.83
C PRO A 72 5.14 2.38 3.24
N PHE A 73 4.84 2.14 4.52
CA PHE A 73 3.58 2.44 5.21
C PHE A 73 3.71 3.71 6.08
N TYR A 74 2.62 4.44 6.34
CA TYR A 74 2.65 5.67 7.17
C TYR A 74 2.20 5.43 8.63
N VAL A 75 2.96 5.99 9.58
CA VAL A 75 2.76 5.90 11.04
C VAL A 75 2.36 7.25 11.64
N LYS A 76 1.31 7.25 12.46
CA LYS A 76 0.79 8.42 13.19
C LYS A 76 1.88 9.16 14.00
N ASP A 77 1.96 10.47 13.81
CA ASP A 77 2.93 11.42 14.39
C ASP A 77 4.43 11.09 14.11
N VAL A 78 4.74 10.16 13.19
CA VAL A 78 6.09 9.60 12.97
C VAL A 78 6.53 9.73 11.52
N GLY A 79 5.76 9.19 10.59
CA GLY A 79 6.06 9.24 9.15
C GLY A 79 6.10 7.87 8.50
N PHE A 80 6.74 7.73 7.33
CA PHE A 80 6.80 6.43 6.63
C PHE A 80 7.87 5.47 7.16
N VAL A 81 7.64 4.17 6.98
CA VAL A 81 8.46 3.04 7.42
C VAL A 81 8.27 1.81 6.53
N GLU A 82 9.33 1.05 6.28
CA GLU A 82 9.28 -0.26 5.62
C GLU A 82 8.37 -1.27 6.34
N ALA A 83 7.55 -2.01 5.57
CA ALA A 83 6.62 -3.01 6.06
C ALA A 83 7.28 -4.10 6.92
N GLY A 84 8.48 -4.55 6.53
CA GLY A 84 9.24 -5.54 7.28
C GLY A 84 9.72 -5.05 8.65
N LYS A 85 9.81 -3.73 8.86
CA LYS A 85 10.23 -3.11 10.13
C LYS A 85 9.07 -2.83 11.09
N LEU A 86 7.81 -2.95 10.64
CA LEU A 86 6.66 -2.63 11.50
C LEU A 86 6.51 -3.62 12.65
N GLN A 87 5.89 -3.20 13.75
CA GLN A 87 5.64 -4.01 14.93
C GLN A 87 4.14 -4.06 15.25
N VAL A 88 3.69 -5.14 15.89
CA VAL A 88 2.28 -5.30 16.33
C VAL A 88 1.94 -4.26 17.41
N GLY A 89 0.74 -3.68 17.30
CA GLY A 89 0.29 -2.60 18.18
C GLY A 89 0.65 -1.18 17.72
N ASP A 90 1.41 -1.03 16.63
CA ASP A 90 1.80 0.28 16.07
C ASP A 90 0.67 0.90 15.22
N LYS A 91 0.69 2.23 15.14
CA LYS A 91 -0.45 3.06 14.68
C LYS A 91 -0.30 3.51 13.23
N LEU A 92 -1.10 2.93 12.34
CA LEU A 92 -1.19 3.26 10.92
C LEU A 92 -2.42 4.14 10.65
N LEU A 93 -2.63 4.59 9.41
CA LEU A 93 -3.77 5.43 9.03
C LEU A 93 -4.54 4.89 7.80
N ASP A 94 -5.80 5.31 7.67
CA ASP A 94 -6.72 4.89 6.62
C ASP A 94 -7.06 5.99 5.59
N SER A 95 -8.00 5.69 4.68
CA SER A 95 -8.53 6.53 3.60
C SER A 95 -9.14 7.90 4.00
N ARG A 96 -9.30 8.19 5.30
CA ARG A 96 -9.58 9.54 5.83
C ARG A 96 -8.52 10.08 6.79
N GLY A 97 -7.79 9.20 7.48
CA GLY A 97 -6.85 9.53 8.55
C GLY A 97 -7.27 9.01 9.93
N ASN A 98 -8.10 7.97 9.98
CA ASN A 98 -8.44 7.28 11.21
C ASN A 98 -7.32 6.32 11.67
N VAL A 99 -7.16 6.17 12.99
CA VAL A 99 -6.02 5.41 13.57
C VAL A 99 -6.27 3.90 13.54
N LEU A 100 -5.52 3.21 12.68
CA LEU A 100 -5.47 1.75 12.56
C LEU A 100 -4.34 1.13 13.41
N VAL A 101 -4.44 -0.16 13.72
CA VAL A 101 -3.44 -0.91 14.48
C VAL A 101 -2.97 -2.14 13.71
N VAL A 102 -1.66 -2.42 13.75
CA VAL A 102 -1.08 -3.68 13.27
C VAL A 102 -1.49 -4.84 14.19
N GLU A 103 -1.98 -5.94 13.60
CA GLU A 103 -2.41 -7.16 14.27
C GLU A 103 -1.33 -8.27 14.24
N GLU A 104 -0.67 -8.46 13.09
CA GLU A 104 0.28 -9.57 12.86
C GLU A 104 1.24 -9.27 11.70
N LYS A 105 2.43 -9.89 11.72
CA LYS A 105 3.38 -10.02 10.60
C LYS A 105 3.57 -11.51 10.29
N LYS A 106 3.57 -11.89 9.02
CA LYS A 106 3.75 -13.28 8.51
C LYS A 106 4.81 -13.29 7.39
N LEU A 107 5.80 -14.17 7.48
CA LEU A 107 7.00 -14.17 6.62
C LEU A 107 7.25 -15.54 5.98
N GLU A 108 7.46 -15.58 4.66
CA GLU A 108 7.81 -16.78 3.90
C GLU A 108 8.71 -16.50 2.69
N ILE A 109 9.35 -17.55 2.18
CA ILE A 109 9.91 -17.60 0.81
C ILE A 109 8.96 -18.46 -0.04
N ALA A 110 8.35 -17.86 -1.06
CA ALA A 110 7.54 -18.56 -2.05
C ALA A 110 8.35 -19.60 -2.83
N ASP A 111 7.70 -20.71 -3.19
CA ASP A 111 8.29 -21.82 -3.94
C ASP A 111 8.47 -21.49 -5.43
N LYS A 112 7.87 -20.38 -5.89
CA LYS A 112 7.95 -19.83 -7.26
C LYS A 112 8.05 -18.29 -7.24
N PRO A 113 8.67 -17.64 -8.24
CA PRO A 113 8.67 -16.18 -8.37
C PRO A 113 7.26 -15.68 -8.71
N VAL A 114 6.72 -14.87 -7.80
CA VAL A 114 5.37 -14.26 -7.87
C VAL A 114 5.46 -12.87 -8.52
N LYS A 115 4.50 -12.52 -9.39
CA LYS A 115 4.41 -11.19 -10.03
C LYS A 115 3.88 -10.17 -9.04
N VAL A 116 4.46 -8.98 -9.07
CA VAL A 116 4.16 -7.89 -8.13
C VAL A 116 4.19 -6.53 -8.82
N TYR A 117 3.25 -5.66 -8.44
CA TYR A 117 2.94 -4.39 -9.11
C TYR A 117 3.14 -3.18 -8.18
N ASN A 118 3.42 -2.00 -8.74
CA ASN A 118 3.45 -0.70 -8.06
C ASN A 118 3.23 0.46 -9.06
N PHE A 119 3.04 1.70 -8.59
CA PHE A 119 2.88 2.88 -9.45
C PHE A 119 3.32 4.19 -8.78
N LYS A 120 3.45 5.27 -9.57
CA LYS A 120 3.75 6.64 -9.10
C LYS A 120 2.62 7.64 -9.41
N VAL A 121 2.40 8.59 -8.50
CA VAL A 121 1.23 9.50 -8.47
C VAL A 121 1.63 10.93 -8.89
N ASP A 122 0.76 11.59 -9.67
CA ASP A 122 1.07 12.80 -10.45
C ASP A 122 1.54 14.03 -9.63
N ASP A 123 1.02 14.25 -8.43
CA ASP A 123 1.27 15.48 -7.66
C ASP A 123 1.35 15.23 -6.15
N PHE A 124 0.37 14.49 -5.61
CA PHE A 124 0.41 13.85 -4.29
C PHE A 124 1.31 12.59 -4.37
N HIS A 125 1.71 12.03 -3.23
CA HIS A 125 2.76 11.01 -3.12
C HIS A 125 2.26 9.64 -2.57
N THR A 126 0.97 9.51 -2.28
CA THR A 126 0.37 8.40 -1.53
C THR A 126 -0.78 7.72 -2.27
N TYR A 127 -1.14 6.52 -1.81
CA TYR A 127 -2.34 5.78 -2.20
C TYR A 127 -2.78 4.82 -1.08
N HIS A 128 -3.84 4.03 -1.33
CA HIS A 128 -4.54 3.23 -0.33
C HIS A 128 -4.72 1.77 -0.76
N VAL A 129 -4.60 0.84 0.18
CA VAL A 129 -4.54 -0.60 -0.07
C VAL A 129 -5.45 -1.44 0.86
N GLY A 130 -6.09 -2.47 0.29
CA GLY A 130 -6.91 -3.46 1.01
C GLY A 130 -8.31 -3.00 1.45
N ASP A 131 -9.10 -3.92 2.05
CA ASP A 131 -10.48 -3.67 2.54
C ASP A 131 -10.55 -2.51 3.56
N ASN A 132 -9.53 -2.41 4.42
CA ASN A 132 -9.38 -1.31 5.40
C ASN A 132 -8.75 -0.03 4.83
N GLU A 133 -8.37 -0.01 3.54
CA GLU A 133 -7.97 1.17 2.76
C GLU A 133 -6.78 1.94 3.40
N VAL A 134 -5.70 1.21 3.70
CA VAL A 134 -4.57 1.64 4.52
C VAL A 134 -3.58 2.50 3.73
N LEU A 135 -3.01 3.53 4.36
CA LEU A 135 -2.15 4.56 3.74
C LEU A 135 -0.69 4.10 3.49
N VAL A 136 -0.23 4.24 2.24
CA VAL A 136 1.12 3.87 1.76
C VAL A 136 1.67 4.91 0.79
N HIS A 137 3.00 4.92 0.63
CA HIS A 137 3.75 5.95 -0.11
C HIS A 137 4.36 5.42 -1.41
N ASN A 138 4.55 6.30 -2.41
CA ASN A 138 5.26 6.01 -3.67
C ASN A 138 6.78 6.18 -3.58
N SER A 1 14.83 -0.40 -1.86
CA SER A 1 15.25 -1.76 -2.24
C SER A 1 14.18 -2.47 -3.04
N MET A 2 13.00 -2.77 -2.49
CA MET A 2 11.91 -3.40 -3.24
C MET A 2 10.55 -3.07 -2.63
N LYS A 3 9.65 -2.47 -3.40
CA LYS A 3 8.44 -1.78 -2.92
C LYS A 3 7.27 -2.08 -3.84
N ALA A 4 6.41 -3.05 -3.51
CA ALA A 4 5.28 -3.48 -4.34
C ALA A 4 4.23 -4.32 -3.57
N PHE A 5 3.10 -4.65 -4.21
CA PHE A 5 2.05 -5.55 -3.71
C PHE A 5 1.77 -6.71 -4.68
N VAL A 6 1.27 -7.83 -4.17
CA VAL A 6 0.88 -8.99 -5.00
C VAL A 6 -0.39 -8.72 -5.82
N ALA A 7 -0.56 -9.48 -6.90
CA ALA A 7 -1.77 -9.47 -7.71
C ALA A 7 -3.03 -9.74 -6.86
N GLY A 8 -4.14 -9.08 -7.21
CA GLY A 8 -5.37 -9.05 -6.42
C GLY A 8 -5.44 -8.00 -5.30
N THR A 9 -4.35 -7.27 -4.98
CA THR A 9 -4.41 -6.17 -3.99
C THR A 9 -5.33 -5.05 -4.49
N MET A 10 -6.38 -4.73 -3.73
CA MET A 10 -7.37 -3.70 -4.05
C MET A 10 -6.86 -2.29 -3.76
N ILE A 11 -7.24 -1.33 -4.61
CA ILE A 11 -6.82 0.08 -4.59
C ILE A 11 -8.07 0.98 -4.63
N LEU A 12 -8.11 2.01 -3.77
CA LEU A 12 -9.23 2.95 -3.71
C LEU A 12 -9.23 3.98 -4.84
N THR A 13 -10.37 4.12 -5.53
CA THR A 13 -10.60 5.07 -6.61
C THR A 13 -11.79 5.99 -6.31
N ALA A 14 -12.00 7.04 -7.09
CA ALA A 14 -13.14 7.95 -6.94
C ALA A 14 -14.50 7.27 -7.24
N THR A 15 -14.47 6.14 -7.94
CA THR A 15 -15.63 5.38 -8.47
C THR A 15 -15.74 3.96 -7.93
N GLY A 16 -14.83 3.58 -7.02
CA GLY A 16 -14.90 2.38 -6.18
C GLY A 16 -13.54 1.77 -5.85
N LEU A 17 -13.31 0.54 -6.32
CA LEU A 17 -12.05 -0.20 -6.18
C LEU A 17 -11.58 -0.72 -7.55
N VAL A 18 -10.27 -0.93 -7.70
CA VAL A 18 -9.61 -1.60 -8.85
C VAL A 18 -8.44 -2.44 -8.31
N ALA A 19 -8.10 -3.57 -8.95
CA ALA A 19 -6.91 -4.35 -8.58
C ALA A 19 -5.62 -3.63 -9.03
N ILE A 20 -4.53 -3.76 -8.28
CA ILE A 20 -3.25 -3.11 -8.64
C ILE A 20 -2.68 -3.58 -10.00
N GLU A 21 -3.00 -4.81 -10.41
CA GLU A 21 -2.67 -5.35 -11.74
C GLU A 21 -3.48 -4.71 -12.89
N ASN A 22 -4.57 -4.00 -12.57
CA ASN A 22 -5.46 -3.31 -13.51
C ASN A 22 -5.35 -1.78 -13.48
N ILE A 23 -4.71 -1.20 -12.46
CA ILE A 23 -4.25 0.19 -12.53
C ILE A 23 -3.19 0.28 -13.64
N LYS A 24 -3.31 1.28 -14.52
CA LYS A 24 -2.36 1.65 -15.57
C LYS A 24 -2.13 3.17 -15.55
N ALA A 25 -1.15 3.64 -16.31
CA ALA A 25 -1.03 5.07 -16.61
C ALA A 25 -2.38 5.67 -17.07
N GLY A 26 -2.79 6.78 -16.47
CA GLY A 26 -4.04 7.49 -16.78
C GLY A 26 -5.30 6.99 -16.06
N ASP A 27 -5.21 5.96 -15.22
CA ASP A 27 -6.23 5.69 -14.20
C ASP A 27 -6.08 6.66 -13.02
N LYS A 28 -7.18 6.88 -12.29
CA LYS A 28 -7.24 7.74 -11.11
C LYS A 28 -7.49 6.95 -9.84
N VAL A 29 -6.81 7.36 -8.77
CA VAL A 29 -6.86 6.78 -7.42
C VAL A 29 -7.08 7.87 -6.38
N ILE A 30 -7.50 7.50 -5.18
CA ILE A 30 -7.40 8.38 -4.00
C ILE A 30 -5.97 8.37 -3.47
N ALA A 31 -5.53 9.54 -3.02
CA ALA A 31 -4.28 9.70 -2.30
C ALA A 31 -4.53 10.66 -1.13
N THR A 32 -4.13 10.27 0.07
CA THR A 32 -4.04 11.20 1.20
C THR A 32 -2.62 11.78 1.24
N ASN A 33 -2.46 13.05 0.89
CA ASN A 33 -1.17 13.75 0.85
C ASN A 33 -0.40 13.63 2.19
N PRO A 34 0.81 13.01 2.26
CA PRO A 34 1.56 12.86 3.52
C PRO A 34 2.10 14.19 4.08
N GLU A 35 2.07 15.27 3.28
CA GLU A 35 2.58 16.59 3.67
C GLU A 35 1.65 17.33 4.63
N THR A 36 0.33 17.24 4.36
CA THR A 36 -0.73 18.02 5.04
C THR A 36 -1.94 17.16 5.45
N PHE A 37 -1.97 15.89 5.06
CA PHE A 37 -3.10 14.95 5.25
C PHE A 37 -4.42 15.45 4.62
N GLU A 38 -4.33 15.97 3.40
CA GLU A 38 -5.48 16.32 2.55
C GLU A 38 -5.76 15.17 1.57
N VAL A 39 -7.02 14.78 1.39
CA VAL A 39 -7.42 13.61 0.60
C VAL A 39 -8.05 14.01 -0.75
N ALA A 40 -7.48 13.54 -1.84
CA ALA A 40 -7.80 13.98 -3.21
C ALA A 40 -7.88 12.83 -4.21
N GLU A 41 -8.55 13.08 -5.33
CA GLU A 41 -8.57 12.22 -6.52
C GLU A 41 -7.43 12.63 -7.47
N LYS A 42 -6.49 11.73 -7.81
CA LYS A 42 -5.34 12.02 -8.70
C LYS A 42 -5.05 10.89 -9.68
N THR A 43 -4.53 11.23 -10.87
CA THR A 43 -4.16 10.28 -11.94
C THR A 43 -2.79 9.62 -11.71
N VAL A 44 -2.56 8.51 -12.40
CA VAL A 44 -1.32 7.71 -12.39
C VAL A 44 -0.42 8.05 -13.60
N LEU A 45 0.88 8.25 -13.35
CA LEU A 45 1.89 8.57 -14.35
C LEU A 45 2.52 7.33 -14.99
N GLU A 46 2.89 6.35 -14.15
CA GLU A 46 3.58 5.11 -14.51
C GLU A 46 3.13 3.96 -13.61
N THR A 47 3.30 2.75 -14.11
CA THR A 47 3.25 1.52 -13.33
C THR A 47 4.61 0.81 -13.37
N TYR A 48 5.09 0.36 -12.21
CA TYR A 48 6.25 -0.53 -12.06
C TYR A 48 5.84 -1.97 -11.72
N VAL A 49 6.63 -2.95 -12.17
CA VAL A 49 6.39 -4.40 -11.95
C VAL A 49 7.70 -5.16 -11.75
N ARG A 50 7.77 -5.95 -10.68
CA ARG A 50 8.92 -6.80 -10.31
C ARG A 50 8.48 -8.26 -10.10
N GLU A 51 9.45 -9.14 -9.84
CA GLU A 51 9.22 -10.54 -9.45
C GLU A 51 10.09 -10.96 -8.24
N THR A 52 9.49 -11.63 -7.25
CA THR A 52 10.15 -12.04 -6.00
C THR A 52 9.56 -13.35 -5.46
N THR A 53 10.41 -14.19 -4.86
CA THR A 53 9.99 -15.32 -4.00
C THR A 53 9.71 -14.89 -2.56
N GLU A 54 10.27 -13.77 -2.12
CA GLU A 54 10.19 -13.31 -0.73
C GLU A 54 9.05 -12.30 -0.57
N LEU A 55 8.03 -12.66 0.21
CA LEU A 55 6.86 -11.83 0.50
C LEU A 55 6.70 -11.55 2.00
N LEU A 56 5.81 -10.61 2.29
CA LEU A 56 5.41 -10.19 3.62
C LEU A 56 3.87 -10.11 3.70
N HIS A 57 3.28 -10.64 4.77
CA HIS A 57 1.85 -10.54 5.06
C HIS A 57 1.67 -9.68 6.34
N LEU A 58 0.83 -8.66 6.28
CA LEU A 58 0.44 -7.83 7.43
C LEU A 58 -1.08 -7.83 7.60
N THR A 59 -1.59 -8.11 8.80
CA THR A 59 -3.00 -7.92 9.16
C THR A 59 -3.13 -6.62 9.92
N ILE A 60 -3.97 -5.71 9.42
CA ILE A 60 -4.20 -4.38 9.99
C ILE A 60 -5.71 -4.15 10.19
N GLY A 61 -6.13 -3.92 11.44
CA GLY A 61 -7.52 -3.63 11.79
C GLY A 61 -8.56 -4.67 11.31
N GLY A 62 -8.15 -5.91 11.02
CA GLY A 62 -9.01 -6.99 10.50
C GLY A 62 -8.96 -7.23 8.97
N GLU A 63 -8.04 -6.58 8.23
CA GLU A 63 -7.79 -6.81 6.81
C GLU A 63 -6.31 -7.19 6.62
N VAL A 64 -6.04 -8.27 5.87
CA VAL A 64 -4.67 -8.70 5.54
C VAL A 64 -4.21 -8.23 4.15
N ILE A 65 -2.99 -7.72 4.09
CA ILE A 65 -2.36 -7.06 2.94
C ILE A 65 -0.98 -7.67 2.70
N LYS A 66 -0.67 -7.99 1.45
CA LYS A 66 0.44 -8.85 1.03
C LYS A 66 1.42 -8.06 0.14
N THR A 67 2.63 -7.82 0.66
CA THR A 67 3.56 -6.79 0.16
C THR A 67 5.02 -7.25 0.18
N THR A 68 5.96 -6.38 -0.20
CA THR A 68 7.40 -6.59 -0.04
C THR A 68 7.90 -6.05 1.30
N PHE A 69 8.99 -6.63 1.80
CA PHE A 69 9.58 -6.33 3.11
C PHE A 69 9.97 -4.86 3.28
N ASP A 70 10.29 -4.17 2.17
CA ASP A 70 10.87 -2.82 2.16
C ASP A 70 9.85 -1.76 1.69
N HIS A 71 8.58 -2.15 1.51
CA HIS A 71 7.50 -1.22 1.12
C HIS A 71 7.13 -0.21 2.23
N PRO A 72 7.08 1.11 1.97
CA PRO A 72 6.80 2.16 2.96
C PRO A 72 5.31 2.39 3.27
N PHE A 73 4.91 2.06 4.50
CA PHE A 73 3.61 2.35 5.13
C PHE A 73 3.67 3.64 5.97
N TYR A 74 2.55 4.36 6.15
CA TYR A 74 2.51 5.59 6.95
C TYR A 74 2.00 5.38 8.39
N VAL A 75 2.73 5.94 9.36
CA VAL A 75 2.53 5.84 10.80
C VAL A 75 2.08 7.18 11.39
N LYS A 76 1.11 7.14 12.31
CA LYS A 76 0.62 8.31 13.05
C LYS A 76 1.75 8.93 13.87
N ASP A 77 1.97 10.24 13.72
CA ASP A 77 2.97 11.04 14.43
C ASP A 77 4.43 10.55 14.31
N VAL A 78 4.79 9.93 13.19
CA VAL A 78 6.11 9.33 12.93
C VAL A 78 6.56 9.50 11.47
N GLY A 79 5.73 9.15 10.49
CA GLY A 79 6.08 9.25 9.06
C GLY A 79 6.00 7.89 8.37
N PHE A 80 6.77 7.69 7.30
CA PHE A 80 6.78 6.41 6.57
C PHE A 80 7.87 5.44 7.06
N VAL A 81 7.58 4.14 6.98
CA VAL A 81 8.40 3.01 7.47
C VAL A 81 8.21 1.76 6.62
N GLU A 82 9.28 0.99 6.43
CA GLU A 82 9.28 -0.31 5.75
C GLU A 82 8.41 -1.34 6.47
N ALA A 83 7.57 -2.04 5.72
CA ALA A 83 6.57 -2.99 6.23
C ALA A 83 7.18 -4.12 7.10
N GLY A 84 8.38 -4.60 6.74
CA GLY A 84 9.12 -5.62 7.49
C GLY A 84 9.77 -5.10 8.79
N LYS A 85 9.83 -3.78 8.96
CA LYS A 85 10.39 -3.08 10.13
C LYS A 85 9.31 -2.55 11.10
N LEU A 86 8.03 -2.61 10.74
CA LEU A 86 6.90 -2.40 11.66
C LEU A 86 6.92 -3.40 12.84
N GLN A 87 6.24 -3.03 13.93
CA GLN A 87 5.92 -3.91 15.06
C GLN A 87 4.41 -4.12 15.17
N VAL A 88 4.00 -5.26 15.72
CA VAL A 88 2.59 -5.50 16.09
C VAL A 88 2.20 -4.57 17.25
N GLY A 89 1.06 -3.92 17.12
CA GLY A 89 0.58 -2.87 18.02
C GLY A 89 0.94 -1.44 17.59
N ASP A 90 1.63 -1.24 16.46
CA ASP A 90 2.00 0.08 15.95
C ASP A 90 0.86 0.72 15.13
N LYS A 91 0.90 2.06 15.04
CA LYS A 91 -0.27 2.91 14.77
C LYS A 91 -0.23 3.49 13.35
N LEU A 92 -1.02 2.92 12.43
CA LEU A 92 -1.14 3.35 11.03
C LEU A 92 -2.34 4.27 10.84
N LEU A 93 -2.65 4.67 9.60
CA LEU A 93 -3.80 5.52 9.26
C LEU A 93 -4.61 4.95 8.08
N ASP A 94 -5.93 5.21 8.10
CA ASP A 94 -6.85 4.84 7.03
C ASP A 94 -7.23 6.02 6.11
N SER A 95 -7.94 5.70 5.03
CA SER A 95 -8.40 6.63 3.98
C SER A 95 -9.26 7.81 4.46
N ARG A 96 -9.74 7.82 5.71
CA ARG A 96 -10.48 8.91 6.35
C ARG A 96 -9.63 9.65 7.40
N GLY A 97 -8.70 8.95 8.05
CA GLY A 97 -7.83 9.45 9.12
C GLY A 97 -8.08 8.78 10.47
N ASN A 98 -8.71 7.60 10.48
CA ASN A 98 -8.75 6.74 11.66
C ASN A 98 -7.37 6.14 11.95
N VAL A 99 -7.00 6.06 13.22
CA VAL A 99 -5.77 5.38 13.68
C VAL A 99 -5.97 3.87 13.67
N LEU A 100 -5.32 3.22 12.71
CA LEU A 100 -5.30 1.75 12.56
C LEU A 100 -4.18 1.12 13.40
N VAL A 101 -4.29 -0.18 13.67
CA VAL A 101 -3.29 -0.95 14.45
C VAL A 101 -2.84 -2.20 13.67
N VAL A 102 -1.53 -2.48 13.69
CA VAL A 102 -0.97 -3.74 13.16
C VAL A 102 -1.31 -4.88 14.12
N GLU A 103 -2.03 -5.89 13.66
CA GLU A 103 -2.53 -7.01 14.44
C GLU A 103 -1.62 -8.24 14.35
N GLU A 104 -0.94 -8.43 13.21
CA GLU A 104 -0.05 -9.56 12.92
C GLU A 104 0.95 -9.21 11.80
N LYS A 105 2.15 -9.79 11.88
CA LYS A 105 3.19 -9.83 10.84
C LYS A 105 3.59 -11.28 10.56
N LYS A 106 3.55 -11.66 9.28
CA LYS A 106 4.08 -12.90 8.70
C LYS A 106 5.04 -12.60 7.55
N LEU A 107 5.94 -13.54 7.24
CA LEU A 107 6.90 -13.48 6.14
C LEU A 107 7.04 -14.90 5.57
N GLU A 108 7.04 -15.04 4.24
CA GLU A 108 7.14 -16.35 3.59
C GLU A 108 7.96 -16.35 2.30
N ILE A 109 8.44 -17.54 1.94
CA ILE A 109 9.20 -17.81 0.72
C ILE A 109 8.37 -18.66 -0.24
N ALA A 110 7.80 -17.98 -1.24
CA ALA A 110 7.02 -18.58 -2.32
C ALA A 110 7.80 -19.63 -3.15
N ASP A 111 7.10 -20.65 -3.63
CA ASP A 111 7.67 -21.77 -4.42
C ASP A 111 8.05 -21.36 -5.86
N LYS A 112 7.56 -20.21 -6.33
CA LYS A 112 7.87 -19.55 -7.60
C LYS A 112 8.03 -18.03 -7.37
N PRO A 113 8.78 -17.30 -8.22
CA PRO A 113 8.84 -15.85 -8.16
C PRO A 113 7.50 -15.23 -8.59
N VAL A 114 6.80 -14.64 -7.63
CA VAL A 114 5.47 -14.03 -7.78
C VAL A 114 5.59 -12.63 -8.38
N LYS A 115 4.69 -12.26 -9.30
CA LYS A 115 4.63 -10.92 -9.88
C LYS A 115 4.03 -9.94 -8.88
N VAL A 116 4.65 -8.78 -8.77
CA VAL A 116 4.32 -7.72 -7.82
C VAL A 116 4.31 -6.35 -8.51
N TYR A 117 3.30 -5.55 -8.18
CA TYR A 117 2.94 -4.32 -8.90
C TYR A 117 3.03 -3.10 -7.98
N ASN A 118 3.35 -1.93 -8.55
CA ASN A 118 3.34 -0.61 -7.89
C ASN A 118 3.10 0.50 -8.94
N PHE A 119 2.78 1.72 -8.53
CA PHE A 119 2.57 2.87 -9.42
C PHE A 119 2.88 4.20 -8.74
N LYS A 120 3.02 5.26 -9.53
CA LYS A 120 3.29 6.63 -9.04
C LYS A 120 2.24 7.67 -9.47
N VAL A 121 1.94 8.60 -8.57
CA VAL A 121 0.82 9.55 -8.64
C VAL A 121 1.25 10.94 -9.17
N ASP A 122 0.34 11.58 -9.89
CA ASP A 122 0.57 12.81 -10.68
C ASP A 122 0.87 14.09 -9.90
N ASP A 123 0.61 14.12 -8.59
CA ASP A 123 0.90 15.27 -7.71
C ASP A 123 1.31 14.83 -6.30
N PHE A 124 0.54 13.90 -5.70
CA PHE A 124 0.84 13.33 -4.37
C PHE A 124 1.84 12.16 -4.46
N HIS A 125 2.26 11.66 -3.29
CA HIS A 125 3.25 10.59 -3.10
C HIS A 125 2.67 9.28 -2.51
N THR A 126 1.34 9.16 -2.41
CA THR A 126 0.65 8.08 -1.68
C THR A 126 -0.49 7.44 -2.47
N TYR A 127 -1.06 6.34 -1.95
CA TYR A 127 -2.35 5.75 -2.32
C TYR A 127 -2.90 4.88 -1.17
N HIS A 128 -4.08 4.27 -1.34
CA HIS A 128 -4.77 3.45 -0.33
C HIS A 128 -4.92 1.99 -0.77
N VAL A 129 -4.72 1.03 0.16
CA VAL A 129 -4.71 -0.42 -0.11
C VAL A 129 -5.67 -1.22 0.79
N GLY A 130 -6.30 -2.26 0.21
CA GLY A 130 -7.15 -3.23 0.91
C GLY A 130 -8.54 -2.70 1.35
N ASP A 131 -9.40 -3.57 1.88
CA ASP A 131 -10.77 -3.19 2.29
C ASP A 131 -10.80 -2.22 3.50
N ASN A 132 -9.77 -2.24 4.35
CA ASN A 132 -9.58 -1.25 5.42
C ASN A 132 -8.88 0.04 4.94
N GLU A 133 -8.46 0.11 3.67
CA GLU A 133 -8.01 1.32 2.96
C GLU A 133 -6.83 2.04 3.64
N VAL A 134 -5.74 1.31 3.87
CA VAL A 134 -4.55 1.77 4.62
C VAL A 134 -3.64 2.66 3.77
N LEU A 135 -3.03 3.68 4.37
CA LEU A 135 -2.16 4.66 3.69
C LEU A 135 -0.71 4.17 3.46
N VAL A 136 -0.27 4.22 2.20
CA VAL A 136 1.07 3.75 1.75
C VAL A 136 1.69 4.68 0.70
N HIS A 137 3.02 4.63 0.53
CA HIS A 137 3.80 5.52 -0.36
C HIS A 137 4.16 4.87 -1.72
N ASN A 138 4.29 5.71 -2.77
CA ASN A 138 4.63 5.33 -4.15
C ASN A 138 6.04 4.76 -4.27
N SER A 1 16.36 -3.40 -2.21
CA SER A 1 15.00 -3.13 -1.70
C SER A 1 13.96 -3.23 -2.79
N MET A 2 12.71 -3.51 -2.44
CA MET A 2 11.57 -3.46 -3.37
C MET A 2 10.32 -2.83 -2.72
N LYS A 3 9.61 -1.99 -3.47
CA LYS A 3 8.29 -1.43 -3.13
C LYS A 3 7.23 -1.93 -4.10
N ALA A 4 6.46 -2.96 -3.71
CA ALA A 4 5.40 -3.54 -4.53
C ALA A 4 4.33 -4.29 -3.70
N PHE A 5 3.20 -4.68 -4.31
CA PHE A 5 2.20 -5.60 -3.76
C PHE A 5 1.95 -6.78 -4.70
N VAL A 6 1.51 -7.93 -4.18
CA VAL A 6 1.06 -9.06 -5.02
C VAL A 6 -0.21 -8.70 -5.81
N ALA A 7 -0.41 -9.37 -6.94
CA ALA A 7 -1.61 -9.22 -7.75
C ALA A 7 -2.89 -9.50 -6.94
N GLY A 8 -4.01 -8.91 -7.35
CA GLY A 8 -5.27 -8.91 -6.61
C GLY A 8 -5.37 -7.92 -5.43
N THR A 9 -4.28 -7.27 -5.01
CA THR A 9 -4.35 -6.20 -3.97
C THR A 9 -5.21 -5.04 -4.48
N MET A 10 -6.24 -4.66 -3.70
CA MET A 10 -7.24 -3.65 -4.07
C MET A 10 -6.76 -2.23 -3.74
N ILE A 11 -7.06 -1.28 -4.64
CA ILE A 11 -6.71 0.15 -4.56
C ILE A 11 -7.98 0.99 -4.53
N LEU A 12 -8.04 2.00 -3.65
CA LEU A 12 -9.19 2.92 -3.53
C LEU A 12 -9.27 3.94 -4.68
N THR A 13 -10.45 4.06 -5.27
CA THR A 13 -10.77 4.98 -6.38
C THR A 13 -11.98 5.86 -6.05
N ALA A 14 -12.30 6.81 -6.91
CA ALA A 14 -13.43 7.73 -6.78
C ALA A 14 -14.80 7.02 -6.82
N THR A 15 -14.85 5.79 -7.34
CA THR A 15 -16.07 4.98 -7.41
C THR A 15 -16.05 3.76 -6.49
N GLY A 16 -14.88 3.25 -6.13
CA GLY A 16 -14.75 2.03 -5.33
C GLY A 16 -13.34 1.45 -5.35
N LEU A 17 -13.18 0.27 -5.96
CA LEU A 17 -11.91 -0.47 -5.97
C LEU A 17 -11.50 -0.96 -7.37
N VAL A 18 -10.18 -0.98 -7.61
CA VAL A 18 -9.51 -1.59 -8.77
C VAL A 18 -8.31 -2.41 -8.26
N ALA A 19 -8.03 -3.57 -8.86
CA ALA A 19 -6.83 -4.34 -8.51
C ALA A 19 -5.56 -3.66 -9.04
N ILE A 20 -4.46 -3.75 -8.30
CA ILE A 20 -3.19 -3.12 -8.69
C ILE A 20 -2.64 -3.63 -10.03
N GLU A 21 -2.97 -4.87 -10.40
CA GLU A 21 -2.67 -5.48 -11.70
C GLU A 21 -3.48 -4.89 -12.87
N ASN A 22 -4.53 -4.13 -12.58
CA ASN A 22 -5.50 -3.59 -13.54
C ASN A 22 -5.45 -2.04 -13.63
N ILE A 23 -4.77 -1.37 -12.70
CA ILE A 23 -4.38 0.04 -12.87
C ILE A 23 -3.45 0.17 -14.09
N LYS A 24 -3.67 1.21 -14.91
CA LYS A 24 -2.80 1.64 -16.02
C LYS A 24 -2.42 3.12 -15.89
N ALA A 25 -1.39 3.55 -16.63
CA ALA A 25 -1.08 4.97 -16.81
C ALA A 25 -2.32 5.75 -17.31
N GLY A 26 -2.60 6.90 -16.68
CA GLY A 26 -3.78 7.73 -16.97
C GLY A 26 -5.07 7.31 -16.27
N ASP A 27 -5.04 6.25 -15.46
CA ASP A 27 -6.11 5.95 -14.51
C ASP A 27 -5.92 6.78 -13.23
N LYS A 28 -7.01 7.05 -12.50
CA LYS A 28 -7.01 7.87 -11.27
C LYS A 28 -7.31 7.05 -10.03
N VAL A 29 -6.69 7.43 -8.91
CA VAL A 29 -6.83 6.82 -7.57
C VAL A 29 -6.89 7.89 -6.47
N ILE A 30 -7.40 7.54 -5.28
CA ILE A 30 -7.29 8.42 -4.09
C ILE A 30 -5.87 8.41 -3.52
N ALA A 31 -5.44 9.57 -3.03
CA ALA A 31 -4.18 9.75 -2.33
C ALA A 31 -4.37 10.73 -1.17
N THR A 32 -3.94 10.33 0.02
CA THR A 32 -3.72 11.29 1.13
C THR A 32 -2.38 12.01 0.91
N ASN A 33 -2.41 13.32 0.70
CA ASN A 33 -1.23 14.19 0.67
C ASN A 33 -0.41 14.07 1.98
N PRO A 34 0.85 13.58 1.96
CA PRO A 34 1.67 13.44 3.17
C PRO A 34 2.17 14.79 3.74
N GLU A 35 1.90 15.92 3.08
CA GLU A 35 2.30 17.25 3.56
C GLU A 35 1.32 17.80 4.62
N THR A 36 0.02 17.70 4.33
CA THR A 36 -1.05 18.41 5.06
C THR A 36 -2.25 17.51 5.35
N PHE A 37 -2.20 16.23 4.96
CA PHE A 37 -3.30 15.28 5.09
C PHE A 37 -4.61 15.77 4.42
N GLU A 38 -4.45 16.27 3.19
CA GLU A 38 -5.53 16.53 2.23
C GLU A 38 -5.82 15.25 1.42
N VAL A 39 -7.08 14.88 1.23
CA VAL A 39 -7.47 13.65 0.52
C VAL A 39 -8.12 14.02 -0.81
N ALA A 40 -7.51 13.57 -1.92
CA ALA A 40 -7.91 13.94 -3.28
C ALA A 40 -7.65 12.81 -4.30
N GLU A 41 -8.25 12.93 -5.48
CA GLU A 41 -8.08 12.03 -6.62
C GLU A 41 -6.92 12.49 -7.51
N LYS A 42 -5.98 11.61 -7.85
CA LYS A 42 -4.80 11.93 -8.65
C LYS A 42 -4.56 10.86 -9.73
N THR A 43 -4.01 11.26 -10.88
CA THR A 43 -3.74 10.35 -12.01
C THR A 43 -2.38 9.64 -11.89
N VAL A 44 -2.29 8.47 -12.52
CA VAL A 44 -1.08 7.64 -12.58
C VAL A 44 -0.24 8.00 -13.81
N LEU A 45 1.07 8.13 -13.64
CA LEU A 45 2.02 8.43 -14.74
C LEU A 45 2.54 7.16 -15.42
N GLU A 46 2.98 6.18 -14.62
CA GLU A 46 3.46 4.86 -15.04
C GLU A 46 3.04 3.81 -14.03
N THR A 47 3.06 2.55 -14.49
CA THR A 47 2.90 1.36 -13.65
C THR A 47 4.18 0.52 -13.71
N TYR A 48 4.64 0.07 -12.54
CA TYR A 48 5.85 -0.75 -12.35
C TYR A 48 5.56 -2.19 -11.96
N VAL A 49 6.35 -3.10 -12.53
CA VAL A 49 6.28 -4.54 -12.27
C VAL A 49 7.67 -5.12 -11.99
N ARG A 50 7.72 -6.01 -11.00
CA ARG A 50 8.89 -6.74 -10.52
C ARG A 50 8.49 -8.19 -10.17
N GLU A 51 9.47 -9.01 -9.82
CA GLU A 51 9.30 -10.38 -9.35
C GLU A 51 10.11 -10.61 -8.07
N THR A 52 9.55 -11.31 -7.08
CA THR A 52 10.27 -11.69 -5.86
C THR A 52 9.79 -13.05 -5.33
N THR A 53 10.69 -13.76 -4.65
CA THR A 53 10.44 -15.04 -3.98
C THR A 53 10.08 -14.91 -2.49
N GLU A 54 10.30 -13.74 -1.88
CA GLU A 54 10.11 -13.54 -0.43
C GLU A 54 9.04 -12.48 -0.17
N LEU A 55 7.91 -12.93 0.37
CA LEU A 55 6.74 -12.07 0.64
C LEU A 55 6.47 -11.81 2.12
N LEU A 56 5.71 -10.76 2.38
CA LEU A 56 5.32 -10.27 3.71
C LEU A 56 3.80 -10.09 3.80
N HIS A 57 3.18 -10.62 4.85
CA HIS A 57 1.72 -10.59 5.10
C HIS A 57 1.46 -9.82 6.40
N LEU A 58 1.02 -8.57 6.26
CA LEU A 58 0.61 -7.72 7.38
C LEU A 58 -0.91 -7.75 7.53
N THR A 59 -1.41 -8.02 8.74
CA THR A 59 -2.82 -7.91 9.07
C THR A 59 -3.03 -6.60 9.82
N ILE A 60 -3.86 -5.72 9.27
CA ILE A 60 -4.08 -4.35 9.79
C ILE A 60 -5.59 -4.13 9.98
N GLY A 61 -6.02 -3.90 11.22
CA GLY A 61 -7.44 -3.75 11.57
C GLY A 61 -8.35 -4.88 11.08
N GLY A 62 -7.82 -6.09 10.95
CA GLY A 62 -8.50 -7.30 10.45
C GLY A 62 -8.50 -7.48 8.93
N GLU A 63 -7.93 -6.56 8.13
CA GLU A 63 -7.66 -6.79 6.71
C GLU A 63 -6.20 -7.19 6.52
N VAL A 64 -5.94 -8.36 5.93
CA VAL A 64 -4.59 -8.79 5.56
C VAL A 64 -4.18 -8.28 4.17
N ILE A 65 -2.99 -7.70 4.10
CA ILE A 65 -2.40 -7.04 2.93
C ILE A 65 -1.00 -7.62 2.68
N LYS A 66 -0.73 -8.00 1.43
CA LYS A 66 0.41 -8.86 1.05
C LYS A 66 1.41 -8.08 0.19
N THR A 67 2.58 -7.81 0.75
CA THR A 67 3.47 -6.72 0.31
C THR A 67 4.94 -7.14 0.32
N THR A 68 5.82 -6.24 -0.11
CA THR A 68 7.29 -6.39 0.01
C THR A 68 7.82 -5.88 1.35
N PHE A 69 8.92 -6.47 1.81
CA PHE A 69 9.54 -6.16 3.11
C PHE A 69 9.94 -4.68 3.24
N ASP A 70 10.27 -4.03 2.13
CA ASP A 70 10.73 -2.63 2.11
C ASP A 70 9.61 -1.62 1.76
N HIS A 71 8.34 -2.06 1.71
CA HIS A 71 7.22 -1.18 1.32
C HIS A 71 6.89 -0.13 2.40
N PRO A 72 6.84 1.19 2.11
CA PRO A 72 6.60 2.22 3.12
C PRO A 72 5.10 2.39 3.48
N PHE A 73 4.77 2.18 4.75
CA PHE A 73 3.48 2.44 5.39
C PHE A 73 3.53 3.67 6.29
N TYR A 74 2.45 4.47 6.37
CA TYR A 74 2.42 5.66 7.25
C TYR A 74 2.04 5.31 8.71
N VAL A 75 2.85 5.76 9.67
CA VAL A 75 2.68 5.62 11.12
C VAL A 75 2.18 6.91 11.75
N LYS A 76 1.17 6.81 12.62
CA LYS A 76 0.57 7.90 13.38
C LYS A 76 1.62 8.76 14.09
N ASP A 77 1.66 10.03 13.70
CA ASP A 77 2.53 11.11 14.19
C ASP A 77 4.05 10.79 14.16
N VAL A 78 4.45 9.87 13.27
CA VAL A 78 5.84 9.46 13.07
C VAL A 78 6.26 9.65 11.61
N GLY A 79 5.45 9.15 10.67
CA GLY A 79 5.76 9.18 9.23
C GLY A 79 5.87 7.79 8.63
N PHE A 80 6.50 7.63 7.47
CA PHE A 80 6.55 6.34 6.78
C PHE A 80 7.69 5.42 7.26
N VAL A 81 7.43 4.12 7.18
CA VAL A 81 8.33 3.04 7.62
C VAL A 81 8.17 1.80 6.74
N GLU A 82 9.26 1.09 6.52
CA GLU A 82 9.27 -0.17 5.76
C GLU A 82 8.44 -1.27 6.44
N ALA A 83 7.63 -2.00 5.67
CA ALA A 83 6.65 -2.95 6.16
C ALA A 83 7.23 -4.06 7.06
N GLY A 84 8.44 -4.54 6.77
CA GLY A 84 9.12 -5.53 7.60
C GLY A 84 9.87 -4.95 8.80
N LYS A 85 9.90 -3.61 8.95
CA LYS A 85 10.34 -2.87 10.14
C LYS A 85 9.16 -2.47 11.05
N LEU A 86 7.92 -2.74 10.63
CA LEU A 86 6.75 -2.66 11.53
C LEU A 86 6.73 -3.81 12.54
N GLN A 87 6.07 -3.56 13.67
CA GLN A 87 5.75 -4.54 14.70
C GLN A 87 4.24 -4.66 14.91
N VAL A 88 3.82 -5.70 15.61
CA VAL A 88 2.45 -5.86 16.10
C VAL A 88 2.20 -4.84 17.20
N GLY A 89 1.04 -4.20 17.21
CA GLY A 89 0.74 -3.07 18.10
C GLY A 89 1.28 -1.71 17.63
N ASP A 90 1.73 -1.59 16.38
CA ASP A 90 2.07 -0.31 15.74
C ASP A 90 0.82 0.32 15.11
N LYS A 91 0.81 1.65 15.04
CA LYS A 91 -0.36 2.49 14.69
C LYS A 91 -0.24 3.10 13.30
N LEU A 92 -1.09 2.65 12.37
CA LEU A 92 -1.17 3.16 10.99
C LEU A 92 -2.42 4.06 10.82
N LEU A 93 -2.66 4.57 9.61
CA LEU A 93 -3.85 5.37 9.28
C LEU A 93 -4.57 4.91 8.01
N ASP A 94 -5.86 5.25 7.94
CA ASP A 94 -6.72 5.03 6.76
C ASP A 94 -7.01 6.32 5.97
N SER A 95 -7.78 6.17 4.89
CA SER A 95 -8.23 7.25 4.01
C SER A 95 -9.20 8.26 4.68
N ARG A 96 -9.83 7.93 5.82
CA ARG A 96 -10.59 8.88 6.65
C ARG A 96 -9.68 9.64 7.64
N GLY A 97 -8.55 9.04 8.01
CA GLY A 97 -7.53 9.59 8.92
C GLY A 97 -7.61 9.02 10.34
N ASN A 98 -8.15 7.82 10.48
CA ASN A 98 -8.44 7.17 11.76
C ASN A 98 -7.43 6.05 12.07
N VAL A 99 -7.05 5.90 13.35
CA VAL A 99 -6.03 4.93 13.81
C VAL A 99 -6.38 3.50 13.43
N LEU A 100 -5.49 2.88 12.66
CA LEU A 100 -5.41 1.43 12.47
C LEU A 100 -4.30 0.83 13.35
N VAL A 101 -4.42 -0.45 13.68
CA VAL A 101 -3.43 -1.21 14.48
C VAL A 101 -2.98 -2.45 13.70
N VAL A 102 -1.69 -2.77 13.78
CA VAL A 102 -1.13 -4.04 13.28
C VAL A 102 -1.55 -5.18 14.21
N GLU A 103 -2.29 -6.14 13.66
CA GLU A 103 -2.87 -7.31 14.34
C GLU A 103 -1.93 -8.52 14.34
N GLU A 104 -1.17 -8.70 13.25
CA GLU A 104 -0.26 -9.82 13.01
C GLU A 104 0.73 -9.49 11.88
N LYS A 105 1.94 -10.05 11.96
CA LYS A 105 3.01 -9.93 10.95
C LYS A 105 3.56 -11.32 10.58
N LYS A 106 3.53 -11.64 9.28
CA LYS A 106 3.96 -12.95 8.72
C LYS A 106 4.89 -12.77 7.53
N LEU A 107 5.77 -13.75 7.31
CA LEU A 107 6.78 -13.77 6.25
C LEU A 107 6.81 -15.17 5.61
N GLU A 108 6.90 -15.29 4.28
CA GLU A 108 7.00 -16.58 3.59
C GLU A 108 7.95 -16.60 2.40
N ILE A 109 8.52 -17.77 2.14
CA ILE A 109 9.30 -18.06 0.95
C ILE A 109 8.42 -18.81 -0.06
N ALA A 110 8.22 -18.22 -1.22
CA ALA A 110 7.64 -18.87 -2.39
C ALA A 110 8.62 -19.88 -3.07
N ASP A 111 8.06 -20.92 -3.68
CA ASP A 111 8.78 -21.95 -4.44
C ASP A 111 9.39 -21.42 -5.75
N LYS A 112 8.91 -20.26 -6.23
CA LYS A 112 9.26 -19.59 -7.47
C LYS A 112 8.91 -18.10 -7.35
N PRO A 113 9.54 -17.20 -8.13
CA PRO A 113 9.22 -15.77 -8.08
C PRO A 113 7.76 -15.48 -8.45
N VAL A 114 7.09 -14.71 -7.58
CA VAL A 114 5.72 -14.18 -7.79
C VAL A 114 5.81 -12.74 -8.34
N LYS A 115 4.89 -12.35 -9.23
CA LYS A 115 4.85 -10.99 -9.79
C LYS A 115 4.20 -10.03 -8.82
N VAL A 116 4.76 -8.84 -8.76
CA VAL A 116 4.33 -7.76 -7.87
C VAL A 116 4.29 -6.41 -8.59
N TYR A 117 3.24 -5.65 -8.32
CA TYR A 117 2.90 -4.39 -8.99
C TYR A 117 3.06 -3.17 -8.06
N ASN A 118 3.29 -2.01 -8.66
CA ASN A 118 3.30 -0.67 -8.05
C ASN A 118 3.01 0.36 -9.17
N PHE A 119 2.85 1.64 -8.84
CA PHE A 119 2.70 2.73 -9.83
C PHE A 119 3.17 4.05 -9.22
N LYS A 120 3.28 5.13 -10.03
CA LYS A 120 3.71 6.46 -9.58
C LYS A 120 2.66 7.54 -9.86
N VAL A 121 2.44 8.44 -8.89
CA VAL A 121 1.31 9.38 -8.87
C VAL A 121 1.73 10.79 -9.32
N ASP A 122 0.84 11.51 -10.02
CA ASP A 122 1.11 12.78 -10.71
C ASP A 122 1.66 13.92 -9.83
N ASP A 123 1.18 14.09 -8.60
CA ASP A 123 1.67 15.15 -7.69
C ASP A 123 1.82 14.69 -6.25
N PHE A 124 0.81 14.03 -5.68
CA PHE A 124 0.97 13.35 -4.39
C PHE A 124 1.87 12.12 -4.57
N HIS A 125 2.39 11.54 -3.49
CA HIS A 125 3.41 10.48 -3.49
C HIS A 125 2.87 9.17 -2.88
N THR A 126 1.55 8.99 -2.87
CA THR A 126 0.80 8.11 -1.96
C THR A 126 -0.42 7.51 -2.63
N TYR A 127 -0.94 6.43 -2.07
CA TYR A 127 -2.23 5.79 -2.43
C TYR A 127 -2.73 4.89 -1.28
N HIS A 128 -3.93 4.30 -1.42
CA HIS A 128 -4.61 3.57 -0.35
C HIS A 128 -4.94 2.11 -0.74
N VAL A 129 -4.68 1.15 0.14
CA VAL A 129 -4.78 -0.30 -0.12
C VAL A 129 -5.74 -1.06 0.83
N GLY A 130 -6.46 -2.06 0.29
CA GLY A 130 -7.32 -3.00 1.02
C GLY A 130 -8.64 -2.42 1.55
N ASP A 131 -9.50 -3.28 2.17
CA ASP A 131 -10.80 -2.85 2.75
C ASP A 131 -10.67 -1.73 3.79
N ASN A 132 -9.57 -1.74 4.55
CA ASN A 132 -9.24 -0.71 5.53
C ASN A 132 -8.56 0.54 4.96
N GLU A 133 -8.33 0.62 3.65
CA GLU A 133 -7.91 1.84 2.93
C GLU A 133 -6.60 2.45 3.48
N VAL A 134 -5.60 1.60 3.75
CA VAL A 134 -4.37 1.93 4.50
C VAL A 134 -3.42 2.78 3.66
N LEU A 135 -2.83 3.83 4.26
CA LEU A 135 -1.95 4.79 3.59
C LEU A 135 -0.50 4.28 3.39
N VAL A 136 -0.03 4.31 2.13
CA VAL A 136 1.30 3.85 1.69
C VAL A 136 1.93 4.81 0.67
N HIS A 137 3.26 4.78 0.54
CA HIS A 137 4.05 5.69 -0.32
C HIS A 137 4.62 4.99 -1.57
N ASN A 138 4.39 5.60 -2.75
CA ASN A 138 4.69 5.02 -4.07
C ASN A 138 6.19 4.82 -4.37
N SER A 1 15.28 -0.99 -2.62
CA SER A 1 15.49 -2.45 -2.74
C SER A 1 14.40 -3.11 -3.58
N MET A 2 13.15 -3.12 -3.10
CA MET A 2 11.95 -3.52 -3.86
C MET A 2 10.66 -3.03 -3.19
N LYS A 3 9.77 -2.35 -3.91
CA LYS A 3 8.56 -1.70 -3.37
C LYS A 3 7.31 -2.01 -4.20
N ALA A 4 6.52 -3.01 -3.79
CA ALA A 4 5.33 -3.45 -4.53
C ALA A 4 4.29 -4.22 -3.67
N PHE A 5 3.15 -4.59 -4.26
CA PHE A 5 2.14 -5.51 -3.72
C PHE A 5 1.89 -6.68 -4.68
N VAL A 6 1.40 -7.81 -4.19
CA VAL A 6 0.98 -8.94 -5.04
C VAL A 6 -0.27 -8.60 -5.86
N ALA A 7 -0.46 -9.33 -6.97
CA ALA A 7 -1.66 -9.22 -7.81
C ALA A 7 -2.94 -9.40 -6.99
N GLY A 8 -4.05 -8.82 -7.45
CA GLY A 8 -5.31 -8.80 -6.70
C GLY A 8 -5.32 -7.98 -5.39
N THR A 9 -4.26 -7.25 -5.03
CA THR A 9 -4.34 -6.22 -3.97
C THR A 9 -5.22 -5.06 -4.45
N MET A 10 -6.25 -4.71 -3.68
CA MET A 10 -7.24 -3.67 -4.00
C MET A 10 -6.72 -2.26 -3.69
N ILE A 11 -7.06 -1.31 -4.55
CA ILE A 11 -6.68 0.10 -4.51
C ILE A 11 -7.93 0.99 -4.48
N LEU A 12 -7.94 2.03 -3.64
CA LEU A 12 -9.06 2.95 -3.52
C LEU A 12 -9.16 3.92 -4.71
N THR A 13 -10.31 3.89 -5.38
CA THR A 13 -10.67 4.80 -6.48
C THR A 13 -11.86 5.66 -6.09
N ALA A 14 -12.15 6.70 -6.87
CA ALA A 14 -13.26 7.62 -6.62
C ALA A 14 -14.63 6.93 -6.70
N THR A 15 -14.73 5.78 -7.39
CA THR A 15 -15.97 5.02 -7.53
C THR A 15 -16.05 3.84 -6.58
N GLY A 16 -14.92 3.22 -6.22
CA GLY A 16 -14.87 2.02 -5.38
C GLY A 16 -13.45 1.46 -5.24
N LEU A 17 -13.27 0.20 -5.67
CA LEU A 17 -11.97 -0.50 -5.64
C LEU A 17 -11.60 -1.10 -7.01
N VAL A 18 -10.31 -1.02 -7.37
CA VAL A 18 -9.71 -1.65 -8.56
C VAL A 18 -8.42 -2.36 -8.13
N ALA A 19 -8.11 -3.53 -8.70
CA ALA A 19 -6.87 -4.23 -8.37
C ALA A 19 -5.63 -3.48 -8.86
N ILE A 20 -4.50 -3.62 -8.18
CA ILE A 20 -3.24 -2.96 -8.55
C ILE A 20 -2.71 -3.38 -9.93
N GLU A 21 -3.07 -4.58 -10.39
CA GLU A 21 -2.80 -5.06 -11.76
C GLU A 21 -3.71 -4.44 -12.83
N ASN A 22 -4.82 -3.81 -12.40
CA ASN A 22 -5.87 -3.21 -13.24
C ASN A 22 -5.84 -1.68 -13.20
N ILE A 23 -5.15 -1.06 -12.24
CA ILE A 23 -4.70 0.33 -12.34
C ILE A 23 -3.72 0.43 -13.52
N LYS A 24 -3.86 1.44 -14.37
CA LYS A 24 -3.03 1.67 -15.56
C LYS A 24 -2.59 3.13 -15.67
N ALA A 25 -1.54 3.36 -16.45
CA ALA A 25 -1.07 4.72 -16.77
C ALA A 25 -2.20 5.53 -17.45
N GLY A 26 -2.61 6.64 -16.84
CA GLY A 26 -3.77 7.44 -17.24
C GLY A 26 -4.99 7.35 -16.31
N ASP A 27 -5.15 6.27 -15.53
CA ASP A 27 -6.19 6.18 -14.50
C ASP A 27 -5.91 7.14 -13.32
N LYS A 28 -6.88 7.28 -12.41
CA LYS A 28 -6.80 8.08 -11.19
C LYS A 28 -7.12 7.26 -9.95
N VAL A 29 -6.47 7.58 -8.85
CA VAL A 29 -6.66 6.95 -7.52
C VAL A 29 -6.77 8.01 -6.44
N ILE A 30 -7.33 7.66 -5.27
CA ILE A 30 -7.29 8.53 -4.11
C ILE A 30 -5.90 8.51 -3.47
N ALA A 31 -5.47 9.68 -3.02
CA ALA A 31 -4.23 9.87 -2.31
C ALA A 31 -4.48 10.81 -1.12
N THR A 32 -4.11 10.36 0.08
CA THR A 32 -3.92 11.28 1.21
C THR A 32 -2.55 11.93 1.07
N ASN A 33 -2.50 13.24 0.80
CA ASN A 33 -1.25 14.02 0.87
C ASN A 33 -0.57 13.84 2.24
N PRO A 34 0.60 13.18 2.37
CA PRO A 34 1.23 12.93 3.67
C PRO A 34 1.77 14.21 4.32
N GLU A 35 1.84 15.31 3.56
CA GLU A 35 2.39 16.59 3.98
C GLU A 35 1.45 17.38 4.89
N THR A 36 0.15 17.32 4.58
CA THR A 36 -0.90 18.17 5.19
C THR A 36 -2.16 17.37 5.55
N PHE A 37 -2.20 16.09 5.15
CA PHE A 37 -3.36 15.19 5.30
C PHE A 37 -4.63 15.77 4.68
N GLU A 38 -4.48 16.17 3.41
CA GLU A 38 -5.56 16.53 2.49
C GLU A 38 -5.82 15.34 1.55
N VAL A 39 -7.09 14.99 1.30
CA VAL A 39 -7.45 13.80 0.50
C VAL A 39 -8.11 14.20 -0.82
N ALA A 40 -7.63 13.68 -1.94
CA ALA A 40 -8.18 13.94 -3.28
C ALA A 40 -7.82 12.84 -4.30
N GLU A 41 -8.41 12.91 -5.50
CA GLU A 41 -7.98 12.16 -6.69
C GLU A 41 -6.69 12.74 -7.30
N LYS A 42 -5.76 11.88 -7.72
CA LYS A 42 -4.68 12.22 -8.67
C LYS A 42 -4.43 11.08 -9.68
N THR A 43 -3.93 11.44 -10.87
CA THR A 43 -3.61 10.52 -11.97
C THR A 43 -2.28 9.78 -11.80
N VAL A 44 -2.21 8.61 -12.44
CA VAL A 44 -1.04 7.73 -12.52
C VAL A 44 -0.20 8.03 -13.77
N LEU A 45 1.12 8.17 -13.60
CA LEU A 45 2.10 8.49 -14.65
C LEU A 45 2.71 7.25 -15.32
N GLU A 46 3.02 6.24 -14.50
CA GLU A 46 3.50 4.91 -14.88
C GLU A 46 3.00 3.87 -13.89
N THR A 47 2.94 2.63 -14.37
CA THR A 47 2.83 1.42 -13.59
C THR A 47 4.11 0.61 -13.73
N TYR A 48 4.60 0.09 -12.62
CA TYR A 48 5.77 -0.79 -12.53
C TYR A 48 5.44 -2.21 -12.12
N VAL A 49 6.15 -3.16 -12.73
CA VAL A 49 5.98 -4.61 -12.46
C VAL A 49 7.34 -5.30 -12.32
N ARG A 50 7.44 -6.18 -11.34
CA ARG A 50 8.59 -7.03 -11.02
C ARG A 50 8.14 -8.44 -10.62
N GLU A 51 9.09 -9.33 -10.38
CA GLU A 51 8.87 -10.70 -9.88
C GLU A 51 9.72 -10.98 -8.63
N THR A 52 9.15 -11.55 -7.57
CA THR A 52 9.87 -11.93 -6.34
C THR A 52 9.39 -13.24 -5.73
N THR A 53 10.33 -13.98 -5.15
CA THR A 53 10.11 -15.15 -4.28
C THR A 53 9.94 -14.78 -2.81
N GLU A 54 10.30 -13.56 -2.40
CA GLU A 54 10.33 -13.13 -1.00
C GLU A 54 9.17 -12.17 -0.69
N LEU A 55 8.20 -12.65 0.07
CA LEU A 55 6.99 -11.89 0.44
C LEU A 55 6.88 -11.63 1.94
N LEU A 56 5.95 -10.74 2.29
CA LEU A 56 5.54 -10.38 3.65
C LEU A 56 4.01 -10.32 3.70
N HIS A 57 3.38 -10.92 4.72
CA HIS A 57 1.95 -10.76 5.00
C HIS A 57 1.78 -9.86 6.23
N LEU A 58 0.92 -8.86 6.13
CA LEU A 58 0.46 -8.04 7.24
C LEU A 58 -1.04 -8.26 7.47
N THR A 59 -1.48 -8.17 8.72
CA THR A 59 -2.91 -8.07 9.07
C THR A 59 -3.14 -6.80 9.89
N ILE A 60 -4.06 -5.94 9.45
CA ILE A 60 -4.43 -4.67 10.08
C ILE A 60 -5.95 -4.55 10.16
N GLY A 61 -6.52 -4.35 11.36
CA GLY A 61 -7.96 -4.19 11.55
C GLY A 61 -8.85 -5.32 11.00
N GLY A 62 -8.33 -6.55 10.93
CA GLY A 62 -9.01 -7.73 10.37
C GLY A 62 -8.94 -7.86 8.84
N GLU A 63 -8.17 -7.02 8.14
CA GLU A 63 -7.86 -7.13 6.72
C GLU A 63 -6.39 -7.54 6.54
N VAL A 64 -6.14 -8.46 5.61
CA VAL A 64 -4.79 -8.88 5.20
C VAL A 64 -4.29 -8.05 4.01
N ILE A 65 -3.03 -7.62 4.08
CA ILE A 65 -2.29 -6.93 3.03
C ILE A 65 -0.93 -7.62 2.83
N LYS A 66 -0.83 -8.39 1.74
CA LYS A 66 0.41 -9.04 1.27
C LYS A 66 1.29 -8.08 0.46
N THR A 67 2.53 -7.85 0.88
CA THR A 67 3.39 -6.76 0.37
C THR A 67 4.87 -7.16 0.28
N THR A 68 5.73 -6.29 -0.26
CA THR A 68 7.18 -6.45 -0.14
C THR A 68 7.69 -5.98 1.22
N PHE A 69 8.82 -6.53 1.67
CA PHE A 69 9.39 -6.26 2.99
C PHE A 69 9.70 -4.77 3.22
N ASP A 70 10.00 -4.04 2.15
CA ASP A 70 10.48 -2.65 2.21
C ASP A 70 9.38 -1.61 1.98
N HIS A 71 8.13 -2.04 1.79
CA HIS A 71 7.03 -1.14 1.42
C HIS A 71 6.69 -0.10 2.53
N PRO A 72 6.63 1.22 2.28
CA PRO A 72 6.41 2.20 3.35
C PRO A 72 4.94 2.43 3.73
N PHE A 73 4.64 2.32 5.03
CA PHE A 73 3.33 2.52 5.67
C PHE A 73 3.35 3.71 6.64
N TYR A 74 2.30 4.53 6.70
CA TYR A 74 2.29 5.77 7.52
C TYR A 74 1.77 5.56 8.97
N VAL A 75 2.54 6.04 9.96
CA VAL A 75 2.31 5.95 11.41
C VAL A 75 1.93 7.30 12.02
N LYS A 76 0.90 7.31 12.88
CA LYS A 76 0.43 8.47 13.67
C LYS A 76 1.57 9.16 14.44
N ASP A 77 1.71 10.47 14.25
CA ASP A 77 2.75 11.35 14.83
C ASP A 77 4.22 10.88 14.62
N VAL A 78 4.48 10.05 13.61
CA VAL A 78 5.82 9.50 13.31
C VAL A 78 6.16 9.65 11.83
N GLY A 79 5.31 9.17 10.92
CA GLY A 79 5.55 9.18 9.47
C GLY A 79 5.69 7.77 8.89
N PHE A 80 6.30 7.64 7.71
CA PHE A 80 6.31 6.36 6.98
C PHE A 80 7.53 5.46 7.25
N VAL A 81 7.26 4.15 7.36
CA VAL A 81 8.18 3.07 7.78
C VAL A 81 8.01 1.81 6.93
N GLU A 82 9.10 1.06 6.69
CA GLU A 82 9.05 -0.23 6.01
C GLU A 82 8.13 -1.26 6.71
N ALA A 83 7.32 -1.98 5.92
CA ALA A 83 6.39 -3.01 6.36
C ALA A 83 7.05 -4.10 7.23
N GLY A 84 8.27 -4.52 6.89
CA GLY A 84 9.03 -5.51 7.65
C GLY A 84 9.54 -4.99 9.00
N LYS A 85 9.43 -3.67 9.25
CA LYS A 85 9.84 -2.95 10.48
C LYS A 85 8.65 -2.39 11.27
N LEU A 86 7.41 -2.68 10.85
CA LEU A 86 6.20 -2.52 11.67
C LEU A 86 6.23 -3.45 12.90
N GLN A 87 5.46 -3.16 13.94
CA GLN A 87 5.25 -4.04 15.11
C GLN A 87 3.78 -4.39 15.29
N VAL A 88 3.46 -5.51 15.95
CA VAL A 88 2.09 -5.74 16.45
C VAL A 88 1.75 -4.63 17.45
N GLY A 89 0.57 -4.04 17.30
CA GLY A 89 0.16 -2.86 18.06
C GLY A 89 0.67 -1.51 17.54
N ASP A 90 1.27 -1.44 16.34
CA ASP A 90 1.59 -0.14 15.69
C ASP A 90 0.33 0.68 15.39
N LYS A 91 0.53 1.97 15.09
CA LYS A 91 -0.54 2.98 14.99
C LYS A 91 -0.63 3.57 13.57
N LEU A 92 -1.33 2.90 12.65
CA LEU A 92 -1.34 3.23 11.22
C LEU A 92 -2.52 4.14 10.81
N LEU A 93 -2.45 4.78 9.63
CA LEU A 93 -3.47 5.71 9.13
C LEU A 93 -4.32 5.09 7.99
N ASP A 94 -5.63 5.38 8.00
CA ASP A 94 -6.56 5.04 6.90
C ASP A 94 -6.88 6.21 5.95
N SER A 95 -7.66 5.97 4.91
CA SER A 95 -8.06 6.96 3.89
C SER A 95 -8.82 8.20 4.39
N ARG A 96 -9.29 8.17 5.64
CA ARG A 96 -9.95 9.30 6.35
C ARG A 96 -9.04 9.89 7.43
N GLY A 97 -8.12 9.11 7.96
CA GLY A 97 -7.10 9.50 8.95
C GLY A 97 -7.41 8.99 10.35
N ASN A 98 -8.18 7.91 10.45
CA ASN A 98 -8.36 7.17 11.70
C ASN A 98 -7.11 6.34 12.03
N VAL A 99 -6.91 6.04 13.32
CA VAL A 99 -5.78 5.25 13.80
C VAL A 99 -6.14 3.77 13.89
N LEU A 100 -5.50 2.99 13.03
CA LEU A 100 -5.54 1.53 12.92
C LEU A 100 -4.57 0.83 13.88
N VAL A 101 -4.78 -0.47 14.10
CA VAL A 101 -3.91 -1.36 14.90
C VAL A 101 -3.37 -2.49 14.02
N VAL A 102 -2.06 -2.76 14.12
CA VAL A 102 -1.45 -3.95 13.51
C VAL A 102 -1.75 -5.19 14.36
N GLU A 103 -2.21 -6.26 13.72
CA GLU A 103 -2.67 -7.50 14.36
C GLU A 103 -1.66 -8.65 14.18
N GLU A 104 -0.97 -8.70 13.04
CA GLU A 104 0.02 -9.73 12.71
C GLU A 104 1.01 -9.27 11.63
N LYS A 105 2.24 -9.81 11.72
CA LYS A 105 3.24 -9.87 10.66
C LYS A 105 3.64 -11.33 10.44
N LYS A 106 3.59 -11.77 9.18
CA LYS A 106 3.97 -13.12 8.72
C LYS A 106 4.92 -13.05 7.53
N LEU A 107 5.78 -14.06 7.36
CA LEU A 107 6.79 -14.12 6.31
C LEU A 107 6.90 -15.52 5.69
N GLU A 108 7.13 -15.57 4.38
CA GLU A 108 7.38 -16.81 3.65
C GLU A 108 8.29 -16.61 2.43
N ILE A 109 8.86 -17.71 1.94
CA ILE A 109 9.59 -17.79 0.68
C ILE A 109 8.78 -18.63 -0.30
N ALA A 110 8.22 -17.99 -1.32
CA ALA A 110 7.56 -18.67 -2.43
C ALA A 110 8.57 -19.50 -3.24
N ASP A 111 8.18 -20.70 -3.69
CA ASP A 111 9.09 -21.57 -4.46
C ASP A 111 9.35 -21.08 -5.91
N LYS A 112 8.43 -20.25 -6.43
CA LYS A 112 8.47 -19.63 -7.78
C LYS A 112 8.28 -18.10 -7.64
N PRO A 113 8.83 -17.27 -8.57
CA PRO A 113 8.79 -15.82 -8.44
C PRO A 113 7.41 -15.24 -8.87
N VAL A 114 6.67 -14.74 -7.88
CA VAL A 114 5.31 -14.18 -8.03
C VAL A 114 5.39 -12.75 -8.56
N LYS A 115 4.45 -12.36 -9.45
CA LYS A 115 4.35 -10.99 -9.97
C LYS A 115 3.87 -10.00 -8.91
N VAL A 116 4.49 -8.83 -8.93
CA VAL A 116 4.24 -7.74 -7.98
C VAL A 116 4.23 -6.37 -8.67
N TYR A 117 3.27 -5.55 -8.28
CA TYR A 117 2.88 -4.32 -8.96
C TYR A 117 3.03 -3.09 -8.05
N ASN A 118 3.33 -1.94 -8.64
CA ASN A 118 3.33 -0.60 -8.01
C ASN A 118 3.08 0.46 -9.12
N PHE A 119 2.90 1.72 -8.77
CA PHE A 119 2.74 2.82 -9.73
C PHE A 119 3.27 4.14 -9.15
N LYS A 120 3.37 5.19 -9.97
CA LYS A 120 3.74 6.56 -9.52
C LYS A 120 2.65 7.60 -9.80
N VAL A 121 2.39 8.46 -8.82
CA VAL A 121 1.29 9.47 -8.81
C VAL A 121 1.80 10.86 -9.20
N ASP A 122 0.97 11.66 -9.88
CA ASP A 122 1.35 12.92 -10.53
C ASP A 122 1.76 14.09 -9.60
N ASP A 123 1.01 14.37 -8.52
CA ASP A 123 1.24 15.55 -7.66
C ASP A 123 1.37 15.21 -6.16
N PHE A 124 0.66 14.18 -5.70
CA PHE A 124 0.84 13.53 -4.39
C PHE A 124 1.75 12.29 -4.57
N HIS A 125 2.21 11.70 -3.47
CA HIS A 125 3.22 10.61 -3.46
C HIS A 125 2.73 9.31 -2.80
N THR A 126 1.41 9.16 -2.71
CA THR A 126 0.73 8.19 -1.83
C THR A 126 -0.50 7.59 -2.51
N TYR A 127 -1.00 6.49 -1.95
CA TYR A 127 -2.27 5.86 -2.31
C TYR A 127 -2.77 4.97 -1.15
N HIS A 128 -3.93 4.33 -1.32
CA HIS A 128 -4.61 3.54 -0.28
C HIS A 128 -4.83 2.08 -0.72
N VAL A 129 -4.53 1.11 0.16
CA VAL A 129 -4.55 -0.33 -0.13
C VAL A 129 -5.49 -1.13 0.78
N GLY A 130 -6.11 -2.16 0.21
CA GLY A 130 -6.96 -3.13 0.90
C GLY A 130 -8.33 -2.61 1.34
N ASP A 131 -9.17 -3.51 1.89
CA ASP A 131 -10.54 -3.17 2.33
C ASP A 131 -10.54 -2.14 3.48
N ASN A 132 -9.49 -2.12 4.31
CA ASN A 132 -9.28 -1.13 5.38
C ASN A 132 -8.58 0.16 4.92
N GLU A 133 -8.25 0.30 3.63
CA GLU A 133 -7.84 1.57 2.99
C GLU A 133 -6.60 2.22 3.63
N VAL A 134 -5.54 1.43 3.89
CA VAL A 134 -4.35 1.86 4.64
C VAL A 134 -3.42 2.72 3.77
N LEU A 135 -2.84 3.77 4.37
CA LEU A 135 -1.99 4.77 3.69
C LEU A 135 -0.53 4.31 3.49
N VAL A 136 -0.06 4.37 2.24
CA VAL A 136 1.28 3.93 1.80
C VAL A 136 1.90 4.89 0.79
N HIS A 137 3.24 4.90 0.69
CA HIS A 137 4.04 5.78 -0.20
C HIS A 137 4.44 5.06 -1.49
N ASN A 138 4.33 5.74 -2.64
CA ASN A 138 4.68 5.19 -3.97
C ASN A 138 6.18 4.89 -4.14
N SER A 1 13.99 -0.80 -2.60
CA SER A 1 14.53 -2.11 -3.03
C SER A 1 13.70 -2.78 -4.12
N MET A 2 12.37 -2.84 -3.95
CA MET A 2 11.42 -3.46 -4.88
C MET A 2 10.00 -2.86 -4.75
N LYS A 3 9.55 -2.59 -3.53
CA LYS A 3 8.42 -1.72 -3.17
C LYS A 3 7.09 -2.00 -3.91
N ALA A 4 6.50 -3.18 -3.70
CA ALA A 4 5.32 -3.66 -4.45
C ALA A 4 4.26 -4.41 -3.61
N PHE A 5 3.11 -4.76 -4.19
CA PHE A 5 2.08 -5.64 -3.62
C PHE A 5 1.79 -6.82 -4.55
N VAL A 6 1.31 -7.94 -3.99
CA VAL A 6 0.87 -9.08 -4.81
C VAL A 6 -0.43 -8.76 -5.58
N ALA A 7 -0.70 -9.55 -6.62
CA ALA A 7 -1.93 -9.47 -7.40
C ALA A 7 -3.20 -9.59 -6.53
N GLY A 8 -4.32 -9.08 -7.05
CA GLY A 8 -5.57 -8.95 -6.29
C GLY A 8 -5.58 -7.89 -5.19
N THR A 9 -4.46 -7.23 -4.83
CA THR A 9 -4.46 -6.14 -3.84
C THR A 9 -5.31 -4.97 -4.33
N MET A 10 -6.36 -4.62 -3.58
CA MET A 10 -7.32 -3.59 -3.95
C MET A 10 -6.78 -2.19 -3.69
N ILE A 11 -7.10 -1.26 -4.61
CA ILE A 11 -6.66 0.15 -4.60
C ILE A 11 -7.89 1.07 -4.68
N LEU A 12 -7.91 2.12 -3.86
CA LEU A 12 -9.01 3.08 -3.77
C LEU A 12 -9.02 4.08 -4.95
N THR A 13 -10.13 4.15 -5.67
CA THR A 13 -10.31 5.01 -6.86
C THR A 13 -11.50 5.96 -6.70
N ALA A 14 -11.73 6.83 -7.70
CA ALA A 14 -12.90 7.70 -7.76
C ALA A 14 -14.23 6.92 -7.76
N THR A 15 -14.23 5.72 -8.34
CA THR A 15 -15.42 4.90 -8.63
C THR A 15 -15.65 3.79 -7.60
N GLY A 16 -14.64 3.49 -6.79
CA GLY A 16 -14.68 2.46 -5.75
C GLY A 16 -13.31 1.80 -5.60
N LEU A 17 -13.18 0.54 -6.07
CA LEU A 17 -11.94 -0.22 -6.05
C LEU A 17 -11.57 -0.77 -7.43
N VAL A 18 -10.27 -0.93 -7.66
CA VAL A 18 -9.64 -1.64 -8.79
C VAL A 18 -8.44 -2.42 -8.23
N ALA A 19 -8.11 -3.60 -8.78
CA ALA A 19 -6.92 -4.34 -8.36
C ALA A 19 -5.63 -3.64 -8.81
N ILE A 20 -4.53 -3.76 -8.07
CA ILE A 20 -3.26 -3.10 -8.41
C ILE A 20 -2.70 -3.55 -9.77
N GLU A 21 -2.98 -4.80 -10.15
CA GLU A 21 -2.70 -5.38 -11.47
C GLU A 21 -3.50 -4.74 -12.62
N ASN A 22 -4.59 -4.03 -12.30
CA ASN A 22 -5.55 -3.42 -13.22
C ASN A 22 -5.59 -1.89 -13.12
N ILE A 23 -4.86 -1.28 -12.18
CA ILE A 23 -4.47 0.13 -12.27
C ILE A 23 -3.52 0.30 -13.46
N LYS A 24 -3.75 1.34 -14.28
CA LYS A 24 -2.97 1.69 -15.47
C LYS A 24 -2.37 3.09 -15.35
N ALA A 25 -1.30 3.34 -16.10
CA ALA A 25 -0.78 4.69 -16.30
C ALA A 25 -1.85 5.56 -16.98
N GLY A 26 -2.00 6.78 -16.49
CA GLY A 26 -3.01 7.74 -16.96
C GLY A 26 -4.38 7.58 -16.29
N ASP A 27 -4.56 6.58 -15.43
CA ASP A 27 -5.72 6.48 -14.55
C ASP A 27 -5.62 7.47 -13.37
N LYS A 28 -6.61 7.47 -12.48
CA LYS A 28 -6.63 8.24 -11.23
C LYS A 28 -6.90 7.36 -10.01
N VAL A 29 -6.22 7.64 -8.91
CA VAL A 29 -6.38 6.99 -7.60
C VAL A 29 -6.56 8.04 -6.50
N ILE A 30 -7.23 7.70 -5.39
CA ILE A 30 -7.28 8.59 -4.23
C ILE A 30 -5.93 8.67 -3.53
N ALA A 31 -5.53 9.89 -3.19
CA ALA A 31 -4.28 10.20 -2.52
C ALA A 31 -4.58 11.16 -1.37
N THR A 32 -4.26 10.74 -0.15
CA THR A 32 -4.32 11.61 1.04
C THR A 32 -3.02 12.37 1.18
N ASN A 33 -3.03 13.68 0.90
CA ASN A 33 -1.86 14.56 1.09
C ASN A 33 -1.32 14.50 2.53
N PRO A 34 -0.11 13.97 2.82
CA PRO A 34 0.42 13.89 4.19
C PRO A 34 0.72 15.26 4.84
N GLU A 35 0.66 16.35 4.06
CA GLU A 35 0.87 17.73 4.53
C GLU A 35 -0.30 18.25 5.38
N THR A 36 -1.52 17.96 4.95
CA THR A 36 -2.77 18.60 5.41
C THR A 36 -3.94 17.60 5.51
N PHE A 37 -3.71 16.35 5.09
CA PHE A 37 -4.71 15.29 4.96
C PHE A 37 -5.88 15.64 4.01
N GLU A 38 -5.62 16.43 2.96
CA GLU A 38 -6.59 16.64 1.87
C GLU A 38 -6.72 15.35 1.05
N VAL A 39 -7.96 14.90 0.82
CA VAL A 39 -8.26 13.64 0.15
C VAL A 39 -8.87 13.91 -1.22
N ALA A 40 -8.08 13.68 -2.27
CA ALA A 40 -8.43 13.98 -3.66
C ALA A 40 -7.96 12.87 -4.61
N GLU A 41 -8.48 12.84 -5.83
CA GLU A 41 -7.99 11.96 -6.89
C GLU A 41 -6.77 12.58 -7.57
N LYS A 42 -5.73 11.78 -7.82
CA LYS A 42 -4.51 12.17 -8.55
C LYS A 42 -4.16 11.13 -9.61
N THR A 43 -3.53 11.55 -10.71
CA THR A 43 -3.23 10.65 -11.83
C THR A 43 -1.96 9.81 -11.63
N VAL A 44 -1.90 8.67 -12.33
CA VAL A 44 -0.77 7.73 -12.35
C VAL A 44 0.22 8.10 -13.45
N LEU A 45 1.51 8.26 -13.10
CA LEU A 45 2.60 8.59 -14.04
C LEU A 45 3.18 7.37 -14.77
N GLU A 46 3.46 6.29 -14.03
CA GLU A 46 3.97 5.00 -14.52
C GLU A 46 3.41 3.85 -13.66
N THR A 47 3.37 2.67 -14.27
CA THR A 47 2.95 1.40 -13.67
C THR A 47 4.03 0.34 -13.83
N TYR A 48 4.56 -0.16 -12.71
CA TYR A 48 5.64 -1.15 -12.65
C TYR A 48 5.18 -2.55 -12.19
N VAL A 49 5.91 -3.58 -12.64
CA VAL A 49 5.74 -5.00 -12.28
C VAL A 49 7.10 -5.69 -12.12
N ARG A 50 7.21 -6.57 -11.13
CA ARG A 50 8.37 -7.44 -10.85
C ARG A 50 7.92 -8.83 -10.38
N GLU A 51 8.86 -9.74 -10.17
CA GLU A 51 8.65 -11.08 -9.58
C GLU A 51 9.60 -11.34 -8.39
N THR A 52 9.10 -11.95 -7.32
CA THR A 52 9.85 -12.29 -6.10
C THR A 52 9.34 -13.58 -5.46
N THR A 53 10.23 -14.33 -4.83
CA THR A 53 9.90 -15.41 -3.88
C THR A 53 9.76 -14.92 -2.45
N GLU A 54 10.31 -13.75 -2.11
CA GLU A 54 10.36 -13.22 -0.75
C GLU A 54 9.22 -12.22 -0.55
N LEU A 55 8.24 -12.59 0.29
CA LEU A 55 7.04 -11.78 0.58
C LEU A 55 6.90 -11.46 2.08
N LEU A 56 5.97 -10.56 2.38
CA LEU A 56 5.58 -10.16 3.73
C LEU A 56 4.06 -10.02 3.79
N HIS A 57 3.42 -10.63 4.79
CA HIS A 57 1.97 -10.57 4.98
C HIS A 57 1.67 -9.78 6.26
N LEU A 58 0.93 -8.67 6.14
CA LEU A 58 0.45 -7.90 7.29
C LEU A 58 -1.07 -8.08 7.42
N THR A 59 -1.56 -8.21 8.66
CA THR A 59 -3.00 -8.11 8.97
C THR A 59 -3.21 -6.80 9.74
N ILE A 60 -4.02 -5.88 9.21
CA ILE A 60 -4.28 -4.55 9.81
C ILE A 60 -5.79 -4.36 10.02
N GLY A 61 -6.22 -4.21 11.27
CA GLY A 61 -7.63 -4.12 11.64
C GLY A 61 -8.51 -5.28 11.12
N GLY A 62 -7.93 -6.49 10.99
CA GLY A 62 -8.59 -7.68 10.44
C GLY A 62 -8.45 -7.89 8.93
N GLU A 63 -7.88 -6.93 8.19
CA GLU A 63 -7.66 -6.98 6.75
C GLU A 63 -6.22 -7.40 6.43
N VAL A 64 -6.05 -8.53 5.74
CA VAL A 64 -4.76 -8.95 5.18
C VAL A 64 -4.36 -8.08 3.99
N ILE A 65 -3.09 -7.64 4.00
CA ILE A 65 -2.40 -6.92 2.95
C ILE A 65 -1.01 -7.56 2.74
N LYS A 66 -0.85 -8.31 1.66
CA LYS A 66 0.40 -8.96 1.22
C LYS A 66 1.28 -8.05 0.34
N THR A 67 2.51 -7.77 0.79
CA THR A 67 3.38 -6.70 0.29
C THR A 67 4.86 -7.13 0.22
N THR A 68 5.74 -6.27 -0.30
CA THR A 68 7.20 -6.45 -0.18
C THR A 68 7.71 -5.90 1.15
N PHE A 69 8.83 -6.46 1.63
CA PHE A 69 9.43 -6.14 2.93
C PHE A 69 9.87 -4.66 3.06
N ASP A 70 10.02 -3.96 1.93
CA ASP A 70 10.47 -2.57 1.85
C ASP A 70 9.33 -1.56 1.57
N HIS A 71 8.07 -2.01 1.44
CA HIS A 71 6.98 -1.10 1.08
C HIS A 71 6.70 -0.03 2.17
N PRO A 72 6.66 1.28 1.87
CA PRO A 72 6.45 2.33 2.89
C PRO A 72 4.97 2.51 3.31
N PHE A 73 4.72 2.40 4.61
CA PHE A 73 3.43 2.62 5.30
C PHE A 73 3.50 3.85 6.21
N TYR A 74 2.43 4.64 6.33
CA TYR A 74 2.39 5.83 7.20
C TYR A 74 1.95 5.49 8.64
N VAL A 75 2.77 5.89 9.62
CA VAL A 75 2.58 5.65 11.06
C VAL A 75 2.06 6.91 11.76
N LYS A 76 1.06 6.74 12.63
CA LYS A 76 0.51 7.80 13.49
C LYS A 76 1.62 8.48 14.30
N ASP A 77 1.65 9.81 14.24
CA ASP A 77 2.61 10.70 14.94
C ASP A 77 4.09 10.50 14.54
N VAL A 78 4.41 9.78 13.46
CA VAL A 78 5.78 9.40 13.08
C VAL A 78 6.07 9.59 11.59
N GLY A 79 5.17 9.16 10.70
CA GLY A 79 5.36 9.23 9.25
C GLY A 79 5.70 7.87 8.62
N PHE A 80 6.30 7.85 7.42
CA PHE A 80 6.49 6.61 6.66
C PHE A 80 7.64 5.73 7.14
N VAL A 81 7.45 4.41 7.04
CA VAL A 81 8.38 3.32 7.42
C VAL A 81 8.16 2.10 6.53
N GLU A 82 9.21 1.30 6.29
CA GLU A 82 9.08 0.03 5.57
C GLU A 82 8.25 -1.03 6.32
N ALA A 83 7.43 -1.78 5.58
CA ALA A 83 6.52 -2.80 6.08
C ALA A 83 7.20 -3.86 6.97
N GLY A 84 8.41 -4.30 6.61
CA GLY A 84 9.15 -5.29 7.41
C GLY A 84 9.83 -4.71 8.65
N LYS A 85 9.84 -3.38 8.80
CA LYS A 85 10.28 -2.66 10.01
C LYS A 85 9.10 -2.26 10.91
N LEU A 86 7.85 -2.51 10.49
CA LEU A 86 6.69 -2.49 11.38
C LEU A 86 6.69 -3.68 12.35
N GLN A 87 6.04 -3.53 13.50
CA GLN A 87 5.77 -4.60 14.45
C GLN A 87 4.27 -4.74 14.71
N VAL A 88 3.88 -5.80 15.41
CA VAL A 88 2.48 -6.02 15.83
C VAL A 88 2.13 -5.05 16.96
N GLY A 89 0.95 -4.46 16.87
CA GLY A 89 0.51 -3.38 17.78
C GLY A 89 0.98 -1.98 17.39
N ASP A 90 1.62 -1.82 16.23
CA ASP A 90 2.01 -0.51 15.68
C ASP A 90 0.79 0.20 15.07
N LYS A 91 0.83 1.53 15.03
CA LYS A 91 -0.31 2.39 14.71
C LYS A 91 -0.19 2.97 13.29
N LEU A 92 -1.01 2.50 12.35
CA LEU A 92 -1.09 3.00 10.97
C LEU A 92 -2.27 3.95 10.80
N LEU A 93 -2.40 4.62 9.64
CA LEU A 93 -3.56 5.46 9.31
C LEU A 93 -4.25 5.03 7.99
N ASP A 94 -5.46 5.53 7.77
CA ASP A 94 -6.29 5.27 6.58
C ASP A 94 -6.61 6.50 5.73
N SER A 95 -7.45 6.31 4.71
CA SER A 95 -8.02 7.32 3.79
C SER A 95 -8.82 8.48 4.43
N ARG A 96 -9.01 8.52 5.75
CA ARG A 96 -9.59 9.65 6.50
C ARG A 96 -8.58 10.27 7.48
N GLY A 97 -7.55 9.52 7.86
CA GLY A 97 -6.55 9.86 8.88
C GLY A 97 -6.82 9.17 10.22
N ASN A 98 -7.59 8.07 10.22
CA ASN A 98 -8.05 7.38 11.41
C ASN A 98 -7.15 6.19 11.80
N VAL A 99 -6.87 6.04 13.10
CA VAL A 99 -5.87 5.10 13.63
C VAL A 99 -6.27 3.63 13.45
N LEU A 100 -5.42 2.91 12.72
CA LEU A 100 -5.39 1.45 12.56
C LEU A 100 -4.29 0.77 13.39
N VAL A 101 -4.44 -0.53 13.64
CA VAL A 101 -3.47 -1.35 14.41
C VAL A 101 -3.05 -2.60 13.62
N VAL A 102 -1.76 -2.94 13.67
CA VAL A 102 -1.23 -4.20 13.13
C VAL A 102 -1.58 -5.37 14.06
N GLU A 103 -2.21 -6.41 13.52
CA GLU A 103 -2.74 -7.60 14.21
C GLU A 103 -1.85 -8.83 14.04
N GLU A 104 -1.15 -8.94 12.91
CA GLU A 104 -0.15 -9.96 12.64
C GLU A 104 0.84 -9.50 11.56
N LYS A 105 2.06 -10.04 11.61
CA LYS A 105 3.15 -9.82 10.64
C LYS A 105 3.84 -11.16 10.33
N LYS A 106 3.50 -11.75 9.18
CA LYS A 106 3.89 -13.11 8.75
C LYS A 106 4.99 -13.04 7.69
N LEU A 107 6.05 -13.80 7.86
CA LEU A 107 7.20 -13.88 6.93
C LEU A 107 7.39 -15.30 6.42
N GLU A 108 7.48 -15.45 5.10
CA GLU A 108 7.73 -16.72 4.40
C GLU A 108 8.40 -16.54 3.04
N ILE A 109 8.99 -17.62 2.52
CA ILE A 109 9.52 -17.73 1.17
C ILE A 109 8.55 -18.56 0.32
N ALA A 110 7.99 -17.95 -0.73
CA ALA A 110 7.26 -18.67 -1.77
C ALA A 110 8.13 -19.71 -2.50
N ASP A 111 7.56 -20.86 -2.85
CA ASP A 111 8.24 -21.99 -3.51
C ASP A 111 8.73 -21.64 -4.93
N LYS A 112 8.05 -20.67 -5.58
CA LYS A 112 8.33 -20.16 -6.93
C LYS A 112 7.98 -18.67 -7.00
N PRO A 113 8.66 -17.87 -7.86
CA PRO A 113 8.45 -16.42 -7.94
C PRO A 113 6.99 -16.04 -8.23
N VAL A 114 6.45 -15.17 -7.39
CA VAL A 114 5.12 -14.55 -7.50
C VAL A 114 5.23 -13.14 -8.11
N LYS A 115 4.29 -12.73 -8.97
CA LYS A 115 4.26 -11.37 -9.53
C LYS A 115 3.79 -10.34 -8.51
N VAL A 116 4.38 -9.15 -8.60
CA VAL A 116 4.12 -8.01 -7.72
C VAL A 116 4.10 -6.71 -8.52
N TYR A 117 3.23 -5.79 -8.11
CA TYR A 117 2.85 -4.59 -8.87
C TYR A 117 2.99 -3.33 -8.00
N ASN A 118 3.33 -2.20 -8.61
CA ASN A 118 3.30 -0.87 -7.97
C ASN A 118 3.16 0.26 -9.02
N PHE A 119 2.95 1.48 -8.56
CA PHE A 119 2.84 2.66 -9.43
C PHE A 119 3.33 3.94 -8.74
N LYS A 120 3.59 4.97 -9.54
CA LYS A 120 3.97 6.32 -9.08
C LYS A 120 2.90 7.40 -9.40
N VAL A 121 2.74 8.36 -8.49
CA VAL A 121 1.62 9.34 -8.45
C VAL A 121 2.09 10.73 -8.92
N ASP A 122 1.19 11.50 -9.55
CA ASP A 122 1.48 12.79 -10.18
C ASP A 122 1.86 13.93 -9.21
N ASP A 123 0.88 14.46 -8.46
CA ASP A 123 1.04 15.72 -7.70
C ASP A 123 1.12 15.55 -6.18
N PHE A 124 0.62 14.40 -5.71
CA PHE A 124 0.83 13.86 -4.37
C PHE A 124 1.81 12.67 -4.46
N HIS A 125 2.21 12.09 -3.32
CA HIS A 125 3.13 10.94 -3.24
C HIS A 125 2.61 9.84 -2.30
N THR A 126 1.29 9.67 -2.24
CA THR A 126 0.56 8.71 -1.39
C THR A 126 -0.61 8.06 -2.12
N TYR A 127 -1.06 6.90 -1.64
CA TYR A 127 -2.28 6.20 -2.06
C TYR A 127 -2.77 5.23 -0.97
N HIS A 128 -3.80 4.42 -1.26
CA HIS A 128 -4.51 3.58 -0.30
C HIS A 128 -4.69 2.13 -0.78
N VAL A 129 -4.57 1.18 0.15
CA VAL A 129 -4.57 -0.26 -0.14
C VAL A 129 -5.50 -1.06 0.80
N GLY A 130 -6.17 -2.08 0.25
CA GLY A 130 -7.03 -3.01 0.98
C GLY A 130 -8.38 -2.44 1.47
N ASP A 131 -9.24 -3.29 2.04
CA ASP A 131 -10.60 -2.92 2.48
C ASP A 131 -10.61 -1.88 3.62
N ASN A 132 -9.59 -1.90 4.48
CA ASN A 132 -9.35 -0.90 5.53
C ASN A 132 -8.61 0.37 5.05
N GLU A 133 -8.30 0.46 3.75
CA GLU A 133 -7.85 1.68 3.05
C GLU A 133 -6.58 2.33 3.63
N VAL A 134 -5.56 1.51 3.91
CA VAL A 134 -4.35 1.89 4.65
C VAL A 134 -3.45 2.81 3.81
N LEU A 135 -2.93 3.87 4.43
CA LEU A 135 -2.11 4.92 3.82
C LEU A 135 -0.66 4.47 3.57
N VAL A 136 -0.20 4.60 2.32
CA VAL A 136 1.13 4.17 1.84
C VAL A 136 1.76 5.22 0.93
N HIS A 137 3.08 5.20 0.81
CA HIS A 137 3.88 6.21 0.12
C HIS A 137 4.45 5.73 -1.23
N ASN A 138 4.85 6.67 -2.08
CA ASN A 138 5.58 6.44 -3.34
C ASN A 138 7.05 6.05 -3.12
N SER A 1 15.07 0.44 -2.93
CA SER A 1 14.39 -0.80 -2.51
C SER A 1 13.21 -1.16 -3.40
N MET A 2 12.82 -2.44 -3.44
CA MET A 2 11.59 -2.94 -4.07
C MET A 2 10.35 -2.64 -3.21
N LYS A 3 9.35 -1.98 -3.80
CA LYS A 3 8.19 -1.36 -3.15
C LYS A 3 6.90 -1.76 -3.89
N ALA A 4 6.46 -3.01 -3.75
CA ALA A 4 5.36 -3.58 -4.54
C ALA A 4 4.36 -4.41 -3.69
N PHE A 5 3.19 -4.74 -4.25
CA PHE A 5 2.19 -5.65 -3.66
C PHE A 5 1.88 -6.82 -4.60
N VAL A 6 1.43 -7.95 -4.05
CA VAL A 6 0.99 -9.12 -4.85
C VAL A 6 -0.31 -8.83 -5.61
N ALA A 7 -0.58 -9.65 -6.63
CA ALA A 7 -1.82 -9.62 -7.40
C ALA A 7 -3.07 -9.72 -6.52
N GLY A 8 -4.19 -9.19 -7.00
CA GLY A 8 -5.43 -9.04 -6.24
C GLY A 8 -5.43 -7.93 -5.16
N THR A 9 -4.30 -7.29 -4.83
CA THR A 9 -4.31 -6.20 -3.83
C THR A 9 -5.18 -5.04 -4.32
N MET A 10 -6.21 -4.68 -3.55
CA MET A 10 -7.22 -3.67 -3.88
C MET A 10 -6.69 -2.25 -3.66
N ILE A 11 -7.09 -1.33 -4.55
CA ILE A 11 -6.66 0.07 -4.61
C ILE A 11 -7.87 0.99 -4.63
N LEU A 12 -7.86 2.04 -3.80
CA LEU A 12 -8.93 3.04 -3.70
C LEU A 12 -8.89 4.07 -4.84
N THR A 13 -9.98 4.18 -5.59
CA THR A 13 -10.08 5.01 -6.80
C THR A 13 -11.10 6.14 -6.70
N ALA A 14 -11.21 6.93 -7.77
CA ALA A 14 -12.25 7.94 -7.96
C ALA A 14 -13.67 7.35 -8.10
N THR A 15 -13.79 6.03 -8.28
CA THR A 15 -15.07 5.32 -8.43
C THR A 15 -15.38 4.37 -7.29
N GLY A 16 -14.36 3.82 -6.62
CA GLY A 16 -14.50 2.75 -5.62
C GLY A 16 -13.19 1.97 -5.47
N LEU A 17 -13.16 0.73 -5.96
CA LEU A 17 -11.99 -0.16 -5.93
C LEU A 17 -11.62 -0.73 -7.32
N VAL A 18 -10.33 -0.96 -7.51
CA VAL A 18 -9.70 -1.68 -8.65
C VAL A 18 -8.53 -2.51 -8.10
N ALA A 19 -8.22 -3.67 -8.69
CA ALA A 19 -7.04 -4.45 -8.32
C ALA A 19 -5.75 -3.81 -8.87
N ILE A 20 -4.63 -3.92 -8.15
CA ILE A 20 -3.36 -3.34 -8.59
C ILE A 20 -2.87 -3.90 -9.94
N GLU A 21 -3.22 -5.16 -10.24
CA GLU A 21 -2.98 -5.80 -11.55
C GLU A 21 -3.85 -5.25 -12.70
N ASN A 22 -4.83 -4.38 -12.39
CA ASN A 22 -5.80 -3.80 -13.36
C ASN A 22 -5.72 -2.26 -13.44
N ILE A 23 -4.96 -1.59 -12.56
CA ILE A 23 -4.57 -0.18 -12.73
C ILE A 23 -3.69 -0.02 -13.98
N LYS A 24 -3.97 1.03 -14.75
CA LYS A 24 -3.16 1.53 -15.88
C LYS A 24 -2.69 2.95 -15.59
N ALA A 25 -1.73 3.43 -16.38
CA ALA A 25 -1.45 4.87 -16.42
C ALA A 25 -2.66 5.64 -17.00
N GLY A 26 -2.87 6.87 -16.52
CA GLY A 26 -4.07 7.67 -16.82
C GLY A 26 -5.33 7.25 -16.05
N ASP A 27 -5.22 6.28 -15.14
CA ASP A 27 -6.26 5.94 -14.17
C ASP A 27 -6.06 6.75 -12.88
N LYS A 28 -7.15 7.00 -12.14
CA LYS A 28 -7.20 7.95 -11.04
C LYS A 28 -7.49 7.27 -9.69
N VAL A 29 -6.54 7.47 -8.79
CA VAL A 29 -6.50 6.92 -7.43
C VAL A 29 -6.72 8.04 -6.41
N ILE A 30 -7.23 7.71 -5.22
CA ILE A 30 -7.20 8.65 -4.09
C ILE A 30 -5.81 8.70 -3.52
N ALA A 31 -5.35 9.93 -3.25
CA ALA A 31 -4.07 10.19 -2.64
C ALA A 31 -4.33 11.13 -1.47
N THR A 32 -3.94 10.69 -0.28
CA THR A 32 -4.05 11.49 0.94
C THR A 32 -2.68 12.08 1.25
N ASN A 33 -2.53 13.37 0.96
CA ASN A 33 -1.27 14.08 1.16
C ASN A 33 -0.77 13.98 2.62
N PRO A 34 0.37 13.34 2.92
CA PRO A 34 0.90 13.30 4.30
C PRO A 34 1.35 14.67 4.82
N GLU A 35 1.34 15.72 3.98
CA GLU A 35 1.71 17.09 4.37
C GLU A 35 0.71 17.72 5.34
N THR A 36 -0.58 17.53 5.06
CA THR A 36 -1.69 18.14 5.83
C THR A 36 -2.96 17.27 5.85
N PHE A 37 -2.88 16.05 5.28
CA PHE A 37 -4.03 15.14 5.07
C PHE A 37 -5.14 15.78 4.23
N GLU A 38 -4.74 16.51 3.19
CA GLU A 38 -5.64 16.93 2.11
C GLU A 38 -5.84 15.74 1.15
N VAL A 39 -7.10 15.44 0.79
CA VAL A 39 -7.49 14.22 0.06
C VAL A 39 -7.99 14.60 -1.32
N ALA A 40 -7.38 14.03 -2.36
CA ALA A 40 -7.73 14.35 -3.76
C ALA A 40 -7.67 13.12 -4.68
N GLU A 41 -8.46 13.17 -5.76
CA GLU A 41 -8.39 12.21 -6.87
C GLU A 41 -7.27 12.63 -7.84
N LYS A 42 -6.23 11.80 -8.01
CA LYS A 42 -5.06 12.08 -8.86
C LYS A 42 -4.71 10.91 -9.78
N THR A 43 -4.20 11.24 -10.97
CA THR A 43 -3.90 10.28 -12.03
C THR A 43 -2.53 9.60 -11.89
N VAL A 44 -2.42 8.42 -12.48
CA VAL A 44 -1.19 7.62 -12.54
C VAL A 44 -0.32 8.00 -13.74
N LEU A 45 0.98 8.19 -13.52
CA LEU A 45 1.97 8.52 -14.55
C LEU A 45 2.62 7.29 -15.19
N GLU A 46 2.94 6.30 -14.35
CA GLU A 46 3.59 5.03 -14.71
C GLU A 46 3.11 3.92 -13.80
N THR A 47 3.11 2.72 -14.37
CA THR A 47 2.74 1.46 -13.75
C THR A 47 3.90 0.48 -13.80
N TYR A 48 4.34 0.03 -12.62
CA TYR A 48 5.49 -0.84 -12.41
C TYR A 48 5.15 -2.29 -12.06
N VAL A 49 5.98 -3.21 -12.55
CA VAL A 49 5.88 -4.66 -12.26
C VAL A 49 7.25 -5.32 -12.07
N ARG A 50 7.39 -6.11 -11.01
CA ARG A 50 8.62 -6.82 -10.61
C ARG A 50 8.29 -8.26 -10.16
N GLU A 51 9.31 -9.08 -9.86
CA GLU A 51 9.13 -10.47 -9.41
C GLU A 51 10.06 -10.84 -8.23
N THR A 52 9.54 -11.55 -7.21
CA THR A 52 10.30 -11.97 -6.01
C THR A 52 9.75 -13.27 -5.42
N THR A 53 10.62 -14.04 -4.77
CA THR A 53 10.27 -15.21 -3.95
C THR A 53 10.04 -14.88 -2.47
N GLU A 54 10.49 -13.72 -2.00
CA GLU A 54 10.53 -13.36 -0.57
C GLU A 54 9.45 -12.33 -0.25
N LEU A 55 8.39 -12.76 0.44
CA LEU A 55 7.22 -11.93 0.73
C LEU A 55 6.99 -11.71 2.23
N LEU A 56 6.19 -10.69 2.51
CA LEU A 56 5.77 -10.26 3.84
C LEU A 56 4.24 -10.17 3.87
N HIS A 57 3.59 -10.72 4.89
CA HIS A 57 2.15 -10.61 5.10
C HIS A 57 1.90 -9.75 6.34
N LEU A 58 1.11 -8.69 6.19
CA LEU A 58 0.60 -7.89 7.31
C LEU A 58 -0.91 -8.09 7.44
N THR A 59 -1.41 -8.17 8.67
CA THR A 59 -2.85 -8.13 8.97
C THR A 59 -3.10 -6.86 9.75
N ILE A 60 -3.94 -5.96 9.22
CA ILE A 60 -4.17 -4.62 9.78
C ILE A 60 -5.68 -4.42 9.96
N GLY A 61 -6.13 -4.24 11.21
CA GLY A 61 -7.55 -4.08 11.56
C GLY A 61 -8.49 -5.22 11.12
N GLY A 62 -7.94 -6.42 10.84
CA GLY A 62 -8.68 -7.59 10.33
C GLY A 62 -8.52 -7.88 8.83
N GLU A 63 -7.83 -7.03 8.06
CA GLU A 63 -7.60 -7.17 6.62
C GLU A 63 -6.13 -7.56 6.36
N VAL A 64 -5.92 -8.63 5.58
CA VAL A 64 -4.58 -9.08 5.13
C VAL A 64 -4.10 -8.28 3.91
N ILE A 65 -2.86 -7.80 3.96
CA ILE A 65 -2.16 -7.14 2.87
C ILE A 65 -0.76 -7.74 2.71
N LYS A 66 -0.59 -8.57 1.69
CA LYS A 66 0.69 -9.22 1.30
C LYS A 66 1.57 -8.28 0.44
N THR A 67 2.79 -7.97 0.88
CA THR A 67 3.63 -6.86 0.38
C THR A 67 5.14 -7.21 0.33
N THR A 68 5.98 -6.30 -0.18
CA THR A 68 7.45 -6.41 -0.10
C THR A 68 7.99 -5.94 1.24
N PHE A 69 9.13 -6.49 1.68
CA PHE A 69 9.72 -6.23 3.00
C PHE A 69 10.15 -4.76 3.19
N ASP A 70 10.31 -4.00 2.10
CA ASP A 70 10.66 -2.57 2.12
C ASP A 70 9.53 -1.63 1.66
N HIS A 71 8.28 -2.09 1.56
CA HIS A 71 7.16 -1.20 1.21
C HIS A 71 6.92 -0.14 2.31
N PRO A 72 6.84 1.18 2.01
CA PRO A 72 6.63 2.23 3.02
C PRO A 72 5.16 2.38 3.45
N PHE A 73 4.90 2.30 4.76
CA PHE A 73 3.59 2.48 5.42
C PHE A 73 3.60 3.67 6.38
N TYR A 74 2.50 4.44 6.50
CA TYR A 74 2.41 5.60 7.40
C TYR A 74 2.01 5.24 8.84
N VAL A 75 2.72 5.78 9.83
CA VAL A 75 2.56 5.57 11.28
C VAL A 75 2.15 6.87 11.98
N LYS A 76 1.22 6.79 12.94
CA LYS A 76 0.79 7.96 13.77
C LYS A 76 2.00 8.60 14.47
N ASP A 77 2.15 9.92 14.37
CA ASP A 77 3.21 10.76 14.95
C ASP A 77 4.65 10.47 14.49
N VAL A 78 4.85 9.59 13.49
CA VAL A 78 6.16 9.07 13.07
C VAL A 78 6.34 9.17 11.55
N GLY A 79 5.28 8.98 10.78
CA GLY A 79 5.31 9.04 9.32
C GLY A 79 5.66 7.68 8.72
N PHE A 80 6.28 7.66 7.54
CA PHE A 80 6.52 6.41 6.83
C PHE A 80 7.70 5.58 7.38
N VAL A 81 7.53 4.26 7.30
CA VAL A 81 8.42 3.19 7.75
C VAL A 81 8.30 1.98 6.81
N GLU A 82 9.35 1.19 6.62
CA GLU A 82 9.26 -0.09 5.93
C GLU A 82 8.37 -1.12 6.65
N ALA A 83 7.54 -1.85 5.89
CA ALA A 83 6.61 -2.86 6.38
C ALA A 83 7.28 -3.96 7.21
N GLY A 84 8.49 -4.39 6.84
CA GLY A 84 9.25 -5.40 7.58
C GLY A 84 9.83 -4.89 8.91
N LYS A 85 9.73 -3.58 9.20
CA LYS A 85 10.22 -2.96 10.46
C LYS A 85 9.09 -2.63 11.45
N LEU A 86 7.83 -2.82 11.04
CA LEU A 86 6.64 -2.78 11.92
C LEU A 86 6.59 -3.95 12.92
N GLN A 87 5.74 -3.83 13.94
CA GLN A 87 5.36 -4.90 14.88
C GLN A 87 3.84 -5.03 15.04
N VAL A 88 3.39 -6.17 15.56
CA VAL A 88 2.02 -6.34 16.07
C VAL A 88 1.80 -5.40 17.24
N GLY A 89 0.78 -4.56 17.12
CA GLY A 89 0.52 -3.45 18.03
C GLY A 89 1.06 -2.09 17.57
N ASP A 90 1.68 -1.96 16.39
CA ASP A 90 2.01 -0.65 15.82
C ASP A 90 0.76 0.01 15.21
N LYS A 91 0.78 1.36 15.19
CA LYS A 91 -0.37 2.20 14.85
C LYS A 91 -0.20 2.91 13.51
N LEU A 92 -0.86 2.39 12.48
CA LEU A 92 -0.90 2.91 11.11
C LEU A 92 -2.09 3.86 10.93
N LEU A 93 -2.16 4.59 9.82
CA LEU A 93 -3.35 5.38 9.44
C LEU A 93 -3.99 4.93 8.12
N ASP A 94 -5.28 5.22 7.98
CA ASP A 94 -6.08 4.96 6.76
C ASP A 94 -6.24 6.19 5.85
N SER A 95 -6.90 5.99 4.71
CA SER A 95 -7.15 7.01 3.67
C SER A 95 -7.85 8.29 4.17
N ARG A 96 -8.56 8.23 5.29
CA ARG A 96 -9.29 9.33 5.93
C ARG A 96 -8.59 9.84 7.21
N GLY A 97 -7.58 9.13 7.70
CA GLY A 97 -6.68 9.53 8.80
C GLY A 97 -7.00 8.83 10.12
N ASN A 98 -7.82 7.79 10.07
CA ASN A 98 -8.23 7.01 11.22
C ASN A 98 -7.15 6.01 11.65
N VAL A 99 -7.03 5.76 12.96
CA VAL A 99 -6.00 4.87 13.53
C VAL A 99 -6.34 3.41 13.27
N LEU A 100 -5.35 2.70 12.71
CA LEU A 100 -5.31 1.26 12.48
C LEU A 100 -4.23 0.58 13.32
N VAL A 101 -4.43 -0.69 13.69
CA VAL A 101 -3.48 -1.52 14.45
C VAL A 101 -3.06 -2.74 13.63
N VAL A 102 -1.77 -3.07 13.67
CA VAL A 102 -1.21 -4.32 13.12
C VAL A 102 -1.58 -5.48 14.05
N GLU A 103 -2.32 -6.45 13.52
CA GLU A 103 -2.85 -7.66 14.18
C GLU A 103 -1.93 -8.88 14.01
N GLU A 104 -1.16 -8.94 12.91
CA GLU A 104 -0.18 -9.98 12.60
C GLU A 104 0.90 -9.42 11.65
N LYS A 105 2.13 -9.92 11.80
CA LYS A 105 3.25 -9.74 10.86
C LYS A 105 3.92 -11.08 10.61
N LYS A 106 3.86 -11.53 9.35
CA LYS A 106 4.27 -12.85 8.86
C LYS A 106 5.23 -12.71 7.67
N LEU A 107 6.12 -13.68 7.47
CA LEU A 107 7.13 -13.69 6.39
C LEU A 107 7.30 -15.12 5.86
N GLU A 108 7.32 -15.29 4.54
CA GLU A 108 7.51 -16.60 3.92
C GLU A 108 8.31 -16.56 2.61
N ILE A 109 9.00 -17.67 2.34
CA ILE A 109 9.74 -17.92 1.11
C ILE A 109 8.85 -18.78 0.19
N ALA A 110 8.27 -18.14 -0.82
CA ALA A 110 7.50 -18.80 -1.86
C ALA A 110 8.35 -19.81 -2.67
N ASP A 111 7.72 -20.85 -3.20
CA ASP A 111 8.41 -21.84 -4.05
C ASP A 111 8.82 -21.28 -5.42
N LYS A 112 8.20 -20.18 -5.84
CA LYS A 112 8.31 -19.55 -7.18
C LYS A 112 8.43 -18.03 -7.08
N PRO A 113 9.03 -17.35 -8.08
CA PRO A 113 9.01 -15.89 -8.14
C PRO A 113 7.60 -15.40 -8.51
N VAL A 114 6.95 -14.78 -7.54
CA VAL A 114 5.60 -14.22 -7.63
C VAL A 114 5.66 -12.81 -8.24
N LYS A 115 4.70 -12.46 -9.09
CA LYS A 115 4.58 -11.12 -9.69
C LYS A 115 4.01 -10.13 -8.69
N VAL A 116 4.58 -8.93 -8.71
CA VAL A 116 4.24 -7.84 -7.79
C VAL A 116 4.17 -6.50 -8.53
N TYR A 117 3.22 -5.65 -8.14
CA TYR A 117 2.81 -4.44 -8.87
C TYR A 117 2.97 -3.17 -8.00
N ASN A 118 3.18 -2.02 -8.65
CA ASN A 118 3.34 -0.68 -8.05
C ASN A 118 2.97 0.39 -9.10
N PHE A 119 2.78 1.66 -8.71
CA PHE A 119 2.57 2.78 -9.64
C PHE A 119 2.92 4.12 -8.97
N LYS A 120 3.07 5.19 -9.78
CA LYS A 120 3.42 6.54 -9.29
C LYS A 120 2.36 7.62 -9.62
N VAL A 121 2.19 8.60 -8.73
CA VAL A 121 1.05 9.55 -8.72
C VAL A 121 1.44 10.95 -9.24
N ASP A 122 0.51 11.64 -9.92
CA ASP A 122 0.79 12.90 -10.65
C ASP A 122 1.22 14.11 -9.78
N ASP A 123 0.53 14.42 -8.67
CA ASP A 123 0.87 15.56 -7.79
C ASP A 123 1.44 15.05 -6.46
N PHE A 124 0.60 14.36 -5.68
CA PHE A 124 0.97 13.75 -4.40
C PHE A 124 1.85 12.49 -4.60
N HIS A 125 2.31 11.90 -3.50
CA HIS A 125 3.27 10.79 -3.45
C HIS A 125 2.69 9.50 -2.86
N THR A 126 1.39 9.48 -2.53
CA THR A 126 0.72 8.43 -1.74
C THR A 126 -0.49 7.81 -2.44
N TYR A 127 -0.88 6.62 -1.98
CA TYR A 127 -2.05 5.85 -2.41
C TYR A 127 -2.51 4.93 -1.26
N HIS A 128 -3.57 4.15 -1.50
CA HIS A 128 -4.30 3.39 -0.48
C HIS A 128 -4.54 1.93 -0.86
N VAL A 129 -4.41 1.01 0.10
CA VAL A 129 -4.41 -0.44 -0.13
C VAL A 129 -5.34 -1.24 0.78
N GLY A 130 -5.98 -2.27 0.22
CA GLY A 130 -6.83 -3.24 0.91
C GLY A 130 -8.20 -2.71 1.36
N ASP A 131 -9.07 -3.60 1.88
CA ASP A 131 -10.42 -3.25 2.33
C ASP A 131 -10.43 -2.23 3.50
N ASN A 132 -9.34 -2.19 4.28
CA ASN A 132 -9.09 -1.20 5.34
C ASN A 132 -8.32 0.07 4.87
N GLU A 133 -8.04 0.23 3.57
CA GLU A 133 -7.61 1.49 2.94
C GLU A 133 -6.36 2.15 3.55
N VAL A 134 -5.29 1.37 3.79
CA VAL A 134 -4.09 1.80 4.53
C VAL A 134 -3.20 2.73 3.70
N LEU A 135 -2.65 3.77 4.32
CA LEU A 135 -1.83 4.82 3.68
C LEU A 135 -0.36 4.40 3.45
N VAL A 136 0.11 4.52 2.20
CA VAL A 136 1.42 4.06 1.70
C VAL A 136 1.98 5.01 0.62
N HIS A 137 3.28 4.94 0.33
CA HIS A 137 4.02 5.87 -0.56
C HIS A 137 4.60 5.18 -1.81
N ASN A 138 4.55 5.85 -2.97
CA ASN A 138 5.04 5.31 -4.27
C ASN A 138 6.56 5.15 -4.39
N SER A 1 16.21 -3.43 -2.32
CA SER A 1 15.06 -2.54 -2.06
C SER A 1 13.97 -2.84 -3.07
N MET A 2 12.71 -2.84 -2.65
CA MET A 2 11.57 -3.21 -3.50
C MET A 2 10.25 -2.73 -2.88
N LYS A 3 9.47 -1.93 -3.62
CA LYS A 3 8.29 -1.23 -3.08
C LYS A 3 7.04 -1.52 -3.94
N ALA A 4 6.43 -2.69 -3.74
CA ALA A 4 5.29 -3.18 -4.53
C ALA A 4 4.30 -4.03 -3.69
N PHE A 5 3.17 -4.43 -4.28
CA PHE A 5 2.21 -5.38 -3.69
C PHE A 5 1.96 -6.56 -4.63
N VAL A 6 1.56 -7.72 -4.08
CA VAL A 6 1.14 -8.88 -4.89
C VAL A 6 -0.15 -8.61 -5.66
N ALA A 7 -0.35 -9.38 -6.73
CA ALA A 7 -1.60 -9.42 -7.48
C ALA A 7 -2.83 -9.58 -6.56
N GLY A 8 -3.98 -9.08 -7.00
CA GLY A 8 -5.22 -9.05 -6.23
C GLY A 8 -5.32 -7.92 -5.18
N THR A 9 -4.22 -7.27 -4.77
CA THR A 9 -4.29 -6.18 -3.77
C THR A 9 -5.13 -5.01 -4.30
N MET A 10 -6.16 -4.62 -3.55
CA MET A 10 -7.15 -3.62 -3.96
C MET A 10 -6.63 -2.20 -3.71
N ILE A 11 -6.95 -1.29 -4.64
CA ILE A 11 -6.60 0.13 -4.62
C ILE A 11 -7.86 0.98 -4.57
N LEU A 12 -7.90 1.98 -3.68
CA LEU A 12 -9.04 2.88 -3.52
C LEU A 12 -9.21 3.85 -4.71
N THR A 13 -10.41 3.87 -5.27
CA THR A 13 -10.83 4.79 -6.33
C THR A 13 -12.13 5.50 -5.95
N ALA A 14 -12.47 6.56 -6.68
CA ALA A 14 -13.78 7.20 -6.61
C ALA A 14 -14.92 6.23 -6.99
N THR A 15 -14.65 5.28 -7.89
CA THR A 15 -15.61 4.29 -8.39
C THR A 15 -15.82 3.12 -7.42
N GLY A 16 -14.82 2.84 -6.59
CA GLY A 16 -14.83 1.84 -5.52
C GLY A 16 -13.42 1.26 -5.30
N LEU A 17 -13.15 0.09 -5.88
CA LEU A 17 -11.86 -0.58 -5.83
C LEU A 17 -11.45 -1.13 -7.21
N VAL A 18 -10.13 -1.18 -7.47
CA VAL A 18 -9.51 -1.87 -8.63
C VAL A 18 -8.27 -2.62 -8.14
N ALA A 19 -7.98 -3.80 -8.69
CA ALA A 19 -6.76 -4.54 -8.34
C ALA A 19 -5.51 -3.81 -8.86
N ILE A 20 -4.40 -3.89 -8.12
CA ILE A 20 -3.15 -3.22 -8.50
C ILE A 20 -2.60 -3.71 -9.85
N GLU A 21 -2.86 -4.98 -10.20
CA GLU A 21 -2.52 -5.56 -11.51
C GLU A 21 -3.36 -5.01 -12.67
N ASN A 22 -4.49 -4.36 -12.36
CA ASN A 22 -5.49 -3.87 -13.31
C ASN A 22 -5.51 -2.33 -13.44
N ILE A 23 -4.85 -1.60 -12.53
CA ILE A 23 -4.53 -0.17 -12.74
C ILE A 23 -3.59 -0.02 -13.95
N LYS A 24 -3.87 0.95 -14.83
CA LYS A 24 -3.04 1.33 -16.00
C LYS A 24 -2.72 2.82 -16.01
N ALA A 25 -1.64 3.23 -16.67
CA ALA A 25 -1.30 4.64 -16.85
C ALA A 25 -2.44 5.41 -17.53
N GLY A 26 -2.76 6.60 -17.01
CA GLY A 26 -3.95 7.38 -17.40
C GLY A 26 -5.17 7.20 -16.49
N ASP A 27 -5.24 6.12 -15.70
CA ASP A 27 -6.29 5.93 -14.68
C ASP A 27 -6.13 6.93 -13.52
N LYS A 28 -7.16 7.06 -12.68
CA LYS A 28 -7.16 7.93 -11.48
C LYS A 28 -7.49 7.17 -10.18
N VAL A 29 -6.78 7.48 -9.11
CA VAL A 29 -6.89 6.85 -7.78
C VAL A 29 -6.90 7.90 -6.66
N ILE A 30 -7.31 7.53 -5.45
CA ILE A 30 -7.25 8.42 -4.27
C ILE A 30 -5.85 8.44 -3.66
N ALA A 31 -5.47 9.60 -3.13
CA ALA A 31 -4.28 9.78 -2.35
C ALA A 31 -4.58 10.81 -1.25
N THR A 32 -4.20 10.49 -0.02
CA THR A 32 -4.26 11.44 1.10
C THR A 32 -2.90 12.07 1.33
N ASN A 33 -2.81 13.38 1.04
CA ASN A 33 -1.61 14.20 1.18
C ASN A 33 -0.97 14.12 2.59
N PRO A 34 0.26 13.58 2.79
CA PRO A 34 0.89 13.49 4.12
C PRO A 34 1.30 14.84 4.76
N GLU A 35 1.19 15.96 4.02
CA GLU A 35 1.49 17.32 4.51
C GLU A 35 0.35 17.93 5.34
N THR A 36 -0.89 17.68 4.93
CA THR A 36 -2.10 18.36 5.45
C THR A 36 -3.31 17.41 5.60
N PHE A 37 -3.12 16.14 5.23
CA PHE A 37 -4.13 15.08 5.21
C PHE A 37 -5.38 15.40 4.36
N GLU A 38 -5.20 16.17 3.28
CA GLU A 38 -6.25 16.41 2.29
C GLU A 38 -6.41 15.19 1.36
N VAL A 39 -7.64 14.77 1.10
CA VAL A 39 -7.96 13.62 0.26
C VAL A 39 -8.35 14.07 -1.16
N ALA A 40 -7.63 13.58 -2.17
CA ALA A 40 -7.82 13.99 -3.55
C ALA A 40 -7.64 12.84 -4.55
N GLU A 41 -8.32 12.95 -5.69
CA GLU A 41 -8.23 12.04 -6.83
C GLU A 41 -7.13 12.54 -7.78
N LYS A 42 -6.13 11.71 -8.12
CA LYS A 42 -5.02 12.07 -9.01
C LYS A 42 -4.75 10.96 -10.03
N THR A 43 -4.24 11.32 -11.20
CA THR A 43 -3.90 10.37 -12.27
C THR A 43 -2.56 9.67 -12.05
N VAL A 44 -2.45 8.47 -12.62
CA VAL A 44 -1.24 7.64 -12.70
C VAL A 44 -0.44 7.98 -13.96
N LEU A 45 0.88 8.17 -13.81
CA LEU A 45 1.78 8.48 -14.92
C LEU A 45 2.38 7.23 -15.57
N GLU A 46 2.82 6.27 -14.74
CA GLU A 46 3.41 5.00 -15.15
C GLU A 46 2.96 3.88 -14.23
N THR A 47 3.05 2.66 -14.76
CA THR A 47 2.74 1.42 -14.04
C THR A 47 3.85 0.38 -14.19
N TYR A 48 4.48 0.04 -13.07
CA TYR A 48 5.63 -0.87 -12.99
C TYR A 48 5.25 -2.27 -12.48
N VAL A 49 6.10 -3.27 -12.78
CA VAL A 49 6.02 -4.67 -12.33
C VAL A 49 7.42 -5.20 -12.00
N ARG A 50 7.52 -6.02 -10.96
CA ARG A 50 8.74 -6.66 -10.43
C ARG A 50 8.42 -8.11 -10.00
N GLU A 51 9.44 -8.92 -9.64
CA GLU A 51 9.26 -10.33 -9.23
C GLU A 51 10.17 -10.73 -8.07
N THR A 52 9.63 -11.45 -7.07
CA THR A 52 10.41 -11.97 -5.93
C THR A 52 9.79 -13.25 -5.36
N THR A 53 10.62 -14.08 -4.76
CA THR A 53 10.22 -15.25 -3.95
C THR A 53 9.94 -14.90 -2.49
N GLU A 54 10.37 -13.73 -2.00
CA GLU A 54 10.31 -13.37 -0.57
C GLU A 54 9.21 -12.36 -0.27
N LEU A 55 8.14 -12.81 0.40
CA LEU A 55 6.96 -11.98 0.70
C LEU A 55 6.72 -11.77 2.19
N LEU A 56 5.94 -10.73 2.48
CA LEU A 56 5.49 -10.33 3.82
C LEU A 56 3.95 -10.27 3.86
N HIS A 57 3.36 -10.75 4.95
CA HIS A 57 1.93 -10.69 5.24
C HIS A 57 1.71 -9.83 6.48
N LEU A 58 0.82 -8.83 6.41
CA LEU A 58 0.43 -7.98 7.54
C LEU A 58 -1.10 -7.93 7.65
N THR A 59 -1.65 -8.11 8.85
CA THR A 59 -3.08 -7.87 9.13
C THR A 59 -3.22 -6.50 9.79
N ILE A 60 -3.85 -5.53 9.12
CA ILE A 60 -4.15 -4.20 9.65
C ILE A 60 -5.65 -4.11 9.90
N GLY A 61 -6.06 -4.00 11.17
CA GLY A 61 -7.45 -3.93 11.65
C GLY A 61 -8.33 -5.16 11.43
N GLY A 62 -8.07 -5.96 10.40
CA GLY A 62 -8.95 -6.99 9.85
C GLY A 62 -8.77 -7.25 8.35
N GLU A 63 -7.85 -6.53 7.69
CA GLU A 63 -7.48 -6.73 6.28
C GLU A 63 -6.04 -7.24 6.20
N VAL A 64 -5.83 -8.38 5.54
CA VAL A 64 -4.49 -8.88 5.20
C VAL A 64 -3.97 -8.19 3.94
N ILE A 65 -2.91 -7.40 4.10
CA ILE A 65 -2.16 -6.80 3.00
C ILE A 65 -0.82 -7.52 2.85
N LYS A 66 -0.77 -8.42 1.86
CA LYS A 66 0.46 -9.06 1.38
C LYS A 66 1.32 -8.07 0.57
N THR A 67 2.57 -7.84 0.97
CA THR A 67 3.43 -6.75 0.44
C THR A 67 4.91 -7.13 0.41
N THR A 68 5.77 -6.26 -0.13
CA THR A 68 7.23 -6.40 -0.02
C THR A 68 7.74 -5.96 1.35
N PHE A 69 8.79 -6.60 1.87
CA PHE A 69 9.36 -6.31 3.20
C PHE A 69 9.82 -4.84 3.34
N ASP A 70 10.20 -4.21 2.23
CA ASP A 70 10.84 -2.89 2.16
C ASP A 70 9.84 -1.75 1.88
N HIS A 71 8.54 -2.07 1.71
CA HIS A 71 7.47 -1.12 1.38
C HIS A 71 7.21 -0.08 2.48
N PRO A 72 7.17 1.24 2.18
CA PRO A 72 6.94 2.29 3.19
C PRO A 72 5.45 2.50 3.56
N PHE A 73 5.12 2.18 4.81
CA PHE A 73 3.81 2.40 5.46
C PHE A 73 3.86 3.59 6.43
N TYR A 74 2.80 4.39 6.54
CA TYR A 74 2.79 5.61 7.37
C TYR A 74 2.35 5.37 8.83
N VAL A 75 3.18 5.79 9.79
CA VAL A 75 2.96 5.62 11.24
C VAL A 75 2.51 6.93 11.88
N LYS A 76 1.50 6.87 12.76
CA LYS A 76 0.96 8.01 13.51
C LYS A 76 2.03 8.74 14.35
N ASP A 77 2.11 10.05 14.19
CA ASP A 77 3.06 10.95 14.86
C ASP A 77 4.55 10.58 14.63
N VAL A 78 4.87 9.86 13.55
CA VAL A 78 6.20 9.29 13.27
C VAL A 78 6.58 9.39 11.78
N GLY A 79 5.69 8.96 10.88
CA GLY A 79 5.95 8.93 9.44
C GLY A 79 6.36 7.56 8.90
N PHE A 80 6.82 7.50 7.66
CA PHE A 80 6.89 6.25 6.90
C PHE A 80 8.03 5.28 7.29
N VAL A 81 7.77 3.97 7.17
CA VAL A 81 8.66 2.87 7.61
C VAL A 81 8.48 1.62 6.77
N GLU A 82 9.54 0.85 6.56
CA GLU A 82 9.47 -0.48 5.92
C GLU A 82 8.48 -1.42 6.62
N ALA A 83 7.64 -2.10 5.84
CA ALA A 83 6.59 -2.99 6.30
C ALA A 83 7.11 -4.12 7.22
N GLY A 84 8.30 -4.65 6.95
CA GLY A 84 8.93 -5.67 7.79
C GLY A 84 9.54 -5.15 9.11
N LYS A 85 9.55 -3.83 9.31
CA LYS A 85 10.01 -3.13 10.54
C LYS A 85 8.84 -2.56 11.37
N LEU A 86 7.61 -2.66 10.87
CA LEU A 86 6.41 -2.65 11.72
C LEU A 86 6.38 -3.90 12.61
N GLN A 87 5.76 -3.77 13.78
CA GLN A 87 5.45 -4.88 14.70
C GLN A 87 3.92 -5.01 14.88
N VAL A 88 3.49 -6.06 15.58
CA VAL A 88 2.10 -6.12 16.09
C VAL A 88 1.90 -5.03 17.14
N GLY A 89 0.74 -4.38 17.13
CA GLY A 89 0.45 -3.29 18.05
C GLY A 89 1.08 -1.94 17.67
N ASP A 90 1.65 -1.80 16.48
CA ASP A 90 2.09 -0.52 15.92
C ASP A 90 0.92 0.17 15.20
N LYS A 91 0.97 1.51 15.08
CA LYS A 91 -0.18 2.36 14.73
C LYS A 91 -0.03 3.06 13.37
N LEU A 92 -0.92 2.70 12.44
CA LEU A 92 -1.00 3.18 11.06
C LEU A 92 -2.16 4.18 10.87
N LEU A 93 -2.40 4.65 9.64
CA LEU A 93 -3.53 5.52 9.30
C LEU A 93 -4.29 5.06 8.05
N ASP A 94 -5.55 5.51 7.92
CA ASP A 94 -6.37 5.36 6.71
C ASP A 94 -6.60 6.68 5.96
N SER A 95 -7.21 6.59 4.76
CA SER A 95 -7.55 7.72 3.88
C SER A 95 -8.21 8.91 4.60
N ARG A 96 -9.05 8.62 5.61
CA ARG A 96 -9.84 9.60 6.39
C ARG A 96 -9.09 10.14 7.61
N GLY A 97 -8.01 9.46 8.04
CA GLY A 97 -7.09 9.91 9.08
C GLY A 97 -7.31 9.20 10.41
N ASN A 98 -7.96 8.03 10.38
CA ASN A 98 -8.25 7.25 11.56
C ASN A 98 -7.05 6.37 11.93
N VAL A 99 -6.77 6.22 13.24
CA VAL A 99 -5.69 5.38 13.75
C VAL A 99 -6.04 3.91 13.56
N LEU A 100 -5.25 3.22 12.72
CA LEU A 100 -5.28 1.76 12.54
C LEU A 100 -4.19 1.07 13.38
N VAL A 101 -4.31 -0.23 13.61
CA VAL A 101 -3.34 -1.03 14.38
C VAL A 101 -3.01 -2.33 13.63
N VAL A 102 -1.76 -2.77 13.73
CA VAL A 102 -1.33 -4.09 13.26
C VAL A 102 -1.80 -5.17 14.23
N GLU A 103 -2.43 -6.21 13.68
CA GLU A 103 -3.09 -7.32 14.39
C GLU A 103 -2.30 -8.64 14.29
N GLU A 104 -1.53 -8.81 13.21
CA GLU A 104 -0.62 -9.94 12.96
C GLU A 104 0.47 -9.54 11.94
N LYS A 105 1.66 -10.15 12.06
CA LYS A 105 2.81 -10.03 11.15
C LYS A 105 3.34 -11.43 10.80
N LYS A 106 3.54 -11.70 9.52
CA LYS A 106 3.95 -13.01 8.97
C LYS A 106 4.91 -12.84 7.78
N LEU A 107 5.73 -13.85 7.52
CA LEU A 107 6.67 -13.93 6.39
C LEU A 107 6.55 -15.31 5.72
N GLU A 108 6.67 -15.39 4.39
CA GLU A 108 6.86 -16.68 3.70
C GLU A 108 7.77 -16.58 2.47
N ILE A 109 8.42 -17.70 2.13
CA ILE A 109 9.13 -17.85 0.87
C ILE A 109 8.27 -18.66 -0.10
N ALA A 110 7.94 -18.07 -1.24
CA ALA A 110 7.30 -18.77 -2.37
C ALA A 110 8.21 -19.84 -3.02
N ASP A 111 7.62 -20.87 -3.63
CA ASP A 111 8.38 -21.92 -4.36
C ASP A 111 8.99 -21.36 -5.66
N LYS A 112 8.33 -20.34 -6.25
CA LYS A 112 8.67 -19.69 -7.52
C LYS A 112 8.37 -18.18 -7.44
N PRO A 113 9.12 -17.32 -8.14
CA PRO A 113 8.99 -15.85 -8.07
C PRO A 113 7.55 -15.38 -8.39
N VAL A 114 6.94 -14.70 -7.42
CA VAL A 114 5.61 -14.11 -7.52
C VAL A 114 5.72 -12.70 -8.11
N LYS A 115 4.78 -12.33 -9.00
CA LYS A 115 4.70 -11.00 -9.60
C LYS A 115 4.11 -9.99 -8.63
N VAL A 116 4.69 -8.81 -8.64
CA VAL A 116 4.31 -7.67 -7.78
C VAL A 116 4.27 -6.38 -8.59
N TYR A 117 3.38 -5.47 -8.21
CA TYR A 117 2.96 -4.31 -9.01
C TYR A 117 3.07 -3.01 -8.21
N ASN A 118 3.37 -1.89 -8.86
CA ASN A 118 3.38 -0.55 -8.27
C ASN A 118 3.21 0.55 -9.33
N PHE A 119 2.96 1.80 -8.92
CA PHE A 119 2.74 2.93 -9.84
C PHE A 119 3.11 4.29 -9.24
N LYS A 120 3.28 5.32 -10.09
CA LYS A 120 3.65 6.68 -9.66
C LYS A 120 2.57 7.76 -9.88
N VAL A 121 2.48 8.72 -8.95
CA VAL A 121 1.35 9.68 -8.81
C VAL A 121 1.69 11.09 -9.30
N ASP A 122 0.77 11.73 -10.04
CA ASP A 122 1.00 12.99 -10.79
C ASP A 122 1.39 14.24 -9.95
N ASP A 123 0.96 14.32 -8.69
CA ASP A 123 1.38 15.40 -7.77
C ASP A 123 1.61 14.91 -6.35
N PHE A 124 0.69 14.09 -5.84
CA PHE A 124 0.78 13.52 -4.49
C PHE A 124 1.89 12.45 -4.40
N HIS A 125 2.14 12.02 -3.16
CA HIS A 125 3.27 11.19 -2.74
C HIS A 125 2.82 9.90 -2.01
N THR A 126 1.53 9.58 -2.07
CA THR A 126 0.83 8.51 -1.36
C THR A 126 -0.25 7.84 -2.24
N TYR A 127 -0.78 6.71 -1.79
CA TYR A 127 -1.99 6.05 -2.28
C TYR A 127 -2.53 5.07 -1.20
N HIS A 128 -3.69 4.45 -1.44
CA HIS A 128 -4.42 3.67 -0.44
C HIS A 128 -4.67 2.22 -0.87
N VAL A 129 -4.44 1.27 0.04
CA VAL A 129 -4.47 -0.18 -0.21
C VAL A 129 -5.43 -0.92 0.75
N GLY A 130 -6.15 -1.92 0.23
CA GLY A 130 -7.10 -2.77 0.96
C GLY A 130 -8.44 -2.10 1.34
N ASP A 131 -9.41 -2.87 1.82
CA ASP A 131 -10.75 -2.35 2.23
C ASP A 131 -10.68 -1.42 3.44
N ASN A 132 -9.61 -1.53 4.24
CA ASN A 132 -9.28 -0.62 5.33
C ASN A 132 -8.54 0.67 4.89
N GLU A 133 -8.33 0.89 3.59
CA GLU A 133 -7.96 2.19 2.99
C GLU A 133 -6.61 2.73 3.53
N VAL A 134 -5.63 1.83 3.71
CA VAL A 134 -4.40 2.05 4.50
C VAL A 134 -3.38 2.91 3.75
N LEU A 135 -2.74 3.86 4.44
CA LEU A 135 -1.87 4.89 3.86
C LEU A 135 -0.42 4.40 3.63
N VAL A 136 0.04 4.45 2.36
CA VAL A 136 1.38 4.02 1.91
C VAL A 136 2.02 5.03 0.96
N HIS A 137 3.35 5.02 0.84
CA HIS A 137 4.15 6.08 0.19
C HIS A 137 4.73 5.70 -1.19
N ASN A 138 4.50 6.57 -2.19
CA ASN A 138 5.09 6.48 -3.54
C ASN A 138 6.54 6.98 -3.56
#